data_8RZK
#
_entry.id   8RZK
#
_cell.length_a   162.734
_cell.length_b   105.943
_cell.length_c   213.664
_cell.angle_alpha   90.000
_cell.angle_beta   111.233
_cell.angle_gamma   90.000
#
_symmetry.space_group_name_H-M   'I 1 2 1'
#
loop_
_entity.id
_entity.type
_entity.pdbx_description
1 polymer 'Conserved hypothetical periplasmic protein'
2 branched 3,6-anhydro-alpha-D-galactopyranose-(1-3)-beta-D-galactopyranose-(1-4)-3,6-anhydro-alpha-D-galactopyranose-(1-3)-4-O-sulfo-beta-D-galactopyranose
3 non-polymer 'L(+)-TARTARIC ACID'
4 non-polymer 'SODIUM ION'
5 non-polymer 'CHLORIDE ION'
6 non-polymer 1,2-ETHANEDIOL
7 water water
#
_entity_poly.entity_id   1
_entity_poly.type   'polypeptide(L)'
_entity_poly.pdbx_seq_one_letter_code
;MGSSHHHHHHGSLDSPDPIVLENGKLNINIDSKTGCFSVTEKTSGHVWKSDPWENAAGLLTLTDSKGKKQTVNISKSKKI
EVSKTAKNTVSLKFIDPVFEDGSVAKGVSIATELRLDPNNAQLDVEVTEHRSGNFTLYDLRYPARAFSLKTDEDKGAAVI
PQKQGVICPSYIFPMNGGRFCKWDDATYNNKSQGSLELFNNGTGLTMPWWGTYNEKSAVMGIVDVSARPHMQYNINNNGQ
YLFNAKGVMSPYQRIVFLDPIWKLDQEKGKMRISYHFIPGGDYVDMAKVYQKEAKARGHFVSLQEKLKRNPNVNKLPGAI
YFGIYGGYPHYVNMPGMAFTFDELKNIIKTIHDDLRVDKAFVHAWGTFSNFVPHNYPISEALGGPEKLKAAVDLAKSYGY
LYSSYHAYSPMLENDPNFTTDLMQRDAEGKLMNTGSRWARVDPKFQKGLAQKNIEKEISYLGLEADITNITFAAYRENGK
EGRIELAKYIDSFNLVNGTEHGQEQWIPYFDMFEGMTYLEDRPLSVISHPAPLFNLVYHEAIANFGKIQDPDNEVTANGD
FRIKALRSMLFGRGTTIFFAPYEFEGMRPMIEMARDLVSPVHKETFYSELKSHEYLSADYKVQRSRFSSGTEVIANLGPV
AQKIEGGISIPGYGYRIQMKDGSLKTGHFQVSLHMD
;
_entity_poly.pdbx_strand_id   A,B,C,D
#
# COMPACT_ATOMS: atom_id res chain seq x y z
N PRO A 18 -39.75 -8.92 30.83
CA PRO A 18 -39.05 -10.18 31.14
C PRO A 18 -39.96 -11.23 31.79
N ILE A 19 -39.68 -12.49 31.50
CA ILE A 19 -40.31 -13.63 32.14
C ILE A 19 -39.36 -14.14 33.22
N VAL A 20 -39.92 -14.47 34.38
CA VAL A 20 -39.11 -14.94 35.51
C VAL A 20 -39.59 -16.33 35.92
N LEU A 21 -38.66 -17.28 35.87
CA LEU A 21 -38.79 -18.57 36.56
C LEU A 21 -38.00 -18.48 37.87
N GLU A 22 -38.54 -19.09 38.91
CA GLU A 22 -38.09 -18.78 40.26
C GLU A 22 -38.25 -20.00 41.15
N ASN A 23 -37.17 -20.40 41.80
CA ASN A 23 -37.25 -21.31 42.94
C ASN A 23 -36.35 -20.71 44.02
N GLY A 24 -36.03 -21.50 45.05
CA GLY A 24 -35.27 -20.96 46.17
C GLY A 24 -33.85 -20.55 45.82
N LYS A 25 -33.24 -21.21 44.85
CA LYS A 25 -31.84 -20.94 44.56
C LYS A 25 -31.60 -20.08 43.33
N LEU A 26 -32.50 -20.10 42.35
CA LEU A 26 -32.22 -19.53 41.03
C LEU A 26 -33.31 -18.58 40.57
N ASN A 27 -32.89 -17.53 39.89
CA ASN A 27 -33.75 -16.64 39.09
C ASN A 27 -33.38 -16.83 37.63
N ILE A 28 -34.35 -17.27 36.82
CA ILE A 28 -34.17 -17.35 35.38
C ILE A 28 -34.93 -16.19 34.75
N ASN A 29 -34.22 -15.27 34.09
CA ASN A 29 -34.81 -14.06 33.51
C ASN A 29 -34.76 -14.16 31.99
N ILE A 30 -35.92 -14.32 31.36
CA ILE A 30 -36.00 -14.56 29.92
C ILE A 30 -36.55 -13.31 29.23
N ASP A 31 -35.78 -12.80 28.27
CA ASP A 31 -36.23 -11.69 27.42
C ASP A 31 -37.27 -12.21 26.43
N SER A 32 -38.47 -11.62 26.46
CA SER A 32 -39.55 -12.10 25.61
C SER A 32 -39.43 -11.62 24.17
N LYS A 33 -38.63 -10.59 23.89
CA LYS A 33 -38.43 -10.19 22.51
C LYS A 33 -37.39 -11.06 21.81
N THR A 34 -36.33 -11.46 22.51
CA THR A 34 -35.22 -12.17 21.87
C THR A 34 -35.10 -13.63 22.29
N GLY A 35 -35.58 -13.99 23.47
CA GLY A 35 -35.39 -15.35 23.94
C GLY A 35 -34.15 -15.58 24.74
N CYS A 36 -33.30 -14.56 24.89
CA CYS A 36 -32.12 -14.67 25.73
C CYS A 36 -32.51 -14.77 27.20
N PHE A 37 -31.69 -15.47 27.97
CA PHE A 37 -31.95 -15.56 29.39
C PHE A 37 -30.66 -15.42 30.19
N SER A 38 -30.77 -14.69 31.29
CA SER A 38 -29.77 -14.69 32.35
C SER A 38 -30.21 -15.63 33.46
N VAL A 39 -29.24 -16.07 34.25
CA VAL A 39 -29.49 -16.93 35.40
C VAL A 39 -28.86 -16.27 36.60
N THR A 40 -29.68 -15.93 37.59
CA THR A 40 -29.15 -15.41 38.85
C THR A 40 -29.00 -16.56 39.84
N GLU A 41 -27.77 -16.80 40.27
CA GLU A 41 -27.49 -17.82 41.27
C GLU A 41 -27.51 -17.12 42.62
N LYS A 42 -28.60 -17.29 43.38
CA LYS A 42 -28.94 -16.39 44.47
C LYS A 42 -28.11 -16.60 45.73
N THR A 43 -27.52 -17.78 45.94
CA THR A 43 -26.65 -17.95 47.11
C THR A 43 -25.47 -16.99 47.07
N SER A 44 -24.79 -16.90 45.94
CA SER A 44 -23.65 -16.01 45.78
C SER A 44 -24.01 -14.67 45.16
N GLY A 45 -25.15 -14.57 44.50
CA GLY A 45 -25.52 -13.36 43.80
C GLY A 45 -24.94 -13.21 42.41
N HIS A 46 -24.24 -14.23 41.91
CA HIS A 46 -23.66 -14.11 40.58
C HIS A 46 -24.75 -14.21 39.51
N VAL A 47 -24.58 -13.46 38.43
CA VAL A 47 -25.53 -13.43 37.32
C VAL A 47 -24.81 -13.90 36.07
N TRP A 48 -25.27 -15.02 35.52
CA TRP A 48 -24.78 -15.48 34.23
C TRP A 48 -25.54 -14.75 33.15
N LYS A 49 -24.82 -14.01 32.31
CA LYS A 49 -25.45 -13.22 31.28
C LYS A 49 -25.71 -14.06 30.03
N SER A 50 -26.56 -13.55 29.16
CA SER A 50 -26.69 -14.12 27.83
C SER A 50 -25.59 -13.56 26.93
N ASP A 51 -25.56 -14.03 25.67
CA ASP A 51 -24.60 -13.66 24.65
C ASP A 51 -24.17 -12.21 24.75
N PRO A 52 -22.96 -11.93 25.27
CA PRO A 52 -22.51 -10.55 25.41
C PRO A 52 -22.12 -9.88 24.09
N TRP A 53 -22.12 -10.61 22.97
CA TRP A 53 -21.64 -10.07 21.70
C TRP A 53 -22.78 -9.55 20.81
N GLU A 54 -23.74 -10.41 20.47
CA GLU A 54 -24.78 -10.07 19.52
C GLU A 54 -26.19 -10.26 20.06
N ASN A 55 -26.35 -10.54 21.35
CA ASN A 55 -27.64 -10.86 21.96
C ASN A 55 -28.37 -11.97 21.20
N ALA A 56 -27.65 -13.05 20.95
CA ALA A 56 -28.16 -14.19 20.19
C ALA A 56 -28.54 -15.30 21.15
N ALA A 57 -29.83 -15.67 21.16
CA ALA A 57 -30.23 -16.85 21.92
C ALA A 57 -29.69 -18.13 21.31
N GLY A 58 -29.53 -18.16 19.98
CA GLY A 58 -28.99 -19.31 19.30
C GLY A 58 -28.39 -18.92 17.97
N LEU A 59 -27.52 -19.78 17.47
CA LEU A 59 -26.83 -19.55 16.20
C LEU A 59 -27.06 -20.74 15.29
N LEU A 60 -27.83 -20.53 14.23
CA LEU A 60 -28.28 -21.59 13.34
C LEU A 60 -27.55 -21.51 12.02
N THR A 61 -27.03 -22.65 11.57
CA THR A 61 -26.31 -22.74 10.30
C THR A 61 -27.18 -23.50 9.30
N LEU A 62 -27.45 -22.87 8.15
CA LEU A 62 -28.37 -23.40 7.17
C LEU A 62 -28.01 -22.85 5.79
N THR A 63 -28.41 -23.58 4.76
CA THR A 63 -28.30 -23.07 3.39
C THR A 63 -29.30 -21.96 3.17
N ASP A 64 -29.00 -21.06 2.25
CA ASP A 64 -29.94 -20.01 1.89
C ASP A 64 -30.60 -20.37 0.55
N SER A 65 -31.28 -19.38 -0.05
CA SER A 65 -32.01 -19.63 -1.30
C SER A 65 -31.07 -20.01 -2.42
N LYS A 66 -29.87 -19.43 -2.44
CA LYS A 66 -28.86 -19.76 -3.44
C LYS A 66 -28.05 -20.99 -3.06
N GLY A 67 -28.41 -21.70 -1.99
CA GLY A 67 -27.74 -22.92 -1.60
C GLY A 67 -26.51 -22.74 -0.73
N LYS A 68 -25.91 -21.54 -0.69
CA LYS A 68 -24.77 -21.33 0.19
C LYS A 68 -25.22 -21.36 1.65
N LYS A 69 -24.31 -21.77 2.53
CA LYS A 69 -24.64 -21.89 3.94
C LYS A 69 -24.16 -20.66 4.71
N GLN A 70 -25.02 -20.19 5.60
CA GLN A 70 -24.74 -19.07 6.48
C GLN A 70 -25.10 -19.45 7.91
N THR A 71 -24.63 -18.65 8.85
CA THR A 71 -25.04 -18.75 10.24
C THR A 71 -25.84 -17.50 10.59
N VAL A 72 -27.01 -17.70 11.19
CA VAL A 72 -27.91 -16.60 11.53
C VAL A 72 -28.15 -16.58 13.03
N ASN A 73 -28.48 -15.39 13.51
CA ASN A 73 -28.90 -15.16 14.88
C ASN A 73 -30.41 -15.37 14.92
N ILE A 74 -30.86 -16.43 15.60
CA ILE A 74 -32.29 -16.74 15.62
C ILE A 74 -33.10 -15.73 16.41
N SER A 75 -32.45 -14.86 17.20
CA SER A 75 -33.14 -13.77 17.85
C SER A 75 -33.54 -12.66 16.87
N LYS A 76 -33.07 -12.73 15.63
CA LYS A 76 -33.52 -11.83 14.56
C LYS A 76 -34.59 -12.48 13.70
N SER A 77 -35.16 -13.59 14.13
CA SER A 77 -36.20 -14.25 13.36
C SER A 77 -37.40 -13.32 13.21
N LYS A 78 -38.24 -13.62 12.20
CA LYS A 78 -39.38 -12.77 11.92
C LYS A 78 -40.40 -12.81 13.06
N LYS A 79 -40.63 -13.99 13.62
CA LYS A 79 -41.52 -14.17 14.76
C LYS A 79 -40.78 -14.88 15.87
N ILE A 80 -40.97 -14.40 17.10
CA ILE A 80 -40.43 -15.01 18.30
C ILE A 80 -41.54 -15.07 19.34
N GLU A 81 -41.93 -16.28 19.73
CA GLU A 81 -42.95 -16.51 20.74
C GLU A 81 -42.29 -17.06 21.99
N VAL A 82 -42.39 -16.31 23.09
CA VAL A 82 -41.90 -16.75 24.40
C VAL A 82 -43.10 -16.77 25.33
N SER A 83 -43.36 -17.91 25.96
CA SER A 83 -44.47 -17.95 26.90
C SER A 83 -44.23 -18.97 28.00
N LYS A 84 -44.48 -18.54 29.23
CA LYS A 84 -44.53 -19.42 30.38
C LYS A 84 -45.76 -20.32 30.26
N THR A 85 -45.58 -21.63 30.36
CA THR A 85 -46.71 -22.56 30.36
C THR A 85 -47.02 -23.08 31.75
N ALA A 86 -46.00 -23.50 32.50
CA ALA A 86 -46.13 -23.81 33.91
C ALA A 86 -45.28 -22.84 34.71
N LYS A 87 -45.45 -22.90 36.04
CA LYS A 87 -44.63 -22.10 36.94
C LYS A 87 -43.13 -22.24 36.65
N ASN A 88 -42.72 -23.32 35.99
CA ASN A 88 -41.30 -23.60 35.81
C ASN A 88 -40.90 -23.90 34.37
N THR A 89 -41.80 -23.74 33.39
CA THR A 89 -41.49 -24.08 32.01
C THR A 89 -41.78 -22.90 31.11
N VAL A 90 -40.81 -22.59 30.24
CA VAL A 90 -40.97 -21.56 29.22
C VAL A 90 -40.77 -22.21 27.86
N SER A 91 -41.70 -21.93 26.94
CA SER A 91 -41.61 -22.39 25.56
C SER A 91 -41.14 -21.24 24.67
N LEU A 92 -40.23 -21.54 23.74
CA LEU A 92 -39.70 -20.53 22.84
C LEU A 92 -39.78 -21.05 21.41
N LYS A 93 -40.33 -20.25 20.52
CA LYS A 93 -40.42 -20.61 19.11
C LYS A 93 -39.81 -19.49 18.28
N PHE A 94 -38.86 -19.86 17.43
CA PHE A 94 -38.15 -18.94 16.53
C PHE A 94 -38.59 -19.25 15.11
N ILE A 95 -39.29 -18.30 14.49
CA ILE A 95 -40.03 -18.54 13.25
C ILE A 95 -39.49 -17.62 12.15
N ASP A 96 -39.05 -18.23 11.04
CA ASP A 96 -38.56 -17.55 9.85
C ASP A 96 -37.34 -16.70 10.15
N PRO A 97 -36.16 -17.29 10.26
CA PRO A 97 -34.94 -16.50 10.49
C PRO A 97 -34.60 -15.65 9.27
N VAL A 98 -33.82 -14.60 9.52
CA VAL A 98 -33.45 -13.62 8.49
C VAL A 98 -31.95 -13.71 8.26
N PHE A 99 -31.55 -13.75 6.99
CA PHE A 99 -30.14 -13.78 6.64
C PHE A 99 -29.54 -12.38 6.69
N GLU A 100 -28.22 -12.32 6.59
CA GLU A 100 -27.54 -11.03 6.73
C GLU A 100 -27.86 -10.08 5.58
N ASP A 101 -28.22 -10.62 4.41
CA ASP A 101 -28.58 -9.76 3.29
C ASP A 101 -30.00 -9.21 3.38
N GLY A 102 -30.85 -9.80 4.23
CA GLY A 102 -32.25 -9.43 4.32
C GLY A 102 -33.20 -10.49 3.82
N SER A 103 -32.69 -11.55 3.20
CA SER A 103 -33.52 -12.66 2.74
C SER A 103 -34.08 -13.43 3.94
N VAL A 104 -35.29 -13.94 3.78
CA VAL A 104 -36.00 -14.64 4.84
C VAL A 104 -36.03 -16.13 4.52
N ALA A 105 -35.71 -16.95 5.53
CA ALA A 105 -35.82 -18.41 5.40
C ALA A 105 -37.23 -18.85 5.80
N LYS A 106 -38.18 -18.57 4.90
CA LYS A 106 -39.58 -18.89 5.16
C LYS A 106 -39.78 -20.40 5.26
N GLY A 107 -40.54 -20.81 6.27
CA GLY A 107 -40.75 -22.22 6.55
C GLY A 107 -39.74 -22.85 7.50
N VAL A 108 -38.81 -22.06 8.04
CA VAL A 108 -37.81 -22.54 8.98
C VAL A 108 -38.20 -22.10 10.38
N SER A 109 -38.21 -23.04 11.33
CA SER A 109 -38.55 -22.71 12.70
C SER A 109 -37.80 -23.59 13.68
N ILE A 110 -37.61 -23.05 14.89
CA ILE A 110 -36.94 -23.75 15.98
C ILE A 110 -37.78 -23.58 17.23
N ALA A 111 -38.11 -24.69 17.90
CA ALA A 111 -38.83 -24.68 19.17
C ALA A 111 -37.92 -25.21 20.27
N THR A 112 -37.85 -24.48 21.38
CA THR A 112 -37.04 -24.83 22.54
C THR A 112 -37.88 -24.71 23.82
N GLU A 113 -37.36 -25.28 24.91
CA GLU A 113 -37.97 -25.17 26.23
C GLU A 113 -36.88 -24.95 27.28
N LEU A 114 -37.18 -24.09 28.25
CA LEU A 114 -36.41 -23.98 29.49
C LEU A 114 -37.26 -24.51 30.63
N ARG A 115 -36.69 -25.41 31.44
CA ARG A 115 -37.44 -26.08 32.49
C ARG A 115 -36.65 -26.01 33.80
N LEU A 116 -37.09 -25.15 34.72
CA LEU A 116 -36.45 -25.01 36.02
C LEU A 116 -36.94 -26.08 36.97
N ASP A 117 -36.00 -26.79 37.61
CA ASP A 117 -36.37 -27.75 38.64
C ASP A 117 -36.96 -27.01 39.85
N PRO A 118 -38.07 -27.49 40.39
CA PRO A 118 -38.69 -26.76 41.51
C PRO A 118 -37.85 -26.73 42.77
N ASN A 119 -37.02 -27.75 42.98
CA ASN A 119 -36.31 -27.90 44.25
C ASN A 119 -34.82 -27.66 44.16
N ASN A 120 -34.18 -28.00 43.05
CA ASN A 120 -32.74 -27.91 42.93
C ASN A 120 -32.36 -26.77 41.99
N ALA A 121 -31.10 -26.35 42.11
CA ALA A 121 -30.51 -25.34 41.23
C ALA A 121 -30.15 -26.00 39.90
N GLN A 122 -31.18 -26.29 39.12
CA GLN A 122 -31.01 -27.02 37.87
C GLN A 122 -31.96 -26.49 36.81
N LEU A 123 -31.42 -26.27 35.61
CA LEU A 123 -32.19 -25.78 34.48
C LEU A 123 -31.96 -26.69 33.28
N ASP A 124 -33.01 -27.37 32.84
CA ASP A 124 -32.97 -28.16 31.62
C ASP A 124 -33.26 -27.28 30.43
N VAL A 125 -32.39 -27.35 29.43
CA VAL A 125 -32.52 -26.62 28.17
C VAL A 125 -32.64 -27.67 27.06
N GLU A 126 -33.64 -27.53 26.20
CA GLU A 126 -33.88 -28.55 25.19
C GLU A 126 -34.35 -27.93 23.90
N VAL A 127 -33.81 -28.42 22.78
CA VAL A 127 -34.33 -28.12 21.45
C VAL A 127 -35.34 -29.22 21.11
N THR A 128 -36.62 -28.86 21.03
CA THR A 128 -37.65 -29.87 20.89
C THR A 128 -38.12 -30.08 19.45
N GLU A 129 -37.95 -29.11 18.56
CA GLU A 129 -38.46 -29.26 17.20
C GLU A 129 -37.72 -28.31 16.27
N HIS A 130 -37.47 -28.77 15.04
CA HIS A 130 -37.01 -27.88 13.98
C HIS A 130 -37.69 -28.27 12.67
N ARG A 131 -37.85 -27.28 11.80
CA ARG A 131 -38.48 -27.47 10.49
C ARG A 131 -37.67 -26.73 9.43
N SER A 132 -37.37 -27.41 8.32
CA SER A 132 -36.41 -26.95 7.34
C SER A 132 -37.01 -26.13 6.20
N GLY A 133 -38.28 -26.31 5.88
CA GLY A 133 -38.79 -25.74 4.63
C GLY A 133 -38.09 -26.39 3.45
N ASN A 134 -37.75 -25.57 2.46
CA ASN A 134 -36.90 -26.01 1.36
C ASN A 134 -35.42 -25.79 1.66
N PHE A 135 -35.08 -25.42 2.89
CA PHE A 135 -33.71 -25.17 3.29
C PHE A 135 -33.14 -26.41 3.97
N THR A 136 -31.84 -26.38 4.23
CA THR A 136 -31.16 -27.47 4.91
C THR A 136 -30.52 -26.93 6.18
N LEU A 137 -30.83 -27.56 7.31
CA LEU A 137 -30.33 -27.13 8.60
C LEU A 137 -29.18 -28.04 9.03
N TYR A 138 -28.14 -27.43 9.61
CA TYR A 138 -26.96 -28.16 10.04
C TYR A 138 -26.73 -28.02 11.53
N ASP A 139 -26.00 -26.99 11.94
CA ASP A 139 -25.63 -26.78 13.34
C ASP A 139 -26.57 -25.79 14.01
N LEU A 140 -26.92 -26.08 15.26
CA LEU A 140 -27.57 -25.11 16.12
C LEU A 140 -26.77 -25.00 17.40
N ARG A 141 -26.20 -23.82 17.65
CA ARG A 141 -25.59 -23.50 18.93
C ARG A 141 -26.71 -22.98 19.84
N TYR A 142 -27.05 -23.74 20.86
CA TYR A 142 -28.15 -23.34 21.74
C TYR A 142 -27.96 -23.96 23.11
N PRO A 143 -27.81 -23.16 24.19
CA PRO A 143 -27.79 -21.69 24.15
C PRO A 143 -26.49 -21.14 23.56
N ALA A 144 -26.59 -20.00 22.88
CA ALA A 144 -25.45 -19.41 22.18
C ALA A 144 -24.65 -18.53 23.13
N ARG A 145 -23.39 -18.88 23.33
CA ARG A 145 -22.42 -18.06 24.07
C ARG A 145 -22.95 -17.73 25.46
N ALA A 146 -23.54 -18.72 26.10
CA ALA A 146 -24.10 -18.58 27.44
C ALA A 146 -23.05 -18.90 28.50
N PHE A 147 -23.31 -18.45 29.73
CA PHE A 147 -22.51 -18.81 30.89
C PHE A 147 -21.05 -18.42 30.71
N SER A 148 -20.82 -17.26 30.10
CA SER A 148 -19.48 -16.83 29.78
C SER A 148 -18.79 -16.22 30.98
N LEU A 149 -17.47 -16.31 30.99
CA LEU A 149 -16.62 -15.56 31.90
C LEU A 149 -16.08 -14.37 31.13
N LYS A 150 -15.94 -13.24 31.81
CA LYS A 150 -15.34 -12.06 31.20
C LYS A 150 -13.84 -12.08 31.44
N THR A 151 -13.07 -12.17 30.36
CA THR A 151 -11.62 -12.33 30.47
C THR A 151 -11.03 -11.21 31.31
N ASP A 152 -10.23 -11.59 32.31
CA ASP A 152 -9.52 -10.70 33.22
C ASP A 152 -10.45 -9.89 34.13
N GLU A 153 -11.74 -10.25 34.19
CA GLU A 153 -12.64 -9.73 35.21
C GLU A 153 -13.03 -10.84 36.16
N ASP A 154 -13.62 -11.90 35.64
CA ASP A 154 -13.76 -13.13 36.38
C ASP A 154 -12.41 -13.82 36.51
N LYS A 155 -12.10 -14.31 37.70
CA LYS A 155 -10.95 -15.15 37.91
C LYS A 155 -11.47 -16.58 38.06
N GLY A 156 -11.25 -17.39 37.05
CA GLY A 156 -11.83 -18.72 37.03
C GLY A 156 -11.40 -19.45 35.78
N ALA A 157 -12.20 -20.42 35.36
CA ALA A 157 -11.77 -21.25 34.25
C ALA A 157 -12.96 -21.92 33.57
N ALA A 158 -12.74 -22.31 32.32
CA ALA A 158 -13.58 -23.28 31.64
C ALA A 158 -13.07 -24.69 31.93
N VAL A 159 -13.99 -25.63 32.05
CA VAL A 159 -13.70 -26.99 32.48
C VAL A 159 -14.13 -27.92 31.36
N ILE A 160 -13.17 -28.66 30.80
CA ILE A 160 -13.38 -29.42 29.58
C ILE A 160 -12.83 -30.83 29.77
N PRO A 161 -13.66 -31.87 29.75
CA PRO A 161 -13.19 -33.26 29.82
C PRO A 161 -12.56 -33.75 28.52
N GLN A 162 -11.60 -32.98 28.00
CA GLN A 162 -10.79 -33.41 26.86
C GLN A 162 -9.83 -34.51 27.32
N LYS A 163 -10.11 -35.74 26.91
CA LYS A 163 -9.48 -36.95 27.42
C LYS A 163 -9.46 -36.96 28.95
N GLN A 164 -8.28 -36.88 29.59
CA GLN A 164 -8.27 -36.91 31.04
C GLN A 164 -8.83 -35.62 31.63
N GLY A 165 -8.63 -34.49 30.95
CA GLY A 165 -9.27 -33.25 31.34
C GLY A 165 -8.33 -32.06 31.40
N VAL A 166 -8.88 -30.88 31.10
CA VAL A 166 -8.16 -29.62 31.23
C VAL A 166 -9.11 -28.57 31.79
N ILE A 167 -8.51 -27.52 32.37
CA ILE A 167 -9.20 -26.27 32.63
C ILE A 167 -8.47 -25.18 31.87
N CYS A 168 -9.20 -24.11 31.57
CA CYS A 168 -8.70 -22.98 30.79
C CYS A 168 -8.98 -21.71 31.58
N PRO A 169 -7.97 -21.18 32.28
CA PRO A 169 -8.21 -19.97 33.08
C PRO A 169 -8.69 -18.81 32.23
N SER A 170 -9.60 -18.02 32.83
CA SER A 170 -10.24 -16.88 32.18
C SER A 170 -9.50 -15.58 32.43
N TYR A 171 -8.19 -15.64 32.61
CA TYR A 171 -7.39 -14.47 32.96
C TYR A 171 -5.93 -14.80 32.70
N ILE A 172 -5.12 -13.76 32.54
CA ILE A 172 -3.70 -13.95 32.32
C ILE A 172 -2.98 -13.95 33.67
N PHE A 173 -2.04 -14.87 33.83
CA PHE A 173 -1.38 -15.15 35.09
C PHE A 173 0.11 -15.36 34.84
N PRO A 174 0.94 -15.32 35.88
CA PRO A 174 2.38 -15.56 35.68
C PRO A 174 2.66 -16.99 35.25
N MET A 175 3.64 -17.15 34.38
CA MET A 175 4.13 -18.47 33.97
C MET A 175 5.44 -18.26 33.24
N ASN A 176 6.06 -19.37 32.83
CA ASN A 176 7.33 -19.30 32.11
C ASN A 176 7.17 -18.43 30.88
N GLY A 177 8.25 -17.73 30.53
CA GLY A 177 8.18 -16.72 29.48
C GLY A 177 7.79 -17.29 28.12
N GLY A 178 8.30 -18.49 27.81
CA GLY A 178 7.92 -19.14 26.56
C GLY A 178 6.46 -19.58 26.57
N ARG A 179 6.05 -20.24 27.65
CA ARG A 179 4.65 -20.62 27.80
C ARG A 179 3.74 -19.40 27.76
N PHE A 180 4.16 -18.31 28.41
CA PHE A 180 3.35 -17.09 28.46
C PHE A 180 3.10 -16.56 27.07
N CYS A 181 4.16 -16.49 26.26
CA CYS A 181 4.04 -16.01 24.88
C CYS A 181 3.06 -16.87 24.09
N LYS A 182 3.21 -18.19 24.17
CA LYS A 182 2.33 -19.07 23.42
C LYS A 182 0.90 -19.01 23.95
N TRP A 183 0.75 -18.85 25.26
CA TRP A 183 -0.57 -18.77 25.88
C TRP A 183 -1.33 -17.54 25.40
N ASP A 184 -0.78 -16.36 25.68
CA ASP A 184 -1.46 -15.11 25.34
C ASP A 184 -1.72 -15.01 23.84
N ASP A 185 -0.75 -15.42 23.01
CA ASP A 185 -0.89 -15.35 21.56
C ASP A 185 -2.04 -16.23 21.07
N ALA A 186 -2.22 -17.39 21.69
CA ALA A 186 -3.30 -18.28 21.29
C ALA A 186 -4.67 -17.67 21.56
N THR A 187 -4.83 -16.89 22.63
CA THR A 187 -6.13 -16.28 22.87
C THR A 187 -6.45 -15.15 21.89
N TYR A 188 -5.55 -14.84 20.95
CA TYR A 188 -5.79 -13.83 19.94
C TYR A 188 -5.77 -14.39 18.53
N ASN A 189 -5.67 -15.71 18.36
CA ASN A 189 -5.79 -16.29 17.04
C ASN A 189 -6.72 -17.49 17.07
N ASN A 190 -6.73 -18.28 16.00
CA ASN A 190 -7.71 -19.35 15.88
C ASN A 190 -7.43 -20.53 16.78
N LYS A 191 -6.31 -20.53 17.51
CA LYS A 191 -6.05 -21.62 18.44
C LYS A 191 -7.05 -21.66 19.59
N SER A 192 -7.74 -20.55 19.88
CA SER A 192 -8.62 -20.49 21.04
C SER A 192 -10.10 -20.60 20.67
N GLN A 193 -10.42 -21.03 19.45
CA GLN A 193 -11.80 -21.26 19.05
C GLN A 193 -11.89 -22.48 18.15
N GLY A 194 -12.98 -23.22 18.30
CA GLY A 194 -13.17 -24.44 17.55
C GLY A 194 -14.19 -25.32 18.26
N SER A 195 -14.22 -26.60 17.84
CA SER A 195 -15.18 -27.53 18.41
C SER A 195 -14.50 -28.87 18.68
N LEU A 196 -15.08 -29.60 19.63
CA LEU A 196 -14.63 -30.93 20.01
C LEU A 196 -15.81 -31.89 19.96
N GLU A 197 -15.51 -33.15 19.66
CA GLU A 197 -16.49 -34.23 19.54
C GLU A 197 -16.48 -35.08 20.80
N LEU A 198 -17.56 -35.84 21.00
CA LEU A 198 -17.69 -36.69 22.18
C LEU A 198 -17.21 -38.12 21.89
N PHE A 199 -16.47 -38.68 22.86
CA PHE A 199 -16.26 -40.12 22.96
C PHE A 199 -15.38 -40.68 21.83
N ASN A 200 -14.29 -39.99 21.50
CA ASN A 200 -13.27 -40.52 20.60
C ASN A 200 -11.92 -40.59 21.34
N ASN A 201 -10.91 -41.13 20.67
CA ASN A 201 -9.58 -41.27 21.28
C ASN A 201 -8.59 -40.28 20.70
N GLY A 202 -9.06 -39.27 19.98
CA GLY A 202 -8.23 -38.20 19.50
C GLY A 202 -8.35 -36.97 20.37
N THR A 203 -8.90 -35.90 19.81
CA THR A 203 -8.92 -34.60 20.46
C THR A 203 -10.13 -34.37 21.34
N GLY A 204 -11.05 -35.33 21.43
CA GLY A 204 -12.38 -35.08 21.93
C GLY A 204 -12.56 -35.31 23.42
N LEU A 205 -13.82 -35.20 23.84
CA LEU A 205 -14.27 -35.33 25.22
C LEU A 205 -14.51 -36.79 25.57
N THR A 206 -14.32 -37.11 26.85
CA THR A 206 -14.57 -38.45 27.33
C THR A 206 -15.71 -38.50 28.32
N MET A 207 -16.31 -37.36 28.66
CA MET A 207 -17.50 -37.29 29.49
C MET A 207 -18.41 -36.23 28.91
N PRO A 208 -19.71 -36.43 28.97
CA PRO A 208 -20.64 -35.53 28.25
C PRO A 208 -21.06 -34.32 29.09
N TRP A 209 -20.08 -33.54 29.53
CA TRP A 209 -20.35 -32.36 30.33
C TRP A 209 -19.21 -31.36 30.19
N TRP A 210 -19.50 -30.13 30.59
CA TRP A 210 -18.54 -29.03 30.56
C TRP A 210 -19.12 -27.87 31.35
N GLY A 211 -18.26 -26.94 31.74
CA GLY A 211 -18.71 -25.87 32.60
C GLY A 211 -17.76 -24.69 32.66
N THR A 212 -18.18 -23.69 33.43
CA THR A 212 -17.40 -22.50 33.71
C THR A 212 -17.62 -22.10 35.16
N TYR A 213 -16.59 -21.52 35.76
CA TYR A 213 -16.72 -21.05 37.13
C TYR A 213 -15.84 -19.84 37.33
N ASN A 214 -16.27 -18.98 38.28
CA ASN A 214 -15.42 -17.89 38.73
C ASN A 214 -15.25 -17.99 40.24
N GLU A 215 -14.90 -16.89 40.89
CA GLU A 215 -14.69 -16.93 42.33
C GLU A 215 -15.98 -17.08 43.12
N LYS A 216 -17.14 -16.89 42.48
CA LYS A 216 -18.40 -16.93 43.20
C LYS A 216 -19.18 -18.22 43.01
N SER A 217 -19.28 -18.73 41.79
CA SER A 217 -20.11 -19.91 41.56
C SER A 217 -19.69 -20.60 40.28
N ALA A 218 -20.26 -21.80 40.10
CA ALA A 218 -19.96 -22.68 38.99
C ALA A 218 -21.26 -23.12 38.33
N VAL A 219 -21.19 -23.32 37.03
CA VAL A 219 -22.28 -23.91 36.26
C VAL A 219 -21.66 -24.98 35.37
N MET A 220 -22.32 -26.13 35.30
CA MET A 220 -21.95 -27.17 34.37
C MET A 220 -23.20 -27.64 33.67
N GLY A 221 -23.02 -28.22 32.49
CA GLY A 221 -24.11 -28.80 31.74
C GLY A 221 -23.84 -30.25 31.40
N ILE A 222 -24.81 -31.14 31.66
CA ILE A 222 -24.71 -32.55 31.33
C ILE A 222 -25.59 -32.80 30.12
N VAL A 223 -24.98 -33.30 29.05
CA VAL A 223 -25.72 -33.62 27.84
C VAL A 223 -26.52 -34.89 28.07
N ASP A 224 -27.74 -34.91 27.52
CA ASP A 224 -28.60 -36.09 27.59
C ASP A 224 -27.89 -37.34 27.04
N VAL A 225 -28.18 -38.48 27.65
CA VAL A 225 -27.47 -39.71 27.31
C VAL A 225 -27.76 -40.19 25.89
N SER A 226 -28.86 -39.76 25.27
CA SER A 226 -29.20 -40.20 23.92
C SER A 226 -28.69 -39.25 22.83
N ALA A 227 -27.96 -38.19 23.17
CA ALA A 227 -27.59 -37.17 22.20
C ALA A 227 -26.08 -37.09 22.04
N ARG A 228 -25.65 -36.52 20.92
CA ARG A 228 -24.23 -36.37 20.61
C ARG A 228 -23.97 -35.02 19.98
N PRO A 229 -24.13 -33.93 20.74
CA PRO A 229 -23.71 -32.63 20.23
C PRO A 229 -22.19 -32.56 20.18
N HIS A 230 -21.71 -31.57 19.45
CA HIS A 230 -20.32 -31.16 19.64
C HIS A 230 -20.27 -30.06 20.68
N MET A 231 -19.05 -29.66 21.04
CA MET A 231 -18.84 -28.58 21.99
C MET A 231 -17.96 -27.52 21.32
N GLN A 232 -18.54 -26.33 21.10
CA GLN A 232 -17.77 -25.19 20.67
C GLN A 232 -17.04 -24.58 21.86
N TYR A 233 -15.80 -24.18 21.65
CA TYR A 233 -15.03 -23.52 22.70
C TYR A 233 -14.53 -22.18 22.18
N ASN A 234 -14.28 -21.28 23.13
CA ASN A 234 -13.81 -19.93 22.85
C ASN A 234 -13.07 -19.51 24.10
N ILE A 235 -11.74 -19.49 24.02
CA ILE A 235 -10.94 -19.34 25.23
C ILE A 235 -10.30 -17.97 25.25
N ASN A 236 -10.96 -17.02 25.90
CA ASN A 236 -10.50 -15.64 26.03
C ASN A 236 -10.40 -14.93 24.68
N ASN A 237 -11.07 -15.45 23.66
CA ASN A 237 -11.02 -14.86 22.33
C ASN A 237 -12.12 -13.80 22.20
N ASN A 238 -11.83 -12.71 21.48
CA ASN A 238 -12.81 -11.64 21.31
C ASN A 238 -13.65 -11.81 20.05
N GLY A 239 -13.57 -12.96 19.39
CA GLY A 239 -14.34 -13.20 18.19
C GLY A 239 -13.76 -12.62 16.93
N GLN A 240 -12.46 -12.28 16.92
CA GLN A 240 -11.85 -11.77 15.70
C GLN A 240 -12.03 -12.74 14.54
N TYR A 241 -12.14 -14.03 14.83
CA TYR A 241 -12.32 -15.03 13.78
C TYR A 241 -13.61 -14.81 13.01
N LEU A 242 -14.60 -14.16 13.62
CA LEU A 242 -15.84 -13.87 12.91
C LEU A 242 -15.64 -12.80 11.85
N PHE A 243 -14.63 -11.95 11.99
CA PHE A 243 -14.46 -10.78 11.16
C PHE A 243 -13.25 -10.82 10.24
N ASN A 244 -12.42 -11.87 10.32
CA ASN A 244 -11.19 -11.88 9.53
C ASN A 244 -11.49 -11.87 8.03
N ALA A 245 -12.51 -12.62 7.60
CA ALA A 245 -12.88 -12.61 6.18
C ALA A 245 -13.48 -11.27 5.75
N LYS A 246 -14.14 -10.55 6.66
CA LYS A 246 -14.56 -9.20 6.33
C LYS A 246 -13.41 -8.19 6.40
N GLY A 247 -12.30 -8.56 7.02
CA GLY A 247 -11.17 -7.65 7.13
C GLY A 247 -11.46 -6.42 7.96
N VAL A 248 -12.19 -6.58 9.06
CA VAL A 248 -12.39 -5.51 10.02
C VAL A 248 -11.98 -6.02 11.40
N MET A 249 -11.83 -5.11 12.35
CA MET A 249 -11.45 -5.48 13.71
C MET A 249 -12.68 -5.87 14.53
N SER A 250 -12.50 -6.84 15.41
CA SER A 250 -13.62 -7.26 16.25
C SER A 250 -14.01 -6.15 17.22
N PRO A 251 -15.30 -5.84 17.35
CA PRO A 251 -15.74 -4.91 18.41
C PRO A 251 -16.14 -5.59 19.72
N TYR A 252 -15.88 -6.88 19.88
CA TYR A 252 -16.37 -7.61 21.05
C TYR A 252 -15.31 -7.73 22.13
N GLN A 253 -15.77 -8.07 23.32
CA GLN A 253 -14.93 -8.26 24.48
C GLN A 253 -14.40 -9.69 24.53
N ARG A 254 -13.20 -9.84 25.06
CA ARG A 254 -12.62 -11.16 25.27
C ARG A 254 -13.40 -11.88 26.37
N ILE A 255 -13.94 -13.06 26.05
CA ILE A 255 -14.75 -13.85 26.98
C ILE A 255 -14.36 -15.32 26.86
N VAL A 256 -14.81 -16.12 27.82
CA VAL A 256 -14.72 -17.58 27.78
C VAL A 256 -16.13 -18.14 27.68
N PHE A 257 -16.36 -19.01 26.71
CA PHE A 257 -17.62 -19.73 26.68
C PHE A 257 -17.44 -21.09 26.04
N LEU A 258 -18.33 -22.01 26.44
CA LEU A 258 -18.48 -23.32 25.85
C LEU A 258 -19.95 -23.48 25.45
N ASP A 259 -20.20 -23.89 24.20
CA ASP A 259 -21.57 -24.03 23.72
C ASP A 259 -21.81 -25.44 23.19
N PRO A 260 -23.00 -26.00 23.40
CA PRO A 260 -23.36 -27.24 22.70
C PRO A 260 -23.69 -26.93 21.24
N ILE A 261 -23.20 -27.79 20.35
CA ILE A 261 -23.53 -27.70 18.93
C ILE A 261 -24.42 -28.89 18.60
N TRP A 262 -25.72 -28.64 18.44
CA TRP A 262 -26.63 -29.70 18.04
C TRP A 262 -26.55 -29.89 16.53
N LYS A 263 -26.36 -31.14 16.10
CA LYS A 263 -26.20 -31.46 14.68
C LYS A 263 -27.57 -31.81 14.11
N LEU A 264 -28.31 -30.77 13.73
CA LEU A 264 -29.70 -30.94 13.32
C LEU A 264 -29.83 -31.90 12.15
N ASP A 265 -28.81 -32.00 11.30
CA ASP A 265 -28.83 -32.90 10.16
C ASP A 265 -28.52 -34.36 10.52
N GLN A 266 -28.18 -34.64 11.78
CA GLN A 266 -27.83 -35.99 12.21
C GLN A 266 -28.46 -36.42 13.52
N GLU A 267 -28.88 -35.50 14.37
CA GLU A 267 -29.24 -35.86 15.73
C GLU A 267 -30.56 -36.62 15.76
N LYS A 268 -30.50 -37.87 16.22
CA LYS A 268 -31.71 -38.65 16.46
C LYS A 268 -32.20 -38.57 17.90
N GLY A 269 -31.33 -38.20 18.84
CA GLY A 269 -31.66 -38.25 20.25
C GLY A 269 -32.33 -36.98 20.75
N LYS A 270 -32.60 -36.97 22.06
CA LYS A 270 -33.18 -35.81 22.74
C LYS A 270 -32.10 -34.75 22.91
N MET A 271 -32.31 -33.60 22.27
CA MET A 271 -31.34 -32.49 22.30
C MET A 271 -31.58 -31.68 23.57
N ARG A 272 -31.11 -32.24 24.68
CA ARG A 272 -31.35 -31.70 26.02
C ARG A 272 -30.04 -31.66 26.76
N ILE A 273 -29.78 -30.54 27.43
CA ILE A 273 -28.63 -30.42 28.32
C ILE A 273 -29.13 -29.89 29.66
N SER A 274 -28.66 -30.52 30.74
CA SER A 274 -29.07 -30.16 32.11
C SER A 274 -27.97 -29.33 32.77
N TYR A 275 -28.31 -28.10 33.13
CA TYR A 275 -27.36 -27.21 33.78
C TYR A 275 -27.48 -27.29 35.30
N HIS A 276 -26.35 -27.43 35.97
CA HIS A 276 -26.27 -27.52 37.42
C HIS A 276 -25.46 -26.35 37.94
N PHE A 277 -25.99 -25.66 38.94
CA PHE A 277 -25.40 -24.40 39.42
C PHE A 277 -24.91 -24.60 40.84
N ILE A 278 -23.62 -24.40 41.05
CA ILE A 278 -22.96 -24.73 42.31
C ILE A 278 -22.30 -23.48 42.90
N PRO A 279 -22.84 -22.90 43.97
CA PRO A 279 -22.18 -21.73 44.59
C PRO A 279 -20.84 -22.14 45.19
N GLY A 280 -19.82 -21.32 44.93
CA GLY A 280 -18.47 -21.61 45.40
C GLY A 280 -17.86 -22.88 44.86
N GLY A 281 -18.38 -23.44 43.77
CA GLY A 281 -17.83 -24.66 43.22
C GLY A 281 -16.75 -24.41 42.17
N ASP A 282 -16.09 -25.49 41.78
CA ASP A 282 -15.13 -25.45 40.68
C ASP A 282 -15.16 -26.80 39.98
N TYR A 283 -14.08 -27.14 39.27
CA TYR A 283 -14.08 -28.37 38.50
C TYR A 283 -14.24 -29.60 39.40
N VAL A 284 -13.79 -29.54 40.66
CA VAL A 284 -13.96 -30.69 41.55
C VAL A 284 -15.44 -30.93 41.82
N ASP A 285 -16.17 -29.87 42.16
CA ASP A 285 -17.60 -30.01 42.40
C ASP A 285 -18.32 -30.50 41.14
N MET A 286 -17.92 -29.96 39.98
CA MET A 286 -18.54 -30.39 38.72
C MET A 286 -18.35 -31.88 38.50
N ALA A 287 -17.14 -32.39 38.73
CA ALA A 287 -16.88 -33.81 38.51
C ALA A 287 -17.74 -34.66 39.42
N LYS A 288 -17.92 -34.24 40.67
CA LYS A 288 -18.69 -35.05 41.61
C LYS A 288 -20.17 -35.05 41.26
N VAL A 289 -20.68 -33.93 40.74
CA VAL A 289 -22.06 -33.90 40.25
C VAL A 289 -22.25 -34.90 39.12
N TYR A 290 -21.35 -34.89 38.13
CA TYR A 290 -21.44 -35.89 37.08
C TYR A 290 -21.29 -37.30 37.61
N GLN A 291 -20.48 -37.48 38.67
CA GLN A 291 -20.25 -38.81 39.21
C GLN A 291 -21.54 -39.47 39.64
N LYS A 292 -22.45 -38.71 40.26
CA LYS A 292 -23.79 -39.23 40.52
C LYS A 292 -24.46 -39.67 39.24
N GLU A 293 -24.34 -38.85 38.19
CA GLU A 293 -24.98 -39.18 36.93
C GLU A 293 -24.33 -40.39 36.26
N ALA A 294 -23.01 -40.53 36.43
CA ALA A 294 -22.33 -41.69 35.86
C ALA A 294 -22.82 -42.97 36.50
N LYS A 295 -23.15 -42.93 37.80
CA LYS A 295 -23.67 -44.09 38.48
C LYS A 295 -25.08 -44.43 37.99
N ALA A 296 -25.94 -43.42 37.86
CA ALA A 296 -27.28 -43.69 37.35
C ALA A 296 -27.24 -44.25 35.93
N ARG A 297 -26.26 -43.83 35.13
CA ARG A 297 -26.18 -44.34 33.77
C ARG A 297 -25.60 -45.75 33.70
N GLY A 298 -25.09 -46.28 34.81
CA GLY A 298 -24.57 -47.63 34.82
C GLY A 298 -23.12 -47.79 34.43
N HIS A 299 -22.40 -46.69 34.15
CA HIS A 299 -20.98 -46.80 33.81
C HIS A 299 -20.13 -47.20 35.00
N PHE A 300 -20.54 -46.84 36.21
CA PHE A 300 -19.69 -46.91 37.40
C PHE A 300 -19.76 -48.30 38.02
N VAL A 301 -18.77 -49.13 37.76
CA VAL A 301 -18.61 -50.44 38.39
C VAL A 301 -17.26 -50.42 39.11
N SER A 302 -17.29 -50.47 40.44
CA SER A 302 -16.10 -50.11 41.19
C SER A 302 -15.05 -51.22 41.15
N LEU A 303 -13.81 -50.83 41.41
CA LEU A 303 -12.70 -51.77 41.44
C LEU A 303 -12.80 -52.72 42.61
N GLN A 304 -13.48 -52.31 43.69
CA GLN A 304 -13.71 -53.23 44.80
C GLN A 304 -14.71 -54.30 44.42
N GLU A 305 -15.69 -53.97 43.59
CA GLU A 305 -16.62 -54.97 43.10
C GLU A 305 -15.91 -55.92 42.15
N LYS A 306 -15.02 -55.40 41.29
CA LYS A 306 -14.25 -56.23 40.39
C LYS A 306 -13.25 -57.11 41.13
N LEU A 307 -12.75 -56.63 42.27
CA LEU A 307 -11.85 -57.44 43.11
C LEU A 307 -12.61 -58.57 43.80
N LYS A 308 -13.84 -58.32 44.25
CA LYS A 308 -14.66 -59.41 44.78
C LYS A 308 -14.84 -60.52 43.74
N ARG A 309 -15.04 -60.12 42.49
CA ARG A 309 -15.27 -61.11 41.44
C ARG A 309 -13.98 -61.81 41.04
N ASN A 310 -12.83 -61.12 41.10
CA ASN A 310 -11.56 -61.68 40.66
C ASN A 310 -10.45 -61.18 41.56
N PRO A 311 -10.01 -61.98 42.53
CA PRO A 311 -8.95 -61.54 43.45
C PRO A 311 -7.64 -61.19 42.75
N ASN A 312 -7.41 -61.65 41.52
CA ASN A 312 -6.16 -61.30 40.86
C ASN A 312 -6.08 -59.84 40.47
N VAL A 313 -7.20 -59.09 40.53
CA VAL A 313 -7.16 -57.65 40.35
C VAL A 313 -6.13 -57.00 41.29
N ASN A 314 -5.93 -57.61 42.46
CA ASN A 314 -4.97 -57.07 43.41
C ASN A 314 -3.52 -57.24 42.99
N LYS A 315 -3.24 -57.83 41.82
CA LYS A 315 -1.90 -57.79 41.26
C LYS A 315 -1.61 -56.48 40.52
N LEU A 316 -2.64 -55.64 40.31
CA LEU A 316 -2.47 -54.36 39.64
C LEU A 316 -1.94 -53.24 40.55
N PRO A 317 -2.42 -53.10 41.80
CA PRO A 317 -1.95 -51.95 42.61
C PRO A 317 -0.46 -52.01 42.83
N GLY A 318 0.24 -50.94 42.45
CA GLY A 318 1.67 -50.89 42.55
C GLY A 318 2.43 -51.49 41.38
N ALA A 319 1.74 -51.94 40.35
CA ALA A 319 2.41 -52.56 39.20
C ALA A 319 2.83 -51.49 38.21
N ILE A 320 4.05 -51.63 37.72
CA ILE A 320 4.49 -50.89 36.55
C ILE A 320 3.98 -51.62 35.32
N TYR A 321 3.41 -50.88 34.37
CA TYR A 321 2.94 -51.47 33.13
C TYR A 321 4.10 -51.46 32.13
N PHE A 322 4.58 -52.66 31.78
CA PHE A 322 5.72 -52.81 30.88
C PHE A 322 5.24 -53.22 29.49
N GLY A 323 5.44 -52.35 28.51
CA GLY A 323 5.20 -52.76 27.14
C GLY A 323 6.48 -53.06 26.41
N ILE A 324 6.65 -54.32 26.00
CA ILE A 324 7.82 -54.77 25.27
C ILE A 324 7.44 -54.85 23.80
N TYR A 325 7.91 -53.88 23.01
CA TYR A 325 7.41 -53.68 21.66
C TYR A 325 8.38 -54.32 20.66
N GLY A 326 7.92 -55.37 19.99
CA GLY A 326 8.78 -56.10 19.06
C GLY A 326 8.48 -55.83 17.60
N GLY A 327 8.04 -54.61 17.27
CA GLY A 327 7.66 -54.28 15.91
C GLY A 327 6.31 -54.78 15.47
N TYR A 328 5.58 -55.48 16.35
CA TYR A 328 4.28 -56.10 16.15
C TYR A 328 3.23 -55.32 16.94
N PRO A 329 2.02 -55.11 16.39
CA PRO A 329 1.36 -55.70 15.21
C PRO A 329 1.80 -55.15 13.86
N HIS A 330 2.64 -54.11 13.86
CA HIS A 330 2.97 -53.45 12.61
C HIS A 330 3.72 -54.36 11.65
N TYR A 331 4.54 -55.27 12.17
CA TYR A 331 5.36 -56.15 11.34
C TYR A 331 5.53 -57.47 12.06
N VAL A 332 5.59 -58.55 11.30
CA VAL A 332 5.84 -59.88 11.84
C VAL A 332 7.34 -60.11 11.80
N ASN A 333 7.93 -60.43 12.95
CA ASN A 333 9.35 -60.79 13.08
C ASN A 333 10.28 -59.71 12.52
N MET A 334 10.04 -58.48 12.93
CA MET A 334 10.79 -57.35 12.40
C MET A 334 12.25 -57.39 12.86
N PRO A 335 13.23 -57.35 11.95
CA PRO A 335 14.63 -57.40 12.37
C PRO A 335 15.02 -56.15 13.12
N GLY A 336 15.79 -56.33 14.20
CA GLY A 336 16.14 -55.25 15.09
C GLY A 336 15.08 -54.85 16.09
N MET A 337 13.87 -55.41 16.01
CA MET A 337 12.82 -55.01 16.93
C MET A 337 12.22 -56.22 17.64
N ALA A 338 11.93 -57.28 16.90
CA ALA A 338 11.26 -58.44 17.46
C ALA A 338 12.13 -59.13 18.50
N PHE A 339 11.48 -59.66 19.53
CA PHE A 339 12.17 -60.40 20.58
C PHE A 339 11.89 -61.89 20.46
N THR A 340 12.88 -62.70 20.84
CA THR A 340 12.61 -64.12 21.03
C THR A 340 11.93 -64.34 22.38
N PHE A 341 11.30 -65.50 22.53
CA PHE A 341 10.65 -65.82 23.79
C PHE A 341 11.68 -66.02 24.91
N ASP A 342 12.91 -66.42 24.56
CA ASP A 342 13.98 -66.47 25.56
C ASP A 342 14.38 -65.06 25.99
N GLU A 343 14.43 -64.11 25.05
CA GLU A 343 14.69 -62.72 25.41
C GLU A 343 13.59 -62.16 26.30
N LEU A 344 12.33 -62.43 25.97
CA LEU A 344 11.22 -62.04 26.83
C LEU A 344 11.40 -62.58 28.25
N LYS A 345 11.71 -63.89 28.36
CA LYS A 345 11.95 -64.49 29.66
C LYS A 345 13.06 -63.76 30.41
N ASN A 346 14.13 -63.42 29.70
CA ASN A 346 15.26 -62.79 30.37
C ASN A 346 14.94 -61.37 30.83
N ILE A 347 14.13 -60.64 30.04
CA ILE A 347 13.70 -59.31 30.43
C ILE A 347 12.83 -59.38 31.70
N ILE A 348 11.89 -60.32 31.73
CA ILE A 348 11.06 -60.50 32.92
C ILE A 348 11.92 -60.82 34.14
N LYS A 349 12.89 -61.70 33.98
CA LYS A 349 13.73 -62.08 35.11
C LYS A 349 14.53 -60.90 35.64
N THR A 350 15.04 -60.04 34.74
CA THR A 350 15.86 -58.92 35.17
C THR A 350 15.02 -57.87 35.90
N ILE A 351 13.78 -57.67 35.45
CA ILE A 351 12.88 -56.76 36.12
C ILE A 351 12.64 -57.19 37.55
N HIS A 352 12.51 -58.51 37.78
CA HIS A 352 12.27 -59.02 39.12
C HIS A 352 13.56 -59.11 39.93
N ASP A 353 14.53 -59.88 39.43
CA ASP A 353 15.72 -60.20 40.22
C ASP A 353 16.66 -59.01 40.35
N ASP A 354 16.97 -58.31 39.25
CA ASP A 354 17.92 -57.22 39.34
C ASP A 354 17.24 -55.92 39.78
N LEU A 355 16.11 -55.58 39.16
CA LEU A 355 15.45 -54.31 39.43
C LEU A 355 14.50 -54.36 40.62
N ARG A 356 14.16 -55.56 41.11
CA ARG A 356 13.37 -55.73 42.34
C ARG A 356 12.00 -55.08 42.23
N VAL A 357 11.35 -55.27 41.08
CA VAL A 357 9.98 -54.79 40.90
C VAL A 357 9.03 -55.81 41.51
N ASP A 358 8.27 -55.39 42.52
CA ASP A 358 7.41 -56.35 43.21
C ASP A 358 6.22 -56.75 42.35
N LYS A 359 5.67 -55.83 41.57
CA LYS A 359 4.43 -56.05 40.84
C LYS A 359 4.51 -55.41 39.47
N ALA A 360 4.03 -56.12 38.46
CA ALA A 360 4.20 -55.66 37.09
C ALA A 360 3.11 -56.25 36.20
N PHE A 361 2.81 -55.53 35.13
CA PHE A 361 1.96 -56.03 34.05
C PHE A 361 2.83 -56.09 32.81
N VAL A 362 3.23 -57.29 32.42
CA VAL A 362 4.08 -57.50 31.26
C VAL A 362 3.19 -57.69 30.03
N HIS A 363 3.34 -56.82 29.05
CA HIS A 363 2.55 -56.86 27.82
C HIS A 363 3.51 -57.02 26.64
N ALA A 364 3.58 -58.25 26.12
CA ALA A 364 4.53 -58.60 25.07
C ALA A 364 3.89 -58.35 23.70
N TRP A 365 4.37 -57.35 22.97
CA TRP A 365 3.85 -57.03 21.65
C TRP A 365 4.69 -57.77 20.59
N GLY A 366 4.19 -58.93 20.15
CA GLY A 366 4.87 -59.69 19.13
C GLY A 366 5.09 -61.13 19.53
N THR A 367 4.00 -61.90 19.62
CA THR A 367 4.07 -63.30 20.01
C THR A 367 3.48 -64.25 18.97
N PHE A 368 2.90 -63.75 17.89
CA PHE A 368 2.20 -64.58 16.92
C PHE A 368 2.86 -64.45 15.55
N SER A 369 2.64 -65.44 14.70
CA SER A 369 3.27 -65.44 13.38
C SER A 369 2.30 -65.06 12.26
N ASN A 370 1.06 -64.70 12.56
CA ASN A 370 0.20 -64.04 11.59
C ASN A 370 -0.02 -62.60 12.02
N PHE A 371 -0.48 -61.78 11.07
CA PHE A 371 -0.90 -60.42 11.42
C PHE A 371 -2.25 -60.46 12.11
N VAL A 372 -2.46 -59.50 13.02
CA VAL A 372 -3.82 -59.26 13.51
C VAL A 372 -4.66 -58.95 12.28
N PRO A 373 -5.96 -59.29 12.25
CA PRO A 373 -6.75 -59.82 13.37
C PRO A 373 -6.69 -61.33 13.58
N HIS A 374 -5.68 -62.02 13.05
CA HIS A 374 -5.53 -63.46 13.30
C HIS A 374 -4.39 -63.64 14.29
N ASN A 375 -4.74 -63.68 15.57
CA ASN A 375 -3.79 -63.65 16.68
C ASN A 375 -3.29 -65.04 17.03
N TYR A 376 -2.73 -65.70 16.03
CA TYR A 376 -2.30 -67.09 16.14
C TYR A 376 -1.47 -67.42 14.90
N PRO A 377 -0.64 -68.47 14.98
CA PRO A 377 -0.34 -69.21 16.20
C PRO A 377 0.82 -68.56 16.96
N ILE A 378 1.10 -69.02 18.17
CA ILE A 378 2.32 -68.60 18.85
C ILE A 378 3.50 -68.90 17.95
N SER A 379 4.32 -67.89 17.69
CA SER A 379 5.28 -67.93 16.60
C SER A 379 6.39 -68.96 16.84
N GLU A 380 6.54 -69.90 15.89
CA GLU A 380 7.65 -70.83 15.94
C GLU A 380 8.99 -70.11 15.78
N ALA A 381 9.04 -69.09 14.92
CA ALA A 381 10.30 -68.39 14.67
C ALA A 381 10.85 -67.74 15.93
N LEU A 382 9.97 -67.38 16.87
CA LEU A 382 10.44 -66.75 18.09
C LEU A 382 10.78 -67.75 19.18
N GLY A 383 10.47 -69.03 18.98
CA GLY A 383 10.75 -70.06 19.96
C GLY A 383 9.64 -71.06 20.15
N GLY A 384 8.43 -70.74 19.70
CA GLY A 384 7.31 -71.65 19.79
C GLY A 384 6.60 -71.61 21.14
N PRO A 385 5.49 -72.37 21.24
CA PRO A 385 4.64 -72.29 22.44
C PRO A 385 5.36 -72.63 23.73
N GLU A 386 6.20 -73.65 23.73
CA GLU A 386 6.86 -74.09 24.96
C GLU A 386 7.71 -72.98 25.58
N LYS A 387 8.44 -72.25 24.74
CA LYS A 387 9.29 -71.18 25.25
C LYS A 387 8.50 -69.94 25.65
N LEU A 388 7.38 -69.65 24.98
CA LEU A 388 6.50 -68.60 25.47
C LEU A 388 5.91 -68.98 26.82
N LYS A 389 5.47 -70.23 26.96
CA LYS A 389 4.93 -70.72 28.22
C LYS A 389 5.96 -70.62 29.34
N ALA A 390 7.23 -70.91 29.03
CA ALA A 390 8.29 -70.74 30.02
C ALA A 390 8.38 -69.29 30.50
N ALA A 391 8.33 -68.33 29.57
CA ALA A 391 8.36 -66.93 29.96
C ALA A 391 7.14 -66.56 30.80
N VAL A 392 5.95 -66.97 30.35
CA VAL A 392 4.74 -66.67 31.11
C VAL A 392 4.77 -67.36 32.47
N ASP A 393 5.24 -68.61 32.51
CA ASP A 393 5.33 -69.31 33.79
C ASP A 393 6.20 -68.54 34.78
N LEU A 394 7.34 -68.02 34.32
CA LEU A 394 8.23 -67.27 35.20
C LEU A 394 7.54 -66.03 35.76
N ALA A 395 6.86 -65.27 34.89
CA ALA A 395 6.14 -64.08 35.35
C ALA A 395 5.09 -64.43 36.38
N LYS A 396 4.31 -65.48 36.12
CA LYS A 396 3.30 -65.93 37.08
C LYS A 396 3.94 -66.29 38.42
N SER A 397 5.13 -66.90 38.40
CA SER A 397 5.82 -67.21 39.65
C SER A 397 6.26 -65.96 40.38
N TYR A 398 6.46 -64.84 39.67
CA TYR A 398 6.72 -63.57 40.34
C TYR A 398 5.46 -62.90 40.85
N GLY A 399 4.29 -63.41 40.52
CA GLY A 399 3.08 -62.70 40.82
C GLY A 399 2.75 -61.59 39.84
N TYR A 400 3.46 -61.50 38.71
CA TYR A 400 3.18 -60.54 37.67
C TYR A 400 1.99 -60.97 36.82
N LEU A 401 1.29 -59.99 36.27
CA LEU A 401 0.32 -60.22 35.22
C LEU A 401 1.01 -60.21 33.86
N TYR A 402 0.49 -61.01 32.94
CA TYR A 402 1.00 -61.08 31.58
C TYR A 402 -0.15 -61.05 30.57
N SER A 403 0.14 -60.47 29.40
CA SER A 403 -0.73 -60.60 28.25
C SER A 403 0.11 -60.41 26.98
N SER A 404 -0.26 -61.15 25.93
CA SER A 404 0.21 -60.86 24.58
C SER A 404 -0.55 -59.68 23.99
N TYR A 405 -0.08 -59.19 22.84
CA TYR A 405 -0.84 -58.18 22.11
C TYR A 405 -1.94 -58.85 21.31
N HIS A 406 -3.19 -58.40 21.51
CA HIS A 406 -4.33 -58.85 20.73
C HIS A 406 -5.06 -57.66 20.13
N ALA A 407 -5.49 -57.81 18.89
CA ALA A 407 -6.45 -56.88 18.33
C ALA A 407 -7.28 -57.63 17.30
N TYR A 408 -8.56 -57.28 17.21
CA TYR A 408 -9.49 -57.99 16.33
C TYR A 408 -10.13 -57.06 15.32
N SER A 409 -9.68 -55.80 15.24
CA SER A 409 -10.21 -54.79 14.33
C SER A 409 -9.29 -54.39 13.16
N PRO A 410 -7.96 -54.56 13.22
CA PRO A 410 -7.13 -54.14 12.07
C PRO A 410 -7.37 -54.97 10.82
N MET A 411 -7.01 -54.38 9.68
CA MET A 411 -6.97 -55.09 8.40
C MET A 411 -5.85 -54.43 7.58
N LEU A 412 -4.65 -55.01 7.67
CA LEU A 412 -3.44 -54.29 7.26
C LEU A 412 -3.05 -54.61 5.82
N GLU A 413 -2.56 -53.58 5.13
CA GLU A 413 -2.22 -53.71 3.71
C GLU A 413 -1.05 -54.67 3.50
N ASN A 414 -0.17 -54.82 4.47
CA ASN A 414 0.98 -55.69 4.30
C ASN A 414 0.74 -57.10 4.80
N ASP A 415 -0.46 -57.41 5.27
CA ASP A 415 -0.82 -58.76 5.67
C ASP A 415 -1.15 -59.57 4.42
N PRO A 416 -0.46 -60.69 4.16
CA PRO A 416 -0.85 -61.52 3.00
C PRO A 416 -2.27 -62.04 3.08
N ASN A 417 -2.84 -62.16 4.29
CA ASN A 417 -4.24 -62.54 4.48
C ASN A 417 -5.22 -61.38 4.31
N PHE A 418 -4.75 -60.21 3.87
CA PHE A 418 -5.62 -59.04 3.78
C PHE A 418 -6.85 -59.35 2.95
N THR A 419 -8.00 -58.92 3.43
CA THR A 419 -9.25 -59.10 2.70
C THR A 419 -10.19 -57.97 3.05
N THR A 420 -10.96 -57.52 2.05
CA THR A 420 -12.04 -56.58 2.30
C THR A 420 -13.33 -57.26 2.74
N ASP A 421 -13.34 -58.60 2.80
CA ASP A 421 -14.55 -59.30 3.21
C ASP A 421 -14.97 -58.94 4.63
N LEU A 422 -14.01 -58.59 5.49
CA LEU A 422 -14.30 -58.30 6.88
C LEU A 422 -14.51 -56.81 7.15
N MET A 423 -14.37 -55.97 6.13
CA MET A 423 -14.57 -54.53 6.32
C MET A 423 -16.03 -54.19 6.09
N GLN A 424 -16.44 -53.04 6.62
CA GLN A 424 -17.80 -52.56 6.44
C GLN A 424 -17.88 -51.62 5.23
N ARG A 425 -18.99 -51.73 4.50
CA ARG A 425 -19.30 -50.83 3.40
C ARG A 425 -20.52 -50.00 3.74
N ASP A 426 -20.64 -48.83 3.11
CA ASP A 426 -21.75 -47.94 3.39
C ASP A 426 -22.84 -48.14 2.31
N ALA A 427 -23.89 -47.32 2.37
CA ALA A 427 -25.03 -47.52 1.48
C ALA A 427 -24.67 -47.43 0.01
N GLU A 428 -23.57 -46.76 -0.34
CA GLU A 428 -23.16 -46.67 -1.72
C GLU A 428 -22.27 -47.83 -2.15
N GLY A 429 -21.91 -48.73 -1.24
CA GLY A 429 -20.98 -49.78 -1.53
C GLY A 429 -19.54 -49.44 -1.25
N LYS A 430 -19.28 -48.26 -0.68
CA LYS A 430 -17.93 -47.78 -0.45
C LYS A 430 -17.34 -48.37 0.82
N LEU A 431 -16.07 -48.78 0.75
CA LEU A 431 -15.42 -49.30 1.94
C LEU A 431 -15.31 -48.21 2.99
N MET A 432 -15.57 -48.57 4.24
CA MET A 432 -15.40 -47.66 5.33
C MET A 432 -14.04 -47.84 5.98
N ASN A 433 -13.51 -46.76 6.53
CA ASN A 433 -12.23 -46.75 7.24
C ASN A 433 -11.06 -47.15 6.34
N THR A 434 -11.12 -46.84 5.04
CA THR A 434 -9.94 -47.09 4.22
C THR A 434 -8.72 -46.30 4.70
N GLY A 435 -8.93 -45.22 5.44
CA GLY A 435 -7.84 -44.40 5.92
C GLY A 435 -7.54 -44.60 7.39
N SER A 436 -7.98 -45.75 7.93
CA SER A 436 -7.82 -46.06 9.36
C SER A 436 -7.59 -47.57 9.48
N ARG A 437 -6.35 -47.97 9.20
CA ARG A 437 -6.07 -49.39 9.01
C ARG A 437 -6.30 -50.21 10.28
N TRP A 438 -6.15 -49.59 11.45
CA TRP A 438 -6.25 -50.34 12.71
C TRP A 438 -7.68 -50.61 13.14
N ALA A 439 -8.66 -50.01 12.48
CA ALA A 439 -10.06 -50.16 12.86
C ALA A 439 -10.88 -50.34 11.59
N ARG A 440 -10.63 -51.44 10.90
CA ARG A 440 -11.27 -51.72 9.62
C ARG A 440 -12.25 -52.87 9.65
N VAL A 441 -12.05 -53.84 10.54
CA VAL A 441 -12.97 -54.98 10.63
C VAL A 441 -14.30 -54.52 11.22
N ASP A 442 -15.39 -54.83 10.55
CA ASP A 442 -16.70 -54.59 11.10
C ASP A 442 -16.81 -55.20 12.49
N PRO A 443 -17.16 -54.42 13.51
CA PRO A 443 -17.31 -54.97 14.86
C PRO A 443 -18.22 -56.20 14.95
N LYS A 444 -19.21 -56.34 14.07
CA LYS A 444 -20.05 -57.53 14.12
C LYS A 444 -19.26 -58.82 13.86
N PHE A 445 -18.00 -58.74 13.47
CA PHE A 445 -17.17 -59.91 13.23
C PHE A 445 -16.20 -60.18 14.37
N GLN A 446 -16.05 -59.25 15.32
CA GLN A 446 -14.86 -59.26 16.17
C GLN A 446 -14.93 -60.27 17.31
N LYS A 447 -16.12 -60.56 17.85
CA LYS A 447 -16.21 -61.67 18.81
C LYS A 447 -15.80 -62.99 18.14
N GLY A 448 -16.32 -63.24 16.93
CA GLY A 448 -15.94 -64.43 16.20
C GLY A 448 -14.46 -64.51 15.89
N LEU A 449 -13.81 -63.38 15.64
CA LEU A 449 -12.37 -63.41 15.41
C LEU A 449 -11.63 -63.73 16.71
N ALA A 450 -12.11 -63.19 17.83
CA ALA A 450 -11.52 -63.49 19.12
C ALA A 450 -11.73 -64.94 19.52
N GLN A 451 -12.84 -65.54 19.08
CA GLN A 451 -13.15 -66.92 19.40
C GLN A 451 -12.19 -67.92 18.77
N LYS A 452 -11.40 -67.50 17.77
CA LYS A 452 -10.57 -68.46 17.06
C LYS A 452 -9.46 -69.02 17.94
N ASN A 453 -8.89 -68.19 18.82
CA ASN A 453 -7.73 -68.67 19.57
C ASN A 453 -7.65 -68.21 21.02
N ILE A 454 -8.42 -67.19 21.46
CA ILE A 454 -8.19 -66.62 22.79
C ILE A 454 -8.37 -67.69 23.86
N GLU A 455 -9.32 -68.61 23.66
CA GLU A 455 -9.54 -69.67 24.65
C GLU A 455 -8.41 -70.68 24.63
N LYS A 456 -7.89 -71.00 23.45
CA LYS A 456 -6.74 -71.90 23.38
C LYS A 456 -5.51 -71.26 24.02
N GLU A 457 -5.37 -69.94 23.90
CA GLU A 457 -4.21 -69.28 24.50
C GLU A 457 -4.35 -69.18 26.01
N ILE A 458 -5.55 -68.92 26.51
CA ILE A 458 -5.78 -68.91 27.95
C ILE A 458 -5.47 -70.28 28.54
N SER A 459 -6.01 -71.33 27.91
CA SER A 459 -5.87 -72.66 28.45
C SER A 459 -4.42 -73.14 28.42
N TYR A 460 -3.71 -72.88 27.32
CA TYR A 460 -2.36 -73.42 27.18
C TYR A 460 -1.37 -72.68 28.08
N LEU A 461 -1.37 -71.35 28.04
CA LEU A 461 -0.44 -70.56 28.84
C LEU A 461 -0.88 -70.38 30.29
N GLY A 462 -2.10 -70.80 30.64
CA GLY A 462 -2.59 -70.57 31.99
C GLY A 462 -2.75 -69.10 32.30
N LEU A 463 -3.33 -68.34 31.38
CA LEU A 463 -3.38 -66.89 31.51
C LEU A 463 -4.26 -66.46 32.67
N GLU A 464 -3.84 -65.40 33.36
CA GLU A 464 -4.63 -64.76 34.41
C GLU A 464 -5.09 -63.37 34.02
N ALA A 465 -4.65 -62.86 32.89
CA ALA A 465 -4.94 -61.50 32.46
C ALA A 465 -5.05 -61.46 30.95
N ASP A 466 -5.53 -60.33 30.45
CA ASP A 466 -5.65 -60.10 29.01
C ASP A 466 -5.74 -58.61 28.72
N ILE A 467 -5.02 -58.16 27.70
CA ILE A 467 -5.21 -56.83 27.15
C ILE A 467 -5.70 -56.98 25.70
N THR A 468 -6.72 -56.21 25.35
CA THR A 468 -7.27 -56.16 24.00
C THR A 468 -7.23 -54.71 23.53
N ASN A 469 -6.71 -54.49 22.32
CA ASN A 469 -6.40 -53.14 21.87
C ASN A 469 -7.37 -52.67 20.79
N ILE A 470 -7.40 -51.34 20.63
CA ILE A 470 -8.06 -50.59 19.56
C ILE A 470 -9.58 -50.55 19.68
N THR A 471 -10.22 -51.71 19.82
CA THR A 471 -11.68 -51.77 19.64
C THR A 471 -12.43 -50.87 20.61
N PHE A 472 -11.92 -50.70 21.83
CA PHE A 472 -12.65 -49.96 22.85
C PHE A 472 -12.04 -48.58 23.13
N ALA A 473 -11.30 -48.04 22.16
CA ALA A 473 -10.71 -46.72 22.33
C ALA A 473 -11.73 -45.60 22.16
N ALA A 474 -12.82 -45.84 21.43
CA ALA A 474 -13.87 -44.83 21.25
C ALA A 474 -15.22 -45.44 21.61
N TYR A 475 -16.27 -44.61 21.56
CA TYR A 475 -17.64 -45.12 21.73
C TYR A 475 -18.55 -44.42 20.72
N ARG A 476 -18.66 -45.02 19.54
CA ARG A 476 -19.50 -44.53 18.47
C ARG A 476 -20.70 -45.44 18.31
N GLU A 477 -21.76 -44.90 17.72
CA GLU A 477 -22.98 -45.68 17.56
C GLU A 477 -22.78 -46.83 16.59
N ASN A 478 -22.18 -46.54 15.43
CA ASN A 478 -21.96 -47.58 14.44
C ASN A 478 -21.09 -48.68 15.01
N GLY A 479 -21.62 -49.90 15.02
CA GLY A 479 -20.87 -51.06 15.46
C GLY A 479 -20.82 -51.28 16.95
N LYS A 480 -21.54 -50.48 17.76
CA LYS A 480 -21.43 -50.64 19.21
C LYS A 480 -21.97 -52.00 19.66
N GLU A 481 -22.97 -52.54 18.97
CA GLU A 481 -23.49 -53.86 19.34
C GLU A 481 -22.42 -54.94 19.20
N GLY A 482 -21.68 -54.91 18.09
CA GLY A 482 -20.57 -55.84 17.93
C GLY A 482 -19.52 -55.68 19.01
N ARG A 483 -19.18 -54.43 19.34
CA ARG A 483 -18.16 -54.18 20.36
C ARG A 483 -18.62 -54.65 21.73
N ILE A 484 -19.90 -54.45 22.05
CA ILE A 484 -20.44 -54.93 23.31
C ILE A 484 -20.37 -56.45 23.36
N GLU A 485 -20.66 -57.12 22.25
CA GLU A 485 -20.52 -58.57 22.17
C GLU A 485 -19.10 -59.01 22.50
N LEU A 486 -18.11 -58.39 21.83
CA LEU A 486 -16.72 -58.70 22.13
C LEU A 486 -16.40 -58.45 23.60
N ALA A 487 -16.85 -57.30 24.12
CA ALA A 487 -16.60 -56.95 25.52
C ALA A 487 -17.18 -57.99 26.47
N LYS A 488 -18.45 -58.38 26.24
CA LYS A 488 -19.07 -59.43 27.06
C LYS A 488 -18.29 -60.74 26.98
N TYR A 489 -17.81 -61.09 25.78
CA TYR A 489 -17.10 -62.36 25.62
C TYR A 489 -15.78 -62.36 26.39
N ILE A 490 -15.03 -61.27 26.32
CA ILE A 490 -13.76 -61.18 27.04
C ILE A 490 -14.00 -61.16 28.55
N ASP A 491 -14.96 -60.36 29.00
CA ASP A 491 -15.25 -60.27 30.43
C ASP A 491 -15.77 -61.58 30.98
N SER A 492 -16.30 -62.47 30.14
CA SER A 492 -16.82 -63.75 30.61
C SER A 492 -15.72 -64.72 31.03
N PHE A 493 -14.45 -64.40 30.76
CA PHE A 493 -13.38 -65.29 31.18
C PHE A 493 -12.91 -65.02 32.61
N ASN A 494 -13.37 -63.92 33.21
CA ASN A 494 -12.97 -63.50 34.54
C ASN A 494 -11.45 -63.43 34.67
N LEU A 495 -10.81 -62.88 33.65
CA LEU A 495 -9.40 -62.51 33.72
C LEU A 495 -9.30 -61.05 34.15
N VAL A 496 -8.18 -60.71 34.77
CA VAL A 496 -7.84 -59.30 34.96
C VAL A 496 -7.60 -58.72 33.57
N ASN A 497 -8.50 -57.88 33.08
CA ASN A 497 -8.35 -57.46 31.70
C ASN A 497 -8.29 -55.94 31.57
N GLY A 498 -7.51 -55.50 30.57
CA GLY A 498 -7.40 -54.10 30.25
C GLY A 498 -7.59 -53.88 28.76
N THR A 499 -7.67 -52.61 28.41
CA THR A 499 -7.95 -52.25 27.03
C THR A 499 -7.28 -50.92 26.73
N GLU A 500 -7.09 -50.65 25.44
CA GLU A 500 -6.47 -49.42 25.01
C GLU A 500 -7.42 -48.23 25.16
N HIS A 501 -6.96 -47.19 25.87
CA HIS A 501 -7.63 -45.90 25.99
C HIS A 501 -8.96 -45.96 26.75
N GLY A 502 -9.92 -46.73 26.25
CA GLY A 502 -11.20 -46.86 26.89
C GLY A 502 -12.10 -45.64 26.74
N GLN A 503 -13.32 -45.80 27.24
CA GLN A 503 -14.30 -44.74 27.39
C GLN A 503 -15.16 -45.15 28.58
N GLU A 504 -15.95 -44.20 29.10
CA GLU A 504 -16.72 -44.48 30.31
C GLU A 504 -17.69 -45.64 30.09
N GLN A 505 -18.22 -45.79 28.87
CA GLN A 505 -19.20 -46.84 28.58
C GLN A 505 -18.59 -48.22 28.72
N TRP A 506 -17.27 -48.35 28.57
CA TRP A 506 -16.59 -49.64 28.67
C TRP A 506 -16.12 -49.97 30.08
N ILE A 507 -16.31 -49.03 31.03
CA ILE A 507 -15.81 -49.25 32.38
C ILE A 507 -16.35 -50.53 33.01
N PRO A 508 -17.61 -50.94 32.80
CA PRO A 508 -18.07 -52.19 33.43
C PRO A 508 -17.37 -53.45 32.97
N TYR A 509 -16.66 -53.43 31.84
CA TYR A 509 -16.15 -54.65 31.22
C TYR A 509 -14.65 -54.85 31.41
N PHE A 510 -13.93 -53.82 31.87
CA PHE A 510 -12.49 -53.90 31.99
C PHE A 510 -12.05 -53.48 33.39
N ASP A 511 -10.86 -53.92 33.76
CA ASP A 511 -10.25 -53.49 35.03
C ASP A 511 -9.28 -52.34 34.86
N MET A 512 -8.72 -52.14 33.68
CA MET A 512 -7.75 -51.06 33.51
C MET A 512 -7.77 -50.53 32.09
N PHE A 513 -7.45 -49.24 31.96
CA PHE A 513 -7.30 -48.57 30.67
C PHE A 513 -5.83 -48.21 30.46
N GLU A 514 -5.28 -48.53 29.29
CA GLU A 514 -3.96 -48.03 28.87
C GLU A 514 -4.19 -46.70 28.16
N GLY A 515 -3.92 -45.60 28.84
CA GLY A 515 -4.17 -44.27 28.31
C GLY A 515 -5.17 -43.51 29.15
N MET A 516 -6.08 -42.79 28.48
CA MET A 516 -6.95 -41.83 29.14
C MET A 516 -6.11 -40.78 29.87
N THR A 517 -5.11 -40.26 29.16
CA THR A 517 -4.29 -39.18 29.65
C THR A 517 -4.39 -38.04 28.65
N TYR A 518 -3.36 -37.81 27.83
CA TYR A 518 -3.31 -36.63 26.99
C TYR A 518 -2.64 -36.98 25.67
N LEU A 519 -3.22 -36.47 24.57
CA LEU A 519 -2.48 -36.41 23.32
C LEU A 519 -1.30 -35.47 23.47
N GLU A 520 -0.31 -35.63 22.58
CA GLU A 520 0.81 -34.69 22.62
C GLU A 520 0.46 -33.40 21.88
N ASP A 521 -0.08 -33.51 20.66
CA ASP A 521 -0.51 -32.36 19.88
C ASP A 521 -2.02 -32.37 19.90
N ARG A 522 -2.62 -31.35 20.50
CA ARG A 522 -4.05 -31.31 20.75
C ARG A 522 -4.50 -29.86 20.76
N PRO A 523 -5.72 -29.59 20.28
CA PRO A 523 -6.30 -28.26 20.48
C PRO A 523 -6.26 -27.90 21.96
N LEU A 524 -5.98 -26.63 22.25
CA LEU A 524 -5.94 -26.03 23.59
C LEU A 524 -4.67 -26.35 24.39
N SER A 525 -3.69 -27.06 23.83
CA SER A 525 -2.53 -27.45 24.63
C SER A 525 -1.78 -26.25 25.20
N VAL A 526 -1.72 -25.14 24.45
CA VAL A 526 -0.97 -23.98 24.94
C VAL A 526 -1.83 -23.01 25.76
N ILE A 527 -3.13 -23.30 25.92
CA ILE A 527 -3.98 -22.44 26.76
C ILE A 527 -4.83 -23.25 27.71
N SER A 528 -4.30 -24.38 28.19
CA SER A 528 -4.99 -25.13 29.22
C SER A 528 -3.96 -25.75 30.16
N HIS A 529 -4.44 -26.17 31.33
CA HIS A 529 -3.67 -26.95 32.27
C HIS A 529 -4.35 -28.29 32.44
N PRO A 530 -3.61 -29.39 32.39
CA PRO A 530 -4.21 -30.70 32.68
C PRO A 530 -4.84 -30.70 34.07
N ALA A 531 -6.04 -31.27 34.15
CA ALA A 531 -6.74 -31.50 35.39
C ALA A 531 -7.26 -32.93 35.38
N PRO A 532 -7.25 -33.62 36.51
CA PRO A 532 -7.65 -35.03 36.55
C PRO A 532 -9.16 -35.22 36.56
N LEU A 533 -9.84 -34.61 35.57
CA LEU A 533 -11.29 -34.58 35.56
C LEU A 533 -11.89 -35.97 35.45
N PHE A 534 -11.38 -36.79 34.53
CA PHE A 534 -11.89 -38.16 34.38
C PHE A 534 -11.66 -38.97 35.64
N ASN A 535 -10.48 -38.86 36.25
CA ASN A 535 -10.22 -39.64 37.46
C ASN A 535 -10.94 -39.06 38.68
N LEU A 536 -11.20 -37.75 38.69
CA LEU A 536 -12.08 -37.21 39.72
C LEU A 536 -13.45 -37.88 39.69
N VAL A 537 -13.86 -38.42 38.55
CA VAL A 537 -15.12 -39.14 38.47
C VAL A 537 -14.94 -40.64 38.71
N TYR A 538 -13.96 -41.25 38.03
CA TYR A 538 -13.95 -42.70 37.83
C TYR A 538 -12.79 -43.46 38.46
N HIS A 539 -11.87 -42.80 39.17
CA HIS A 539 -10.69 -43.48 39.71
C HIS A 539 -11.06 -44.73 40.50
N GLU A 540 -12.19 -44.69 41.23
CA GLU A 540 -12.62 -45.87 42.00
C GLU A 540 -13.06 -47.01 41.10
N ALA A 541 -13.38 -46.74 39.85
CA ALA A 541 -14.02 -47.70 38.97
C ALA A 541 -13.11 -48.25 37.88
N ILE A 542 -12.11 -47.49 37.44
CA ILE A 542 -11.23 -47.93 36.36
C ILE A 542 -9.82 -47.47 36.68
N ALA A 543 -8.87 -48.39 36.66
CA ALA A 543 -7.47 -48.03 36.79
C ALA A 543 -6.94 -47.63 35.43
N ASN A 544 -6.09 -46.62 35.39
CA ASN A 544 -5.52 -46.22 34.12
C ASN A 544 -4.02 -46.08 34.25
N PHE A 545 -3.36 -46.21 33.09
CA PHE A 545 -1.91 -46.14 32.96
C PHE A 545 -1.58 -45.22 31.81
N GLY A 546 -0.32 -44.81 31.73
CA GLY A 546 0.13 -43.96 30.65
C GLY A 546 0.00 -44.65 29.30
N LYS A 547 -0.15 -43.82 28.26
CA LYS A 547 -0.33 -44.30 26.89
C LYS A 547 1.01 -44.76 26.31
N ILE A 548 0.95 -45.79 25.45
CA ILE A 548 2.19 -46.38 24.94
C ILE A 548 2.89 -45.46 23.92
N GLN A 549 2.13 -44.64 23.18
CA GLN A 549 2.75 -43.72 22.25
C GLN A 549 3.45 -42.58 22.98
N ASP A 550 3.05 -42.31 24.21
CA ASP A 550 3.62 -41.21 25.00
C ASP A 550 4.05 -41.72 26.38
N PRO A 551 4.90 -42.76 26.42
CA PRO A 551 5.15 -43.43 27.69
C PRO A 551 5.99 -42.57 28.62
N ASP A 552 6.11 -43.03 29.86
CA ASP A 552 6.89 -42.27 30.85
C ASP A 552 8.39 -42.28 30.57
N ASN A 553 8.88 -43.12 29.66
CA ASN A 553 10.30 -43.11 29.31
C ASN A 553 10.63 -42.21 28.13
N GLU A 554 9.62 -41.66 27.44
CA GLU A 554 9.84 -40.75 26.32
C GLU A 554 9.66 -39.29 26.75
N VAL A 555 10.42 -38.40 26.13
CA VAL A 555 10.31 -36.97 26.38
C VAL A 555 9.43 -36.38 25.28
N THR A 556 8.29 -35.84 25.66
CA THR A 556 7.31 -35.38 24.67
C THR A 556 6.76 -34.04 25.11
N ALA A 557 5.74 -33.58 24.37
CA ALA A 557 5.09 -32.33 24.72
C ALA A 557 4.48 -32.40 26.10
N ASN A 558 4.10 -33.60 26.54
CA ASN A 558 3.50 -33.84 27.84
C ASN A 558 4.54 -34.04 28.96
N GLY A 559 5.83 -33.87 28.67
CA GLY A 559 6.85 -33.86 29.70
C GLY A 559 7.82 -35.01 29.57
N ASP A 560 8.80 -34.99 30.47
CA ASP A 560 9.81 -36.03 30.56
C ASP A 560 9.43 -36.94 31.72
N PHE A 561 10.37 -37.76 32.18
CA PHE A 561 10.05 -38.67 33.27
C PHE A 561 9.73 -37.93 34.56
N ARG A 562 10.45 -36.85 34.83
CA ARG A 562 10.20 -36.08 36.05
C ARG A 562 8.76 -35.61 36.10
N ILE A 563 8.32 -34.88 35.06
CA ILE A 563 6.98 -34.33 35.04
C ILE A 563 5.94 -35.45 35.03
N LYS A 564 6.18 -36.50 34.23
CA LYS A 564 5.18 -37.56 34.08
C LYS A 564 5.06 -38.41 35.33
N ALA A 565 6.16 -38.66 36.03
CA ALA A 565 6.06 -39.40 37.29
C ALA A 565 5.30 -38.59 38.34
N LEU A 566 5.58 -37.29 38.43
CA LEU A 566 4.90 -36.45 39.41
C LEU A 566 3.41 -36.34 39.09
N ARG A 567 3.06 -36.18 37.81
CA ARG A 567 1.65 -36.08 37.45
C ARG A 567 0.91 -37.40 37.65
N SER A 568 1.61 -38.53 37.48
CA SER A 568 1.00 -39.84 37.72
C SER A 568 0.45 -39.94 39.14
N MET A 569 1.23 -39.47 40.12
CA MET A 569 0.81 -39.54 41.51
C MET A 569 -0.31 -38.53 41.79
N LEU A 570 -0.19 -37.31 41.25
CA LEU A 570 -1.25 -36.32 41.40
C LEU A 570 -2.58 -36.84 40.85
N PHE A 571 -2.55 -37.48 39.68
CA PHE A 571 -3.75 -37.85 38.94
C PHE A 571 -4.22 -39.27 39.23
N GLY A 572 -3.37 -40.10 39.83
CA GLY A 572 -3.78 -41.43 40.19
C GLY A 572 -3.71 -42.49 39.10
N ARG A 573 -2.69 -42.43 38.24
CA ARG A 573 -2.47 -43.44 37.21
C ARG A 573 -1.15 -44.17 37.44
N GLY A 574 -1.01 -45.32 36.82
CA GLY A 574 0.19 -46.11 36.97
C GLY A 574 1.25 -45.76 35.94
N THR A 575 2.47 -46.22 36.23
CA THR A 575 3.58 -45.99 35.31
C THR A 575 3.46 -46.86 34.08
N THR A 576 3.82 -46.30 32.93
CA THR A 576 3.96 -47.05 31.68
C THR A 576 5.39 -46.90 31.18
N ILE A 577 6.08 -48.03 31.03
CA ILE A 577 7.40 -48.07 30.42
C ILE A 577 7.26 -48.87 29.14
N PHE A 578 7.38 -48.21 27.99
CA PHE A 578 7.10 -48.81 26.69
C PHE A 578 8.34 -48.71 25.82
N PHE A 579 8.82 -49.84 25.33
CA PHE A 579 10.17 -49.78 24.76
C PHE A 579 10.41 -50.93 23.79
N ALA A 580 11.26 -50.64 22.81
CA ALA A 580 11.85 -51.70 22.01
C ALA A 580 12.88 -52.44 22.86
N PRO A 581 13.07 -53.75 22.63
CA PRO A 581 14.01 -54.51 23.45
C PRO A 581 15.40 -53.90 23.51
N TYR A 582 15.92 -53.39 22.39
CA TYR A 582 17.29 -52.87 22.41
C TYR A 582 17.43 -51.73 23.41
N GLU A 583 16.32 -51.11 23.83
CA GLU A 583 16.38 -49.97 24.75
C GLU A 583 16.50 -50.37 26.21
N PHE A 584 16.41 -51.67 26.53
CA PHE A 584 16.11 -52.08 27.90
C PHE A 584 17.09 -51.50 28.92
N GLU A 585 18.40 -51.56 28.64
CA GLU A 585 19.36 -51.04 29.61
C GLU A 585 19.16 -49.55 29.87
N GLY A 586 18.67 -48.81 28.89
CA GLY A 586 18.39 -47.40 29.12
C GLY A 586 17.19 -47.14 29.99
N MET A 587 16.35 -48.16 30.19
CA MET A 587 15.14 -48.02 31.01
C MET A 587 15.39 -48.25 32.49
N ARG A 588 16.44 -48.98 32.85
CA ARG A 588 16.70 -49.32 34.26
C ARG A 588 16.58 -48.13 35.21
N PRO A 589 17.23 -46.98 34.98
CA PRO A 589 17.09 -45.87 35.95
C PRO A 589 15.66 -45.40 36.13
N MET A 590 14.87 -45.34 35.06
CA MET A 590 13.48 -44.91 35.20
C MET A 590 12.62 -46.00 35.83
N ILE A 591 12.90 -47.27 35.55
CA ILE A 591 12.20 -48.35 36.23
C ILE A 591 12.44 -48.27 37.73
N GLU A 592 13.66 -47.93 38.12
CA GLU A 592 13.98 -47.88 39.55
C GLU A 592 13.35 -46.67 40.21
N MET A 593 13.34 -45.53 39.53
CA MET A 593 12.69 -44.36 40.11
C MET A 593 11.20 -44.56 40.22
N ALA A 594 10.58 -45.18 39.20
CA ALA A 594 9.15 -45.49 39.27
C ALA A 594 8.87 -46.48 40.40
N ARG A 595 9.71 -47.51 40.51
CA ARG A 595 9.59 -48.48 41.60
C ARG A 595 9.63 -47.83 42.98
N ASP A 596 10.49 -46.83 43.15
CA ASP A 596 10.71 -46.26 44.47
C ASP A 596 9.78 -45.11 44.83
N LEU A 597 9.25 -44.39 43.83
CA LEU A 597 8.41 -43.23 44.08
C LEU A 597 6.95 -43.44 43.68
N VAL A 598 6.69 -43.90 42.46
CA VAL A 598 5.31 -43.94 41.99
C VAL A 598 4.61 -45.20 42.51
N SER A 599 5.30 -46.34 42.46
CA SER A 599 4.65 -47.61 42.79
C SER A 599 4.07 -47.63 44.20
N PRO A 600 4.78 -47.20 45.26
CA PRO A 600 4.15 -47.20 46.58
C PRO A 600 2.91 -46.30 46.64
N VAL A 601 2.98 -45.13 46.04
CA VAL A 601 1.83 -44.23 46.05
C VAL A 601 0.69 -44.82 45.22
N HIS A 602 1.00 -45.33 44.02
CA HIS A 602 -0.01 -45.96 43.18
C HIS A 602 -0.67 -47.13 43.91
N LYS A 603 0.12 -47.87 44.70
CA LYS A 603 -0.40 -49.03 45.42
C LYS A 603 -1.37 -48.62 46.51
N GLU A 604 -1.02 -47.58 47.26
CA GLU A 604 -1.86 -47.10 48.35
C GLU A 604 -3.19 -46.55 47.85
N THR A 605 -3.17 -45.76 46.77
CA THR A 605 -4.34 -45.01 46.32
C THR A 605 -5.20 -45.77 45.32
N PHE A 606 -4.82 -47.00 44.96
CA PHE A 606 -5.39 -47.67 43.79
C PHE A 606 -6.92 -47.74 43.83
N TYR A 607 -7.48 -48.21 44.94
CA TYR A 607 -8.91 -48.43 45.03
C TYR A 607 -9.69 -47.20 45.44
N SER A 608 -9.02 -46.10 45.78
CA SER A 608 -9.68 -45.04 46.51
C SER A 608 -10.25 -43.98 45.59
N GLU A 609 -11.10 -43.14 46.15
CA GLU A 609 -11.58 -41.97 45.44
C GLU A 609 -10.53 -40.87 45.46
N LEU A 610 -10.33 -40.24 44.32
CA LEU A 610 -9.62 -38.97 44.27
C LEU A 610 -10.60 -37.88 44.73
N LYS A 611 -10.48 -37.48 46.00
CA LYS A 611 -11.48 -36.60 46.62
C LYS A 611 -11.37 -35.17 46.11
N SER A 612 -10.14 -34.64 46.03
CA SER A 612 -9.96 -33.27 45.60
C SER A 612 -8.65 -33.13 44.84
N HIS A 613 -8.59 -32.09 44.02
CA HIS A 613 -7.38 -31.62 43.37
C HIS A 613 -7.41 -30.10 43.43
N GLU A 614 -6.26 -29.49 43.71
CA GLU A 614 -6.16 -28.04 43.74
C GLU A 614 -4.86 -27.62 43.07
N TYR A 615 -4.89 -26.45 42.47
CA TYR A 615 -3.67 -25.76 42.03
C TYR A 615 -3.27 -24.78 43.13
N LEU A 616 -2.02 -24.90 43.61
CA LEU A 616 -1.58 -24.15 44.77
C LEU A 616 -0.73 -22.93 44.44
N SER A 617 -0.22 -22.81 43.22
CA SER A 617 0.61 -21.70 42.80
C SER A 617 -0.11 -20.91 41.71
N ALA A 618 0.28 -19.64 41.56
CA ALA A 618 -0.34 -18.79 40.55
C ALA A 618 -0.05 -19.26 39.13
N ASP A 619 1.04 -20.00 38.92
CA ASP A 619 1.32 -20.53 37.60
C ASP A 619 0.80 -21.95 37.42
N TYR A 620 -0.04 -22.43 38.34
CA TYR A 620 -0.69 -23.74 38.29
C TYR A 620 0.30 -24.91 38.27
N LYS A 621 1.58 -24.67 38.57
CA LYS A 621 2.57 -25.74 38.50
C LYS A 621 2.61 -26.56 39.78
N VAL A 622 2.26 -25.97 40.92
CA VAL A 622 2.22 -26.69 42.19
C VAL A 622 0.77 -27.10 42.44
N GLN A 623 0.57 -28.39 42.69
CA GLN A 623 -0.76 -28.97 42.82
C GLN A 623 -0.79 -29.90 44.03
N ARG A 624 -2.01 -30.15 44.51
CA ARG A 624 -2.26 -31.04 45.63
C ARG A 624 -3.47 -31.90 45.31
N SER A 625 -3.29 -33.20 45.43
CA SER A 625 -4.37 -34.16 45.29
C SER A 625 -4.53 -34.93 46.59
N ARG A 626 -5.78 -35.29 46.90
CA ARG A 626 -6.10 -35.99 48.12
C ARG A 626 -6.99 -37.19 47.84
N PHE A 627 -6.58 -38.35 48.35
CA PHE A 627 -7.21 -39.63 48.06
C PHE A 627 -7.89 -40.20 49.30
N SER A 628 -9.02 -40.88 49.11
CA SER A 628 -9.77 -41.38 50.26
C SER A 628 -9.06 -42.50 51.00
N SER A 629 -7.92 -42.97 50.50
CA SER A 629 -7.07 -43.87 51.27
C SER A 629 -6.36 -43.17 52.42
N GLY A 630 -6.43 -41.84 52.49
CA GLY A 630 -5.67 -41.08 53.45
C GLY A 630 -4.36 -40.56 52.93
N THR A 631 -4.20 -40.48 51.62
CA THR A 631 -2.94 -40.11 50.97
C THR A 631 -3.06 -38.70 50.42
N GLU A 632 -2.03 -37.89 50.62
CA GLU A 632 -1.99 -36.55 50.03
C GLU A 632 -0.72 -36.41 49.21
N VAL A 633 -0.89 -36.00 47.96
CA VAL A 633 0.20 -35.78 47.04
C VAL A 633 0.29 -34.29 46.76
N ILE A 634 1.44 -33.70 47.06
CA ILE A 634 1.79 -32.36 46.59
C ILE A 634 3.00 -32.52 45.68
N ALA A 635 2.93 -31.95 44.48
CA ALA A 635 4.01 -32.01 43.52
C ALA A 635 4.11 -30.68 42.80
N ASN A 636 5.30 -30.42 42.26
CA ASN A 636 5.66 -29.15 41.64
C ASN A 636 6.19 -29.52 40.26
N LEU A 637 5.38 -29.30 39.21
CA LEU A 637 5.74 -29.70 37.87
C LEU A 637 6.65 -28.70 37.16
N GLY A 638 7.13 -27.65 37.84
CA GLY A 638 8.01 -26.67 37.24
C GLY A 638 9.38 -26.65 37.87
N PRO A 639 10.30 -25.83 37.33
CA PRO A 639 11.71 -25.95 37.71
C PRO A 639 12.14 -25.17 38.95
N VAL A 640 11.34 -24.20 39.40
CA VAL A 640 11.71 -23.37 40.54
C VAL A 640 10.92 -23.83 41.76
N ALA A 641 11.58 -23.81 42.91
CA ALA A 641 10.88 -24.13 44.15
C ALA A 641 9.87 -23.03 44.46
N GLN A 642 8.73 -23.43 45.01
CA GLN A 642 7.68 -22.46 45.36
C GLN A 642 7.13 -22.78 46.73
N LYS A 643 6.68 -21.75 47.42
CA LYS A 643 6.13 -21.88 48.76
C LYS A 643 4.62 -22.01 48.69
N ILE A 644 4.05 -22.85 49.54
CA ILE A 644 2.61 -22.96 49.69
C ILE A 644 2.22 -22.51 51.10
N GLU A 645 0.99 -22.85 51.50
CA GLU A 645 0.48 -22.44 52.80
C GLU A 645 1.37 -22.95 53.94
N GLY A 646 1.58 -22.09 54.92
CA GLY A 646 2.41 -22.41 56.06
C GLY A 646 3.89 -22.19 55.85
N GLY A 647 4.30 -21.56 54.75
CA GLY A 647 5.70 -21.41 54.45
C GLY A 647 6.40 -22.67 53.95
N ILE A 648 5.69 -23.79 53.84
CA ILE A 648 6.26 -25.01 53.30
C ILE A 648 6.65 -24.79 51.84
N SER A 649 7.88 -25.15 51.51
CA SER A 649 8.41 -24.96 50.17
C SER A 649 8.47 -26.31 49.46
N ILE A 650 8.06 -26.34 48.20
CA ILE A 650 8.07 -27.55 47.39
C ILE A 650 9.14 -27.38 46.32
N PRO A 651 10.17 -28.24 46.27
CA PRO A 651 11.24 -28.05 45.28
C PRO A 651 10.74 -28.16 43.85
N GLY A 652 11.50 -27.55 42.94
CA GLY A 652 11.26 -27.77 41.54
C GLY A 652 11.32 -29.25 41.21
N TYR A 653 10.41 -29.70 40.35
CA TYR A 653 10.18 -31.11 40.09
C TYR A 653 10.25 -31.91 41.39
N GLY A 654 9.61 -31.38 42.43
CA GLY A 654 9.67 -31.98 43.75
C GLY A 654 8.30 -32.45 44.21
N TYR A 655 8.31 -33.06 45.39
CA TYR A 655 7.12 -33.71 45.91
C TYR A 655 7.13 -33.66 47.43
N ARG A 656 5.93 -33.69 48.00
CA ARG A 656 5.73 -33.81 49.44
C ARG A 656 4.47 -34.64 49.63
N ILE A 657 4.65 -35.91 49.99
CA ILE A 657 3.59 -36.90 49.97
C ILE A 657 3.36 -37.41 51.37
N GLN A 658 2.14 -37.21 51.87
CA GLN A 658 1.72 -37.75 53.16
C GLN A 658 1.08 -39.11 52.92
N MET A 659 1.75 -40.17 53.37
CA MET A 659 1.27 -41.53 53.17
C MET A 659 0.29 -41.92 54.27
N LYS A 660 -0.48 -42.97 54.00
CA LYS A 660 -1.45 -43.47 54.98
C LYS A 660 -0.76 -43.87 56.29
N ASP A 661 0.44 -44.45 56.20
CA ASP A 661 1.15 -44.88 57.41
C ASP A 661 1.82 -43.72 58.14
N GLY A 662 1.59 -42.47 57.72
CA GLY A 662 2.09 -41.32 58.42
C GLY A 662 3.45 -40.84 57.97
N SER A 663 4.20 -41.65 57.25
CA SER A 663 5.46 -41.20 56.69
C SER A 663 5.22 -40.05 55.72
N LEU A 664 6.19 -39.14 55.67
CA LEU A 664 6.14 -37.98 54.79
C LEU A 664 7.30 -38.14 53.80
N LYS A 665 6.98 -38.50 52.56
CA LYS A 665 8.00 -38.61 51.52
C LYS A 665 8.22 -37.25 50.89
N THR A 666 9.44 -36.72 51.03
CA THR A 666 9.84 -35.46 50.40
C THR A 666 11.08 -35.67 49.53
N GLY A 667 11.21 -34.82 48.52
CA GLY A 667 12.36 -34.89 47.64
C GLY A 667 12.03 -34.27 46.29
N HIS A 668 12.80 -34.68 45.28
CA HIS A 668 12.70 -34.05 43.97
C HIS A 668 13.58 -34.80 43.00
N PHE A 669 13.33 -34.57 41.70
CA PHE A 669 14.18 -35.11 40.65
C PHE A 669 15.36 -34.20 40.38
N GLN A 670 16.48 -34.81 40.03
CA GLN A 670 17.72 -34.08 39.81
C GLN A 670 18.31 -34.48 38.47
N VAL A 671 18.68 -33.48 37.67
CA VAL A 671 19.49 -33.69 36.47
C VAL A 671 20.91 -33.25 36.77
N SER A 672 21.87 -34.16 36.60
CA SER A 672 23.25 -33.83 36.85
C SER A 672 24.10 -34.21 35.64
N LEU A 673 25.18 -33.46 35.44
CA LEU A 673 26.08 -33.63 34.31
C LEU A 673 27.33 -34.35 34.77
N HIS A 674 27.61 -35.50 34.17
CA HIS A 674 28.81 -36.27 34.47
C HIS A 674 29.83 -35.99 33.38
N MET A 675 30.92 -35.31 33.74
CA MET A 675 31.98 -34.99 32.78
C MET A 675 33.22 -35.77 33.17
N ASP A 676 33.47 -36.88 32.48
CA ASP A 676 34.70 -37.63 32.67
C ASP A 676 35.84 -36.71 32.20
N PRO B 18 10.82 -42.07 -28.16
CA PRO B 18 11.71 -41.77 -27.04
C PRO B 18 12.77 -40.72 -27.38
N ILE B 19 12.65 -39.53 -26.81
CA ILE B 19 13.56 -38.42 -27.08
C ILE B 19 14.61 -38.39 -25.97
N VAL B 20 15.88 -38.25 -26.34
CA VAL B 20 16.98 -38.48 -25.42
C VAL B 20 17.86 -37.24 -25.38
N LEU B 21 18.12 -36.75 -24.16
CA LEU B 21 19.17 -35.79 -23.88
C LEU B 21 20.25 -36.51 -23.10
N GLU B 22 21.51 -36.34 -23.50
CA GLU B 22 22.57 -37.05 -22.81
C GLU B 22 23.83 -36.22 -22.77
N ASN B 23 24.52 -36.26 -21.63
CA ASN B 23 25.90 -35.80 -21.54
C ASN B 23 26.72 -36.95 -20.94
N GLY B 24 27.91 -36.63 -20.44
CA GLY B 24 28.79 -37.66 -19.93
C GLY B 24 28.31 -38.32 -18.65
N LYS B 25 27.35 -37.69 -17.94
CA LYS B 25 26.94 -38.17 -16.64
C LYS B 25 25.46 -38.52 -16.53
N LEU B 26 24.60 -37.99 -17.40
CA LEU B 26 23.17 -38.20 -17.31
C LEU B 26 22.60 -38.60 -18.66
N ASN B 27 21.59 -39.46 -18.62
CA ASN B 27 20.78 -39.82 -19.77
C ASN B 27 19.34 -39.49 -19.42
N ILE B 28 18.73 -38.58 -20.17
CA ILE B 28 17.36 -38.14 -19.93
C ILE B 28 16.47 -38.78 -20.99
N ASN B 29 15.56 -39.65 -20.56
CA ASN B 29 14.69 -40.40 -21.46
C ASN B 29 13.29 -39.80 -21.40
N ILE B 30 12.92 -39.05 -22.44
CA ILE B 30 11.62 -38.38 -22.49
C ILE B 30 10.68 -39.18 -23.38
N ASP B 31 9.57 -39.64 -22.81
CA ASP B 31 8.51 -40.28 -23.58
C ASP B 31 7.73 -39.23 -24.35
N SER B 32 7.61 -39.41 -25.65
CA SER B 32 6.98 -38.41 -26.50
C SER B 32 5.47 -38.56 -26.59
N LYS B 33 4.89 -39.61 -25.99
CA LYS B 33 3.43 -39.69 -25.91
C LYS B 33 2.90 -39.04 -24.64
N THR B 34 3.61 -39.20 -23.52
CA THR B 34 3.16 -38.69 -22.22
C THR B 34 3.89 -37.44 -21.77
N GLY B 35 5.14 -37.23 -22.20
CA GLY B 35 5.96 -36.20 -21.63
C GLY B 35 6.68 -36.58 -20.36
N CYS B 36 6.40 -37.75 -19.79
CA CYS B 36 7.17 -38.21 -18.65
C CYS B 36 8.60 -38.49 -19.07
N PHE B 37 9.53 -38.25 -18.14
CA PHE B 37 10.93 -38.52 -18.40
C PHE B 37 11.54 -39.23 -17.20
N SER B 38 12.58 -40.02 -17.47
CA SER B 38 13.40 -40.63 -16.44
C SER B 38 14.84 -40.20 -16.63
N VAL B 39 15.60 -40.23 -15.54
CA VAL B 39 16.98 -39.78 -15.52
C VAL B 39 17.84 -40.95 -15.10
N THR B 40 18.69 -41.43 -16.01
CA THR B 40 19.69 -42.43 -15.66
C THR B 40 20.93 -41.71 -15.17
N GLU B 41 21.30 -41.93 -13.91
CA GLU B 41 22.53 -41.37 -13.35
C GLU B 41 23.62 -42.41 -13.60
N LYS B 42 24.53 -42.12 -14.53
CA LYS B 42 25.37 -43.15 -15.13
C LYS B 42 26.56 -43.55 -14.28
N THR B 43 26.98 -42.73 -13.31
CA THR B 43 28.06 -43.19 -12.44
C THR B 43 27.61 -44.37 -11.61
N SER B 44 26.45 -44.25 -10.95
CA SER B 44 25.94 -45.31 -10.09
C SER B 44 25.04 -46.30 -10.82
N GLY B 45 24.52 -45.95 -12.00
CA GLY B 45 23.53 -46.76 -12.68
C GLY B 45 22.09 -46.53 -12.22
N HIS B 46 21.87 -45.70 -11.21
CA HIS B 46 20.52 -45.48 -10.71
C HIS B 46 19.66 -44.77 -11.74
N VAL B 47 18.42 -45.24 -11.88
CA VAL B 47 17.43 -44.63 -12.77
C VAL B 47 16.39 -43.96 -11.89
N TRP B 48 16.33 -42.63 -11.95
CA TRP B 48 15.23 -41.89 -11.35
C TRP B 48 14.02 -41.98 -12.27
N LYS B 49 12.90 -42.45 -11.74
CA LYS B 49 11.72 -42.75 -12.53
C LYS B 49 10.77 -41.56 -12.58
N SER B 50 9.89 -41.58 -13.57
CA SER B 50 8.76 -40.65 -13.61
C SER B 50 7.64 -41.20 -12.74
N ASP B 51 6.54 -40.46 -12.65
CA ASP B 51 5.40 -40.79 -11.78
C ASP B 51 5.07 -42.28 -11.84
N PRO B 52 5.34 -43.03 -10.76
CA PRO B 52 5.08 -44.47 -10.77
C PRO B 52 3.63 -44.85 -10.58
N TRP B 53 2.77 -43.90 -10.20
CA TRP B 53 1.38 -44.21 -9.89
C TRP B 53 0.51 -44.14 -11.14
N GLU B 54 0.42 -42.95 -11.74
CA GLU B 54 -0.49 -42.70 -12.83
C GLU B 54 0.22 -42.37 -14.12
N ASN B 55 1.56 -42.38 -14.11
CA ASN B 55 2.34 -42.04 -15.29
C ASN B 55 2.03 -40.61 -15.74
N ALA B 56 2.00 -39.69 -14.80
CA ALA B 56 1.64 -38.31 -15.04
C ALA B 56 2.89 -37.44 -15.10
N ALA B 57 3.06 -36.73 -16.22
CA ALA B 57 4.11 -35.72 -16.30
C ALA B 57 3.81 -34.51 -15.43
N GLY B 58 2.53 -34.13 -15.31
CA GLY B 58 2.14 -33.06 -14.43
C GLY B 58 0.72 -33.24 -13.97
N LEU B 59 0.39 -32.62 -12.84
CA LEU B 59 -0.95 -32.64 -12.27
C LEU B 59 -1.46 -31.20 -12.20
N LEU B 60 -2.46 -30.89 -13.00
CA LEU B 60 -3.00 -29.54 -13.14
C LEU B 60 -4.33 -29.44 -12.42
N THR B 61 -4.45 -28.47 -11.52
CA THR B 61 -5.68 -28.15 -10.81
C THR B 61 -6.33 -26.94 -11.47
N LEU B 62 -7.60 -27.08 -11.88
CA LEU B 62 -8.29 -26.02 -12.60
C LEU B 62 -9.80 -26.20 -12.47
N THR B 63 -10.52 -25.10 -12.70
CA THR B 63 -11.98 -25.15 -12.75
C THR B 63 -12.45 -25.78 -14.05
N ASP B 64 -13.62 -26.41 -14.01
CA ASP B 64 -14.20 -27.05 -15.18
C ASP B 64 -15.24 -26.13 -15.83
N SER B 65 -16.08 -26.69 -16.69
CA SER B 65 -17.14 -25.89 -17.33
C SER B 65 -18.21 -25.49 -16.33
N LYS B 66 -18.50 -26.34 -15.36
CA LYS B 66 -19.47 -26.04 -14.31
C LYS B 66 -18.82 -25.36 -13.11
N GLY B 67 -17.61 -24.83 -13.26
CA GLY B 67 -16.96 -24.06 -12.22
C GLY B 67 -16.41 -24.85 -11.06
N LYS B 68 -16.29 -26.17 -11.17
CA LYS B 68 -15.80 -27.00 -10.09
C LYS B 68 -14.29 -27.20 -10.21
N LYS B 69 -13.60 -27.22 -9.06
CA LYS B 69 -12.16 -27.43 -9.06
C LYS B 69 -11.83 -28.89 -9.40
N GLN B 70 -10.86 -29.08 -10.30
CA GLN B 70 -10.52 -30.38 -10.84
C GLN B 70 -9.00 -30.52 -10.92
N THR B 71 -8.49 -31.73 -10.64
CA THR B 71 -7.09 -32.06 -10.84
C THR B 71 -6.97 -33.08 -11.97
N VAL B 72 -6.22 -32.72 -13.01
CA VAL B 72 -6.13 -33.54 -14.21
C VAL B 72 -4.69 -33.99 -14.42
N ASN B 73 -4.53 -35.14 -15.06
CA ASN B 73 -3.24 -35.64 -15.51
C ASN B 73 -2.96 -35.04 -16.88
N ILE B 74 -2.01 -34.10 -16.96
CA ILE B 74 -1.80 -33.42 -18.22
C ILE B 74 -1.25 -34.33 -19.30
N SER B 75 -0.77 -35.52 -18.94
CA SER B 75 -0.34 -36.50 -19.94
C SER B 75 -1.53 -37.15 -20.65
N LYS B 76 -2.75 -36.85 -20.23
CA LYS B 76 -3.94 -37.32 -20.92
C LYS B 76 -4.57 -36.23 -21.78
N SER B 77 -3.83 -35.15 -22.04
CA SER B 77 -4.33 -34.08 -22.88
C SER B 77 -4.58 -34.57 -24.30
N LYS B 78 -5.44 -33.84 -25.03
CA LYS B 78 -5.78 -34.22 -26.40
C LYS B 78 -4.55 -34.27 -27.29
N LYS B 79 -3.65 -33.30 -27.15
CA LYS B 79 -2.47 -33.18 -28.00
C LYS B 79 -1.26 -32.94 -27.10
N ILE B 80 -0.20 -33.72 -27.32
CA ILE B 80 1.08 -33.52 -26.63
C ILE B 80 2.19 -33.50 -27.66
N GLU B 81 2.98 -32.42 -27.63
CA GLU B 81 4.08 -32.21 -28.57
C GLU B 81 5.37 -32.18 -27.78
N VAL B 82 6.32 -33.04 -28.18
CA VAL B 82 7.64 -33.10 -27.58
C VAL B 82 8.65 -33.01 -28.72
N SER B 83 9.57 -32.05 -28.65
CA SER B 83 10.56 -31.95 -29.70
C SER B 83 11.84 -31.32 -29.18
N LYS B 84 12.98 -31.87 -29.60
CA LYS B 84 14.27 -31.27 -29.37
C LYS B 84 14.37 -29.95 -30.14
N THR B 85 14.47 -28.85 -29.40
CA THR B 85 14.56 -27.52 -30.01
C THR B 85 15.97 -26.94 -29.98
N ALA B 86 16.87 -27.48 -29.16
CA ALA B 86 18.29 -27.26 -29.28
C ALA B 86 18.98 -28.60 -29.03
N LYS B 87 20.31 -28.61 -29.00
CA LYS B 87 21.00 -29.88 -28.78
C LYS B 87 20.68 -30.44 -27.40
N ASN B 88 20.62 -29.56 -26.40
CA ASN B 88 20.36 -29.96 -25.01
C ASN B 88 19.04 -29.40 -24.49
N THR B 89 18.11 -29.05 -25.38
CA THR B 89 16.83 -28.49 -24.97
C THR B 89 15.70 -29.27 -25.64
N VAL B 90 14.71 -29.66 -24.84
CA VAL B 90 13.48 -30.25 -25.34
C VAL B 90 12.32 -29.36 -24.92
N SER B 91 11.41 -29.11 -25.85
CA SER B 91 10.20 -28.34 -25.61
C SER B 91 9.01 -29.28 -25.55
N LEU B 92 8.16 -29.10 -24.55
CA LEU B 92 6.95 -29.90 -24.40
C LEU B 92 5.74 -28.98 -24.33
N LYS B 93 4.67 -29.38 -24.98
CA LYS B 93 3.40 -28.66 -24.90
C LYS B 93 2.27 -29.65 -24.70
N PHE B 94 1.43 -29.36 -23.71
CA PHE B 94 0.27 -30.17 -23.37
C PHE B 94 -0.98 -29.33 -23.67
N ILE B 95 -1.79 -29.79 -24.62
CA ILE B 95 -2.87 -28.99 -25.18
C ILE B 95 -4.21 -29.66 -24.89
N ASP B 96 -5.13 -28.91 -24.30
CA ASP B 96 -6.51 -29.35 -24.07
C ASP B 96 -6.52 -30.54 -23.11
N PRO B 97 -6.35 -30.30 -21.81
CA PRO B 97 -6.46 -31.39 -20.84
C PRO B 97 -7.87 -31.97 -20.85
N VAL B 98 -7.97 -33.23 -20.45
CA VAL B 98 -9.23 -33.97 -20.43
C VAL B 98 -9.63 -34.20 -18.98
N PHE B 99 -10.86 -33.85 -18.65
CA PHE B 99 -11.34 -34.02 -17.29
C PHE B 99 -11.69 -35.49 -17.04
N GLU B 100 -11.98 -35.81 -15.78
CA GLU B 100 -12.35 -37.19 -15.47
C GLU B 100 -13.65 -37.59 -16.14
N ASP B 101 -14.57 -36.65 -16.32
CA ASP B 101 -15.83 -36.97 -17.02
C ASP B 101 -15.66 -37.03 -18.53
N GLY B 102 -14.49 -36.74 -19.07
CA GLY B 102 -14.27 -36.82 -20.50
C GLY B 102 -14.48 -35.53 -21.27
N SER B 103 -15.06 -34.50 -20.65
CA SER B 103 -15.10 -33.20 -21.30
C SER B 103 -13.70 -32.59 -21.35
N VAL B 104 -13.48 -31.74 -22.35
CA VAL B 104 -12.16 -31.20 -22.65
C VAL B 104 -12.08 -29.76 -22.18
N ALA B 105 -11.00 -29.43 -21.47
CA ALA B 105 -10.69 -28.03 -21.13
C ALA B 105 -10.11 -27.39 -22.38
N LYS B 106 -10.99 -27.07 -23.32
CA LYS B 106 -10.58 -26.62 -24.64
C LYS B 106 -9.94 -25.23 -24.57
N GLY B 107 -8.77 -25.08 -25.18
CA GLY B 107 -8.03 -23.84 -25.15
C GLY B 107 -7.06 -23.68 -23.99
N VAL B 108 -6.89 -24.72 -23.17
CA VAL B 108 -5.90 -24.71 -22.09
C VAL B 108 -4.64 -25.40 -22.59
N SER B 109 -3.48 -24.77 -22.40
CA SER B 109 -2.21 -25.36 -22.80
C SER B 109 -1.15 -25.07 -21.74
N ILE B 110 -0.22 -26.02 -21.60
CA ILE B 110 0.94 -25.89 -20.74
C ILE B 110 2.18 -26.16 -21.58
N ALA B 111 3.14 -25.24 -21.58
CA ALA B 111 4.40 -25.40 -22.29
C ALA B 111 5.54 -25.48 -21.27
N THR B 112 6.45 -26.43 -21.46
CA THR B 112 7.56 -26.64 -20.54
C THR B 112 8.82 -26.89 -21.34
N GLU B 113 9.97 -26.82 -20.65
CA GLU B 113 11.26 -27.07 -21.28
C GLU B 113 12.16 -27.87 -20.36
N LEU B 114 12.83 -28.87 -20.93
CA LEU B 114 13.87 -29.62 -20.25
C LEU B 114 15.20 -29.26 -20.90
N ARG B 115 16.12 -28.70 -20.11
CA ARG B 115 17.41 -28.24 -20.61
C ARG B 115 18.53 -28.92 -19.83
N LEU B 116 19.27 -29.79 -20.50
CA LEU B 116 20.39 -30.51 -19.87
C LEU B 116 21.67 -29.70 -20.00
N ASP B 117 22.36 -29.48 -18.88
CA ASP B 117 23.65 -28.81 -18.94
C ASP B 117 24.60 -29.65 -19.80
N PRO B 118 25.38 -29.00 -20.69
CA PRO B 118 26.25 -29.78 -21.58
C PRO B 118 27.33 -30.55 -20.86
N ASN B 119 27.73 -30.13 -19.67
CA ASN B 119 28.87 -30.73 -18.99
C ASN B 119 28.49 -31.40 -17.67
N ASN B 120 27.73 -30.71 -16.83
CA ASN B 120 27.49 -31.17 -15.47
C ASN B 120 26.20 -31.98 -15.40
N ALA B 121 26.05 -32.69 -14.28
CA ALA B 121 24.83 -33.45 -14.01
C ALA B 121 23.80 -32.48 -13.43
N GLN B 122 23.26 -31.66 -14.33
CA GLN B 122 22.29 -30.63 -13.96
C GLN B 122 21.23 -30.53 -15.03
N LEU B 123 19.97 -30.64 -14.62
CA LEU B 123 18.83 -30.61 -15.53
C LEU B 123 17.86 -29.51 -15.09
N ASP B 124 17.65 -28.54 -15.97
CA ASP B 124 16.66 -27.50 -15.71
C ASP B 124 15.29 -27.97 -16.20
N VAL B 125 14.28 -27.71 -15.37
CA VAL B 125 12.88 -27.96 -15.71
C VAL B 125 12.13 -26.66 -15.50
N GLU B 126 11.44 -26.19 -16.53
CA GLU B 126 10.82 -24.88 -16.48
C GLU B 126 9.45 -24.91 -17.14
N VAL B 127 8.47 -24.34 -16.47
CA VAL B 127 7.16 -24.05 -17.06
C VAL B 127 7.28 -22.71 -17.76
N THR B 128 7.21 -22.72 -19.10
CA THR B 128 7.47 -21.52 -19.89
C THR B 128 6.20 -20.74 -20.19
N GLU B 129 5.09 -21.42 -20.48
CA GLU B 129 3.87 -20.71 -20.83
C GLU B 129 2.68 -21.53 -20.38
N HIS B 130 1.62 -20.83 -19.98
CA HIS B 130 0.34 -21.46 -19.73
C HIS B 130 -0.76 -20.51 -20.17
N ARG B 131 -1.83 -21.07 -20.74
CA ARG B 131 -2.95 -20.29 -21.23
C ARG B 131 -4.24 -20.92 -20.71
N SER B 132 -5.11 -20.09 -20.15
CA SER B 132 -6.29 -20.57 -19.45
C SER B 132 -7.52 -20.71 -20.34
N GLY B 133 -7.58 -19.98 -21.45
CA GLY B 133 -8.86 -19.83 -22.12
C GLY B 133 -9.89 -19.35 -21.12
N ASN B 134 -11.08 -19.95 -21.17
CA ASN B 134 -12.17 -19.53 -20.31
C ASN B 134 -12.15 -20.23 -18.95
N PHE B 135 -11.21 -21.14 -18.72
CA PHE B 135 -11.07 -21.79 -17.43
C PHE B 135 -10.13 -20.97 -16.55
N THR B 136 -9.99 -21.40 -15.31
CA THR B 136 -9.07 -20.77 -14.37
C THR B 136 -8.08 -21.82 -13.88
N LEU B 137 -6.79 -21.55 -14.08
CA LEU B 137 -5.74 -22.46 -13.64
C LEU B 137 -5.30 -22.11 -12.23
N TYR B 138 -5.04 -23.15 -11.43
CA TYR B 138 -4.58 -22.91 -10.06
C TYR B 138 -3.18 -23.48 -9.81
N ASP B 139 -3.04 -24.79 -9.63
CA ASP B 139 -1.80 -25.40 -9.23
C ASP B 139 -1.27 -26.33 -10.31
N LEU B 140 0.06 -26.39 -10.41
CA LEU B 140 0.72 -27.31 -11.33
C LEU B 140 1.87 -27.98 -10.59
N ARG B 141 1.74 -29.28 -10.29
CA ARG B 141 2.88 -30.08 -9.89
C ARG B 141 3.59 -30.54 -11.16
N TYR B 142 4.79 -30.03 -11.39
CA TYR B 142 5.56 -30.38 -12.57
C TYR B 142 7.04 -30.25 -12.23
N PRO B 143 7.81 -31.34 -12.27
CA PRO B 143 7.34 -32.69 -12.60
C PRO B 143 6.48 -33.30 -11.49
N ALA B 144 5.52 -34.16 -11.81
CA ALA B 144 4.66 -34.76 -10.81
C ALA B 144 5.27 -36.09 -10.33
N ARG B 145 5.37 -36.24 -9.01
CA ARG B 145 5.83 -37.47 -8.36
C ARG B 145 7.10 -38.03 -9.00
N ALA B 146 8.04 -37.14 -9.32
CA ALA B 146 9.31 -37.52 -9.89
C ALA B 146 10.36 -37.75 -8.78
N PHE B 147 11.44 -38.42 -9.17
CA PHE B 147 12.61 -38.66 -8.32
C PHE B 147 12.22 -39.34 -7.02
N SER B 148 11.33 -40.31 -7.11
CA SER B 148 10.80 -40.95 -5.91
C SER B 148 11.74 -42.02 -5.38
N LEU B 149 11.51 -42.40 -4.13
CA LEU B 149 12.16 -43.55 -3.52
C LEU B 149 11.12 -44.63 -3.23
N LYS B 150 11.50 -45.89 -3.41
CA LYS B 150 10.62 -47.02 -3.12
C LYS B 150 10.75 -47.38 -1.65
N THR B 151 9.64 -47.23 -0.90
CA THR B 151 9.67 -47.49 0.53
C THR B 151 10.14 -48.91 0.79
N ASP B 152 11.11 -49.04 1.69
CA ASP B 152 11.66 -50.32 2.14
C ASP B 152 12.39 -51.06 1.04
N GLU B 153 12.67 -50.42 -0.09
CA GLU B 153 13.64 -50.91 -1.04
C GLU B 153 14.84 -49.98 -1.11
N ASP B 154 14.61 -48.73 -1.50
CA ASP B 154 15.62 -47.68 -1.34
C ASP B 154 15.85 -47.44 0.15
N LYS B 155 17.11 -47.38 0.55
CA LYS B 155 17.48 -47.04 1.92
C LYS B 155 18.11 -45.65 1.87
N GLY B 156 17.30 -44.64 2.05
CA GLY B 156 17.72 -43.26 1.98
C GLY B 156 16.66 -42.41 2.63
N ALA B 157 16.49 -41.19 2.14
CA ALA B 157 15.57 -40.29 2.80
C ALA B 157 15.18 -39.15 1.87
N ALA B 158 14.04 -38.56 2.17
CA ALA B 158 13.74 -37.24 1.65
C ALA B 158 14.46 -36.21 2.49
N VAL B 159 14.85 -35.12 1.86
CA VAL B 159 15.62 -34.06 2.51
C VAL B 159 14.83 -32.77 2.36
N ILE B 160 14.34 -32.24 3.48
CA ILE B 160 13.43 -31.10 3.48
C ILE B 160 13.98 -30.03 4.43
N PRO B 161 14.33 -28.85 3.94
CA PRO B 161 14.77 -27.77 4.83
C PRO B 161 13.61 -27.07 5.53
N GLN B 162 12.86 -27.84 6.31
CA GLN B 162 11.79 -27.31 7.16
C GLN B 162 12.45 -26.70 8.40
N LYS B 163 12.37 -25.36 8.51
CA LYS B 163 13.16 -24.57 9.44
C LYS B 163 14.63 -25.03 9.40
N GLN B 164 15.19 -25.51 10.53
CA GLN B 164 16.58 -25.94 10.49
C GLN B 164 16.77 -27.17 9.59
N GLY B 165 15.73 -27.99 9.41
CA GLY B 165 15.77 -29.04 8.42
C GLY B 165 15.56 -30.44 8.95
N VAL B 166 14.96 -31.30 8.13
CA VAL B 166 14.69 -32.68 8.51
C VAL B 166 15.01 -33.60 7.34
N ILE B 167 15.16 -34.88 7.66
CA ILE B 167 15.18 -35.94 6.67
C ILE B 167 14.11 -36.96 7.04
N CYS B 168 13.54 -37.60 6.02
CA CYS B 168 12.47 -38.58 6.20
C CYS B 168 12.90 -39.91 5.59
N PRO B 169 13.39 -40.86 6.40
CA PRO B 169 13.85 -42.14 5.84
C PRO B 169 12.79 -42.81 4.97
N SER B 170 13.25 -43.48 3.92
CA SER B 170 12.36 -44.15 2.97
C SER B 170 12.13 -45.60 3.33
N TYR B 171 12.20 -45.94 4.61
CA TYR B 171 12.09 -47.33 5.05
C TYR B 171 11.86 -47.33 6.55
N ILE B 172 11.39 -48.46 7.06
CA ILE B 172 11.16 -48.61 8.49
C ILE B 172 12.44 -49.16 9.14
N PHE B 173 12.71 -48.73 10.37
CA PHE B 173 13.96 -48.98 11.07
C PHE B 173 13.66 -49.07 12.56
N PRO B 174 14.56 -49.65 13.35
CA PRO B 174 14.31 -49.75 14.80
C PRO B 174 14.34 -48.40 15.48
N MET B 175 13.50 -48.26 16.50
CA MET B 175 13.39 -47.03 17.28
C MET B 175 12.53 -47.36 18.48
N ASN B 176 12.41 -46.40 19.40
CA ASN B 176 11.57 -46.63 20.57
C ASN B 176 10.16 -47.05 20.15
N GLY B 177 9.58 -47.95 20.94
CA GLY B 177 8.29 -48.54 20.55
C GLY B 177 7.20 -47.51 20.35
N GLY B 178 7.15 -46.49 21.21
CA GLY B 178 6.16 -45.44 21.06
C GLY B 178 6.36 -44.64 19.79
N ARG B 179 7.61 -44.23 19.54
CA ARG B 179 7.92 -43.51 18.30
C ARG B 179 7.65 -44.38 17.07
N PHE B 180 7.89 -45.69 17.18
CA PHE B 180 7.70 -46.59 16.06
C PHE B 180 6.23 -46.67 15.65
N CYS B 181 5.34 -46.80 16.64
CA CYS B 181 3.91 -46.84 16.35
C CYS B 181 3.44 -45.58 15.63
N LYS B 182 3.81 -44.40 16.16
CA LYS B 182 3.40 -43.15 15.52
C LYS B 182 4.02 -42.99 14.14
N TRP B 183 5.30 -43.38 14.01
CA TRP B 183 5.99 -43.28 12.73
C TRP B 183 5.28 -44.10 11.65
N ASP B 184 5.17 -45.41 11.88
CA ASP B 184 4.59 -46.28 10.87
C ASP B 184 3.15 -45.89 10.56
N ASP B 185 2.36 -45.63 11.61
CA ASP B 185 0.96 -45.24 11.41
C ASP B 185 0.85 -43.98 10.56
N ALA B 186 1.79 -43.05 10.71
CA ALA B 186 1.74 -41.81 9.93
C ALA B 186 1.94 -42.08 8.44
N THR B 187 2.73 -43.10 8.09
CA THR B 187 2.93 -43.39 6.68
C THR B 187 1.68 -43.95 6.02
N TYR B 188 0.63 -44.27 6.79
CA TYR B 188 -0.60 -44.83 6.25
C TYR B 188 -1.81 -43.90 6.40
N ASN B 189 -1.66 -42.70 6.93
CA ASN B 189 -2.78 -41.78 7.02
C ASN B 189 -2.32 -40.44 6.46
N ASN B 190 -3.11 -39.39 6.70
CA ASN B 190 -2.85 -38.12 6.03
C ASN B 190 -1.69 -37.33 6.62
N LYS B 191 -1.03 -37.83 7.67
CA LYS B 191 0.09 -37.08 8.22
C LYS B 191 1.29 -37.05 7.30
N SER B 192 1.42 -38.02 6.39
CA SER B 192 2.56 -38.12 5.50
C SER B 192 2.30 -37.53 4.11
N GLN B 193 1.26 -36.72 3.96
CA GLN B 193 1.04 -36.03 2.69
C GLN B 193 0.54 -34.62 2.97
N GLY B 194 0.98 -33.67 2.16
CA GLY B 194 0.64 -32.28 2.38
C GLY B 194 1.56 -31.40 1.56
N SER B 195 1.55 -30.10 1.87
CA SER B 195 2.42 -29.18 1.19
C SER B 195 2.99 -28.18 2.18
N LEU B 196 4.18 -27.67 1.86
CA LEU B 196 4.83 -26.65 2.64
C LEU B 196 5.10 -25.45 1.75
N GLU B 197 5.18 -24.28 2.37
CA GLU B 197 5.44 -23.04 1.65
C GLU B 197 6.85 -22.55 1.99
N LEU B 198 7.38 -21.67 1.13
CA LEU B 198 8.75 -21.17 1.29
C LEU B 198 8.79 -19.94 2.19
N PHE B 199 9.79 -19.91 3.10
CA PHE B 199 10.27 -18.69 3.77
C PHE B 199 9.28 -18.11 4.79
N ASN B 200 8.55 -18.95 5.52
CA ASN B 200 7.77 -18.48 6.66
C ASN B 200 8.45 -18.90 7.96
N ASN B 201 7.94 -18.39 9.08
CA ASN B 201 8.44 -18.77 10.39
C ASN B 201 7.56 -19.82 11.06
N GLY B 202 6.63 -20.41 10.31
CA GLY B 202 5.80 -21.49 10.80
C GLY B 202 6.32 -22.84 10.36
N THR B 203 5.53 -23.58 9.59
CA THR B 203 5.85 -24.93 9.20
C THR B 203 6.71 -25.02 7.94
N GLY B 204 7.15 -23.90 7.39
CA GLY B 204 7.65 -23.85 6.03
C GLY B 204 9.13 -24.13 5.89
N LEU B 205 9.60 -23.98 4.66
CA LEU B 205 11.00 -24.18 4.29
C LEU B 205 11.77 -22.88 4.44
N THR B 206 13.05 -23.01 4.77
CA THR B 206 13.92 -21.86 4.92
C THR B 206 14.93 -21.72 3.79
N MET B 207 15.00 -22.71 2.90
CA MET B 207 15.89 -22.65 1.77
C MET B 207 15.12 -23.21 0.58
N PRO B 208 15.33 -22.68 -0.62
CA PRO B 208 14.50 -23.06 -1.77
C PRO B 208 15.02 -24.31 -2.48
N TRP B 209 15.11 -25.40 -1.74
CA TRP B 209 15.56 -26.64 -2.35
C TRP B 209 15.04 -27.82 -1.54
N TRP B 210 15.09 -29.00 -2.15
CA TRP B 210 14.68 -30.25 -1.51
C TRP B 210 15.18 -31.38 -2.37
N GLY B 211 15.11 -32.61 -1.86
CA GLY B 211 15.73 -33.70 -2.59
C GLY B 211 15.46 -35.07 -1.99
N THR B 212 15.93 -36.09 -2.72
CA THR B 212 15.85 -37.49 -2.30
C THR B 212 17.17 -38.16 -2.59
N TYR B 213 17.54 -39.14 -1.77
CA TYR B 213 18.72 -39.94 -2.04
C TYR B 213 18.50 -41.36 -1.57
N ASN B 214 19.20 -42.29 -2.21
CA ASN B 214 19.32 -43.65 -1.68
C ASN B 214 20.79 -43.98 -1.48
N GLU B 215 21.13 -45.27 -1.43
CA GLU B 215 22.52 -45.69 -1.23
C GLU B 215 23.38 -45.44 -2.46
N LYS B 216 22.79 -45.19 -3.62
CA LYS B 216 23.51 -45.02 -4.87
C LYS B 216 23.74 -43.56 -5.25
N SER B 217 22.70 -42.73 -5.22
CA SER B 217 22.89 -41.34 -5.63
C SER B 217 21.85 -40.44 -5.00
N ALA B 218 22.04 -39.15 -5.21
CA ALA B 218 21.18 -38.12 -4.68
C ALA B 218 20.77 -37.18 -5.80
N VAL B 219 19.55 -36.66 -5.70
CA VAL B 219 19.08 -35.60 -6.57
C VAL B 219 18.44 -34.53 -5.70
N MET B 220 18.69 -33.27 -6.04
CA MET B 220 18.04 -32.15 -5.40
C MET B 220 17.60 -31.16 -6.47
N GLY B 221 16.52 -30.45 -6.17
CA GLY B 221 16.03 -29.37 -7.02
C GLY B 221 16.17 -28.04 -6.29
N ILE B 222 16.77 -27.08 -6.99
CA ILE B 222 16.95 -25.72 -6.51
C ILE B 222 16.01 -24.80 -7.28
N VAL B 223 15.15 -24.10 -6.55
CA VAL B 223 14.11 -23.29 -7.16
C VAL B 223 14.70 -21.96 -7.61
N ASP B 224 14.28 -21.48 -8.77
CA ASP B 224 14.72 -20.18 -9.26
C ASP B 224 14.46 -19.11 -8.21
N VAL B 225 15.42 -18.18 -8.09
CA VAL B 225 15.36 -17.15 -7.07
C VAL B 225 14.12 -16.26 -7.23
N SER B 226 13.54 -16.19 -8.43
CA SER B 226 12.41 -15.30 -8.64
C SER B 226 11.07 -15.96 -8.40
N ALA B 227 11.02 -17.27 -8.15
CA ALA B 227 9.78 -18.03 -8.07
C ALA B 227 9.46 -18.39 -6.63
N ARG B 228 8.20 -18.81 -6.41
CA ARG B 228 7.73 -19.15 -5.08
C ARG B 228 6.71 -20.29 -5.16
N PRO B 229 7.15 -21.47 -5.58
CA PRO B 229 6.27 -22.63 -5.55
C PRO B 229 6.06 -23.09 -4.12
N HIS B 230 5.08 -23.95 -3.96
CA HIS B 230 4.95 -24.75 -2.75
C HIS B 230 5.58 -26.11 -3.00
N MET B 231 5.75 -26.88 -1.94
CA MET B 231 6.40 -28.18 -1.99
C MET B 231 5.43 -29.22 -1.48
N GLN B 232 5.01 -30.13 -2.35
CA GLN B 232 4.20 -31.27 -1.95
C GLN B 232 5.11 -32.38 -1.44
N TYR B 233 4.78 -32.95 -0.28
CA TYR B 233 5.51 -34.09 0.24
C TYR B 233 4.63 -35.34 0.25
N ASN B 234 5.29 -36.49 0.21
CA ASN B 234 4.61 -37.77 0.32
C ASN B 234 5.63 -38.75 0.92
N ILE B 235 5.48 -39.07 2.20
CA ILE B 235 6.50 -39.79 2.95
C ILE B 235 6.04 -41.23 3.14
N ASN B 236 6.50 -42.13 2.26
CA ASN B 236 6.18 -43.56 2.33
C ASN B 236 4.67 -43.83 2.26
N ASN B 237 3.92 -42.91 1.68
CA ASN B 237 2.47 -43.08 1.53
C ASN B 237 2.15 -43.71 0.18
N ASN B 238 1.19 -44.65 0.18
CA ASN B 238 0.79 -45.36 -1.04
C ASN B 238 -0.33 -44.65 -1.81
N GLY B 239 -0.72 -43.45 -1.38
CA GLY B 239 -1.76 -42.73 -2.10
C GLY B 239 -3.17 -43.02 -1.66
N GLN B 240 -3.36 -43.65 -0.48
CA GLN B 240 -4.71 -43.95 -0.01
C GLN B 240 -5.55 -42.68 0.11
N TYR B 241 -4.91 -41.55 0.43
CA TYR B 241 -5.62 -40.27 0.48
C TYR B 241 -6.31 -39.91 -0.83
N LEU B 242 -5.87 -40.47 -1.96
CA LEU B 242 -6.52 -40.21 -3.23
C LEU B 242 -7.80 -41.02 -3.40
N PHE B 243 -8.02 -42.02 -2.55
CA PHE B 243 -9.06 -43.00 -2.74
C PHE B 243 -10.04 -43.09 -1.59
N ASN B 244 -9.81 -42.36 -0.50
CA ASN B 244 -10.69 -42.50 0.66
C ASN B 244 -12.11 -42.06 0.34
N ALA B 245 -12.26 -41.00 -0.44
CA ALA B 245 -13.60 -40.51 -0.74
C ALA B 245 -14.33 -41.45 -1.70
N LYS B 246 -13.60 -42.20 -2.51
CA LYS B 246 -14.18 -43.26 -3.32
C LYS B 246 -14.42 -44.54 -2.54
N GLY B 247 -13.85 -44.68 -1.35
CA GLY B 247 -13.99 -45.91 -0.59
C GLY B 247 -13.42 -47.15 -1.25
N VAL B 248 -12.24 -47.04 -1.88
CA VAL B 248 -11.53 -48.18 -2.43
C VAL B 248 -10.10 -48.19 -1.86
N MET B 249 -9.49 -49.37 -1.89
CA MET B 249 -8.12 -49.50 -1.44
C MET B 249 -7.16 -48.97 -2.50
N SER B 250 -6.12 -48.29 -2.07
CA SER B 250 -5.13 -47.77 -3.00
C SER B 250 -4.44 -48.92 -3.72
N PRO B 251 -4.33 -48.88 -5.05
CA PRO B 251 -3.57 -49.89 -5.78
C PRO B 251 -2.10 -49.56 -5.96
N TYR B 252 -1.64 -48.42 -5.45
CA TYR B 252 -0.31 -47.93 -5.75
C TYR B 252 0.70 -48.42 -4.72
N GLN B 253 1.98 -48.21 -5.03
CA GLN B 253 3.06 -48.59 -4.14
C GLN B 253 3.41 -47.44 -3.21
N ARG B 254 3.82 -47.79 -1.99
CA ARG B 254 4.36 -46.80 -1.06
C ARG B 254 5.66 -46.24 -1.61
N ILE B 255 5.74 -44.91 -1.69
CA ILE B 255 6.93 -44.23 -2.19
C ILE B 255 7.16 -42.94 -1.40
N VAL B 256 8.31 -42.32 -1.64
CA VAL B 256 8.65 -41.00 -1.14
C VAL B 256 8.87 -40.08 -2.32
N PHE B 257 8.21 -38.93 -2.33
CA PHE B 257 8.45 -37.96 -3.38
C PHE B 257 8.16 -36.56 -2.84
N LEU B 258 8.85 -35.59 -3.42
CA LEU B 258 8.63 -34.17 -3.21
C LEU B 258 8.46 -33.51 -4.56
N ASP B 259 7.35 -32.78 -4.76
CA ASP B 259 7.00 -32.12 -6.01
C ASP B 259 6.95 -30.61 -5.82
N PRO B 260 7.45 -29.83 -6.77
CA PRO B 260 7.14 -28.40 -6.78
C PRO B 260 5.68 -28.16 -7.14
N ILE B 261 5.05 -27.23 -6.43
CA ILE B 261 3.69 -26.81 -6.73
C ILE B 261 3.79 -25.38 -7.27
N TRP B 262 3.66 -25.22 -8.58
CA TRP B 262 3.64 -23.90 -9.17
C TRP B 262 2.23 -23.33 -9.02
N LYS B 263 2.11 -22.18 -8.35
CA LYS B 263 0.82 -21.52 -8.15
C LYS B 263 0.57 -20.62 -9.36
N LEU B 264 -0.04 -21.19 -10.39
CA LEU B 264 -0.18 -20.49 -11.66
C LEU B 264 -1.01 -19.21 -11.53
N ASP B 265 -1.92 -19.14 -10.58
CA ASP B 265 -2.75 -17.95 -10.43
C ASP B 265 -2.04 -16.83 -9.69
N GLN B 266 -0.91 -17.11 -9.04
CA GLN B 266 -0.17 -16.11 -8.31
C GLN B 266 1.21 -15.83 -8.87
N GLU B 267 1.83 -16.79 -9.54
CA GLU B 267 3.27 -16.73 -9.83
C GLU B 267 3.56 -15.74 -10.95
N LYS B 268 4.42 -14.77 -10.67
CA LYS B 268 4.93 -13.85 -11.68
C LYS B 268 6.41 -14.03 -11.95
N GLY B 269 7.09 -14.90 -11.20
CA GLY B 269 8.49 -15.17 -11.42
C GLY B 269 8.70 -16.24 -12.49
N LYS B 270 9.97 -16.62 -12.66
CA LYS B 270 10.35 -17.65 -13.61
C LYS B 270 10.18 -19.02 -12.94
N MET B 271 9.29 -19.84 -13.50
CA MET B 271 8.94 -21.13 -12.90
C MET B 271 9.96 -22.18 -13.33
N ARG B 272 11.14 -22.10 -12.74
CA ARG B 272 12.23 -23.00 -13.07
C ARG B 272 12.75 -23.66 -11.82
N ILE B 273 13.07 -24.94 -11.93
CA ILE B 273 13.77 -25.67 -10.87
C ILE B 273 14.97 -26.37 -11.50
N SER B 274 16.12 -26.29 -10.81
CA SER B 274 17.39 -26.82 -11.30
C SER B 274 17.72 -28.09 -10.52
N TYR B 275 17.71 -29.23 -11.20
CA TYR B 275 18.01 -30.49 -10.52
C TYR B 275 19.50 -30.81 -10.64
N HIS B 276 20.14 -31.09 -9.51
CA HIS B 276 21.54 -31.48 -9.43
C HIS B 276 21.64 -32.92 -8.95
N PHE B 277 22.49 -33.70 -9.61
CA PHE B 277 22.61 -35.13 -9.35
C PHE B 277 23.98 -35.44 -8.76
N ILE B 278 23.99 -36.12 -7.63
CA ILE B 278 25.21 -36.37 -6.87
C ILE B 278 25.34 -37.86 -6.63
N PRO B 279 26.21 -38.55 -7.37
CA PRO B 279 26.44 -39.98 -7.11
C PRO B 279 27.03 -40.15 -5.71
N GLY B 280 26.48 -41.10 -4.97
CA GLY B 280 26.96 -41.36 -3.63
C GLY B 280 26.70 -40.28 -2.61
N GLY B 281 25.86 -39.28 -2.92
CA GLY B 281 25.63 -38.17 -2.02
C GLY B 281 24.45 -38.35 -1.08
N ASP B 282 24.42 -37.50 -0.04
CA ASP B 282 23.27 -37.40 0.83
C ASP B 282 23.00 -35.93 1.18
N TYR B 283 22.31 -35.68 2.31
CA TYR B 283 21.87 -34.33 2.64
C TYR B 283 23.06 -33.37 2.82
N VAL B 284 24.20 -33.88 3.29
CA VAL B 284 25.37 -33.02 3.43
C VAL B 284 25.79 -32.46 2.07
N ASP B 285 25.89 -33.35 1.07
CA ASP B 285 26.26 -32.94 -0.28
C ASP B 285 25.24 -31.99 -0.89
N MET B 286 23.95 -32.28 -0.68
CA MET B 286 22.90 -31.35 -1.15
C MET B 286 23.12 -29.97 -0.54
N ALA B 287 23.38 -29.90 0.76
CA ALA B 287 23.57 -28.60 1.40
C ALA B 287 24.79 -27.89 0.86
N LYS B 288 25.87 -28.63 0.58
CA LYS B 288 27.08 -27.98 0.07
C LYS B 288 26.84 -27.46 -1.34
N VAL B 289 26.11 -28.22 -2.17
CA VAL B 289 25.76 -27.71 -3.49
C VAL B 289 24.96 -26.42 -3.34
N TYR B 290 23.95 -26.41 -2.48
CA TYR B 290 23.17 -25.19 -2.32
C TYR B 290 24.02 -24.05 -1.75
N GLN B 291 25.00 -24.37 -0.88
CA GLN B 291 25.87 -23.33 -0.34
C GLN B 291 26.48 -22.48 -1.46
N LYS B 292 26.92 -23.13 -2.55
CA LYS B 292 27.48 -22.39 -3.69
C LYS B 292 26.45 -21.41 -4.26
N GLU B 293 25.24 -21.92 -4.55
CA GLU B 293 24.18 -21.06 -5.06
C GLU B 293 23.82 -19.96 -4.06
N ALA B 294 23.93 -20.24 -2.76
CA ALA B 294 23.62 -19.23 -1.76
C ALA B 294 24.63 -18.08 -1.81
N LYS B 295 25.92 -18.41 -1.97
CA LYS B 295 26.92 -17.36 -2.14
C LYS B 295 26.68 -16.59 -3.43
N ALA B 296 26.27 -17.28 -4.49
CA ALA B 296 25.99 -16.60 -5.75
C ALA B 296 24.82 -15.64 -5.60
N ARG B 297 23.82 -16.00 -4.80
CA ARG B 297 22.67 -15.14 -4.60
C ARG B 297 22.93 -13.98 -3.65
N GLY B 298 24.07 -13.95 -2.98
CA GLY B 298 24.40 -12.86 -2.08
C GLY B 298 23.88 -12.99 -0.66
N HIS B 299 23.28 -14.13 -0.31
CA HIS B 299 22.81 -14.30 1.06
C HIS B 299 23.97 -14.47 2.03
N PHE B 300 25.09 -15.00 1.55
CA PHE B 300 26.17 -15.50 2.40
C PHE B 300 27.15 -14.37 2.67
N VAL B 301 27.21 -13.92 3.91
CA VAL B 301 28.15 -12.91 4.37
C VAL B 301 28.74 -13.45 5.67
N SER B 302 30.03 -13.79 5.64
CA SER B 302 30.58 -14.63 6.69
C SER B 302 30.66 -13.87 8.01
N LEU B 303 30.70 -14.63 9.10
CA LEU B 303 30.88 -14.04 10.43
C LEU B 303 32.27 -13.46 10.58
N GLN B 304 33.24 -13.97 9.82
CA GLN B 304 34.57 -13.38 9.84
C GLN B 304 34.56 -12.00 9.21
N GLU B 305 33.82 -11.82 8.11
CA GLU B 305 33.70 -10.48 7.53
C GLU B 305 32.93 -9.57 8.47
N LYS B 306 31.90 -10.11 9.14
CA LYS B 306 31.15 -9.33 10.11
C LYS B 306 32.00 -8.96 11.32
N LEU B 307 32.94 -9.84 11.70
CA LEU B 307 33.83 -9.54 12.83
C LEU B 307 34.81 -8.44 12.48
N LYS B 308 35.33 -8.43 11.24
CA LYS B 308 36.24 -7.36 10.85
C LYS B 308 35.51 -6.01 10.84
N ARG B 309 34.24 -6.00 10.47
CA ARG B 309 33.49 -4.76 10.52
C ARG B 309 33.15 -4.36 11.97
N ASN B 310 33.00 -5.34 12.87
CA ASN B 310 32.62 -5.05 14.25
C ASN B 310 33.26 -6.09 15.16
N PRO B 311 34.33 -5.71 15.89
CA PRO B 311 34.99 -6.66 16.79
C PRO B 311 34.12 -7.12 17.96
N ASN B 312 33.09 -6.36 18.34
CA ASN B 312 32.20 -6.85 19.40
C ASN B 312 31.46 -8.12 19.02
N VAL B 313 31.48 -8.52 17.75
CA VAL B 313 30.94 -9.82 17.36
C VAL B 313 31.60 -10.92 18.17
N ASN B 314 32.86 -10.73 18.53
CA ASN B 314 33.57 -11.73 19.32
C ASN B 314 33.08 -11.83 20.76
N LYS B 315 32.04 -11.09 21.15
CA LYS B 315 31.38 -11.34 22.42
C LYS B 315 30.33 -12.44 22.33
N LEU B 316 30.08 -12.97 21.14
CA LEU B 316 29.08 -14.01 20.90
C LEU B 316 29.59 -15.44 21.08
N PRO B 317 30.82 -15.78 20.67
CA PRO B 317 31.28 -17.17 20.86
C PRO B 317 31.34 -17.53 22.34
N GLY B 318 30.71 -18.66 22.68
CA GLY B 318 30.61 -19.11 24.05
C GLY B 318 29.54 -18.43 24.88
N ALA B 319 28.81 -17.47 24.31
CA ALA B 319 27.79 -16.74 25.05
C ALA B 319 26.51 -17.55 25.21
N ILE B 320 25.92 -17.45 26.39
CA ILE B 320 24.56 -17.93 26.59
C ILE B 320 23.61 -16.77 26.34
N TYR B 321 22.54 -17.03 25.60
CA TYR B 321 21.53 -16.03 25.31
C TYR B 321 20.45 -16.09 26.39
N PHE B 322 20.33 -15.01 27.15
CA PHE B 322 19.40 -14.94 28.27
C PHE B 322 18.25 -14.01 27.92
N GLY B 323 17.04 -14.54 27.96
CA GLY B 323 15.86 -13.70 27.81
C GLY B 323 15.12 -13.58 29.11
N ILE B 324 15.13 -12.40 29.72
CA ILE B 324 14.39 -12.14 30.93
C ILE B 324 13.03 -11.60 30.50
N TYR B 325 11.99 -12.43 30.64
CA TYR B 325 10.67 -12.12 30.11
C TYR B 325 9.84 -11.47 31.21
N GLY B 326 9.57 -10.17 31.06
CA GLY B 326 8.78 -9.48 32.06
C GLY B 326 7.32 -9.27 31.71
N GLY B 327 6.75 -10.07 30.81
CA GLY B 327 5.35 -9.92 30.45
C GLY B 327 5.06 -8.94 29.34
N TYR B 328 6.07 -8.30 28.79
CA TYR B 328 6.26 -7.39 27.68
C TYR B 328 6.77 -8.16 26.48
N PRO B 329 6.28 -7.89 25.26
CA PRO B 329 5.42 -6.79 24.85
C PRO B 329 3.93 -7.02 25.08
N HIS B 330 3.55 -8.18 25.63
CA HIS B 330 2.14 -8.53 25.76
C HIS B 330 1.42 -7.61 26.75
N TYR B 331 2.09 -7.16 27.80
CA TYR B 331 1.48 -6.29 28.79
C TYR B 331 2.54 -5.35 29.33
N VAL B 332 2.10 -4.15 29.68
CA VAL B 332 2.98 -3.17 30.29
C VAL B 332 2.88 -3.34 31.81
N ASN B 333 4.03 -3.56 32.45
CA ASN B 333 4.14 -3.57 33.90
C ASN B 333 3.23 -4.63 34.53
N MET B 334 3.23 -5.82 33.95
CA MET B 334 2.35 -6.89 34.40
C MET B 334 2.74 -7.38 35.80
N PRO B 335 1.81 -7.45 36.75
CA PRO B 335 2.16 -7.89 38.10
C PRO B 335 2.44 -9.39 38.17
N GLY B 336 3.43 -9.75 38.97
CA GLY B 336 3.92 -11.11 39.00
C GLY B 336 4.86 -11.46 37.86
N MET B 337 5.09 -10.56 36.92
CA MET B 337 5.94 -10.89 35.78
C MET B 337 6.98 -9.82 35.48
N ALA B 338 6.61 -8.54 35.53
CA ALA B 338 7.52 -7.47 35.18
C ALA B 338 8.65 -7.36 36.20
N PHE B 339 9.85 -7.07 35.71
CA PHE B 339 11.01 -6.86 36.56
C PHE B 339 11.31 -5.38 36.70
N THR B 340 11.76 -4.97 37.88
CA THR B 340 12.34 -3.64 38.01
C THR B 340 13.75 -3.63 37.44
N PHE B 341 14.26 -2.42 37.22
CA PHE B 341 15.62 -2.33 36.68
C PHE B 341 16.67 -2.72 37.72
N ASP B 342 16.41 -2.49 39.00
CA ASP B 342 17.31 -3.01 40.02
C ASP B 342 17.31 -4.53 40.05
N GLU B 343 16.16 -5.15 39.79
CA GLU B 343 16.07 -6.60 39.74
C GLU B 343 16.78 -7.15 38.51
N LEU B 344 16.68 -6.45 37.38
CA LEU B 344 17.48 -6.81 36.22
C LEU B 344 18.96 -6.76 36.54
N LYS B 345 19.41 -5.67 37.17
CA LYS B 345 20.81 -5.53 37.57
C LYS B 345 21.24 -6.72 38.42
N ASN B 346 20.39 -7.11 39.39
CA ASN B 346 20.77 -8.19 40.29
C ASN B 346 20.85 -9.53 39.57
N ILE B 347 20.00 -9.74 38.57
CA ILE B 347 20.06 -10.97 37.78
C ILE B 347 21.35 -11.02 36.98
N ILE B 348 21.72 -9.91 36.35
CA ILE B 348 22.98 -9.85 35.61
C ILE B 348 24.15 -10.13 36.55
N LYS B 349 24.14 -9.50 37.72
CA LYS B 349 25.19 -9.71 38.70
C LYS B 349 25.32 -11.18 39.09
N THR B 350 24.19 -11.86 39.27
CA THR B 350 24.23 -13.25 39.72
C THR B 350 24.74 -14.18 38.62
N ILE B 351 24.30 -13.95 37.39
CA ILE B 351 24.76 -14.77 36.27
C ILE B 351 26.26 -14.72 36.15
N HIS B 352 26.86 -13.55 36.40
CA HIS B 352 28.30 -13.43 36.26
C HIS B 352 29.03 -13.93 37.50
N ASP B 353 28.72 -13.35 38.67
CA ASP B 353 29.46 -13.62 39.90
C ASP B 353 29.17 -15.01 40.46
N ASP B 354 27.90 -15.38 40.63
CA ASP B 354 27.58 -16.67 41.25
C ASP B 354 27.70 -17.81 40.25
N LEU B 355 27.15 -17.65 39.05
CA LEU B 355 27.10 -18.71 38.06
C LEU B 355 28.29 -18.72 37.11
N ARG B 356 29.20 -17.74 37.21
CA ARG B 356 30.49 -17.77 36.51
C ARG B 356 30.33 -17.81 34.99
N VAL B 357 29.22 -17.28 34.48
CA VAL B 357 29.02 -17.20 33.03
C VAL B 357 29.95 -16.15 32.45
N ASP B 358 30.82 -16.58 31.54
CA ASP B 358 31.85 -15.69 31.02
C ASP B 358 31.32 -14.76 29.94
N LYS B 359 30.42 -15.26 29.08
CA LYS B 359 29.92 -14.47 27.98
C LYS B 359 28.42 -14.68 27.88
N ALA B 360 27.70 -13.60 27.60
CA ALA B 360 26.25 -13.66 27.65
C ALA B 360 25.68 -12.55 26.77
N PHE B 361 24.52 -12.83 26.19
CA PHE B 361 23.69 -11.83 25.54
C PHE B 361 22.43 -11.69 26.39
N VAL B 362 22.34 -10.59 27.14
CA VAL B 362 21.21 -10.32 28.03
C VAL B 362 20.15 -9.54 27.27
N HIS B 363 18.92 -10.06 27.27
CA HIS B 363 17.84 -9.51 26.47
C HIS B 363 16.64 -9.30 27.40
N ALA B 364 16.32 -8.03 27.69
CA ALA B 364 15.33 -7.68 28.72
C ALA B 364 14.01 -7.33 28.05
N TRP B 365 12.99 -8.17 28.26
CA TRP B 365 11.66 -7.96 27.70
C TRP B 365 10.83 -7.20 28.72
N GLY B 366 10.82 -5.86 28.60
CA GLY B 366 10.07 -5.04 29.53
C GLY B 366 10.87 -3.89 30.09
N THR B 367 11.11 -2.88 29.26
CA THR B 367 11.87 -1.71 29.68
C THR B 367 11.19 -0.39 29.32
N PHE B 368 10.05 -0.44 28.63
CA PHE B 368 9.34 0.77 28.20
C PHE B 368 7.94 0.79 28.79
N SER B 369 7.35 1.98 28.84
CA SER B 369 6.04 2.16 29.45
C SER B 369 4.93 2.33 28.41
N ASN B 370 5.27 2.28 27.13
CA ASN B 370 4.28 2.17 26.06
C ASN B 370 4.39 0.80 25.41
N PHE B 371 3.28 0.38 24.80
CA PHE B 371 3.26 -0.83 24.00
C PHE B 371 4.06 -0.63 22.73
N VAL B 372 4.73 -1.69 22.29
CA VAL B 372 5.25 -1.73 20.93
C VAL B 372 4.06 -1.44 20.02
N PRO B 373 4.25 -0.74 18.87
CA PRO B 373 5.53 -0.41 18.25
C PRO B 373 6.07 0.97 18.62
N HIS B 374 5.69 1.50 19.78
CA HIS B 374 6.27 2.73 20.32
C HIS B 374 7.15 2.34 21.51
N ASN B 375 8.42 2.07 21.20
CA ASN B 375 9.37 1.47 22.14
C ASN B 375 10.03 2.55 23.00
N TYR B 376 9.21 3.27 23.75
CA TYR B 376 9.67 4.39 24.55
C TYR B 376 8.50 4.87 25.40
N PRO B 377 8.77 5.62 26.48
CA PRO B 377 10.10 5.90 27.02
C PRO B 377 10.55 4.77 27.92
N ILE B 378 11.79 4.85 28.40
CA ILE B 378 12.22 3.94 29.44
C ILE B 378 11.29 4.11 30.63
N SER B 379 10.73 2.99 31.11
CA SER B 379 9.63 3.05 32.06
C SER B 379 10.07 3.66 33.38
N GLU B 380 9.35 4.71 33.81
CA GLU B 380 9.56 5.27 35.15
C GLU B 380 9.14 4.28 36.23
N ALA B 381 8.05 3.53 35.97
CA ALA B 381 7.53 2.61 36.98
C ALA B 381 8.56 1.56 37.36
N LEU B 382 9.38 1.12 36.39
CA LEU B 382 10.44 0.15 36.65
C LEU B 382 11.70 0.76 37.24
N GLY B 383 11.78 2.09 37.39
CA GLY B 383 12.96 2.67 37.98
C GLY B 383 13.59 3.81 37.19
N GLY B 384 13.28 3.93 35.90
CA GLY B 384 13.70 5.08 35.12
C GLY B 384 15.03 4.90 34.41
N PRO B 385 15.37 5.87 33.54
CA PRO B 385 16.58 5.74 32.71
C PRO B 385 17.86 5.48 33.48
N GLU B 386 18.07 6.15 34.62
CA GLU B 386 19.32 5.97 35.34
C GLU B 386 19.45 4.57 35.92
N LYS B 387 18.33 3.93 36.25
CA LYS B 387 18.41 2.58 36.80
C LYS B 387 18.59 1.52 35.71
N LEU B 388 17.97 1.73 34.55
CA LEU B 388 18.26 0.87 33.40
C LEU B 388 19.71 1.03 32.97
N LYS B 389 20.19 2.28 32.92
CA LYS B 389 21.59 2.55 32.56
C LYS B 389 22.55 1.87 33.52
N ALA B 390 22.22 1.88 34.82
CA ALA B 390 23.06 1.17 35.78
C ALA B 390 23.12 -0.32 35.48
N ALA B 391 21.98 -0.90 35.10
CA ALA B 391 21.99 -2.33 34.78
C ALA B 391 22.79 -2.59 33.51
N VAL B 392 22.64 -1.76 32.49
CA VAL B 392 23.34 -1.99 31.23
C VAL B 392 24.83 -1.73 31.40
N ASP B 393 25.20 -0.76 32.24
CA ASP B 393 26.61 -0.50 32.51
C ASP B 393 27.27 -1.68 33.20
N LEU B 394 26.55 -2.33 34.12
CA LEU B 394 27.10 -3.51 34.78
C LEU B 394 27.39 -4.61 33.76
N ALA B 395 26.42 -4.90 32.89
CA ALA B 395 26.63 -5.94 31.88
C ALA B 395 27.79 -5.61 30.97
N LYS B 396 27.89 -4.34 30.54
CA LYS B 396 29.02 -3.95 29.69
C LYS B 396 30.35 -4.15 30.41
N SER B 397 30.38 -3.87 31.72
CA SER B 397 31.58 -4.08 32.51
C SER B 397 31.98 -5.55 32.57
N TYR B 398 31.03 -6.46 32.34
CA TYR B 398 31.32 -7.88 32.29
C TYR B 398 31.72 -8.37 30.90
N GLY B 399 31.61 -7.52 29.89
CA GLY B 399 31.76 -7.98 28.52
C GLY B 399 30.51 -8.55 27.90
N TYR B 400 29.36 -8.42 28.56
CA TYR B 400 28.12 -8.97 28.01
C TYR B 400 27.54 -8.05 26.94
N LEU B 401 26.80 -8.65 26.03
CA LEU B 401 25.94 -7.89 25.13
C LEU B 401 24.59 -7.67 25.83
N TYR B 402 23.94 -6.55 25.51
CA TYR B 402 22.64 -6.22 26.07
C TYR B 402 21.73 -5.68 24.98
N SER B 403 20.44 -6.06 25.03
CA SER B 403 19.42 -5.38 24.24
C SER B 403 18.10 -5.38 25.00
N SER B 404 17.34 -4.29 24.86
CA SER B 404 15.94 -4.31 25.25
C SER B 404 15.11 -5.04 24.19
N TYR B 405 13.84 -5.31 24.52
CA TYR B 405 12.95 -5.86 23.52
C TYR B 405 12.47 -4.75 22.59
N HIS B 406 12.65 -4.96 21.28
CA HIS B 406 12.24 -3.99 20.28
C HIS B 406 11.37 -4.69 19.24
N ALA B 407 10.29 -4.00 18.83
CA ALA B 407 9.46 -4.50 17.74
C ALA B 407 8.69 -3.33 17.15
N TYR B 408 8.68 -3.26 15.82
CA TYR B 408 8.07 -2.15 15.09
C TYR B 408 6.89 -2.62 14.25
N SER B 409 6.53 -3.89 14.34
CA SER B 409 5.44 -4.47 13.56
C SER B 409 4.12 -4.69 14.31
N PRO B 410 4.07 -4.78 15.64
CA PRO B 410 2.78 -5.07 16.30
C PRO B 410 1.82 -3.89 16.29
N MET B 411 0.53 -4.23 16.40
CA MET B 411 -0.54 -3.27 16.62
C MET B 411 -1.55 -3.97 17.53
N LEU B 412 -1.44 -3.73 18.84
CA LEU B 412 -2.13 -4.56 19.82
C LEU B 412 -3.51 -4.00 20.17
N GLU B 413 -4.46 -4.92 20.37
CA GLU B 413 -5.81 -4.52 20.78
C GLU B 413 -5.83 -3.86 22.15
N ASN B 414 -4.94 -4.27 23.06
CA ASN B 414 -4.91 -3.66 24.39
C ASN B 414 -4.00 -2.44 24.46
N ASP B 415 -3.48 -1.96 23.35
CA ASP B 415 -2.72 -0.72 23.34
C ASP B 415 -3.69 0.46 23.23
N PRO B 416 -3.64 1.44 24.13
CA PRO B 416 -4.50 2.63 23.97
C PRO B 416 -4.20 3.39 22.70
N ASN B 417 -3.03 3.20 22.10
CA ASN B 417 -2.66 3.87 20.86
C ASN B 417 -3.00 3.06 19.62
N PHE B 418 -3.80 2.00 19.76
CA PHE B 418 -4.15 1.17 18.61
C PHE B 418 -4.77 2.03 17.50
N THR B 419 -4.35 1.78 16.26
CA THR B 419 -5.02 2.41 15.12
C THR B 419 -4.89 1.51 13.89
N THR B 420 -5.96 1.46 13.10
CA THR B 420 -5.88 0.74 11.84
C THR B 420 -5.18 1.55 10.75
N ASP B 421 -4.87 2.82 11.02
CA ASP B 421 -4.18 3.67 10.06
C ASP B 421 -2.76 3.18 9.77
N LEU B 422 -2.15 2.43 10.69
CA LEU B 422 -0.84 1.84 10.47
C LEU B 422 -0.89 0.46 9.84
N MET B 423 -2.08 -0.07 9.59
CA MET B 423 -2.21 -1.42 9.05
C MET B 423 -2.31 -1.38 7.53
N GLN B 424 -2.05 -2.54 6.92
CA GLN B 424 -2.11 -2.68 5.48
C GLN B 424 -3.48 -3.20 5.07
N ARG B 425 -3.86 -2.90 3.83
CA ARG B 425 -5.11 -3.37 3.26
C ARG B 425 -4.83 -4.09 1.94
N ASP B 426 -5.70 -5.04 1.62
CA ASP B 426 -5.54 -5.88 0.43
C ASP B 426 -6.29 -5.25 -0.76
N ALA B 427 -6.33 -5.99 -1.86
CA ALA B 427 -6.93 -5.47 -3.09
C ALA B 427 -8.41 -5.15 -2.93
N GLU B 428 -9.10 -5.73 -1.95
CA GLU B 428 -10.50 -5.41 -1.70
C GLU B 428 -10.67 -4.28 -0.70
N GLY B 429 -9.58 -3.66 -0.26
CA GLY B 429 -9.63 -2.67 0.79
C GLY B 429 -9.79 -3.23 2.18
N LYS B 430 -9.75 -4.56 2.34
CA LYS B 430 -9.92 -5.17 3.64
C LYS B 430 -8.60 -5.14 4.40
N LEU B 431 -8.69 -4.88 5.70
CA LEU B 431 -7.52 -4.93 6.56
C LEU B 431 -6.83 -6.28 6.47
N MET B 432 -5.50 -6.26 6.49
CA MET B 432 -4.70 -7.46 6.46
C MET B 432 -4.17 -7.77 7.86
N ASN B 433 -3.97 -9.07 8.12
CA ASN B 433 -3.42 -9.53 9.39
C ASN B 433 -4.30 -9.14 10.58
N THR B 434 -5.62 -9.11 10.39
CA THR B 434 -6.50 -8.88 11.53
C THR B 434 -6.41 -10.00 12.54
N GLY B 435 -6.02 -11.19 12.11
CA GLY B 435 -5.85 -12.30 13.01
C GLY B 435 -4.40 -12.57 13.35
N SER B 436 -3.51 -11.60 13.12
CA SER B 436 -2.08 -11.78 13.35
C SER B 436 -1.50 -10.49 13.95
N ARG B 437 -1.72 -10.32 15.27
CA ARG B 437 -1.53 -9.02 15.90
C ARG B 437 -0.06 -8.56 15.92
N TRP B 438 0.90 -9.49 15.89
CA TRP B 438 2.30 -9.08 16.02
C TRP B 438 2.88 -8.58 14.72
N ALA B 439 2.14 -8.65 13.63
CA ALA B 439 2.65 -8.23 12.32
C ALA B 439 1.56 -7.45 11.58
N ARG B 440 0.98 -6.46 12.25
CA ARG B 440 -0.10 -5.68 11.68
C ARG B 440 0.34 -4.38 11.03
N VAL B 441 1.45 -3.79 11.47
CA VAL B 441 1.95 -2.55 10.88
C VAL B 441 2.53 -2.84 9.51
N ASP B 442 2.12 -2.06 8.52
CA ASP B 442 2.70 -2.17 7.19
C ASP B 442 4.21 -1.98 7.29
N PRO B 443 5.01 -2.89 6.71
CA PRO B 443 6.47 -2.73 6.81
C PRO B 443 6.98 -1.38 6.34
N LYS B 444 6.26 -0.73 5.43
CA LYS B 444 6.70 0.57 4.93
C LYS B 444 6.63 1.68 5.97
N PHE B 445 5.96 1.46 7.10
CA PHE B 445 5.94 2.42 8.20
C PHE B 445 6.96 2.12 9.28
N GLN B 446 7.62 0.95 9.23
CA GLN B 446 8.35 0.48 10.39
C GLN B 446 9.68 1.20 10.61
N LYS B 447 10.38 1.61 9.55
CA LYS B 447 11.60 2.38 9.77
C LYS B 447 11.28 3.68 10.50
N GLY B 448 10.24 4.39 10.07
CA GLY B 448 9.86 5.63 10.74
C GLY B 448 9.49 5.42 12.20
N LEU B 449 8.91 4.26 12.52
CA LEU B 449 8.64 3.96 13.92
C LEU B 449 9.92 3.70 14.69
N ALA B 450 10.88 3.00 14.07
CA ALA B 450 12.15 2.78 14.73
C ALA B 450 12.88 4.09 14.95
N GLN B 451 12.77 5.01 13.99
CA GLN B 451 13.45 6.30 14.07
C GLN B 451 13.05 7.10 15.31
N LYS B 452 11.89 6.82 15.90
CA LYS B 452 11.38 7.67 16.96
C LYS B 452 12.23 7.61 18.22
N ASN B 453 12.95 6.51 18.45
CA ASN B 453 13.70 6.44 19.70
C ASN B 453 14.97 5.61 19.66
N ILE B 454 15.15 4.74 18.65
CA ILE B 454 16.23 3.77 18.72
C ILE B 454 17.58 4.47 18.82
N GLU B 455 17.74 5.61 18.15
CA GLU B 455 19.03 6.31 18.20
C GLU B 455 19.24 6.96 19.56
N LYS B 456 18.18 7.46 20.18
CA LYS B 456 18.31 8.02 21.52
C LYS B 456 18.66 6.94 22.53
N GLU B 457 18.04 5.76 22.42
CA GLU B 457 18.36 4.69 23.37
C GLU B 457 19.80 4.22 23.23
N ILE B 458 20.28 4.07 21.99
CA ILE B 458 21.67 3.71 21.75
C ILE B 458 22.60 4.76 22.36
N SER B 459 22.28 6.04 22.15
CA SER B 459 23.18 7.09 22.60
C SER B 459 23.19 7.20 24.12
N TYR B 460 22.02 7.10 24.75
CA TYR B 460 21.93 7.26 26.20
C TYR B 460 22.53 6.07 26.93
N LEU B 461 22.17 4.85 26.51
CA LEU B 461 22.63 3.66 27.23
C LEU B 461 24.04 3.25 26.84
N GLY B 462 24.56 3.75 25.72
CA GLY B 462 25.87 3.33 25.28
C GLY B 462 25.88 1.94 24.70
N LEU B 463 24.88 1.62 23.89
CA LEU B 463 24.63 0.24 23.47
C LEU B 463 25.66 -0.25 22.46
N GLU B 464 25.99 -1.53 22.58
CA GLU B 464 26.84 -2.23 21.62
C GLU B 464 26.07 -3.23 20.79
N ALA B 465 24.81 -3.49 21.14
CA ALA B 465 24.04 -4.56 20.54
C ALA B 465 22.58 -4.15 20.43
N ASP B 466 21.86 -4.88 19.58
CA ASP B 466 20.43 -4.69 19.42
C ASP B 466 19.82 -5.97 18.91
N ILE B 467 18.63 -6.29 19.41
CA ILE B 467 17.79 -7.34 18.83
C ILE B 467 16.47 -6.68 18.43
N THR B 468 16.02 -6.97 17.22
CA THR B 468 14.73 -6.54 16.72
C THR B 468 13.93 -7.79 16.38
N ASN B 469 12.71 -7.86 16.89
CA ASN B 469 11.88 -9.05 16.80
C ASN B 469 10.78 -8.92 15.75
N ILE B 470 10.26 -10.07 15.35
CA ILE B 470 9.08 -10.27 14.50
C ILE B 470 9.34 -9.98 13.03
N THR B 471 9.82 -8.77 12.70
CA THR B 471 9.76 -8.27 11.32
C THR B 471 10.54 -9.14 10.34
N PHE B 472 11.64 -9.76 10.78
CA PHE B 472 12.52 -10.53 9.90
C PHE B 472 12.44 -12.02 10.17
N ALA B 473 11.31 -12.46 10.73
CA ALA B 473 11.07 -13.87 10.96
C ALA B 473 10.65 -14.59 9.69
N ALA B 474 10.23 -13.86 8.67
CA ALA B 474 9.78 -14.43 7.41
C ALA B 474 10.35 -13.60 6.27
N TYR B 475 10.17 -14.07 5.04
CA TYR B 475 10.58 -13.30 3.88
C TYR B 475 9.48 -13.43 2.82
N ARG B 476 8.57 -12.47 2.80
CA ARG B 476 7.46 -12.45 1.86
C ARG B 476 7.69 -11.36 0.83
N GLU B 477 7.14 -11.58 -0.37
CA GLU B 477 7.27 -10.58 -1.42
C GLU B 477 6.58 -9.28 -1.02
N ASN B 478 5.41 -9.37 -0.42
CA ASN B 478 4.66 -8.18 -0.03
C ASN B 478 5.33 -7.53 1.17
N GLY B 479 5.76 -6.28 1.01
CA GLY B 479 6.38 -5.53 2.07
C GLY B 479 7.88 -5.66 2.19
N LYS B 480 8.54 -6.31 1.22
CA LYS B 480 9.99 -6.55 1.34
C LYS B 480 10.77 -5.24 1.32
N GLU B 481 10.32 -4.24 0.56
CA GLU B 481 11.06 -2.98 0.49
C GLU B 481 11.05 -2.28 1.84
N GLY B 482 9.92 -2.29 2.54
CA GLY B 482 9.88 -1.72 3.88
C GLY B 482 10.76 -2.48 4.86
N ARG B 483 10.75 -3.81 4.79
CA ARG B 483 11.61 -4.59 5.67
C ARG B 483 13.08 -4.31 5.40
N ILE B 484 13.49 -4.35 4.12
CA ILE B 484 14.87 -4.08 3.77
C ILE B 484 15.27 -2.68 4.21
N GLU B 485 14.39 -1.70 4.01
CA GLU B 485 14.62 -0.35 4.50
C GLU B 485 14.89 -0.34 6.00
N LEU B 486 14.13 -1.13 6.76
CA LEU B 486 14.35 -1.21 8.20
C LEU B 486 15.68 -1.91 8.51
N ALA B 487 15.95 -3.03 7.85
CA ALA B 487 17.20 -3.75 8.09
C ALA B 487 18.41 -2.90 7.75
N LYS B 488 18.37 -2.17 6.63
CA LYS B 488 19.47 -1.27 6.31
C LYS B 488 19.65 -0.21 7.38
N TYR B 489 18.55 0.23 7.99
CA TYR B 489 18.63 1.26 9.02
C TYR B 489 19.27 0.74 10.31
N ILE B 490 18.81 -0.42 10.77
CA ILE B 490 19.38 -1.02 11.97
C ILE B 490 20.84 -1.39 11.74
N ASP B 491 21.14 -1.95 10.57
CA ASP B 491 22.50 -2.34 10.26
C ASP B 491 23.44 -1.15 10.17
N SER B 492 22.91 0.06 9.94
CA SER B 492 23.75 1.24 9.80
C SER B 492 24.49 1.60 11.09
N PHE B 493 24.03 1.13 12.24
CA PHE B 493 24.64 1.56 13.51
C PHE B 493 25.86 0.75 13.91
N ASN B 494 26.24 -0.26 13.12
CA ASN B 494 27.33 -1.18 13.45
C ASN B 494 27.24 -1.68 14.88
N LEU B 495 26.06 -2.16 15.25
CA LEU B 495 25.86 -2.91 16.48
C LEU B 495 25.94 -4.39 16.16
N VAL B 496 26.34 -5.17 17.17
CA VAL B 496 26.13 -6.61 17.10
C VAL B 496 24.63 -6.81 17.20
N ASN B 497 23.97 -7.08 16.07
CA ASN B 497 22.52 -7.10 16.07
C ASN B 497 21.98 -8.48 15.76
N GLY B 498 20.86 -8.82 16.42
CA GLY B 498 20.17 -10.07 16.19
C GLY B 498 18.71 -9.82 15.88
N THR B 499 18.06 -10.88 15.41
CA THR B 499 16.66 -10.80 15.05
C THR B 499 16.01 -12.13 15.35
N GLU B 500 14.68 -12.13 15.41
CA GLU B 500 13.92 -13.32 15.73
C GLU B 500 13.81 -14.24 14.52
N HIS B 501 14.19 -15.51 14.70
CA HIS B 501 14.04 -16.56 13.70
C HIS B 501 14.95 -16.33 12.50
N GLY B 502 14.77 -15.22 11.78
CA GLY B 502 15.55 -14.94 10.59
C GLY B 502 15.12 -15.73 9.36
N GLN B 503 15.71 -15.36 8.24
CA GLN B 503 15.62 -16.06 6.97
C GLN B 503 16.94 -15.82 6.26
N GLU B 504 17.24 -16.68 5.27
CA GLU B 504 18.51 -16.56 4.54
C GLU B 504 18.66 -15.19 3.91
N GLN B 505 17.54 -14.58 3.50
CA GLN B 505 17.60 -13.25 2.90
C GLN B 505 18.13 -12.21 3.89
N TRP B 506 17.96 -12.44 5.18
CA TRP B 506 18.36 -11.44 6.18
C TRP B 506 19.77 -11.64 6.73
N ILE B 507 20.45 -12.73 6.37
CA ILE B 507 21.79 -13.02 6.87
C ILE B 507 22.76 -11.85 6.68
N PRO B 508 22.76 -11.13 5.54
CA PRO B 508 23.70 -10.01 5.42
C PRO B 508 23.54 -8.91 6.47
N TYR B 509 22.37 -8.77 7.09
CA TYR B 509 22.09 -7.63 7.96
C TYR B 509 22.20 -7.93 9.44
N PHE B 510 22.40 -9.18 9.82
CA PHE B 510 22.39 -9.53 11.22
C PHE B 510 23.58 -10.41 11.53
N ASP B 511 23.92 -10.44 12.82
CA ASP B 511 24.96 -11.31 13.34
C ASP B 511 24.41 -12.59 13.93
N MET B 512 23.20 -12.58 14.49
CA MET B 512 22.63 -13.78 15.09
C MET B 512 21.13 -13.84 14.84
N PHE B 513 20.62 -15.09 14.77
CA PHE B 513 19.20 -15.40 14.77
C PHE B 513 18.80 -16.05 16.09
N GLU B 514 17.73 -15.58 16.72
CA GLU B 514 17.08 -16.30 17.82
C GLU B 514 16.04 -17.23 17.21
N GLY B 515 16.37 -18.51 17.12
CA GLY B 515 15.51 -19.48 16.46
C GLY B 515 16.25 -20.19 15.34
N MET B 516 15.54 -20.41 14.22
CA MET B 516 16.01 -21.26 13.14
C MET B 516 16.34 -22.65 13.67
N THR B 517 15.37 -23.20 14.40
CA THR B 517 15.47 -24.54 14.98
C THR B 517 14.24 -25.33 14.56
N TYR B 518 13.31 -25.58 15.47
CA TYR B 518 12.17 -26.43 15.18
C TYR B 518 10.92 -25.91 15.87
N LEU B 519 9.79 -25.96 15.16
CA LEU B 519 8.49 -25.84 15.82
C LEU B 519 8.25 -27.04 16.72
N GLU B 520 7.45 -26.84 17.76
CA GLU B 520 7.09 -27.94 18.63
C GLU B 520 6.10 -28.88 17.95
N ASP B 521 5.04 -28.31 17.39
CA ASP B 521 3.99 -29.05 16.72
C ASP B 521 4.06 -28.68 15.24
N ARG B 522 4.36 -29.66 14.40
CA ARG B 522 4.69 -29.38 13.01
C ARG B 522 4.36 -30.59 12.14
N PRO B 523 3.97 -30.38 10.89
CA PRO B 523 3.82 -31.51 9.97
C PRO B 523 5.15 -32.25 9.82
N LEU B 524 5.07 -33.57 9.82
CA LEU B 524 6.16 -34.55 9.64
C LEU B 524 6.96 -34.82 10.91
N SER B 525 6.53 -34.33 12.08
CA SER B 525 7.36 -34.50 13.27
C SER B 525 7.53 -35.95 13.68
N VAL B 526 6.54 -36.80 13.40
CA VAL B 526 6.63 -38.20 13.82
C VAL B 526 7.20 -39.10 12.74
N ILE B 527 7.61 -38.56 11.59
CA ILE B 527 8.19 -39.36 10.53
C ILE B 527 9.42 -38.66 9.95
N SER B 528 10.12 -37.89 10.78
CA SER B 528 11.32 -37.23 10.29
C SER B 528 12.31 -37.14 11.44
N HIS B 529 13.56 -36.83 11.09
CA HIS B 529 14.63 -36.63 12.03
C HIS B 529 15.22 -35.24 11.84
N PRO B 530 15.37 -34.45 12.90
CA PRO B 530 16.13 -33.20 12.78
C PRO B 530 17.49 -33.43 12.14
N ALA B 531 17.81 -32.60 11.16
CA ALA B 531 19.11 -32.58 10.48
C ALA B 531 19.56 -31.13 10.34
N PRO B 532 20.86 -30.85 10.53
CA PRO B 532 21.32 -29.45 10.52
C PRO B 532 21.51 -28.90 9.11
N LEU B 533 20.43 -28.94 8.32
CA LEU B 533 20.51 -28.54 6.92
C LEU B 533 20.85 -27.06 6.77
N PHE B 534 20.15 -26.20 7.50
CA PHE B 534 20.40 -24.76 7.36
C PHE B 534 21.81 -24.42 7.81
N ASN B 535 22.27 -25.02 8.91
CA ASN B 535 23.61 -24.72 9.40
C ASN B 535 24.70 -25.40 8.57
N LEU B 536 24.41 -26.55 7.95
CA LEU B 536 25.35 -27.10 6.99
C LEU B 536 25.61 -26.12 5.85
N VAL B 537 24.63 -25.28 5.54
CA VAL B 537 24.82 -24.22 4.56
C VAL B 537 25.47 -23.00 5.19
N TYR B 538 24.89 -22.51 6.29
CA TYR B 538 25.07 -21.12 6.69
C TYR B 538 25.76 -20.92 8.04
N HIS B 539 26.26 -21.97 8.69
CA HIS B 539 26.84 -21.81 10.03
C HIS B 539 27.97 -20.80 10.05
N GLU B 540 28.74 -20.69 8.95
CA GLU B 540 29.84 -19.71 8.90
C GLU B 540 29.34 -18.28 8.81
N ALA B 541 28.07 -18.07 8.47
CA ALA B 541 27.59 -16.74 8.11
C ALA B 541 26.55 -16.18 9.06
N ILE B 542 25.94 -17.00 9.90
CA ILE B 542 24.99 -16.51 10.89
C ILE B 542 24.99 -17.44 12.09
N ALA B 543 25.13 -16.88 13.28
CA ALA B 543 25.00 -17.66 14.49
C ALA B 543 23.52 -17.76 14.84
N ASN B 544 23.10 -18.91 15.36
CA ASN B 544 21.73 -19.03 15.85
C ASN B 544 21.73 -19.58 17.28
N PHE B 545 20.64 -19.30 17.98
CA PHE B 545 20.39 -19.71 19.34
C PHE B 545 18.99 -20.31 19.38
N GLY B 546 18.67 -21.02 20.46
CA GLY B 546 17.34 -21.60 20.58
C GLY B 546 16.24 -20.55 20.60
N LYS B 547 15.03 -21.01 20.32
CA LYS B 547 13.87 -20.13 20.23
C LYS B 547 13.30 -19.84 21.62
N ILE B 548 12.87 -18.60 21.84
CA ILE B 548 12.39 -18.23 23.17
C ILE B 548 11.13 -19.00 23.56
N GLN B 549 10.25 -19.32 22.60
CA GLN B 549 9.05 -20.12 22.93
C GLN B 549 9.40 -21.55 23.31
N ASP B 550 10.56 -22.06 22.88
CA ASP B 550 10.93 -23.46 23.10
C ASP B 550 12.35 -23.53 23.64
N PRO B 551 12.63 -22.82 24.74
CA PRO B 551 14.02 -22.64 25.17
C PRO B 551 14.57 -23.93 25.77
N ASP B 552 15.87 -23.90 26.06
CA ASP B 552 16.55 -25.09 26.57
C ASP B 552 16.15 -25.44 27.98
N ASN B 553 15.49 -24.53 28.71
CA ASN B 553 15.07 -24.78 30.07
C ASN B 553 13.63 -25.30 30.18
N GLU B 554 12.95 -25.48 29.05
CA GLU B 554 11.57 -25.98 29.01
C GLU B 554 11.58 -27.38 28.40
N VAL B 555 10.65 -28.23 28.86
CA VAL B 555 10.52 -29.58 28.35
C VAL B 555 9.40 -29.61 27.33
N THR B 556 9.72 -29.92 26.08
CA THR B 556 8.74 -29.83 25.01
C THR B 556 8.89 -31.03 24.09
N ALA B 557 8.10 -30.99 23.01
CA ALA B 557 8.19 -32.02 21.98
C ALA B 557 9.59 -32.13 21.41
N ASN B 558 10.36 -31.04 21.44
CA ASN B 558 11.70 -31.06 20.88
C ASN B 558 12.77 -31.47 21.90
N GLY B 559 12.37 -31.83 23.12
CA GLY B 559 13.25 -32.44 24.08
C GLY B 559 13.30 -31.69 25.40
N ASP B 560 14.13 -32.23 26.30
CA ASP B 560 14.46 -31.64 27.59
C ASP B 560 15.83 -30.97 27.51
N PHE B 561 16.42 -30.61 28.66
CA PHE B 561 17.71 -29.95 28.58
C PHE B 561 18.79 -30.92 28.11
N ARG B 562 18.69 -32.20 28.48
CA ARG B 562 19.68 -33.17 28.03
C ARG B 562 19.72 -33.25 26.51
N ILE B 563 18.56 -33.44 25.89
CA ILE B 563 18.48 -33.57 24.44
C ILE B 563 18.89 -32.27 23.76
N LYS B 564 18.43 -31.13 24.30
CA LYS B 564 18.64 -29.86 23.60
C LYS B 564 20.10 -29.40 23.69
N ALA B 565 20.76 -29.67 24.82
CA ALA B 565 22.16 -29.29 24.95
C ALA B 565 23.02 -30.08 23.96
N LEU B 566 22.81 -31.40 23.92
CA LEU B 566 23.59 -32.24 23.01
C LEU B 566 23.31 -31.88 21.56
N ARG B 567 22.04 -31.65 21.21
CA ARG B 567 21.74 -31.29 19.83
C ARG B 567 22.36 -29.93 19.48
N SER B 568 22.41 -29.02 20.46
CA SER B 568 23.04 -27.72 20.25
C SER B 568 24.48 -27.87 19.76
N MET B 569 25.25 -28.72 20.44
CA MET B 569 26.64 -28.92 20.05
C MET B 569 26.73 -29.60 18.70
N LEU B 570 25.87 -30.57 18.43
CA LEU B 570 25.87 -31.23 17.12
C LEU B 570 25.53 -30.25 16.01
N PHE B 571 24.56 -29.36 16.24
CA PHE B 571 24.07 -28.53 15.15
C PHE B 571 24.79 -27.21 15.07
N GLY B 572 25.55 -26.84 16.10
CA GLY B 572 26.30 -25.61 16.05
C GLY B 572 25.53 -24.37 16.44
N ARG B 573 24.54 -24.48 17.33
CA ARG B 573 23.81 -23.31 17.81
C ARG B 573 24.12 -23.06 19.27
N GLY B 574 23.73 -21.86 19.73
CA GLY B 574 23.95 -21.48 21.10
C GLY B 574 22.79 -21.83 22.01
N THR B 575 23.08 -21.78 23.31
CA THR B 575 22.08 -22.03 24.33
C THR B 575 21.17 -20.83 24.50
N THR B 576 19.88 -21.11 24.72
CA THR B 576 18.89 -20.09 25.03
C THR B 576 18.22 -20.43 26.35
N ILE B 577 18.28 -19.50 27.28
CA ILE B 577 17.58 -19.61 28.55
C ILE B 577 16.56 -18.47 28.58
N PHE B 578 15.28 -18.83 28.58
CA PHE B 578 14.19 -17.86 28.50
C PHE B 578 13.26 -18.09 29.67
N PHE B 579 13.13 -17.08 30.53
CA PHE B 579 12.47 -17.30 31.81
C PHE B 579 11.78 -16.03 32.29
N ALA B 580 10.68 -16.22 33.00
CA ALA B 580 10.13 -15.18 33.83
C ALA B 580 11.05 -15.00 35.03
N PRO B 581 11.12 -13.79 35.60
CA PRO B 581 12.06 -13.56 36.72
C PRO B 581 11.84 -14.49 37.90
N TYR B 582 10.59 -14.82 38.24
CA TYR B 582 10.32 -15.68 39.39
C TYR B 582 10.92 -17.07 39.25
N GLU B 583 11.23 -17.48 38.02
CA GLU B 583 11.80 -18.80 37.74
C GLU B 583 13.30 -18.87 37.98
N PHE B 584 13.96 -17.73 38.24
CA PHE B 584 15.41 -17.64 38.05
C PHE B 584 16.18 -18.70 38.84
N GLU B 585 15.83 -18.90 40.12
CA GLU B 585 16.55 -19.89 40.91
C GLU B 585 16.46 -21.28 40.29
N GLY B 586 15.36 -21.57 39.59
CA GLY B 586 15.20 -22.84 38.91
C GLY B 586 16.08 -23.01 37.70
N MET B 587 16.55 -21.90 37.13
CA MET B 587 17.43 -21.94 35.96
C MET B 587 18.87 -22.33 36.33
N ARG B 588 19.31 -22.03 37.56
CA ARG B 588 20.72 -22.17 37.91
C ARG B 588 21.35 -23.49 37.52
N PRO B 589 20.75 -24.66 37.77
CA PRO B 589 21.43 -25.91 37.36
C PRO B 589 21.67 -25.99 35.87
N MET B 590 20.71 -25.55 35.06
CA MET B 590 20.85 -25.64 33.61
C MET B 590 21.82 -24.60 33.06
N ILE B 591 21.86 -23.40 33.66
CA ILE B 591 22.89 -22.45 33.29
C ILE B 591 24.28 -23.05 33.53
N GLU B 592 24.46 -23.71 34.67
CA GLU B 592 25.77 -24.26 35.02
C GLU B 592 26.18 -25.39 34.10
N MET B 593 25.22 -26.25 33.72
CA MET B 593 25.55 -27.32 32.79
C MET B 593 25.86 -26.77 31.40
N ALA B 594 25.12 -25.75 30.96
CA ALA B 594 25.43 -25.12 29.68
C ALA B 594 26.78 -24.42 29.72
N ARG B 595 27.04 -23.70 30.82
CA ARG B 595 28.35 -23.10 31.02
C ARG B 595 29.46 -24.13 30.83
N ASP B 596 29.32 -25.30 31.44
CA ASP B 596 30.42 -26.25 31.49
C ASP B 596 30.54 -27.09 30.21
N LEU B 597 29.43 -27.39 29.55
CA LEU B 597 29.44 -28.32 28.42
C LEU B 597 29.30 -27.61 27.09
N VAL B 598 28.22 -26.83 26.89
CA VAL B 598 27.92 -26.28 25.57
C VAL B 598 28.85 -25.12 25.24
N SER B 599 28.97 -24.17 26.16
CA SER B 599 29.72 -22.93 25.88
C SER B 599 31.14 -23.17 25.38
N PRO B 600 31.97 -24.03 25.97
CA PRO B 600 33.32 -24.21 25.39
C PRO B 600 33.25 -24.72 23.97
N VAL B 601 32.33 -25.64 23.67
CA VAL B 601 32.21 -26.19 22.33
C VAL B 601 31.69 -25.13 21.36
N HIS B 602 30.63 -24.44 21.76
CA HIS B 602 30.10 -23.32 20.97
C HIS B 602 31.20 -22.29 20.69
N LYS B 603 32.01 -21.97 21.69
CA LYS B 603 33.08 -20.99 21.51
C LYS B 603 34.04 -21.44 20.41
N GLU B 604 34.46 -22.70 20.44
CA GLU B 604 35.49 -23.16 19.51
C GLU B 604 34.95 -23.28 18.08
N THR B 605 33.68 -23.61 17.92
CA THR B 605 33.14 -23.88 16.59
C THR B 605 32.45 -22.68 15.98
N PHE B 606 32.41 -21.54 16.69
CA PHE B 606 31.51 -20.44 16.34
C PHE B 606 31.70 -19.97 14.90
N TYR B 607 32.94 -19.76 14.48
CA TYR B 607 33.21 -19.18 13.17
C TYR B 607 33.35 -20.21 12.08
N SER B 608 33.37 -21.50 12.41
CA SER B 608 33.82 -22.48 11.45
C SER B 608 32.66 -22.97 10.61
N GLU B 609 32.99 -23.81 9.62
CA GLU B 609 31.99 -24.48 8.81
C GLU B 609 31.63 -25.80 9.45
N LEU B 610 30.34 -26.12 9.44
CA LEU B 610 29.90 -27.46 9.76
C LEU B 610 30.17 -28.30 8.52
N LYS B 611 31.28 -29.04 8.55
CA LYS B 611 31.70 -29.79 7.37
C LYS B 611 30.75 -30.97 7.11
N SER B 612 30.41 -31.70 8.14
CA SER B 612 29.63 -32.92 7.94
C SER B 612 28.79 -33.19 9.17
N HIS B 613 27.67 -33.85 8.94
CA HIS B 613 26.84 -34.42 9.98
C HIS B 613 26.50 -35.83 9.57
N GLU B 614 26.49 -36.75 10.53
CA GLU B 614 26.21 -38.14 10.24
C GLU B 614 25.29 -38.71 11.30
N TYR B 615 24.45 -39.67 10.89
CA TYR B 615 23.74 -40.54 11.81
C TYR B 615 24.50 -41.86 11.89
N LEU B 616 24.93 -42.24 13.09
CA LEU B 616 25.78 -43.40 13.27
C LEU B 616 25.05 -44.64 13.78
N SER B 617 23.83 -44.49 14.29
CA SER B 617 23.05 -45.61 14.78
C SER B 617 21.86 -45.85 13.87
N ALA B 618 21.35 -47.08 13.88
CA ALA B 618 20.21 -47.42 13.04
C ALA B 618 18.96 -46.67 13.45
N ASP B 619 18.83 -46.31 14.74
CA ASP B 619 17.69 -45.53 15.21
C ASP B 619 17.89 -44.02 15.07
N TYR B 620 19.00 -43.59 14.46
CA TYR B 620 19.29 -42.18 14.17
C TYR B 620 19.51 -41.35 15.44
N LYS B 621 19.77 -41.98 16.58
CA LYS B 621 19.95 -41.20 17.81
C LYS B 621 21.40 -40.86 18.09
N VAL B 622 22.34 -41.66 17.59
CA VAL B 622 23.77 -41.35 17.74
C VAL B 622 24.23 -40.61 16.48
N GLN B 623 24.82 -39.44 16.68
CA GLN B 623 25.16 -38.55 15.58
C GLN B 623 26.57 -38.03 15.78
N ARG B 624 27.20 -37.64 14.67
CA ARG B 624 28.56 -37.12 14.69
C ARG B 624 28.63 -35.91 13.76
N SER B 625 29.17 -34.81 14.28
CA SER B 625 29.33 -33.57 13.54
C SER B 625 30.80 -33.16 13.53
N ARG B 626 31.24 -32.62 12.40
CA ARG B 626 32.65 -32.25 12.21
C ARG B 626 32.70 -30.81 11.76
N PHE B 627 33.41 -29.99 12.51
CA PHE B 627 33.57 -28.57 12.24
C PHE B 627 34.97 -28.31 11.70
N SER B 628 35.08 -27.32 10.82
CA SER B 628 36.38 -26.97 10.26
C SER B 628 37.29 -26.28 11.27
N SER B 629 36.80 -25.97 12.47
CA SER B 629 37.67 -25.58 13.57
C SER B 629 38.60 -26.72 13.98
N GLY B 630 38.30 -27.94 13.56
CA GLY B 630 38.98 -29.12 14.05
C GLY B 630 38.27 -29.85 15.15
N THR B 631 36.98 -29.58 15.36
CA THR B 631 36.22 -30.10 16.48
C THR B 631 35.26 -31.17 15.98
N GLU B 632 35.23 -32.30 16.67
CA GLU B 632 34.29 -33.38 16.35
C GLU B 632 33.35 -33.59 17.53
N VAL B 633 32.06 -33.51 17.29
CA VAL B 633 31.05 -33.76 18.31
C VAL B 633 30.31 -35.05 17.96
N ILE B 634 30.40 -36.04 18.86
CA ILE B 634 29.56 -37.22 18.82
C ILE B 634 28.61 -37.15 20.00
N ALA B 635 27.32 -37.45 19.78
CA ALA B 635 26.35 -37.41 20.86
C ALA B 635 25.24 -38.43 20.63
N ASN B 636 24.66 -38.88 21.73
CA ASN B 636 23.63 -39.92 21.74
C ASN B 636 22.36 -39.31 22.34
N LEU B 637 21.38 -39.00 21.51
CA LEU B 637 20.15 -38.35 21.95
C LEU B 637 19.10 -39.34 22.46
N GLY B 638 19.47 -40.60 22.68
CA GLY B 638 18.56 -41.58 23.20
C GLY B 638 18.99 -42.08 24.58
N PRO B 639 18.15 -42.91 25.21
CA PRO B 639 18.43 -43.33 26.60
C PRO B 639 19.43 -44.47 26.75
N VAL B 640 19.71 -45.27 25.72
CA VAL B 640 20.49 -46.48 25.90
C VAL B 640 21.85 -46.31 25.23
N ALA B 641 22.89 -46.82 25.88
CA ALA B 641 24.23 -46.73 25.32
C ALA B 641 24.29 -47.46 23.98
N GLN B 642 25.01 -46.90 23.02
CA GLN B 642 25.16 -47.52 21.71
C GLN B 642 26.61 -47.45 21.25
N LYS B 643 27.01 -48.46 20.49
CA LYS B 643 28.37 -48.58 20.00
C LYS B 643 28.44 -48.08 18.56
N ILE B 644 29.54 -47.40 18.25
CA ILE B 644 29.83 -46.98 16.89
C ILE B 644 31.05 -47.76 16.40
N GLU B 645 31.52 -47.42 15.20
CA GLU B 645 32.72 -47.99 14.60
C GLU B 645 33.87 -48.09 15.60
N GLY B 646 34.58 -49.22 15.56
CA GLY B 646 35.68 -49.44 16.47
C GLY B 646 35.28 -49.81 17.88
N GLY B 647 34.01 -50.16 18.10
CA GLY B 647 33.56 -50.55 19.42
C GLY B 647 33.42 -49.41 20.40
N ILE B 648 33.63 -48.17 19.97
CA ILE B 648 33.44 -47.04 20.86
C ILE B 648 31.99 -46.99 21.30
N SER B 649 31.76 -46.89 22.61
CA SER B 649 30.42 -46.83 23.18
C SER B 649 30.11 -45.41 23.63
N ILE B 650 28.98 -44.87 23.19
CA ILE B 650 28.49 -43.57 23.63
C ILE B 650 27.35 -43.80 24.63
N PRO B 651 27.43 -43.29 25.85
CA PRO B 651 26.33 -43.52 26.81
C PRO B 651 25.05 -42.83 26.37
N GLY B 652 23.93 -43.29 26.93
CA GLY B 652 22.66 -42.63 26.74
C GLY B 652 22.72 -41.18 27.19
N TYR B 653 22.21 -40.27 26.37
CA TYR B 653 22.33 -38.83 26.62
C TYR B 653 23.77 -38.47 26.97
N GLY B 654 24.71 -39.10 26.27
CA GLY B 654 26.12 -38.87 26.46
C GLY B 654 26.77 -38.27 25.24
N TYR B 655 28.07 -38.00 25.38
CA TYR B 655 28.78 -37.31 24.31
C TYR B 655 30.23 -37.75 24.31
N ARG B 656 30.86 -37.56 23.15
CA ARG B 656 32.30 -37.77 22.97
C ARG B 656 32.76 -36.70 22.01
N ILE B 657 33.58 -35.77 22.51
CA ILE B 657 33.95 -34.58 21.76
C ILE B 657 35.47 -34.52 21.66
N GLN B 658 35.95 -34.28 20.44
CA GLN B 658 37.37 -34.05 20.18
C GLN B 658 37.56 -32.55 19.91
N MET B 659 38.36 -31.91 20.77
CA MET B 659 38.61 -30.49 20.68
C MET B 659 39.76 -30.23 19.71
N LYS B 660 39.92 -28.95 19.33
CA LYS B 660 40.91 -28.58 18.34
C LYS B 660 42.32 -28.96 18.78
N ASP B 661 42.61 -28.85 20.07
CA ASP B 661 43.93 -29.17 20.58
C ASP B 661 44.14 -30.66 20.83
N GLY B 662 43.27 -31.52 20.29
CA GLY B 662 43.41 -32.95 20.44
C GLY B 662 42.75 -33.56 21.66
N SER B 663 42.45 -32.77 22.69
CA SER B 663 41.92 -33.34 23.92
C SER B 663 40.53 -33.95 23.69
N LEU B 664 40.15 -34.86 24.60
CA LEU B 664 38.93 -35.63 24.46
C LEU B 664 38.04 -35.41 25.67
N LYS B 665 36.80 -35.00 25.44
CA LYS B 665 35.80 -34.84 26.47
C LYS B 665 34.74 -35.94 26.34
N THR B 666 34.43 -36.60 27.43
CA THR B 666 33.38 -37.61 27.45
C THR B 666 32.52 -37.40 28.68
N GLY B 667 31.30 -37.91 28.62
CA GLY B 667 30.38 -37.76 29.73
C GLY B 667 28.95 -38.00 29.29
N HIS B 668 28.03 -37.67 30.19
CA HIS B 668 26.60 -37.92 29.98
C HIS B 668 25.81 -37.22 31.07
N PHE B 669 24.53 -36.97 30.76
CA PHE B 669 23.54 -36.48 31.71
C PHE B 669 22.86 -37.64 32.41
N GLN B 670 22.51 -37.42 33.67
CA GLN B 670 21.84 -38.45 34.45
C GLN B 670 20.70 -37.82 35.24
N VAL B 671 19.53 -38.45 35.17
CA VAL B 671 18.39 -38.07 35.97
C VAL B 671 18.29 -39.04 37.15
N SER B 672 18.24 -38.49 38.35
CA SER B 672 18.14 -39.31 39.55
C SER B 672 17.05 -38.74 40.45
N LEU B 673 16.66 -39.55 41.44
CA LEU B 673 15.57 -39.22 42.34
C LEU B 673 16.16 -39.03 43.74
N HIS B 674 16.09 -37.81 44.24
CA HIS B 674 16.40 -37.58 45.65
C HIS B 674 15.16 -37.83 46.49
N MET B 675 15.32 -38.64 47.55
CA MET B 675 14.26 -38.87 48.52
C MET B 675 14.83 -38.70 49.91
N ASP B 676 14.28 -37.75 50.67
CA ASP B 676 14.78 -37.42 52.00
C ASP B 676 14.59 -38.56 52.98
N PRO C 18 43.82 14.74 -25.93
CA PRO C 18 42.54 14.50 -26.62
C PRO C 18 42.37 13.03 -27.05
N ILE C 19 41.25 12.41 -26.63
CA ILE C 19 40.91 11.04 -26.98
C ILE C 19 39.79 11.08 -28.01
N VAL C 20 39.88 10.21 -29.02
CA VAL C 20 38.95 10.21 -30.14
C VAL C 20 38.28 8.85 -30.25
N LEU C 21 36.95 8.86 -30.35
CA LEU C 21 36.18 7.72 -30.82
C LEU C 21 35.63 8.07 -32.21
N GLU C 22 35.80 7.17 -33.17
CA GLU C 22 35.43 7.44 -34.54
C GLU C 22 34.84 6.18 -35.16
N ASN C 23 33.80 6.36 -35.95
CA ASN C 23 33.35 5.34 -36.90
C ASN C 23 33.18 6.06 -38.24
N GLY C 24 32.38 5.47 -39.13
CA GLY C 24 32.15 6.09 -40.43
C GLY C 24 31.27 7.32 -40.35
N LYS C 25 30.41 7.40 -39.33
CA LYS C 25 29.41 8.45 -39.23
C LYS C 25 29.79 9.56 -38.26
N LEU C 26 30.49 9.24 -37.18
CA LEU C 26 30.64 10.15 -36.06
C LEU C 26 32.10 10.22 -35.59
N ASN C 27 32.46 11.39 -35.09
CA ASN C 27 33.76 11.63 -34.49
C ASN C 27 33.52 12.23 -33.11
N ILE C 28 33.94 11.54 -32.07
CA ILE C 28 33.79 11.99 -30.69
C ILE C 28 35.16 12.44 -30.21
N ASN C 29 35.27 13.73 -29.85
CA ASN C 29 36.53 14.33 -29.43
C ASN C 29 36.41 14.73 -27.96
N ILE C 30 37.16 14.05 -27.10
CA ILE C 30 37.04 14.21 -25.65
C ILE C 30 38.29 14.89 -25.12
N ASP C 31 38.08 15.99 -24.39
CA ASP C 31 39.17 16.69 -23.70
C ASP C 31 39.57 15.90 -22.45
N SER C 32 40.86 15.60 -22.33
CA SER C 32 41.31 14.84 -21.17
C SER C 32 41.28 15.67 -19.89
N LYS C 33 41.51 16.99 -19.98
CA LYS C 33 41.59 17.81 -18.78
C LYS C 33 40.22 18.10 -18.18
N THR C 34 39.17 18.22 -19.00
CA THR C 34 37.86 18.56 -18.48
C THR C 34 36.83 17.44 -18.58
N GLY C 35 37.03 16.49 -19.50
CA GLY C 35 36.02 15.51 -19.78
C GLY C 35 34.91 15.98 -20.70
N CYS C 36 34.93 17.24 -21.12
CA CYS C 36 34.00 17.69 -22.15
C CYS C 36 34.27 16.93 -23.45
N PHE C 37 33.23 16.81 -24.29
CA PHE C 37 33.39 16.20 -25.59
C PHE C 37 32.59 16.98 -26.63
N SER C 38 33.10 16.95 -27.86
CA SER C 38 32.39 17.43 -29.03
C SER C 38 32.09 16.25 -29.94
N VAL C 39 31.05 16.38 -30.74
CA VAL C 39 30.61 15.32 -31.63
C VAL C 39 30.59 15.89 -33.04
N THR C 40 31.51 15.42 -33.88
CA THR C 40 31.56 15.79 -35.29
C THR C 40 30.70 14.80 -36.06
N GLU C 41 29.57 15.28 -36.58
CA GLU C 41 28.65 14.46 -37.37
C GLU C 41 29.10 14.56 -38.83
N LYS C 42 29.69 13.47 -39.35
CA LYS C 42 30.56 13.56 -40.52
C LYS C 42 29.81 13.61 -41.85
N THR C 43 28.53 13.21 -41.91
CA THR C 43 27.80 13.35 -43.17
C THR C 43 27.58 14.82 -43.50
N SER C 44 26.91 15.56 -42.62
CA SER C 44 26.71 16.98 -42.87
C SER C 44 27.95 17.80 -42.53
N GLY C 45 28.86 17.26 -41.73
CA GLY C 45 30.02 18.01 -41.27
C GLY C 45 29.74 18.92 -40.09
N HIS C 46 28.55 18.83 -39.49
CA HIS C 46 28.26 19.69 -38.36
C HIS C 46 28.98 19.20 -37.10
N VAL C 47 29.31 20.13 -36.22
CA VAL C 47 30.07 19.84 -35.00
C VAL C 47 29.23 20.28 -33.81
N TRP C 48 28.74 19.32 -33.03
CA TRP C 48 28.05 19.62 -31.79
C TRP C 48 29.09 19.92 -30.71
N LYS C 49 29.04 21.12 -30.16
CA LYS C 49 30.04 21.55 -29.19
C LYS C 49 29.60 21.23 -27.77
N SER C 50 30.57 21.24 -26.87
CA SER C 50 30.28 21.08 -25.46
C SER C 50 29.98 22.45 -24.86
N ASP C 51 29.50 22.45 -23.61
CA ASP C 51 29.09 23.64 -22.85
C ASP C 51 29.86 24.88 -23.27
N PRO C 52 29.21 25.81 -24.00
CA PRO C 52 29.90 27.02 -24.44
C PRO C 52 30.02 28.09 -23.35
N TRP C 53 29.45 27.85 -22.17
CA TRP C 53 29.52 28.82 -21.08
C TRP C 53 30.75 28.59 -20.19
N GLU C 54 30.85 27.42 -19.55
CA GLU C 54 31.82 27.21 -18.47
C GLU C 54 32.75 26.02 -18.70
N ASN C 55 32.68 25.37 -19.86
CA ASN C 55 33.43 24.13 -20.11
C ASN C 55 33.10 23.06 -19.08
N ALA C 56 31.86 23.06 -18.60
CA ALA C 56 31.41 22.10 -17.61
C ALA C 56 30.97 20.81 -18.30
N ALA C 57 31.63 19.71 -17.97
CA ALA C 57 31.18 18.42 -18.48
C ALA C 57 29.88 18.00 -17.81
N GLY C 58 29.69 18.36 -16.54
CA GLY C 58 28.46 18.09 -15.84
C GLY C 58 28.25 19.13 -14.75
N LEU C 59 27.03 19.18 -14.24
CA LEU C 59 26.69 20.10 -13.15
C LEU C 59 26.06 19.29 -12.03
N LEU C 60 26.75 19.24 -10.89
CA LEU C 60 26.36 18.41 -9.76
C LEU C 60 25.88 19.31 -8.63
N THR C 61 24.66 19.05 -8.14
CA THR C 61 24.12 19.76 -6.99
C THR C 61 24.26 18.88 -5.76
N LEU C 62 24.94 19.40 -4.74
CA LEU C 62 25.22 18.65 -3.52
C LEU C 62 25.32 19.63 -2.36
N THR C 63 25.25 19.09 -1.13
CA THR C 63 25.45 19.88 0.08
C THR C 63 26.94 20.05 0.34
N ASP C 64 27.30 21.17 0.98
CA ASP C 64 28.69 21.44 1.30
C ASP C 64 28.99 21.04 2.75
N SER C 65 30.13 21.51 3.27
CA SER C 65 30.51 21.18 4.64
C SER C 65 29.43 21.59 5.63
N LYS C 66 28.84 22.77 5.43
CA LYS C 66 27.86 23.34 6.34
C LYS C 66 26.43 22.92 6.03
N GLY C 67 26.24 21.96 5.12
CA GLY C 67 24.91 21.55 4.72
C GLY C 67 24.17 22.52 3.84
N LYS C 68 24.88 23.45 3.19
CA LYS C 68 24.29 24.38 2.23
C LYS C 68 24.32 23.79 0.83
N LYS C 69 23.20 23.90 0.11
CA LYS C 69 23.10 23.32 -1.22
C LYS C 69 23.88 24.15 -2.24
N GLN C 70 24.72 23.47 -3.01
CA GLN C 70 25.52 24.13 -4.04
C GLN C 70 25.53 23.28 -5.31
N THR C 71 25.82 23.94 -6.42
CA THR C 71 25.97 23.30 -7.72
C THR C 71 27.38 23.54 -8.22
N VAL C 72 28.06 22.48 -8.64
CA VAL C 72 29.46 22.58 -9.03
C VAL C 72 29.66 22.05 -10.44
N ASN C 73 30.54 22.71 -11.17
CA ASN C 73 31.13 22.22 -12.40
C ASN C 73 32.06 21.07 -12.05
N ILE C 74 31.67 19.83 -12.35
CA ILE C 74 32.54 18.71 -12.03
C ILE C 74 33.82 18.71 -12.83
N SER C 75 33.93 19.52 -13.89
CA SER C 75 35.20 19.62 -14.59
C SER C 75 36.25 20.37 -13.79
N LYS C 76 35.88 21.04 -12.70
CA LYS C 76 36.84 21.70 -11.82
C LYS C 76 37.18 20.84 -10.61
N SER C 77 36.87 19.54 -10.69
CA SER C 77 37.22 18.62 -9.62
C SER C 77 38.73 18.57 -9.45
N LYS C 78 39.15 17.99 -8.32
CA LYS C 78 40.57 17.95 -8.04
C LYS C 78 41.30 16.91 -8.88
N LYS C 79 40.62 15.83 -9.26
CA LYS C 79 41.21 14.85 -10.17
C LYS C 79 40.15 14.40 -11.16
N ILE C 80 40.51 14.43 -12.44
CA ILE C 80 39.67 13.97 -13.54
C ILE C 80 40.46 12.95 -14.34
N GLU C 81 39.88 11.76 -14.53
CA GLU C 81 40.55 10.68 -15.24
C GLU C 81 39.72 10.28 -16.45
N VAL C 82 40.34 10.32 -17.62
CA VAL C 82 39.71 10.04 -18.90
C VAL C 82 40.56 9.00 -19.61
N SER C 83 39.95 7.91 -20.04
CA SER C 83 40.74 6.85 -20.62
C SER C 83 39.91 6.07 -21.63
N LYS C 84 40.49 5.84 -22.81
CA LYS C 84 39.93 4.89 -23.74
C LYS C 84 40.09 3.49 -23.15
N THR C 85 38.98 2.83 -22.84
CA THR C 85 39.04 1.52 -22.21
C THR C 85 38.67 0.39 -23.17
N ALA C 86 38.18 0.71 -24.36
CA ALA C 86 37.96 -0.24 -25.44
C ALA C 86 37.99 0.54 -26.74
N LYS C 87 37.79 -0.16 -27.86
CA LYS C 87 37.88 0.50 -29.16
C LYS C 87 36.87 1.63 -29.28
N ASN C 88 35.70 1.48 -28.67
CA ASN C 88 34.63 2.46 -28.84
C ASN C 88 34.05 2.90 -27.50
N THR C 89 34.89 2.98 -26.47
CA THR C 89 34.42 3.34 -25.14
C THR C 89 35.45 4.19 -24.43
N VAL C 90 35.00 5.28 -23.82
CA VAL C 90 35.80 6.09 -22.93
C VAL C 90 35.14 6.09 -21.56
N SER C 91 35.94 5.87 -20.51
CA SER C 91 35.49 5.99 -19.14
C SER C 91 36.03 7.26 -18.54
N LEU C 92 35.22 7.91 -17.72
CA LEU C 92 35.60 9.17 -17.10
C LEU C 92 35.28 9.11 -15.61
N LYS C 93 36.22 9.60 -14.80
CA LYS C 93 36.02 9.73 -13.36
C LYS C 93 36.29 11.17 -12.95
N PHE C 94 35.33 11.75 -12.23
CA PHE C 94 35.48 13.09 -11.66
C PHE C 94 35.52 12.91 -10.14
N ILE C 95 36.70 13.11 -9.55
CA ILE C 95 36.93 12.86 -8.12
C ILE C 95 37.20 14.19 -7.42
N ASP C 96 36.53 14.39 -6.27
CA ASP C 96 36.74 15.51 -5.36
C ASP C 96 36.38 16.84 -6.00
N PRO C 97 35.08 17.12 -6.20
CA PRO C 97 34.69 18.43 -6.74
C PRO C 97 35.09 19.54 -5.79
N VAL C 98 35.25 20.74 -6.35
CA VAL C 98 35.62 21.92 -5.58
C VAL C 98 34.43 22.87 -5.57
N PHE C 99 34.11 23.40 -4.39
CA PHE C 99 33.04 24.36 -4.27
C PHE C 99 33.54 25.74 -4.72
N GLU C 100 32.64 26.73 -4.68
CA GLU C 100 33.08 28.07 -5.08
C GLU C 100 33.92 28.75 -4.03
N ASP C 101 33.66 28.50 -2.73
CA ASP C 101 34.50 29.10 -1.70
C ASP C 101 35.95 28.62 -1.83
N GLY C 102 36.15 27.38 -2.29
CA GLY C 102 37.47 26.82 -2.46
C GLY C 102 37.64 25.47 -1.80
N SER C 103 36.72 25.12 -0.91
CA SER C 103 36.78 23.85 -0.21
C SER C 103 36.46 22.69 -1.16
N VAL C 104 37.00 21.51 -0.82
CA VAL C 104 36.88 20.31 -1.64
C VAL C 104 35.88 19.37 -0.99
N ALA C 105 35.08 18.69 -1.81
CA ALA C 105 34.16 17.65 -1.34
C ALA C 105 34.84 16.29 -1.41
N LYS C 106 35.87 16.13 -0.58
CA LYS C 106 36.64 14.89 -0.52
C LYS C 106 35.73 13.69 -0.33
N GLY C 107 35.94 12.66 -1.13
CA GLY C 107 35.13 11.46 -1.10
C GLY C 107 34.01 11.43 -2.11
N VAL C 108 33.71 12.55 -2.75
CA VAL C 108 32.69 12.61 -3.79
C VAL C 108 33.33 12.31 -5.13
N SER C 109 32.74 11.38 -5.88
CA SER C 109 33.24 11.04 -7.20
C SER C 109 32.08 10.68 -8.12
N ILE C 110 32.26 10.97 -9.40
CA ILE C 110 31.31 10.63 -10.46
C ILE C 110 32.06 9.86 -11.54
N ALA C 111 31.49 8.73 -11.96
CA ALA C 111 32.06 7.92 -13.03
C ALA C 111 31.08 7.84 -14.18
N THR C 112 31.56 8.07 -15.41
CA THR C 112 30.70 8.03 -16.57
C THR C 112 31.37 7.25 -17.70
N GLU C 113 30.60 6.97 -18.73
CA GLU C 113 31.05 6.28 -19.93
C GLU C 113 30.42 6.93 -21.16
N LEU C 114 31.20 7.04 -22.22
CA LEU C 114 30.70 7.34 -23.55
C LEU C 114 30.97 6.11 -24.42
N ARG C 115 29.95 5.69 -25.16
CA ARG C 115 30.04 4.46 -25.95
C ARG C 115 29.48 4.72 -27.34
N LEU C 116 30.36 4.66 -28.34
CA LEU C 116 29.96 4.81 -29.72
C LEU C 116 29.57 3.44 -30.28
N ASP C 117 28.40 3.36 -30.90
CA ASP C 117 28.05 2.18 -31.65
C ASP C 117 29.06 1.99 -32.78
N PRO C 118 29.49 0.75 -33.05
CA PRO C 118 30.56 0.55 -34.04
C PRO C 118 30.17 1.01 -35.45
N ASN C 119 28.90 0.90 -35.83
CA ASN C 119 28.49 1.22 -37.19
C ASN C 119 27.56 2.41 -37.29
N ASN C 120 26.57 2.50 -36.41
CA ASN C 120 25.53 3.52 -36.49
C ASN C 120 25.95 4.83 -35.82
N ALA C 121 25.29 5.91 -36.23
CA ALA C 121 25.50 7.23 -35.63
C ALA C 121 24.69 7.33 -34.33
N GLN C 122 25.21 6.63 -33.32
CA GLN C 122 24.58 6.55 -32.01
C GLN C 122 25.65 6.52 -30.93
N LEU C 123 25.45 7.31 -29.88
CA LEU C 123 26.39 7.45 -28.79
C LEU C 123 25.66 7.30 -27.46
N ASP C 124 25.99 6.25 -26.71
CA ASP C 124 25.46 6.04 -25.38
C ASP C 124 26.27 6.83 -24.36
N VAL C 125 25.58 7.55 -23.48
CA VAL C 125 26.19 8.30 -22.40
C VAL C 125 25.55 7.82 -21.10
N GLU C 126 26.38 7.45 -20.12
CA GLU C 126 25.88 6.80 -18.92
C GLU C 126 26.64 7.26 -17.69
N VAL C 127 25.88 7.59 -16.64
CA VAL C 127 26.45 7.76 -15.30
C VAL C 127 26.53 6.38 -14.67
N THR C 128 27.75 5.87 -14.51
CA THR C 128 27.95 4.50 -14.08
C THR C 128 28.14 4.35 -12.58
N GLU C 129 28.57 5.41 -11.90
CA GLU C 129 28.82 5.30 -10.47
C GLU C 129 28.90 6.70 -9.88
N HIS C 130 28.25 6.90 -8.74
CA HIS C 130 28.41 8.10 -7.94
C HIS C 130 28.67 7.70 -6.49
N ARG C 131 29.64 8.36 -5.87
CA ARG C 131 30.03 8.10 -4.49
C ARG C 131 29.87 9.40 -3.70
N SER C 132 29.10 9.35 -2.62
CA SER C 132 28.74 10.53 -1.85
C SER C 132 29.72 10.88 -0.72
N GLY C 133 30.38 9.87 -0.15
CA GLY C 133 31.18 10.14 1.04
C GLY C 133 30.31 10.64 2.18
N ASN C 134 30.71 11.77 2.76
CA ASN C 134 29.98 12.42 3.84
C ASN C 134 28.88 13.35 3.34
N PHE C 135 28.68 13.46 2.03
CA PHE C 135 27.84 14.49 1.46
C PHE C 135 26.54 13.89 0.94
N THR C 136 25.60 14.76 0.63
CA THR C 136 24.35 14.38 -0.02
C THR C 136 24.38 14.90 -1.46
N LEU C 137 24.22 13.98 -2.42
CA LEU C 137 24.14 14.34 -3.82
C LEU C 137 22.67 14.37 -4.24
N TYR C 138 22.28 15.42 -4.96
CA TYR C 138 20.91 15.54 -5.44
C TYR C 138 20.92 15.41 -6.96
N ASP C 139 21.10 16.49 -7.72
CA ASP C 139 20.96 16.47 -9.16
C ASP C 139 22.31 16.45 -9.86
N LEU C 140 22.40 15.69 -10.93
CA LEU C 140 23.52 15.73 -11.86
C LEU C 140 22.99 15.99 -13.25
N ARG C 141 23.36 17.13 -13.82
CA ARG C 141 23.13 17.38 -15.25
C ARG C 141 24.34 16.81 -15.98
N TYR C 142 24.12 15.78 -16.78
CA TYR C 142 25.20 15.15 -17.54
C TYR C 142 24.63 14.45 -18.77
N PRO C 143 25.08 14.81 -19.99
CA PRO C 143 26.08 15.85 -20.28
C PRO C 143 25.48 17.24 -20.13
N ALA C 144 26.27 18.19 -19.63
CA ALA C 144 25.75 19.51 -19.28
C ALA C 144 25.86 20.47 -20.45
N ARG C 145 24.73 21.07 -20.80
CA ARG C 145 24.66 22.11 -21.85
C ARG C 145 25.33 21.65 -23.13
N ALA C 146 25.08 20.40 -23.49
CA ALA C 146 25.60 19.81 -24.71
C ALA C 146 24.58 19.95 -25.85
N PHE C 147 25.06 19.77 -27.07
CA PHE C 147 24.23 19.77 -28.27
C PHE C 147 23.45 21.07 -28.37
N SER C 148 24.11 22.17 -28.05
CA SER C 148 23.39 23.42 -27.99
C SER C 148 23.27 24.02 -29.38
N LEU C 149 22.34 24.95 -29.51
CA LEU C 149 22.18 25.78 -30.69
C LEU C 149 22.52 27.22 -30.32
N LYS C 150 23.24 27.91 -31.20
CA LYS C 150 23.62 29.30 -30.99
C LYS C 150 22.50 30.21 -31.49
N THR C 151 21.87 30.93 -30.57
CA THR C 151 20.71 31.75 -30.92
C THR C 151 21.04 32.71 -32.05
N ASP C 152 20.15 32.76 -33.05
CA ASP C 152 20.24 33.63 -34.23
C ASP C 152 21.46 33.32 -35.08
N GLU C 153 22.05 32.14 -34.91
CA GLU C 153 23.19 31.73 -35.70
C GLU C 153 22.85 30.39 -36.32
N ASP C 154 22.59 29.41 -35.48
CA ASP C 154 21.89 28.21 -35.91
C ASP C 154 20.43 28.55 -36.17
N LYS C 155 19.93 28.17 -37.33
CA LYS C 155 18.52 28.33 -37.67
C LYS C 155 17.88 26.96 -37.48
N GLY C 156 17.17 26.78 -36.37
CA GLY C 156 16.66 25.48 -36.01
C GLY C 156 15.80 25.57 -34.77
N ALA C 157 15.73 24.46 -34.04
CA ALA C 157 14.83 24.43 -32.88
C ALA C 157 15.18 23.27 -31.95
N ALA C 158 14.87 23.48 -30.68
CA ALA C 158 14.73 22.36 -29.75
C ALA C 158 13.42 21.66 -29.99
N VAL C 159 13.42 20.34 -29.76
CA VAL C 159 12.24 19.51 -29.93
C VAL C 159 11.91 18.88 -28.59
N ILE C 160 10.72 19.18 -28.07
CA ILE C 160 10.30 18.77 -26.73
C ILE C 160 8.90 18.16 -26.78
N PRO C 161 8.75 16.86 -26.50
CA PRO C 161 7.42 16.26 -26.47
C PRO C 161 6.64 16.61 -25.20
N GLN C 162 6.41 17.89 -24.99
CA GLN C 162 5.57 18.37 -23.91
C GLN C 162 4.12 18.13 -24.30
N LYS C 163 3.52 17.08 -23.73
CA LYS C 163 2.20 16.56 -24.08
C LYS C 163 2.20 16.19 -25.56
N GLN C 164 1.35 16.78 -26.41
CA GLN C 164 1.39 16.46 -27.83
C GLN C 164 2.73 16.86 -28.44
N GLY C 165 3.32 17.96 -27.97
CA GLY C 165 4.67 18.32 -28.36
C GLY C 165 4.81 19.73 -28.87
N VAL C 166 6.02 20.26 -28.81
CA VAL C 166 6.31 21.61 -29.30
C VAL C 166 7.70 21.60 -29.92
N ILE C 167 7.99 22.64 -30.70
CA ILE C 167 9.36 23.01 -31.04
C ILE C 167 9.60 24.45 -30.58
N CYS C 168 10.87 24.76 -30.34
CA CYS C 168 11.29 26.07 -29.86
C CYS C 168 12.38 26.59 -30.78
N PRO C 169 12.06 27.45 -31.76
CA PRO C 169 13.08 27.96 -32.67
C PRO C 169 14.27 28.59 -31.96
N SER C 170 15.43 28.50 -32.59
CA SER C 170 16.70 29.02 -32.09
C SER C 170 17.07 30.37 -32.71
N TYR C 171 16.07 31.15 -33.10
CA TYR C 171 16.32 32.44 -33.74
C TYR C 171 15.03 33.25 -33.63
N ILE C 172 15.15 34.56 -33.85
CA ILE C 172 13.96 35.42 -33.85
C ILE C 172 13.46 35.51 -35.29
N PHE C 173 12.14 35.50 -35.46
CA PHE C 173 11.47 35.41 -36.74
C PHE C 173 10.23 36.30 -36.70
N PRO C 174 9.65 36.64 -37.86
CA PRO C 174 8.47 37.53 -37.86
C PRO C 174 7.25 36.82 -37.30
N MET C 175 6.44 37.58 -36.57
CA MET C 175 5.19 37.07 -36.02
C MET C 175 4.34 38.27 -35.60
N ASN C 176 3.14 38.00 -35.10
CA ASN C 176 2.27 39.08 -34.69
C ASN C 176 2.97 39.96 -33.65
N GLY C 177 2.72 41.27 -33.72
CA GLY C 177 3.38 42.20 -32.80
C GLY C 177 3.28 41.77 -31.34
N GLY C 178 2.06 41.45 -30.88
CA GLY C 178 1.88 41.07 -29.50
C GLY C 178 2.61 39.79 -29.13
N ARG C 179 2.52 38.78 -29.98
CA ARG C 179 3.26 37.54 -29.73
C ARG C 179 4.77 37.78 -29.78
N PHE C 180 5.21 38.62 -30.71
CA PHE C 180 6.64 38.91 -30.84
C PHE C 180 7.21 39.45 -29.54
N CYS C 181 6.53 40.43 -28.95
CA CYS C 181 6.97 41.01 -27.69
C CYS C 181 7.07 39.97 -26.58
N LYS C 182 6.01 39.17 -26.40
CA LYS C 182 6.05 38.13 -25.37
C LYS C 182 7.13 37.10 -25.67
N TRP C 183 7.31 36.74 -26.94
CA TRP C 183 8.30 35.72 -27.31
C TRP C 183 9.71 36.17 -26.95
N ASP C 184 10.12 37.34 -27.45
CA ASP C 184 11.47 37.82 -27.21
C ASP C 184 11.69 38.10 -25.74
N ASP C 185 10.72 38.76 -25.08
CA ASP C 185 10.85 39.06 -23.66
C ASP C 185 11.11 37.80 -22.84
N ALA C 186 10.47 36.69 -23.20
CA ALA C 186 10.63 35.45 -22.44
C ALA C 186 12.03 34.87 -22.59
N THR C 187 12.69 35.08 -23.75
CA THR C 187 14.05 34.57 -23.89
C THR C 187 15.03 35.32 -23.02
N TYR C 188 14.63 36.42 -22.39
CA TYR C 188 15.49 37.20 -21.52
C TYR C 188 15.09 37.13 -20.05
N ASN C 189 14.16 36.25 -19.68
CA ASN C 189 13.82 36.15 -18.27
C ASN C 189 13.63 34.68 -17.92
N ASN C 190 13.09 34.44 -16.73
CA ASN C 190 13.03 33.10 -16.20
C ASN C 190 12.04 32.19 -16.92
N LYS C 191 11.23 32.75 -17.83
CA LYS C 191 10.29 31.90 -18.57
C LYS C 191 11.00 30.90 -19.47
N SER C 192 12.20 31.22 -19.95
CA SER C 192 12.89 30.38 -20.91
C SER C 192 13.87 29.40 -20.26
N GLN C 193 13.77 29.16 -18.95
CA GLN C 193 14.58 28.13 -18.30
C GLN C 193 13.76 27.45 -17.22
N GLY C 194 14.03 26.17 -17.02
CA GLY C 194 13.28 25.37 -16.07
C GLY C 194 13.50 23.90 -16.36
N SER C 195 12.62 23.07 -15.80
CA SER C 195 12.69 21.65 -16.04
C SER C 195 11.29 21.06 -16.11
N LEU C 196 11.19 19.98 -16.88
CA LEU C 196 9.99 19.19 -17.03
C LEU C 196 10.27 17.77 -16.54
N GLU C 197 9.19 17.06 -16.22
CA GLU C 197 9.27 15.66 -15.81
C GLU C 197 8.61 14.77 -16.84
N LEU C 198 8.82 13.47 -16.71
CA LEU C 198 8.28 12.51 -17.65
C LEU C 198 6.94 11.96 -17.17
N PHE C 199 6.00 11.79 -18.11
CA PHE C 199 4.83 10.92 -17.92
C PHE C 199 3.83 11.46 -16.89
N ASN C 200 3.64 12.77 -16.84
CA ASN C 200 2.52 13.33 -16.08
C ASN C 200 1.50 13.89 -17.06
N ASN C 201 0.36 14.30 -16.52
CA ASN C 201 -0.71 14.91 -17.30
C ASN C 201 -0.73 16.43 -17.15
N GLY C 202 0.34 17.01 -16.63
CA GLY C 202 0.43 18.44 -16.49
C GLY C 202 1.34 19.07 -17.52
N THR C 203 2.46 19.61 -17.07
CA THR C 203 3.40 20.32 -17.93
C THR C 203 4.48 19.42 -18.51
N GLY C 204 4.42 18.11 -18.26
CA GLY C 204 5.54 17.24 -18.50
C GLY C 204 5.58 16.58 -19.87
N LEU C 205 6.62 15.77 -20.06
CA LEU C 205 6.88 15.04 -21.30
C LEU C 205 6.06 13.77 -21.36
N THR C 206 5.67 13.40 -22.58
CA THR C 206 4.93 12.18 -22.81
C THR C 206 5.76 11.11 -23.52
N MET C 207 6.99 11.42 -23.92
CA MET C 207 7.89 10.45 -24.50
C MET C 207 9.29 10.68 -23.97
N PRO C 208 10.06 9.62 -23.72
CA PRO C 208 11.36 9.76 -23.07
C PRO C 208 12.50 10.21 -23.99
N TRP C 209 12.27 11.30 -24.73
CA TRP C 209 13.27 11.80 -25.66
C TRP C 209 13.07 13.28 -25.90
N TRP C 210 14.12 13.93 -26.41
CA TRP C 210 14.17 15.35 -26.76
C TRP C 210 15.42 15.57 -27.60
N GLY C 211 15.48 16.69 -28.30
CA GLY C 211 16.66 16.92 -29.12
C GLY C 211 16.72 18.33 -29.68
N THR C 212 17.74 18.55 -30.51
CA THR C 212 17.97 19.83 -31.16
C THR C 212 18.37 19.57 -32.61
N TYR C 213 17.95 20.46 -33.52
CA TYR C 213 18.39 20.37 -34.91
C TYR C 213 18.67 21.75 -35.46
N ASN C 214 19.49 21.80 -36.51
CA ASN C 214 19.67 23.01 -37.29
C ASN C 214 19.50 22.62 -38.77
N GLU C 215 20.00 23.49 -39.66
CA GLU C 215 19.90 23.24 -41.10
C GLU C 215 20.72 22.04 -41.55
N LYS C 216 21.72 21.62 -40.77
CA LYS C 216 22.63 20.56 -41.15
C LYS C 216 22.32 19.23 -40.53
N SER C 217 21.92 19.19 -39.26
CA SER C 217 21.91 17.94 -38.52
C SER C 217 20.91 18.00 -37.38
N ALA C 218 20.46 16.82 -36.97
CA ALA C 218 19.62 16.66 -35.79
C ALA C 218 20.27 15.67 -34.84
N VAL C 219 20.11 15.92 -33.54
CA VAL C 219 20.50 14.99 -32.50
C VAL C 219 19.36 14.86 -31.50
N MET C 220 19.06 13.63 -31.12
CA MET C 220 18.05 13.37 -30.09
C MET C 220 18.62 12.39 -29.09
N GLY C 221 18.16 12.50 -27.83
CA GLY C 221 18.57 11.54 -26.84
C GLY C 221 17.38 10.73 -26.34
N ILE C 222 17.50 9.41 -26.31
CA ILE C 222 16.44 8.54 -25.81
C ILE C 222 16.83 8.02 -24.43
N VAL C 223 16.02 8.36 -23.44
CA VAL C 223 16.31 7.98 -22.06
C VAL C 223 16.07 6.48 -21.89
N ASP C 224 16.95 5.83 -21.13
CA ASP C 224 16.81 4.41 -20.81
C ASP C 224 15.45 4.14 -20.17
N VAL C 225 14.87 3.00 -20.54
CA VAL C 225 13.51 2.69 -20.10
C VAL C 225 13.43 2.52 -18.58
N SER C 226 14.55 2.24 -17.92
CA SER C 226 14.53 2.02 -16.48
C SER C 226 14.61 3.30 -15.66
N ALA C 227 14.84 4.46 -16.28
CA ALA C 227 15.21 5.66 -15.55
C ALA C 227 14.19 6.77 -15.74
N ARG C 228 14.09 7.65 -14.74
CA ARG C 228 13.17 8.78 -14.75
C ARG C 228 13.93 10.08 -14.48
N PRO C 229 14.80 10.51 -15.38
CA PRO C 229 15.41 11.83 -15.23
C PRO C 229 14.39 12.93 -15.50
N HIS C 230 14.72 14.13 -15.03
CA HIS C 230 14.02 15.31 -15.50
C HIS C 230 14.73 15.84 -16.74
N MET C 231 14.15 16.86 -17.36
CA MET C 231 14.76 17.52 -18.51
C MET C 231 14.83 19.01 -18.24
N GLN C 232 16.04 19.57 -18.29
CA GLN C 232 16.26 21.00 -18.14
C GLN C 232 16.16 21.65 -19.53
N TYR C 233 15.53 22.83 -19.59
CA TYR C 233 15.51 23.60 -20.82
C TYR C 233 16.12 24.98 -20.61
N ASN C 234 16.65 25.51 -21.71
CA ASN C 234 17.17 26.87 -21.81
C ASN C 234 16.88 27.29 -23.24
N ILE C 235 15.91 28.19 -23.42
CA ILE C 235 15.45 28.54 -24.77
C ILE C 235 15.93 29.94 -25.13
N ASN C 236 17.08 30.02 -25.81
CA ASN C 236 17.69 31.29 -26.25
C ASN C 236 18.08 32.20 -25.09
N ASN C 237 18.21 31.67 -23.89
CA ASN C 237 18.61 32.43 -22.72
C ASN C 237 20.13 32.45 -22.63
N ASN C 238 20.66 33.55 -22.08
CA ASN C 238 22.09 33.74 -21.94
C ASN C 238 22.59 33.43 -20.53
N GLY C 239 21.76 32.83 -19.69
CA GLY C 239 22.16 32.48 -18.33
C GLY C 239 22.07 33.60 -17.33
N GLN C 240 21.37 34.70 -17.66
CA GLN C 240 21.21 35.79 -16.71
C GLN C 240 20.65 35.30 -15.38
N TYR C 241 19.83 34.24 -15.41
CA TYR C 241 19.29 33.66 -14.19
C TYR C 241 20.37 33.03 -13.29
N LEU C 242 21.59 32.82 -13.81
CA LEU C 242 22.68 32.36 -12.95
C LEU C 242 23.32 33.50 -12.20
N PHE C 243 23.07 34.74 -12.61
CA PHE C 243 23.80 35.90 -12.10
C PHE C 243 22.91 36.93 -11.42
N ASN C 244 21.59 36.73 -11.42
CA ASN C 244 20.69 37.73 -10.85
C ASN C 244 20.94 37.94 -9.36
N ALA C 245 21.14 36.85 -8.63
CA ALA C 245 21.40 36.98 -7.20
C ALA C 245 22.73 37.65 -6.90
N LYS C 246 23.69 37.57 -7.82
CA LYS C 246 24.93 38.30 -7.65
C LYS C 246 24.88 39.72 -8.19
N GLY C 247 23.79 40.11 -8.84
CA GLY C 247 23.67 41.48 -9.33
C GLY C 247 24.69 41.85 -10.40
N VAL C 248 25.03 40.89 -11.26
CA VAL C 248 25.96 41.14 -12.34
C VAL C 248 25.29 40.75 -13.65
N MET C 249 25.79 41.30 -14.76
CA MET C 249 25.27 40.95 -16.07
C MET C 249 25.93 39.66 -16.56
N SER C 250 25.16 38.86 -17.27
CA SER C 250 25.68 37.59 -17.76
C SER C 250 26.73 37.85 -18.84
N PRO C 251 27.89 37.20 -18.77
CA PRO C 251 28.87 37.30 -19.87
C PRO C 251 28.63 36.29 -20.98
N TYR C 252 27.62 35.44 -20.85
CA TYR C 252 27.45 34.29 -21.72
C TYR C 252 26.60 34.63 -22.94
N GLN C 253 26.63 33.70 -23.89
CA GLN C 253 25.93 33.79 -25.17
C GLN C 253 24.54 33.16 -25.09
N ARG C 254 23.61 33.74 -25.84
CA ARG C 254 22.27 33.15 -25.94
C ARG C 254 22.34 31.85 -26.73
N ILE C 255 21.83 30.77 -26.13
CA ILE C 255 21.87 29.44 -26.72
C ILE C 255 20.58 28.68 -26.38
N VAL C 256 20.39 27.58 -27.08
CA VAL C 256 19.32 26.62 -26.82
C VAL C 256 19.98 25.31 -26.40
N PHE C 257 19.58 24.76 -25.26
CA PHE C 257 20.01 23.41 -24.94
C PHE C 257 18.95 22.72 -24.10
N LEU C 258 18.99 21.39 -24.14
CA LEU C 258 18.18 20.51 -23.28
C LEU C 258 19.13 19.52 -22.62
N ASP C 259 19.08 19.45 -21.28
CA ASP C 259 19.94 18.59 -20.46
C ASP C 259 19.11 17.57 -19.68
N PRO C 260 19.57 16.33 -19.59
CA PRO C 260 19.00 15.41 -18.59
C PRO C 260 19.41 15.81 -17.19
N ILE C 261 18.47 15.65 -16.25
CA ILE C 261 18.72 15.87 -14.83
C ILE C 261 18.57 14.52 -14.14
N TRP C 262 19.69 13.86 -13.85
CA TRP C 262 19.66 12.63 -13.08
C TRP C 262 19.50 12.98 -11.61
N LYS C 263 18.44 12.45 -10.98
CA LYS C 263 18.18 12.67 -9.56
C LYS C 263 18.92 11.60 -8.78
N LEU C 264 20.16 11.92 -8.39
CA LEU C 264 21.04 10.93 -7.77
C LEU C 264 20.47 10.41 -6.47
N ASP C 265 19.78 11.25 -5.71
CA ASP C 265 19.24 10.89 -4.41
C ASP C 265 18.02 9.97 -4.48
N GLN C 266 17.56 9.58 -5.67
CA GLN C 266 16.33 8.81 -5.73
C GLN C 266 16.25 7.93 -6.97
N GLU C 267 17.19 8.06 -7.89
CA GLU C 267 17.15 7.26 -9.12
C GLU C 267 17.75 5.88 -8.86
N LYS C 268 16.95 4.84 -9.10
CA LYS C 268 17.39 3.46 -8.92
C LYS C 268 17.66 2.75 -10.25
N GLY C 269 17.22 3.30 -11.37
CA GLY C 269 17.44 2.70 -12.67
C GLY C 269 18.81 2.99 -13.25
N LYS C 270 18.96 2.63 -14.52
CA LYS C 270 20.22 2.80 -15.26
C LYS C 270 20.26 4.22 -15.83
N MET C 271 21.20 5.02 -15.36
CA MET C 271 21.28 6.44 -15.75
C MET C 271 21.98 6.57 -17.09
N ARG C 272 21.24 6.20 -18.14
CA ARG C 272 21.78 6.18 -19.50
C ARG C 272 20.84 6.87 -20.46
N ILE C 273 21.41 7.67 -21.36
CA ILE C 273 20.68 8.28 -22.46
C ILE C 273 21.39 7.91 -23.75
N SER C 274 20.61 7.60 -24.78
CA SER C 274 21.13 7.17 -26.08
C SER C 274 20.90 8.29 -27.08
N TYR C 275 21.99 8.87 -27.57
CA TYR C 275 21.94 9.96 -28.54
C TYR C 275 21.95 9.39 -29.95
N HIS C 276 20.94 9.74 -30.73
CA HIS C 276 20.85 9.36 -32.14
C HIS C 276 21.04 10.59 -33.01
N PHE C 277 21.91 10.48 -34.00
CA PHE C 277 22.30 11.59 -34.85
C PHE C 277 21.76 11.38 -36.25
N ILE C 278 21.02 12.36 -36.75
CA ILE C 278 20.32 12.25 -38.02
C ILE C 278 20.79 13.37 -38.92
N PRO C 279 21.66 13.08 -39.88
CA PRO C 279 22.07 14.13 -40.83
C PRO C 279 20.86 14.66 -41.59
N GLY C 280 20.69 15.98 -41.54
CA GLY C 280 19.60 16.64 -42.24
C GLY C 280 18.23 16.46 -41.65
N GLY C 281 18.13 15.87 -40.46
CA GLY C 281 16.83 15.58 -39.88
C GLY C 281 16.25 16.73 -39.09
N ASP C 282 14.98 16.58 -38.73
CA ASP C 282 14.33 17.55 -37.86
C ASP C 282 13.40 16.75 -36.95
N TYR C 283 12.42 17.44 -36.35
CA TYR C 283 11.55 16.79 -35.37
C TYR C 283 10.80 15.60 -35.95
N VAL C 284 10.50 15.61 -37.26
CA VAL C 284 9.84 14.47 -37.89
C VAL C 284 10.76 13.24 -37.85
N ASP C 285 12.01 13.41 -38.28
CA ASP C 285 12.95 12.30 -38.27
C ASP C 285 13.23 11.80 -36.84
N MET C 286 13.31 12.73 -35.88
CA MET C 286 13.47 12.33 -34.49
C MET C 286 12.32 11.46 -34.03
N ALA C 287 11.09 11.82 -34.42
CA ALA C 287 9.93 11.04 -34.00
C ALA C 287 9.92 9.66 -34.63
N LYS C 288 10.39 9.54 -35.88
CA LYS C 288 10.37 8.25 -36.52
C LYS C 288 11.49 7.35 -35.99
N VAL C 289 12.56 7.93 -35.47
CA VAL C 289 13.55 7.13 -34.75
C VAL C 289 12.97 6.62 -33.44
N TYR C 290 12.29 7.48 -32.69
CA TYR C 290 11.68 7.01 -31.46
C TYR C 290 10.61 5.96 -31.74
N GLN C 291 9.95 6.07 -32.89
CA GLN C 291 8.89 5.11 -33.22
C GLN C 291 9.42 3.68 -33.25
N LYS C 292 10.63 3.48 -33.76
CA LYS C 292 11.22 2.14 -33.73
C LYS C 292 11.43 1.69 -32.31
N GLU C 293 11.93 2.59 -31.45
CA GLU C 293 12.12 2.28 -30.05
C GLU C 293 10.79 2.01 -29.34
N ALA C 294 9.75 2.76 -29.70
CA ALA C 294 8.44 2.53 -29.09
C ALA C 294 7.90 1.15 -29.44
N LYS C 295 8.13 0.71 -30.66
CA LYS C 295 7.74 -0.65 -31.04
C LYS C 295 8.54 -1.68 -30.25
N ALA C 296 9.85 -1.50 -30.17
CA ALA C 296 10.67 -2.41 -29.37
C ALA C 296 10.21 -2.47 -27.93
N ARG C 297 9.65 -1.37 -27.40
CA ARG C 297 9.22 -1.33 -26.01
C ARG C 297 7.85 -1.93 -25.79
N GLY C 298 7.09 -2.18 -26.85
CA GLY C 298 5.80 -2.82 -26.72
C GLY C 298 4.63 -1.88 -26.47
N HIS C 299 4.83 -0.56 -26.56
CA HIS C 299 3.72 0.38 -26.46
C HIS C 299 2.87 0.39 -27.73
N PHE C 300 3.42 -0.05 -28.85
CA PHE C 300 2.82 0.17 -30.16
C PHE C 300 1.94 -1.02 -30.54
N VAL C 301 0.65 -0.91 -30.30
CA VAL C 301 -0.35 -1.84 -30.81
C VAL C 301 -1.27 -1.04 -31.71
N SER C 302 -1.29 -1.38 -33.00
CA SER C 302 -1.94 -0.52 -33.98
C SER C 302 -3.46 -0.61 -33.89
N LEU C 303 -4.13 0.48 -34.27
CA LEU C 303 -5.58 0.48 -34.37
C LEU C 303 -6.09 -0.54 -35.39
N GLN C 304 -5.26 -0.97 -36.34
CA GLN C 304 -5.67 -2.03 -37.24
C GLN C 304 -5.70 -3.37 -36.52
N GLU C 305 -4.74 -3.61 -35.63
CA GLU C 305 -4.82 -4.79 -34.77
C GLU C 305 -6.02 -4.70 -33.83
N LYS C 306 -6.27 -3.50 -33.28
CA LYS C 306 -7.41 -3.34 -32.38
C LYS C 306 -8.73 -3.54 -33.12
N LEU C 307 -8.80 -3.06 -34.37
CA LEU C 307 -10.01 -3.24 -35.17
C LEU C 307 -10.21 -4.71 -35.51
N LYS C 308 -9.12 -5.43 -35.76
CA LYS C 308 -9.22 -6.86 -35.99
C LYS C 308 -9.84 -7.55 -34.79
N ARG C 309 -9.47 -7.13 -33.58
CA ARG C 309 -10.03 -7.75 -32.38
C ARG C 309 -11.47 -7.31 -32.15
N ASN C 310 -11.77 -6.03 -32.37
CA ASN C 310 -13.10 -5.49 -32.13
C ASN C 310 -13.49 -4.65 -33.35
N PRO C 311 -14.38 -5.16 -34.21
CA PRO C 311 -14.79 -4.38 -35.39
C PRO C 311 -15.59 -3.13 -35.06
N ASN C 312 -16.09 -2.97 -33.83
CA ASN C 312 -16.76 -1.72 -33.48
C ASN C 312 -15.80 -0.55 -33.32
N VAL C 313 -14.49 -0.80 -33.27
CA VAL C 313 -13.52 0.29 -33.38
C VAL C 313 -13.84 1.16 -34.58
N ASN C 314 -14.34 0.57 -35.67
CA ASN C 314 -14.68 1.35 -36.85
C ASN C 314 -15.91 2.26 -36.67
N LYS C 315 -16.46 2.44 -35.47
CA LYS C 315 -17.44 3.49 -35.23
C LYS C 315 -16.78 4.80 -34.84
N LEU C 316 -15.45 4.82 -34.65
CA LEU C 316 -14.63 5.96 -34.27
C LEU C 316 -14.24 6.87 -35.44
N PRO C 317 -13.81 6.37 -36.59
CA PRO C 317 -13.35 7.28 -37.65
C PRO C 317 -14.49 8.18 -38.11
N GLY C 318 -14.22 9.48 -38.15
CA GLY C 318 -15.21 10.46 -38.53
C GLY C 318 -16.15 10.87 -37.44
N ALA C 319 -16.00 10.32 -36.24
CA ALA C 319 -16.94 10.58 -35.16
C ALA C 319 -16.58 11.86 -34.42
N ILE C 320 -17.60 12.62 -34.05
CA ILE C 320 -17.43 13.70 -33.10
C ILE C 320 -17.54 13.12 -31.70
N TYR C 321 -16.62 13.52 -30.82
CA TYR C 321 -16.70 13.14 -29.42
C TYR C 321 -17.54 14.17 -28.69
N PHE C 322 -18.67 13.71 -28.13
CA PHE C 322 -19.63 14.57 -27.43
C PHE C 322 -19.56 14.30 -25.94
N GLY C 323 -19.19 15.30 -25.17
CA GLY C 323 -19.26 15.23 -23.73
C GLY C 323 -20.43 16.04 -23.20
N ILE C 324 -21.49 15.38 -22.77
CA ILE C 324 -22.64 16.03 -22.17
C ILE C 324 -22.41 16.08 -20.67
N TYR C 325 -22.08 17.27 -20.17
CA TYR C 325 -21.57 17.42 -18.81
C TYR C 325 -22.69 17.87 -17.89
N GLY C 326 -23.05 17.03 -16.92
CA GLY C 326 -24.18 17.30 -16.06
C GLY C 326 -23.81 17.67 -14.64
N GLY C 327 -22.60 18.19 -14.44
CA GLY C 327 -22.15 18.57 -13.11
C GLY C 327 -21.55 17.45 -12.32
N TYR C 328 -21.44 16.27 -12.90
CA TYR C 328 -20.93 15.02 -12.38
C TYR C 328 -19.61 14.71 -13.08
N PRO C 329 -18.59 14.22 -12.36
CA PRO C 329 -18.57 13.68 -11.00
C PRO C 329 -18.52 14.69 -9.86
N HIS C 330 -18.49 15.99 -10.17
CA HIS C 330 -18.27 16.98 -9.12
C HIS C 330 -19.45 17.05 -8.16
N TYR C 331 -20.67 16.86 -8.65
CA TYR C 331 -21.87 16.98 -7.82
C TYR C 331 -22.92 16.00 -8.32
N VAL C 332 -23.71 15.48 -7.39
CA VAL C 332 -24.79 14.56 -7.74
C VAL C 332 -26.06 15.35 -7.92
N ASN C 333 -26.69 15.20 -9.10
CA ASN C 333 -27.95 15.85 -9.44
C ASN C 333 -27.88 17.35 -9.18
N MET C 334 -26.92 18.00 -9.83
CA MET C 334 -26.71 19.41 -9.53
C MET C 334 -27.69 20.29 -10.30
N PRO C 335 -28.35 21.25 -9.64
CA PRO C 335 -29.37 22.05 -10.31
C PRO C 335 -28.77 22.92 -11.42
N GLY C 336 -29.53 23.08 -12.50
CA GLY C 336 -29.08 23.81 -13.67
C GLY C 336 -27.97 23.15 -14.47
N MET C 337 -27.55 21.94 -14.11
CA MET C 337 -26.51 21.25 -14.86
C MET C 337 -26.87 19.80 -15.17
N ALA C 338 -27.48 19.08 -14.24
CA ALA C 338 -27.83 17.67 -14.46
C ALA C 338 -28.87 17.53 -15.55
N PHE C 339 -28.68 16.53 -16.41
CA PHE C 339 -29.67 16.16 -17.41
C PHE C 339 -30.48 14.97 -16.93
N THR C 340 -31.74 14.92 -17.34
CA THR C 340 -32.50 13.67 -17.21
C THR C 340 -32.15 12.76 -18.38
N PHE C 341 -32.44 11.48 -18.21
CA PHE C 341 -32.18 10.54 -19.30
C PHE C 341 -33.06 10.83 -20.51
N ASP C 342 -34.26 11.38 -20.29
CA ASP C 342 -35.08 11.84 -21.41
C ASP C 342 -34.40 12.99 -22.15
N GLU C 343 -33.90 13.98 -21.41
CA GLU C 343 -33.08 15.04 -21.99
C GLU C 343 -31.91 14.46 -22.78
N LEU C 344 -31.20 13.51 -22.17
CA LEU C 344 -30.08 12.86 -22.85
C LEU C 344 -30.52 12.27 -24.18
N LYS C 345 -31.65 11.57 -24.19
CA LYS C 345 -32.12 10.93 -25.41
C LYS C 345 -32.45 11.96 -26.49
N ASN C 346 -33.11 13.07 -26.10
CA ASN C 346 -33.47 14.10 -27.08
C ASN C 346 -32.23 14.75 -27.68
N ILE C 347 -31.18 14.93 -26.87
CA ILE C 347 -29.91 15.47 -27.37
C ILE C 347 -29.32 14.52 -28.40
N ILE C 348 -29.35 13.22 -28.11
CA ILE C 348 -28.84 12.24 -29.07
C ILE C 348 -29.67 12.27 -30.35
N LYS C 349 -31.00 12.36 -30.20
CA LYS C 349 -31.86 12.41 -31.37
C LYS C 349 -31.57 13.65 -32.23
N THR C 350 -31.42 14.82 -31.59
CA THR C 350 -31.18 16.05 -32.34
C THR C 350 -29.86 15.99 -33.09
N ILE C 351 -28.83 15.45 -32.45
CA ILE C 351 -27.52 15.34 -33.10
C ILE C 351 -27.60 14.53 -34.37
N HIS C 352 -28.40 13.45 -34.35
CA HIS C 352 -28.54 12.58 -35.51
C HIS C 352 -29.57 13.11 -36.50
N ASP C 353 -30.79 13.36 -36.02
CA ASP C 353 -31.88 13.70 -36.94
C ASP C 353 -31.71 15.10 -37.51
N ASP C 354 -31.40 16.10 -36.66
CA ASP C 354 -31.33 17.49 -37.07
C ASP C 354 -29.97 17.89 -37.63
N LEU C 355 -28.90 17.62 -36.88
CA LEU C 355 -27.58 18.02 -37.31
C LEU C 355 -26.92 17.02 -38.25
N ARG C 356 -27.54 15.86 -38.47
CA ARG C 356 -27.08 14.89 -39.46
C ARG C 356 -25.64 14.44 -39.18
N VAL C 357 -25.31 14.27 -37.90
CA VAL C 357 -24.00 13.74 -37.53
C VAL C 357 -24.00 12.24 -37.75
N ASP C 358 -23.17 11.77 -38.68
CA ASP C 358 -23.20 10.37 -39.08
C ASP C 358 -22.62 9.46 -38.00
N LYS C 359 -21.55 9.89 -37.34
CA LYS C 359 -20.84 9.06 -36.38
C LYS C 359 -20.49 9.89 -35.15
N ALA C 360 -20.61 9.27 -33.98
CA ALA C 360 -20.39 10.01 -32.74
C ALA C 360 -20.01 9.05 -31.63
N PHE C 361 -19.30 9.58 -30.65
CA PHE C 361 -19.08 8.92 -29.36
C PHE C 361 -19.70 9.83 -28.31
N VAL C 362 -20.83 9.39 -27.74
CA VAL C 362 -21.56 10.17 -26.76
C VAL C 362 -21.10 9.77 -25.36
N HIS C 363 -20.64 10.76 -24.59
CA HIS C 363 -20.12 10.54 -23.25
C HIS C 363 -20.96 11.38 -22.29
N ALA C 364 -21.81 10.69 -21.52
CA ALA C 364 -22.75 11.34 -20.59
C ALA C 364 -22.14 11.40 -19.20
N TRP C 365 -21.85 12.60 -18.73
CA TRP C 365 -21.27 12.83 -17.41
C TRP C 365 -22.40 13.06 -16.41
N GLY C 366 -22.81 12.01 -15.73
CA GLY C 366 -23.88 12.16 -14.76
C GLY C 366 -25.01 11.16 -14.89
N THR C 367 -24.73 9.90 -14.58
CA THR C 367 -25.74 8.88 -14.69
C THR C 367 -25.97 8.10 -13.39
N PHE C 368 -25.14 8.32 -12.37
CA PHE C 368 -25.24 7.56 -11.13
C PHE C 368 -25.66 8.47 -9.98
N SER C 369 -26.33 7.86 -8.99
CA SER C 369 -26.78 8.59 -7.82
C SER C 369 -25.81 8.46 -6.64
N ASN C 370 -24.63 7.90 -6.85
CA ASN C 370 -23.55 7.92 -5.88
C ASN C 370 -22.36 8.69 -6.46
N PHE C 371 -21.50 9.19 -5.58
CA PHE C 371 -20.25 9.77 -6.04
C PHE C 371 -19.30 8.66 -6.47
N VAL C 372 -18.43 8.97 -7.41
CA VAL C 372 -17.28 8.10 -7.66
C VAL C 372 -16.49 8.07 -6.36
N PRO C 373 -15.82 6.95 -6.03
CA PRO C 373 -15.62 5.80 -6.92
C PRO C 373 -16.69 4.71 -6.88
N HIS C 374 -17.90 5.01 -6.44
CA HIS C 374 -19.00 4.04 -6.44
C HIS C 374 -19.96 4.42 -7.59
N ASN C 375 -19.70 3.84 -8.76
CA ASN C 375 -20.32 4.25 -10.03
C ASN C 375 -21.67 3.59 -10.26
N TYR C 376 -22.57 3.72 -9.28
CA TYR C 376 -23.83 3.00 -9.25
C TYR C 376 -24.68 3.58 -8.12
N PRO C 377 -26.01 3.38 -8.14
CA PRO C 377 -26.76 2.73 -9.21
C PRO C 377 -27.08 3.74 -10.29
N ILE C 378 -27.63 3.31 -11.42
CA ILE C 378 -28.21 4.26 -12.36
C ILE C 378 -29.24 5.09 -11.61
N SER C 379 -29.16 6.41 -11.75
CA SER C 379 -29.93 7.31 -10.89
C SER C 379 -31.43 7.20 -11.14
N GLU C 380 -32.19 6.93 -10.07
CA GLU C 380 -33.65 7.01 -10.15
C GLU C 380 -34.10 8.44 -10.39
N ALA C 381 -33.46 9.41 -9.74
CA ALA C 381 -33.88 10.80 -9.86
C ALA C 381 -33.81 11.30 -11.29
N LEU C 382 -32.89 10.76 -12.10
CA LEU C 382 -32.74 11.15 -13.49
C LEU C 382 -33.64 10.36 -14.44
N GLY C 383 -34.38 9.36 -13.94
CA GLY C 383 -35.31 8.63 -14.75
C GLY C 383 -35.23 7.12 -14.60
N GLY C 384 -34.15 6.62 -14.03
CA GLY C 384 -33.99 5.20 -13.78
C GLY C 384 -33.42 4.43 -14.96
N PRO C 385 -33.08 3.16 -14.70
CA PRO C 385 -32.38 2.35 -15.73
C PRO C 385 -33.12 2.20 -17.05
N GLU C 386 -34.44 2.01 -17.02
CA GLU C 386 -35.19 1.87 -18.27
C GLU C 386 -35.01 3.11 -19.16
N LYS C 387 -35.09 4.31 -18.56
CA LYS C 387 -34.97 5.53 -19.36
C LYS C 387 -33.53 5.77 -19.82
N LEU C 388 -32.53 5.37 -19.02
CA LEU C 388 -31.17 5.43 -19.53
C LEU C 388 -30.98 4.43 -20.67
N LYS C 389 -31.58 3.24 -20.54
CA LYS C 389 -31.44 2.24 -21.59
C LYS C 389 -32.11 2.67 -22.89
N ALA C 390 -33.22 3.41 -22.81
CA ALA C 390 -33.85 3.89 -24.03
C ALA C 390 -32.96 4.92 -24.74
N ALA C 391 -32.27 5.76 -23.97
CA ALA C 391 -31.33 6.70 -24.58
C ALA C 391 -30.15 5.96 -25.21
N VAL C 392 -29.65 4.90 -24.55
CA VAL C 392 -28.55 4.12 -25.11
C VAL C 392 -29.00 3.36 -26.35
N ASP C 393 -30.20 2.78 -26.30
CA ASP C 393 -30.69 2.02 -27.45
C ASP C 393 -30.88 2.92 -28.67
N LEU C 394 -31.33 4.16 -28.45
CA LEU C 394 -31.39 5.10 -29.56
C LEU C 394 -30.01 5.31 -30.17
N ALA C 395 -28.99 5.48 -29.32
CA ALA C 395 -27.64 5.73 -29.82
C ALA C 395 -27.12 4.52 -30.59
N LYS C 396 -27.46 3.30 -30.13
CA LYS C 396 -27.02 2.11 -30.84
C LYS C 396 -27.71 1.98 -32.20
N SER C 397 -29.00 2.32 -32.26
CA SER C 397 -29.71 2.33 -33.55
C SER C 397 -29.05 3.27 -34.54
N TYR C 398 -28.46 4.37 -34.05
CA TYR C 398 -27.77 5.32 -34.90
C TYR C 398 -26.36 4.87 -35.27
N GLY C 399 -25.87 3.79 -34.67
CA GLY C 399 -24.48 3.41 -34.82
C GLY C 399 -23.51 4.17 -33.95
N TYR C 400 -24.01 5.03 -33.05
CA TYR C 400 -23.15 5.80 -32.17
C TYR C 400 -22.52 4.90 -31.11
N LEU C 401 -21.38 5.36 -30.56
CA LEU C 401 -20.83 4.79 -29.34
C LEU C 401 -21.31 5.57 -28.13
N TYR C 402 -21.53 4.85 -27.02
CA TYR C 402 -21.99 5.45 -25.78
C TYR C 402 -21.10 5.00 -24.62
N SER C 403 -20.82 5.90 -23.70
CA SER C 403 -20.33 5.52 -22.38
C SER C 403 -20.84 6.52 -21.34
N SER C 404 -21.09 6.01 -20.14
CA SER C 404 -21.28 6.88 -18.99
C SER C 404 -19.93 7.36 -18.49
N TYR C 405 -19.96 8.26 -17.51
CA TYR C 405 -18.73 8.65 -16.82
C TYR C 405 -18.41 7.66 -15.72
N HIS C 406 -17.22 7.10 -15.75
CA HIS C 406 -16.71 6.24 -14.69
C HIS C 406 -15.36 6.74 -14.23
N ALA C 407 -15.16 6.76 -12.91
CA ALA C 407 -13.85 6.98 -12.31
C ALA C 407 -13.75 6.11 -11.07
N TYR C 408 -12.56 5.55 -10.84
CA TYR C 408 -12.33 4.69 -9.69
C TYR C 408 -11.22 5.20 -8.77
N SER C 409 -10.58 6.32 -9.12
CA SER C 409 -9.52 6.95 -8.32
C SER C 409 -9.98 8.01 -7.32
N PRO C 410 -11.07 8.75 -7.54
CA PRO C 410 -11.35 9.87 -6.64
C PRO C 410 -11.82 9.41 -5.27
N MET C 411 -11.70 10.33 -4.32
CA MET C 411 -12.33 10.19 -3.01
C MET C 411 -12.68 11.62 -2.59
N LEU C 412 -13.96 11.98 -2.64
CA LEU C 412 -14.39 13.38 -2.65
C LEU C 412 -14.88 13.83 -1.28
N GLU C 413 -14.48 15.05 -0.90
CA GLU C 413 -14.83 15.60 0.41
C GLU C 413 -16.34 15.68 0.61
N ASN C 414 -17.09 15.99 -0.44
CA ASN C 414 -18.53 16.15 -0.34
C ASN C 414 -19.29 14.84 -0.51
N ASP C 415 -18.58 13.72 -0.66
CA ASP C 415 -19.19 12.41 -0.78
C ASP C 415 -19.55 11.88 0.60
N PRO C 416 -20.81 11.51 0.85
CA PRO C 416 -21.15 10.86 2.13
C PRO C 416 -20.32 9.63 2.45
N ASN C 417 -19.88 8.89 1.43
CA ASN C 417 -19.07 7.70 1.61
C ASN C 417 -17.58 7.99 1.71
N PHE C 418 -17.18 9.25 1.91
CA PHE C 418 -15.76 9.56 2.00
C PHE C 418 -15.10 8.71 3.08
N THR C 419 -13.89 8.25 2.81
CA THR C 419 -13.12 7.51 3.81
C THR C 419 -11.65 7.56 3.45
N THR C 420 -10.81 7.82 4.46
CA THR C 420 -9.37 7.75 4.24
C THR C 420 -8.87 6.31 4.14
N ASP C 421 -9.75 5.32 4.38
CA ASP C 421 -9.29 3.93 4.34
C ASP C 421 -8.88 3.49 2.94
N LEU C 422 -9.50 4.08 1.91
CA LEU C 422 -9.13 3.75 0.53
C LEU C 422 -7.98 4.57 0.00
N MET C 423 -7.37 5.40 0.84
CA MET C 423 -6.28 6.27 0.40
C MET C 423 -4.93 5.63 0.69
N GLN C 424 -3.90 6.14 0.03
CA GLN C 424 -2.55 5.63 0.22
C GLN C 424 -1.81 6.45 1.26
N ARG C 425 -0.95 5.78 2.03
CA ARG C 425 -0.09 6.43 3.01
C ARG C 425 1.38 6.22 2.65
N ASP C 426 2.22 7.20 3.01
CA ASP C 426 3.62 7.20 2.63
C ASP C 426 4.45 6.52 3.72
N ALA C 427 5.77 6.72 3.66
CA ALA C 427 6.67 6.02 4.57
C ALA C 427 6.54 6.51 6.01
N GLU C 428 5.96 7.69 6.22
CA GLU C 428 5.74 8.19 7.57
C GLU C 428 4.31 7.96 8.05
N GLY C 429 3.50 7.24 7.29
CA GLY C 429 2.10 7.08 7.62
C GLY C 429 1.24 8.27 7.26
N LYS C 430 1.77 9.25 6.55
CA LYS C 430 1.00 10.41 6.13
C LYS C 430 0.17 10.09 4.89
N LEU C 431 -1.04 10.62 4.85
CA LEU C 431 -1.87 10.45 3.67
C LEU C 431 -1.21 11.09 2.46
N MET C 432 -1.28 10.43 1.32
CA MET C 432 -0.81 10.98 0.07
C MET C 432 -1.99 11.54 -0.72
N ASN C 433 -1.70 12.54 -1.54
CA ASN C 433 -2.69 13.18 -2.41
C ASN C 433 -3.85 13.80 -1.62
N THR C 434 -3.57 14.32 -0.42
CA THR C 434 -4.56 15.11 0.28
C THR C 434 -4.96 16.36 -0.49
N GLY C 435 -4.10 16.85 -1.39
CA GLY C 435 -4.42 18.02 -2.18
C GLY C 435 -4.81 17.70 -3.60
N SER C 436 -5.11 16.43 -3.88
CA SER C 436 -5.36 15.94 -5.23
C SER C 436 -6.58 15.03 -5.21
N ARG C 437 -7.77 15.63 -5.05
CA ARG C 437 -8.97 14.87 -4.70
C ARG C 437 -9.30 13.79 -5.73
N TRP C 438 -8.92 13.99 -6.99
CA TRP C 438 -9.36 13.08 -8.04
C TRP C 438 -8.49 11.84 -8.18
N ALA C 439 -7.38 11.74 -7.45
CA ALA C 439 -6.54 10.55 -7.48
C ALA C 439 -6.07 10.20 -6.07
N ARG C 440 -7.03 9.94 -5.18
CA ARG C 440 -6.75 9.60 -3.79
C ARG C 440 -6.86 8.12 -3.49
N VAL C 441 -7.66 7.37 -4.26
CA VAL C 441 -7.79 5.93 -4.04
C VAL C 441 -6.54 5.24 -4.53
N ASP C 442 -5.89 4.50 -3.64
CA ASP C 442 -4.73 3.70 -4.02
C ASP C 442 -5.07 2.84 -5.23
N PRO C 443 -4.25 2.87 -6.28
CA PRO C 443 -4.50 2.01 -7.46
C PRO C 443 -4.77 0.55 -7.12
N LYS C 444 -4.22 0.01 -6.02
CA LYS C 444 -4.41 -1.40 -5.70
C LYS C 444 -5.84 -1.73 -5.31
N PHE C 445 -6.67 -0.72 -5.01
CA PHE C 445 -8.09 -0.95 -4.74
C PHE C 445 -8.97 -0.79 -5.97
N GLN C 446 -8.44 -0.20 -7.05
CA GLN C 446 -9.32 0.36 -8.06
C GLN C 446 -9.98 -0.70 -8.92
N LYS C 447 -9.35 -1.87 -9.11
CA LYS C 447 -10.03 -2.94 -9.82
C LYS C 447 -11.23 -3.44 -9.04
N GLY C 448 -11.08 -3.61 -7.72
CA GLY C 448 -12.21 -4.02 -6.89
C GLY C 448 -13.41 -3.11 -7.02
N LEU C 449 -13.18 -1.79 -7.04
CA LEU C 449 -14.28 -0.84 -7.17
C LEU C 449 -14.94 -0.94 -8.53
N ALA C 450 -14.15 -1.11 -9.60
CA ALA C 450 -14.75 -1.28 -10.93
C ALA C 450 -15.61 -2.54 -10.99
N GLN C 451 -15.20 -3.59 -10.26
CA GLN C 451 -15.93 -4.86 -10.25
C GLN C 451 -17.32 -4.76 -9.64
N LYS C 452 -17.59 -3.69 -8.88
CA LYS C 452 -18.87 -3.66 -8.18
C LYS C 452 -20.04 -3.51 -9.14
N ASN C 453 -19.85 -2.89 -10.30
CA ASN C 453 -21.01 -2.68 -11.16
C ASN C 453 -20.71 -2.57 -12.66
N ILE C 454 -19.42 -2.56 -13.06
CA ILE C 454 -19.13 -2.34 -14.48
C ILE C 454 -19.72 -3.46 -15.34
N GLU C 455 -19.72 -4.70 -14.83
CA GLU C 455 -20.30 -5.80 -15.60
C GLU C 455 -21.82 -5.73 -15.63
N LYS C 456 -22.43 -5.30 -14.52
CA LYS C 456 -23.88 -5.11 -14.52
C LYS C 456 -24.29 -4.05 -15.54
N GLU C 457 -23.53 -2.95 -15.63
CA GLU C 457 -23.92 -1.89 -16.56
C GLU C 457 -23.77 -2.35 -18.00
N ILE C 458 -22.64 -2.98 -18.33
CA ILE C 458 -22.43 -3.50 -19.68
C ILE C 458 -23.52 -4.49 -20.04
N SER C 459 -23.90 -5.34 -19.09
CA SER C 459 -24.90 -6.37 -19.36
C SER C 459 -26.29 -5.77 -19.52
N TYR C 460 -26.67 -4.84 -18.64
CA TYR C 460 -28.02 -4.30 -18.68
C TYR C 460 -28.20 -3.31 -19.83
N LEU C 461 -27.21 -2.47 -20.10
CA LEU C 461 -27.34 -1.50 -21.18
C LEU C 461 -26.92 -2.03 -22.54
N GLY C 462 -26.25 -3.18 -22.58
CA GLY C 462 -25.73 -3.68 -23.85
C GLY C 462 -24.65 -2.78 -24.38
N LEU C 463 -23.68 -2.44 -23.53
CA LEU C 463 -22.67 -1.46 -23.89
C LEU C 463 -21.72 -2.00 -24.95
N GLU C 464 -21.37 -1.15 -25.91
CA GLU C 464 -20.34 -1.46 -26.90
C GLU C 464 -19.06 -0.69 -26.64
N ALA C 465 -19.06 0.17 -25.63
CA ALA C 465 -17.94 1.08 -25.43
C ALA C 465 -17.86 1.47 -23.97
N ASP C 466 -16.66 1.89 -23.56
CA ASP C 466 -16.42 2.41 -22.21
C ASP C 466 -15.34 3.48 -22.26
N ILE C 467 -15.52 4.52 -21.45
CA ILE C 467 -14.45 5.46 -21.14
C ILE C 467 -14.23 5.46 -19.64
N THR C 468 -12.98 5.32 -19.22
CA THR C 468 -12.59 5.39 -17.82
C THR C 468 -11.63 6.56 -17.64
N ASN C 469 -11.91 7.42 -16.67
CA ASN C 469 -11.17 8.67 -16.53
C ASN C 469 -10.16 8.62 -15.38
N ILE C 470 -9.22 9.56 -15.45
CA ILE C 470 -8.26 9.93 -14.42
C ILE C 470 -7.13 8.92 -14.28
N THR C 471 -7.47 7.66 -14.02
CA THR C 471 -6.47 6.70 -13.55
C THR C 471 -5.31 6.52 -14.53
N PHE C 472 -5.53 6.71 -15.82
CA PHE C 472 -4.49 6.48 -16.81
C PHE C 472 -4.00 7.77 -17.46
N ALA C 473 -4.14 8.89 -16.76
CA ALA C 473 -3.66 10.17 -17.26
C ALA C 473 -2.14 10.32 -17.09
N ALA C 474 -1.52 9.51 -16.24
CA ALA C 474 -0.09 9.57 -16.00
C ALA C 474 0.48 8.16 -15.97
N TYR C 475 1.79 8.05 -15.86
CA TYR C 475 2.44 6.75 -15.66
C TYR C 475 3.58 6.95 -14.67
N ARG C 476 3.29 6.70 -13.40
CA ARG C 476 4.27 6.76 -12.33
C ARG C 476 4.58 5.35 -11.85
N GLU C 477 5.76 5.20 -11.26
CA GLU C 477 6.13 3.91 -10.69
C GLU C 477 5.19 3.52 -9.55
N ASN C 478 4.91 4.47 -8.67
CA ASN C 478 4.05 4.18 -7.52
C ASN C 478 2.65 3.86 -8.00
N GLY C 479 2.17 2.65 -7.70
CA GLY C 479 0.84 2.23 -8.05
C GLY C 479 0.66 1.67 -9.45
N LYS C 480 1.75 1.51 -10.22
CA LYS C 480 1.59 1.06 -11.60
C LYS C 480 1.00 -0.34 -11.66
N GLU C 481 1.29 -1.19 -10.68
CA GLU C 481 0.77 -2.55 -10.68
C GLU C 481 -0.76 -2.55 -10.58
N GLY C 482 -1.31 -1.73 -9.68
CA GLY C 482 -2.75 -1.63 -9.56
C GLY C 482 -3.41 -1.02 -10.78
N ARG C 483 -2.73 -0.09 -11.45
CA ARG C 483 -3.30 0.48 -12.67
C ARG C 483 -3.31 -0.53 -13.80
N ILE C 484 -2.25 -1.35 -13.91
CA ILE C 484 -2.23 -2.40 -14.92
C ILE C 484 -3.31 -3.42 -14.66
N GLU C 485 -3.54 -3.73 -13.37
CA GLU C 485 -4.65 -4.58 -12.97
C GLU C 485 -5.96 -4.06 -13.54
N LEU C 486 -6.27 -2.78 -13.28
CA LEU C 486 -7.54 -2.22 -13.72
C LEU C 486 -7.64 -2.17 -15.24
N ALA C 487 -6.54 -1.81 -15.92
CA ALA C 487 -6.57 -1.71 -17.38
C ALA C 487 -6.79 -3.08 -18.03
N LYS C 488 -6.13 -4.13 -17.52
CA LYS C 488 -6.38 -5.47 -18.02
C LYS C 488 -7.82 -5.89 -17.80
N TYR C 489 -8.40 -5.47 -16.68
CA TYR C 489 -9.78 -5.82 -16.39
C TYR C 489 -10.72 -5.18 -17.41
N ILE C 490 -10.56 -3.87 -17.64
CA ILE C 490 -11.38 -3.16 -18.61
C ILE C 490 -11.16 -3.71 -20.01
N ASP C 491 -9.91 -4.00 -20.37
CA ASP C 491 -9.61 -4.52 -21.69
C ASP C 491 -10.21 -5.89 -21.92
N SER C 492 -10.46 -6.66 -20.85
CA SER C 492 -10.95 -8.02 -20.98
C SER C 492 -12.39 -8.09 -21.47
N PHE C 493 -13.12 -6.98 -21.48
CA PHE C 493 -14.49 -7.00 -21.98
C PHE C 493 -14.58 -6.78 -23.49
N ASN C 494 -13.47 -6.44 -24.14
CA ASN C 494 -13.40 -6.17 -25.58
C ASN C 494 -14.47 -5.16 -26.00
N LEU C 495 -14.41 -3.99 -25.36
CA LEU C 495 -15.20 -2.85 -25.78
C LEU C 495 -14.30 -1.88 -26.53
N VAL C 496 -14.91 -1.07 -27.40
CA VAL C 496 -14.26 0.14 -27.85
C VAL C 496 -14.07 0.99 -26.60
N ASN C 497 -12.85 1.07 -26.10
CA ASN C 497 -12.67 1.75 -24.83
C ASN C 497 -11.69 2.91 -24.95
N GLY C 498 -11.96 3.95 -24.14
CA GLY C 498 -11.12 5.12 -24.10
C GLY C 498 -10.77 5.47 -22.67
N THR C 499 -9.84 6.41 -22.56
CA THR C 499 -9.43 6.91 -21.26
C THR C 499 -9.01 8.36 -21.42
N GLU C 500 -8.95 9.07 -20.29
CA GLU C 500 -8.56 10.47 -20.29
C GLU C 500 -7.05 10.62 -20.41
N HIS C 501 -6.62 11.46 -21.36
CA HIS C 501 -5.23 11.88 -21.54
C HIS C 501 -4.34 10.76 -22.04
N GLY C 502 -4.23 9.68 -21.28
CA GLY C 502 -3.40 8.56 -21.66
C GLY C 502 -1.92 8.82 -21.50
N GLN C 503 -1.15 7.75 -21.65
CA GLN C 503 0.30 7.77 -21.76
C GLN C 503 0.69 6.66 -22.73
N GLU C 504 1.89 6.75 -23.30
CA GLU C 504 2.30 5.74 -24.28
C GLU C 504 2.22 4.34 -23.69
N GLN C 505 2.47 4.19 -22.39
CA GLN C 505 2.43 2.86 -21.77
C GLN C 505 1.02 2.26 -21.76
N TRP C 506 -0.01 3.09 -21.84
CA TRP C 506 -1.38 2.60 -21.83
C TRP C 506 -1.93 2.35 -23.24
N ILE C 507 -1.17 2.69 -24.28
CA ILE C 507 -1.65 2.48 -25.65
C ILE C 507 -2.09 1.06 -25.93
N PRO C 508 -1.45 0.00 -25.40
CA PRO C 508 -1.96 -1.35 -25.71
C PRO C 508 -3.34 -1.64 -25.15
N TYR C 509 -3.81 -0.87 -24.16
CA TYR C 509 -5.03 -1.22 -23.45
C TYR C 509 -6.25 -0.40 -23.88
N PHE C 510 -6.08 0.58 -24.78
CA PHE C 510 -7.18 1.47 -25.12
C PHE C 510 -7.18 1.72 -26.62
N ASP C 511 -8.36 2.11 -27.12
CA ASP C 511 -8.52 2.53 -28.50
C ASP C 511 -8.40 4.03 -28.67
N MET C 512 -8.68 4.81 -27.63
CA MET C 512 -8.68 6.26 -27.80
C MET C 512 -8.29 6.95 -26.51
N PHE C 513 -7.66 8.12 -26.67
CA PHE C 513 -7.32 9.03 -25.59
C PHE C 513 -8.12 10.31 -25.75
N GLU C 514 -8.70 10.80 -24.66
CA GLU C 514 -9.32 12.12 -24.63
C GLU C 514 -8.28 13.10 -24.07
N GLY C 515 -7.77 13.96 -24.94
CA GLY C 515 -6.65 14.79 -24.56
C GLY C 515 -5.40 14.40 -25.32
N MET C 516 -4.25 14.42 -24.65
CA MET C 516 -2.95 14.33 -25.32
C MET C 516 -2.84 15.43 -26.37
N THR C 517 -3.13 16.66 -25.92
CA THR C 517 -3.01 17.84 -26.74
C THR C 517 -2.14 18.85 -25.98
N TYR C 518 -2.73 19.89 -25.39
CA TYR C 518 -1.97 20.98 -24.79
C TYR C 518 -2.70 21.51 -23.57
N LEU C 519 -1.95 21.86 -22.53
CA LEU C 519 -2.50 22.69 -21.47
C LEU C 519 -2.66 24.13 -21.97
N GLU C 520 -3.57 24.87 -21.33
CA GLU C 520 -3.73 26.28 -21.70
C GLU C 520 -2.62 27.13 -21.11
N ASP C 521 -2.30 26.90 -19.84
CA ASP C 521 -1.28 27.63 -19.13
C ASP C 521 -0.12 26.65 -18.90
N ARG C 522 1.01 26.88 -19.57
CA ARG C 522 2.10 25.92 -19.53
C ARG C 522 3.43 26.62 -19.73
N PRO C 523 4.52 26.08 -19.18
CA PRO C 523 5.84 26.64 -19.51
C PRO C 523 6.10 26.51 -21.00
N LEU C 524 6.75 27.53 -21.55
CA LEU C 524 7.18 27.64 -22.95
C LEU C 524 6.04 28.01 -23.91
N SER C 525 4.85 28.36 -23.41
CA SER C 525 3.76 28.65 -24.35
C SER C 525 4.10 29.85 -25.26
N VAL C 526 4.76 30.88 -24.72
CA VAL C 526 5.06 32.08 -25.51
C VAL C 526 6.35 31.96 -26.32
N ILE C 527 7.07 30.84 -26.24
CA ILE C 527 8.29 30.64 -27.02
C ILE C 527 8.31 29.24 -27.63
N SER C 528 7.15 28.73 -28.01
CA SER C 528 7.11 27.45 -28.71
C SER C 528 5.94 27.41 -29.67
N HIS C 529 6.02 26.50 -30.62
CA HIS C 529 4.92 26.21 -31.52
C HIS C 529 4.50 24.77 -31.31
N PRO C 530 3.20 24.49 -31.17
CA PRO C 530 2.73 23.10 -31.15
C PRO C 530 3.22 22.34 -32.38
N ALA C 531 3.58 21.07 -32.15
CA ALA C 531 4.06 20.17 -33.18
C ALA C 531 3.53 18.80 -32.85
N PRO C 532 2.99 18.08 -33.84
CA PRO C 532 2.34 16.77 -33.56
C PRO C 532 3.34 15.66 -33.27
N LEU C 533 4.17 15.88 -32.25
CA LEU C 533 5.23 14.93 -31.93
C LEU C 533 4.67 13.58 -31.51
N PHE C 534 3.68 13.58 -30.60
CA PHE C 534 3.13 12.31 -30.14
C PHE C 534 2.43 11.56 -31.27
N ASN C 535 1.66 12.27 -32.10
CA ASN C 535 0.97 11.61 -33.20
C ASN C 535 1.94 11.18 -34.31
N LEU C 536 3.03 11.93 -34.52
CA LEU C 536 4.03 11.47 -35.46
C LEU C 536 4.56 10.09 -35.08
N VAL C 537 4.48 9.73 -33.80
CA VAL C 537 4.89 8.40 -33.35
C VAL C 537 3.72 7.44 -33.35
N TYR C 538 2.58 7.84 -32.78
CA TYR C 538 1.58 6.89 -32.34
C TYR C 538 0.21 7.03 -33.02
N HIS C 539 0.08 7.85 -34.07
CA HIS C 539 -1.23 8.04 -34.68
C HIS C 539 -1.84 6.73 -35.16
N GLU C 540 -1.02 5.84 -35.73
CA GLU C 540 -1.51 4.53 -36.15
C GLU C 540 -1.99 3.66 -35.00
N ALA C 541 -1.53 3.93 -33.77
CA ALA C 541 -1.75 3.02 -32.65
C ALA C 541 -2.77 3.51 -31.63
N ILE C 542 -3.09 4.79 -31.60
CA ILE C 542 -4.09 5.29 -30.66
C ILE C 542 -4.75 6.52 -31.27
N ALA C 543 -6.07 6.56 -31.21
CA ALA C 543 -6.80 7.74 -31.64
C ALA C 543 -6.91 8.70 -30.47
N ASN C 544 -6.79 9.99 -30.72
CA ASN C 544 -6.96 10.98 -29.67
C ASN C 544 -7.97 12.04 -30.10
N PHE C 545 -8.54 12.71 -29.10
CA PHE C 545 -9.55 13.73 -29.25
C PHE C 545 -9.18 14.91 -28.36
N GLY C 546 -9.85 16.04 -28.57
CA GLY C 546 -9.57 17.22 -27.77
C GLY C 546 -9.90 17.01 -26.31
N LYS C 547 -9.17 17.72 -25.45
CA LYS C 547 -9.36 17.60 -24.01
C LYS C 547 -10.65 18.29 -23.58
N ILE C 548 -11.33 17.69 -22.59
CA ILE C 548 -12.65 18.20 -22.23
C ILE C 548 -12.56 19.56 -21.53
N GLN C 549 -11.45 19.83 -20.83
CA GLN C 549 -11.31 21.13 -20.18
C GLN C 549 -11.07 22.24 -21.20
N ASP C 550 -10.53 21.89 -22.37
CA ASP C 550 -10.15 22.86 -23.39
C ASP C 550 -10.79 22.44 -24.72
N PRO C 551 -12.10 22.30 -24.76
CA PRO C 551 -12.74 21.66 -25.92
C PRO C 551 -12.79 22.60 -27.12
N ASP C 552 -13.18 22.05 -28.26
CA ASP C 552 -13.19 22.83 -29.49
C ASP C 552 -14.27 23.91 -29.50
N ASN C 553 -15.24 23.85 -28.59
CA ASN C 553 -16.27 24.88 -28.51
C ASN C 553 -15.92 26.01 -27.57
N GLU C 554 -14.79 25.92 -26.85
CA GLU C 554 -14.37 26.97 -25.95
C GLU C 554 -13.21 27.76 -26.53
N VAL C 555 -13.16 29.05 -26.21
CA VAL C 555 -12.14 29.97 -26.68
C VAL C 555 -11.09 30.10 -25.59
N THR C 556 -9.91 29.53 -25.82
CA THR C 556 -8.87 29.56 -24.79
C THR C 556 -7.54 30.06 -25.34
N ALA C 557 -6.50 29.96 -24.52
CA ALA C 557 -5.16 30.29 -24.99
C ALA C 557 -4.75 29.43 -26.17
N ASN C 558 -5.31 28.23 -26.31
CA ASN C 558 -5.02 27.37 -27.45
C ASN C 558 -5.90 27.68 -28.66
N GLY C 559 -6.76 28.69 -28.58
CA GLY C 559 -7.43 29.23 -29.74
C GLY C 559 -8.93 29.10 -29.65
N ASP C 560 -9.59 29.43 -30.76
CA ASP C 560 -11.04 29.34 -30.90
C ASP C 560 -11.36 28.14 -31.79
N PHE C 561 -12.59 28.10 -32.31
CA PHE C 561 -12.99 26.96 -33.12
C PHE C 561 -12.27 26.95 -34.46
N ARG C 562 -12.04 28.12 -35.05
CA ARG C 562 -11.24 28.22 -36.28
C ARG C 562 -9.88 27.54 -36.09
N ILE C 563 -9.11 28.00 -35.10
CA ILE C 563 -7.75 27.50 -34.91
C ILE C 563 -7.77 26.01 -34.56
N LYS C 564 -8.70 25.61 -33.69
CA LYS C 564 -8.69 24.24 -33.18
C LYS C 564 -9.15 23.24 -34.23
N ALA C 565 -10.15 23.60 -35.04
CA ALA C 565 -10.56 22.72 -36.13
C ALA C 565 -9.43 22.50 -37.12
N LEU C 566 -8.75 23.58 -37.54
CA LEU C 566 -7.65 23.43 -38.48
C LEU C 566 -6.51 22.63 -37.89
N ARG C 567 -6.18 22.87 -36.61
CA ARG C 567 -5.12 22.09 -35.98
C ARG C 567 -5.52 20.62 -35.84
N SER C 568 -6.81 20.35 -35.60
CA SER C 568 -7.30 18.97 -35.54
C SER C 568 -6.93 18.17 -36.78
N MET C 569 -7.23 18.73 -37.96
CA MET C 569 -6.95 18.03 -39.21
C MET C 569 -5.44 17.89 -39.43
N LEU C 570 -4.66 18.91 -39.07
CA LEU C 570 -3.22 18.83 -39.21
C LEU C 570 -2.61 17.78 -38.31
N PHE C 571 -3.13 17.65 -37.08
CA PHE C 571 -2.50 16.82 -36.06
C PHE C 571 -3.10 15.42 -36.00
N GLY C 572 -4.23 15.18 -36.63
CA GLY C 572 -4.81 13.86 -36.67
C GLY C 572 -5.64 13.50 -35.46
N ARG C 573 -6.19 14.48 -34.76
CA ARG C 573 -7.11 14.20 -33.66
C ARG C 573 -8.54 14.50 -34.09
N GLY C 574 -9.48 13.96 -33.32
CA GLY C 574 -10.89 14.18 -33.61
C GLY C 574 -11.44 15.37 -32.84
N THR C 575 -12.63 15.78 -33.27
CA THR C 575 -13.33 16.90 -32.63
C THR C 575 -13.85 16.49 -31.27
N THR C 576 -13.76 17.41 -30.31
CA THR C 576 -14.38 17.26 -29.00
C THR C 576 -15.32 18.44 -28.77
N ILE C 577 -16.58 18.15 -28.50
CA ILE C 577 -17.59 19.14 -28.15
C ILE C 577 -18.09 18.79 -26.77
N PHE C 578 -17.82 19.66 -25.79
CA PHE C 578 -18.02 19.33 -24.38
C PHE C 578 -18.76 20.49 -23.75
N PHE C 579 -19.97 20.23 -23.27
CA PHE C 579 -20.88 21.34 -22.99
C PHE C 579 -21.83 20.96 -21.87
N ALA C 580 -22.22 21.97 -21.09
CA ALA C 580 -23.36 21.82 -20.22
C ALA C 580 -24.63 21.73 -21.07
N PRO C 581 -25.63 20.98 -20.63
CA PRO C 581 -26.84 20.80 -21.47
C PRO C 581 -27.49 22.12 -21.89
N TYR C 582 -27.49 23.15 -21.04
CA TYR C 582 -28.11 24.42 -21.41
C TYR C 582 -27.42 25.09 -22.59
N GLU C 583 -26.17 24.70 -22.88
CA GLU C 583 -25.45 25.33 -23.97
C GLU C 583 -25.78 24.75 -25.34
N PHE C 584 -26.56 23.67 -25.41
CA PHE C 584 -26.59 22.85 -26.63
C PHE C 584 -26.96 23.65 -27.87
N GLU C 585 -27.94 24.56 -27.77
CA GLU C 585 -28.35 25.31 -28.95
C GLU C 585 -27.17 26.11 -29.52
N GLY C 586 -26.33 26.67 -28.65
CA GLY C 586 -25.15 27.39 -29.10
C GLY C 586 -24.08 26.51 -29.72
N MET C 587 -24.14 25.19 -29.49
CA MET C 587 -23.17 24.28 -30.09
C MET C 587 -23.47 23.98 -31.55
N ARG C 588 -24.71 24.16 -32.00
CA ARG C 588 -25.10 23.78 -33.36
C ARG C 588 -24.21 24.34 -34.47
N PRO C 589 -23.79 25.61 -34.45
CA PRO C 589 -22.87 26.05 -35.53
C PRO C 589 -21.61 25.22 -35.62
N MET C 590 -20.98 24.96 -34.48
CA MET C 590 -19.70 24.27 -34.49
C MET C 590 -19.87 22.79 -34.78
N ILE C 591 -20.96 22.18 -34.30
CA ILE C 591 -21.23 20.80 -34.65
C ILE C 591 -21.37 20.64 -36.15
N GLU C 592 -22.07 21.58 -36.79
CA GLU C 592 -22.24 21.49 -38.23
C GLU C 592 -20.93 21.76 -38.97
N MET C 593 -20.18 22.79 -38.56
CA MET C 593 -18.90 23.04 -39.19
C MET C 593 -17.93 21.87 -39.00
N ALA C 594 -17.92 21.27 -37.81
CA ALA C 594 -17.06 20.10 -37.62
C ALA C 594 -17.52 18.94 -38.49
N ARG C 595 -18.84 18.77 -38.63
CA ARG C 595 -19.41 17.71 -39.45
C ARG C 595 -18.97 17.84 -40.91
N ASP C 596 -18.92 19.06 -41.42
CA ASP C 596 -18.65 19.25 -42.84
C ASP C 596 -17.16 19.33 -43.18
N LEU C 597 -16.32 19.73 -42.23
CA LEU C 597 -14.91 19.94 -42.50
C LEU C 597 -14.03 18.87 -41.87
N VAL C 598 -14.06 18.71 -40.54
CA VAL C 598 -13.11 17.84 -39.86
C VAL C 598 -13.46 16.37 -40.04
N SER C 599 -14.74 16.01 -39.79
CA SER C 599 -15.14 14.60 -39.76
C SER C 599 -14.70 13.80 -40.98
N PRO C 600 -14.90 14.25 -42.22
CA PRO C 600 -14.45 13.42 -43.35
C PRO C 600 -12.95 13.29 -43.44
N VAL C 601 -12.19 14.24 -42.87
CA VAL C 601 -10.75 14.13 -42.90
C VAL C 601 -10.27 13.23 -41.77
N HIS C 602 -10.89 13.36 -40.60
CA HIS C 602 -10.61 12.45 -39.49
C HIS C 602 -10.93 11.01 -39.88
N LYS C 603 -12.06 10.81 -40.56
CA LYS C 603 -12.44 9.48 -41.02
C LYS C 603 -11.39 8.89 -41.96
N GLU C 604 -10.91 9.68 -42.92
CA GLU C 604 -10.05 9.14 -43.96
C GLU C 604 -8.65 8.86 -43.46
N THR C 605 -8.17 9.61 -42.47
CA THR C 605 -6.82 9.50 -41.96
C THR C 605 -6.73 8.71 -40.67
N PHE C 606 -7.86 8.19 -40.17
CA PHE C 606 -7.93 7.64 -38.81
C PHE C 606 -6.90 6.54 -38.58
N TYR C 607 -6.73 5.64 -39.55
CA TYR C 607 -5.90 4.46 -39.35
C TYR C 607 -4.48 4.65 -39.86
N SER C 608 -4.19 5.77 -40.50
CA SER C 608 -2.95 5.97 -41.22
C SER C 608 -1.87 6.57 -40.32
N GLU C 609 -0.65 6.57 -40.86
CA GLU C 609 0.49 7.18 -40.19
C GLU C 609 0.55 8.65 -40.57
N LEU C 610 0.73 9.50 -39.57
CA LEU C 610 1.13 10.87 -39.85
C LEU C 610 2.55 10.82 -40.35
N LYS C 611 2.73 10.78 -41.67
CA LYS C 611 4.06 10.58 -42.24
C LYS C 611 4.93 11.80 -42.03
N SER C 612 4.37 13.00 -42.14
CA SER C 612 5.19 14.20 -42.02
C SER C 612 4.33 15.37 -41.57
N HIS C 613 5.00 16.34 -40.96
CA HIS C 613 4.45 17.66 -40.68
C HIS C 613 5.52 18.68 -41.00
N GLU C 614 5.12 19.82 -41.56
CA GLU C 614 6.07 20.90 -41.82
C GLU C 614 5.44 22.24 -41.50
N TYR C 615 6.30 23.20 -41.16
CA TYR C 615 5.90 24.59 -41.11
C TYR C 615 6.33 25.25 -42.42
N LEU C 616 5.39 25.94 -43.07
CA LEU C 616 5.63 26.47 -44.41
C LEU C 616 5.82 27.98 -44.46
N SER C 617 5.39 28.73 -43.46
CA SER C 617 5.59 30.17 -43.45
C SER C 617 6.63 30.54 -42.40
N ALA C 618 7.18 31.74 -42.55
CA ALA C 618 8.25 32.19 -41.66
C ALA C 618 7.76 32.38 -40.24
N ASP C 619 6.47 32.73 -40.06
CA ASP C 619 5.87 32.88 -38.75
C ASP C 619 5.28 31.58 -38.20
N TYR C 620 5.47 30.46 -38.91
CA TYR C 620 5.05 29.12 -38.49
C TYR C 620 3.54 28.94 -38.47
N LYS C 621 2.77 29.88 -39.03
CA LYS C 621 1.32 29.74 -38.98
C LYS C 621 0.78 28.84 -40.08
N VAL C 622 1.46 28.69 -41.21
CA VAL C 622 1.00 27.83 -42.30
C VAL C 622 1.75 26.51 -42.24
N GLN C 623 1.00 25.40 -42.21
CA GLN C 623 1.55 24.08 -41.96
C GLN C 623 0.98 23.06 -42.93
N ARG C 624 1.77 22.01 -43.19
CA ARG C 624 1.33 20.89 -44.03
C ARG C 624 1.55 19.58 -43.30
N SER C 625 0.52 18.72 -43.34
CA SER C 625 0.56 17.36 -42.82
C SER C 625 0.18 16.38 -43.91
N ARG C 626 0.90 15.26 -43.98
CA ARG C 626 0.67 14.23 -44.99
C ARG C 626 0.47 12.90 -44.29
N PHE C 627 -0.67 12.27 -44.55
CA PHE C 627 -1.06 11.01 -43.92
C PHE C 627 -0.92 9.87 -44.93
N SER C 628 -0.56 8.68 -44.43
CA SER C 628 -0.30 7.57 -45.35
C SER C 628 -1.57 7.02 -46.00
N SER C 629 -2.73 7.61 -45.72
CA SER C 629 -3.94 7.32 -46.50
C SER C 629 -3.93 8.01 -47.86
N GLY C 630 -2.95 8.85 -48.13
CA GLY C 630 -2.96 9.69 -49.31
C GLY C 630 -3.59 11.04 -49.10
N THR C 631 -3.79 11.47 -47.86
CA THR C 631 -4.44 12.73 -47.53
C THR C 631 -3.38 13.76 -47.18
N GLU C 632 -3.50 14.95 -47.74
CA GLU C 632 -2.64 16.07 -47.39
C GLU C 632 -3.49 17.22 -46.86
N VAL C 633 -3.08 17.80 -45.74
CA VAL C 633 -3.76 18.92 -45.11
C VAL C 633 -2.80 20.10 -45.06
N ILE C 634 -3.20 21.22 -45.66
CA ILE C 634 -2.52 22.49 -45.48
C ILE C 634 -3.49 23.44 -44.79
N ALA C 635 -3.01 24.14 -43.76
CA ALA C 635 -3.86 25.05 -43.03
C ALA C 635 -3.04 26.25 -42.57
N ASN C 636 -3.73 27.40 -42.46
CA ASN C 636 -3.14 28.67 -42.06
C ASN C 636 -3.80 29.08 -40.75
N LEU C 637 -3.04 29.07 -39.66
CA LEU C 637 -3.58 29.32 -38.32
C LEU C 637 -3.52 30.80 -37.93
N GLY C 638 -3.09 31.67 -38.84
CA GLY C 638 -3.05 33.09 -38.58
C GLY C 638 -4.14 33.82 -39.35
N PRO C 639 -4.24 35.11 -39.14
CA PRO C 639 -5.37 35.87 -39.72
C PRO C 639 -5.17 36.36 -41.14
N VAL C 640 -3.92 36.41 -41.62
CA VAL C 640 -3.62 37.00 -42.92
C VAL C 640 -3.32 35.90 -43.92
N ALA C 641 -3.71 36.11 -45.17
CA ALA C 641 -3.43 35.16 -46.23
C ALA C 641 -1.93 35.10 -46.52
N GLN C 642 -1.41 33.91 -46.77
CA GLN C 642 0.01 33.74 -47.02
C GLN C 642 0.26 32.83 -48.21
N LYS C 643 1.15 33.27 -49.09
CA LYS C 643 1.63 32.46 -50.18
C LYS C 643 2.72 31.51 -49.67
N ILE C 644 2.67 30.25 -50.12
CA ILE C 644 3.67 29.26 -49.78
C ILE C 644 4.26 28.69 -51.05
N GLU C 645 5.24 27.79 -50.90
CA GLU C 645 5.91 27.19 -52.05
C GLU C 645 4.91 26.46 -52.94
N GLY C 646 5.18 26.48 -54.25
CA GLY C 646 4.34 25.79 -55.20
C GLY C 646 3.19 26.59 -55.78
N GLY C 647 3.28 27.92 -55.80
CA GLY C 647 2.21 28.73 -56.35
C GLY C 647 0.88 28.63 -55.64
N ILE C 648 0.88 28.50 -54.31
CA ILE C 648 -0.33 28.29 -53.52
C ILE C 648 -0.45 29.39 -52.47
N SER C 649 -1.64 29.96 -52.36
CA SER C 649 -1.94 30.95 -51.33
C SER C 649 -3.06 30.42 -50.45
N ILE C 650 -2.84 30.42 -49.15
CA ILE C 650 -3.83 29.93 -48.19
C ILE C 650 -4.44 31.14 -47.50
N PRO C 651 -5.76 31.26 -47.47
CA PRO C 651 -6.38 32.39 -46.76
C PRO C 651 -6.08 32.34 -45.27
N GLY C 652 -6.32 33.47 -44.60
CA GLY C 652 -6.26 33.50 -43.15
C GLY C 652 -7.30 32.55 -42.59
N TYR C 653 -6.94 31.76 -41.58
CA TYR C 653 -7.80 30.72 -41.04
C TYR C 653 -8.42 29.87 -42.15
N GLY C 654 -7.61 29.57 -43.17
CA GLY C 654 -8.03 28.77 -44.29
C GLY C 654 -7.35 27.41 -44.35
N TYR C 655 -7.84 26.58 -45.28
CA TYR C 655 -7.35 25.22 -45.45
C TYR C 655 -7.26 24.90 -46.93
N ARG C 656 -6.45 23.89 -47.22
CA ARG C 656 -6.32 23.36 -48.57
C ARG C 656 -6.03 21.87 -48.43
N ILE C 657 -7.02 21.05 -48.76
CA ILE C 657 -7.00 19.64 -48.43
C ILE C 657 -7.11 18.83 -49.71
N GLN C 658 -6.16 17.91 -49.91
CA GLN C 658 -6.22 16.96 -51.00
C GLN C 658 -6.59 15.60 -50.42
N MET C 659 -7.73 15.07 -50.83
CA MET C 659 -8.22 13.80 -50.33
C MET C 659 -7.56 12.64 -51.08
N LYS C 660 -7.79 11.44 -50.54
CA LYS C 660 -7.23 10.22 -51.12
C LYS C 660 -7.68 10.00 -52.57
N ASP C 661 -8.90 10.42 -52.91
CA ASP C 661 -9.35 10.29 -54.29
C ASP C 661 -8.74 11.33 -55.22
N GLY C 662 -7.89 12.22 -54.71
CA GLY C 662 -7.26 13.23 -55.52
C GLY C 662 -8.07 14.51 -55.65
N SER C 663 -9.25 14.58 -55.06
CA SER C 663 -10.03 15.80 -55.16
C SER C 663 -9.51 16.82 -54.15
N LEU C 664 -9.89 18.08 -54.36
CA LEU C 664 -9.21 19.23 -53.76
C LEU C 664 -10.23 20.09 -53.03
N LYS C 665 -10.08 20.21 -51.72
CA LYS C 665 -10.97 21.03 -50.90
C LYS C 665 -10.23 22.26 -50.41
N THR C 666 -10.84 23.44 -50.60
CA THR C 666 -10.28 24.71 -50.16
C THR C 666 -11.38 25.54 -49.52
N GLY C 667 -10.99 26.36 -48.55
CA GLY C 667 -11.92 27.27 -47.91
C GLY C 667 -11.25 27.99 -46.75
N HIS C 668 -12.08 28.71 -46.01
CA HIS C 668 -11.60 29.48 -44.86
C HIS C 668 -12.76 29.81 -43.94
N PHE C 669 -12.43 29.99 -42.66
CA PHE C 669 -13.40 30.44 -41.70
C PHE C 669 -13.59 31.96 -41.81
N GLN C 670 -14.76 32.43 -41.44
CA GLN C 670 -15.04 33.86 -41.47
C GLN C 670 -15.82 34.22 -40.22
N VAL C 671 -15.38 35.28 -39.56
CA VAL C 671 -16.11 35.89 -38.46
C VAL C 671 -16.80 37.13 -39.01
N SER C 672 -18.09 37.27 -38.75
CA SER C 672 -18.83 38.41 -39.27
C SER C 672 -19.74 38.96 -38.18
N LEU C 673 -20.26 40.15 -38.44
CA LEU C 673 -21.10 40.88 -37.51
C LEU C 673 -22.45 41.12 -38.19
N HIS C 674 -23.49 40.44 -37.70
CA HIS C 674 -24.84 40.64 -38.21
C HIS C 674 -25.49 41.73 -37.37
N MET C 675 -25.55 42.95 -37.94
CA MET C 675 -26.22 44.08 -37.31
C MET C 675 -27.67 44.11 -37.76
N ASP C 676 -28.60 43.85 -36.83
CA ASP C 676 -30.02 43.92 -37.14
C ASP C 676 -30.42 45.36 -37.46
N PRO D 18 -17.16 40.31 27.08
CA PRO D 18 -17.66 40.61 25.74
C PRO D 18 -17.93 42.11 25.52
N ILE D 19 -16.97 42.79 24.89
CA ILE D 19 -17.07 44.24 24.69
C ILE D 19 -17.91 44.52 23.45
N VAL D 20 -18.73 45.57 23.51
CA VAL D 20 -19.60 45.92 22.39
C VAL D 20 -19.34 47.38 21.99
N LEU D 21 -19.20 47.60 20.68
CA LEU D 21 -19.25 48.92 20.07
C LEU D 21 -20.48 48.97 19.17
N GLU D 22 -21.24 50.05 19.25
CA GLU D 22 -22.48 50.08 18.48
C GLU D 22 -22.83 51.50 18.10
N ASN D 23 -23.30 51.66 16.86
CA ASN D 23 -23.96 52.89 16.44
C ASN D 23 -25.29 52.47 15.81
N GLY D 24 -25.84 53.33 14.96
CA GLY D 24 -27.13 53.03 14.35
C GLY D 24 -27.09 51.92 13.34
N LYS D 25 -25.94 51.73 12.67
CA LYS D 25 -25.84 50.76 11.58
C LYS D 25 -25.13 49.47 11.96
N LEU D 26 -24.19 49.52 12.91
CA LEU D 26 -23.31 48.39 13.18
C LEU D 26 -23.31 48.04 14.66
N ASN D 27 -22.99 46.77 14.92
CA ASN D 27 -22.79 46.25 16.26
C ASN D 27 -21.52 45.40 16.22
N ILE D 28 -20.51 45.80 17.00
CA ILE D 28 -19.22 45.13 17.03
C ILE D 28 -19.10 44.39 18.37
N ASN D 29 -19.05 43.06 18.31
CA ASN D 29 -18.95 42.21 19.49
C ASN D 29 -17.53 41.67 19.56
N ILE D 30 -16.76 42.14 20.54
CA ILE D 30 -15.37 41.75 20.69
C ILE D 30 -15.28 40.77 21.85
N ASP D 31 -14.84 39.55 21.55
CA ASP D 31 -14.60 38.54 22.57
C ASP D 31 -13.40 38.93 23.42
N SER D 32 -13.58 38.96 24.75
CA SER D 32 -12.54 39.45 25.64
C SER D 32 -11.35 38.50 25.72
N LYS D 33 -11.59 37.19 25.59
CA LYS D 33 -10.53 36.21 25.83
C LYS D 33 -9.63 36.03 24.62
N THR D 34 -10.17 36.21 23.40
CA THR D 34 -9.44 35.94 22.17
C THR D 34 -9.16 37.17 21.31
N GLY D 35 -9.93 38.24 21.47
CA GLY D 35 -9.80 39.39 20.59
C GLY D 35 -10.56 39.28 19.28
N CYS D 36 -11.12 38.11 18.98
CA CYS D 36 -11.94 37.97 17.77
C CYS D 36 -13.16 38.87 17.86
N PHE D 37 -13.62 39.36 16.72
CA PHE D 37 -14.84 40.17 16.72
C PHE D 37 -15.74 39.80 15.56
N SER D 38 -17.04 39.96 15.78
CA SER D 38 -18.04 39.87 14.74
C SER D 38 -18.65 41.24 14.54
N VAL D 39 -19.22 41.45 13.36
CA VAL D 39 -19.89 42.70 13.03
C VAL D 39 -21.30 42.35 12.60
N THR D 40 -22.30 42.84 13.34
CA THR D 40 -23.68 42.72 12.93
C THR D 40 -24.07 43.94 12.11
N GLU D 41 -24.37 43.74 10.84
CA GLU D 41 -24.82 44.82 9.97
C GLU D 41 -26.34 44.90 10.11
N LYS D 42 -26.82 45.94 10.82
CA LYS D 42 -28.15 45.92 11.41
C LYS D 42 -29.26 46.11 10.38
N THR D 43 -29.00 46.77 9.25
CA THR D 43 -30.09 47.05 8.32
C THR D 43 -30.56 45.77 7.63
N SER D 44 -29.63 44.94 7.18
CA SER D 44 -29.97 43.63 6.66
C SER D 44 -30.07 42.57 7.74
N GLY D 45 -29.42 42.78 8.88
CA GLY D 45 -29.35 41.74 9.89
C GLY D 45 -28.28 40.70 9.65
N HIS D 46 -27.34 40.94 8.74
CA HIS D 46 -26.27 39.97 8.52
C HIS D 46 -25.18 40.13 9.56
N VAL D 47 -24.66 39.00 10.04
CA VAL D 47 -23.57 38.97 11.00
C VAL D 47 -22.32 38.45 10.27
N TRP D 48 -21.25 39.25 10.28
CA TRP D 48 -19.94 38.81 9.79
C TRP D 48 -19.16 38.23 10.95
N LYS D 49 -18.90 36.92 10.90
CA LYS D 49 -18.22 36.25 11.99
C LYS D 49 -16.71 36.43 11.86
N SER D 50 -16.01 36.11 12.95
CA SER D 50 -14.57 36.03 12.93
C SER D 50 -14.13 34.66 12.40
N ASP D 51 -12.80 34.50 12.24
CA ASP D 51 -12.16 33.29 11.73
C ASP D 51 -12.96 32.04 12.08
N PRO D 52 -13.64 31.42 11.11
CA PRO D 52 -14.41 30.19 11.40
C PRO D 52 -13.54 28.97 11.58
N TRP D 53 -12.24 29.03 11.29
CA TRP D 53 -11.40 27.84 11.36
C TRP D 53 -10.83 27.62 12.76
N GLU D 54 -10.00 28.55 13.23
CA GLU D 54 -9.24 28.35 14.45
C GLU D 54 -9.49 29.45 15.49
N ASN D 55 -10.46 30.34 15.27
CA ASN D 55 -10.71 31.45 16.17
C ASN D 55 -9.45 32.29 16.38
N ALA D 56 -8.71 32.53 15.30
CA ALA D 56 -7.55 33.39 15.34
C ALA D 56 -7.97 34.83 15.06
N ALA D 57 -7.71 35.72 16.02
CA ALA D 57 -7.87 37.15 15.74
C ALA D 57 -6.84 37.64 14.73
N GLY D 58 -5.63 37.08 14.78
CA GLY D 58 -4.59 37.40 13.82
C GLY D 58 -3.61 36.26 13.69
N LEU D 59 -2.89 36.25 12.56
CA LEU D 59 -1.89 35.23 12.27
C LEU D 59 -0.54 35.91 12.09
N LEU D 60 0.42 35.57 12.95
CA LEU D 60 1.72 36.22 13.01
C LEU D 60 2.81 35.24 12.60
N THR D 61 3.62 35.65 11.62
CA THR D 61 4.75 34.86 11.17
C THR D 61 6.03 35.46 11.76
N LEU D 62 6.81 34.62 12.43
CA LEU D 62 7.98 35.05 13.18
C LEU D 62 8.94 33.88 13.32
N THR D 63 10.20 34.19 13.59
CA THR D 63 11.17 33.15 13.90
C THR D 63 10.97 32.63 15.33
N ASP D 64 11.26 31.35 15.54
CA ASP D 64 11.17 30.78 16.87
C ASP D 64 12.55 30.76 17.52
N SER D 65 12.66 30.09 18.67
CA SER D 65 13.90 30.10 19.44
C SER D 65 15.08 29.58 18.64
N LYS D 66 14.86 28.62 17.74
CA LYS D 66 15.91 28.09 16.89
C LYS D 66 16.03 28.83 15.55
N GLY D 67 15.30 29.93 15.37
CA GLY D 67 15.41 30.69 14.15
C GLY D 67 14.69 30.14 12.95
N LYS D 68 13.72 29.26 13.14
CA LYS D 68 12.90 28.79 12.04
C LYS D 68 11.63 29.64 11.94
N LYS D 69 11.22 29.92 10.70
CA LYS D 69 10.00 30.67 10.47
C LYS D 69 8.79 29.86 10.94
N GLN D 70 7.84 30.53 11.60
CA GLN D 70 6.65 29.87 12.10
C GLN D 70 5.49 30.87 12.14
N THR D 71 4.28 30.33 12.09
CA THR D 71 3.06 31.14 12.09
C THR D 71 2.20 30.75 13.28
N VAL D 72 1.85 31.73 14.10
CA VAL D 72 1.14 31.48 15.35
C VAL D 72 -0.20 32.23 15.34
N ASN D 73 -1.15 31.65 16.07
CA ASN D 73 -2.44 32.25 16.35
C ASN D 73 -2.28 33.16 17.55
N ILE D 74 -2.30 34.48 17.33
CA ILE D 74 -2.00 35.41 18.42
C ILE D 74 -3.07 35.37 19.51
N SER D 75 -4.24 34.79 19.24
CA SER D 75 -5.26 34.61 20.27
C SER D 75 -4.86 33.56 21.28
N LYS D 76 -3.83 32.76 21.01
CA LYS D 76 -3.30 31.82 21.98
C LYS D 76 -2.07 32.40 22.70
N SER D 77 -1.99 33.71 22.81
CA SER D 77 -0.90 34.36 23.53
C SER D 77 -1.12 34.21 25.03
N LYS D 78 -0.06 34.48 25.80
CA LYS D 78 -0.10 34.29 27.25
C LYS D 78 -1.02 35.32 27.92
N LYS D 79 -1.06 36.54 27.39
CA LYS D 79 -1.90 37.59 27.92
C LYS D 79 -2.57 38.33 26.77
N ILE D 80 -3.86 38.57 26.89
CA ILE D 80 -4.63 39.32 25.89
C ILE D 80 -5.44 40.38 26.63
N GLU D 81 -5.09 41.64 26.44
CA GLU D 81 -5.78 42.76 27.08
C GLU D 81 -6.74 43.38 26.09
N VAL D 82 -8.03 43.37 26.41
CA VAL D 82 -9.07 43.96 25.57
C VAL D 82 -9.91 44.89 26.45
N SER D 83 -9.96 46.16 26.09
CA SER D 83 -10.72 47.12 26.89
C SER D 83 -11.18 48.27 26.01
N LYS D 84 -12.40 48.74 26.27
CA LYS D 84 -12.89 49.96 25.64
C LYS D 84 -12.12 51.16 26.21
N THR D 85 -11.43 51.90 25.34
CA THR D 85 -10.60 53.03 25.76
C THR D 85 -11.12 54.38 25.28
N ALA D 86 -12.15 54.42 24.45
CA ALA D 86 -12.88 55.63 24.12
C ALA D 86 -14.32 55.24 23.81
N LYS D 87 -15.16 56.23 23.52
CA LYS D 87 -16.58 55.95 23.30
C LYS D 87 -16.77 54.94 22.17
N ASN D 88 -15.95 55.02 21.11
CA ASN D 88 -16.09 54.14 19.96
C ASN D 88 -14.77 53.44 19.62
N THR D 89 -13.91 53.19 20.61
CA THR D 89 -12.58 52.63 20.40
C THR D 89 -12.31 51.52 21.40
N VAL D 90 -11.82 50.37 20.91
CA VAL D 90 -11.43 49.25 21.76
C VAL D 90 -9.97 48.92 21.47
N SER D 91 -9.15 48.85 22.52
CA SER D 91 -7.72 48.59 22.37
C SER D 91 -7.41 47.14 22.69
N LEU D 92 -6.62 46.50 21.84
CA LEU D 92 -6.24 45.11 22.04
C LEU D 92 -4.72 44.99 22.07
N LYS D 93 -4.22 44.19 23.01
CA LYS D 93 -2.79 43.89 23.10
C LYS D 93 -2.63 42.39 23.28
N PHE D 94 -1.89 41.77 22.35
CA PHE D 94 -1.59 40.34 22.39
C PHE D 94 -0.13 40.21 22.82
N ILE D 95 0.09 39.65 24.01
CA ILE D 95 1.41 39.62 24.63
C ILE D 95 1.87 38.17 24.74
N ASP D 96 3.12 37.91 24.30
CA ASP D 96 3.76 36.61 24.41
C ASP D 96 2.97 35.55 23.65
N PRO D 97 3.09 35.51 22.34
CA PRO D 97 2.45 34.44 21.56
C PRO D 97 3.05 33.09 21.92
N VAL D 98 2.26 32.04 21.75
CA VAL D 98 2.67 30.68 22.12
C VAL D 98 2.90 29.88 20.85
N PHE D 99 4.11 29.33 20.72
CA PHE D 99 4.41 28.45 19.60
C PHE D 99 3.67 27.13 19.72
N GLU D 100 3.64 26.38 18.62
CA GLU D 100 2.88 25.14 18.60
C GLU D 100 3.63 23.98 19.23
N ASP D 101 4.91 24.15 19.56
CA ASP D 101 5.64 23.19 20.38
C ASP D 101 5.43 23.41 21.87
N GLY D 102 4.81 24.52 22.25
CA GLY D 102 4.60 24.86 23.65
C GLY D 102 5.48 25.99 24.16
N SER D 103 6.52 26.38 23.44
CA SER D 103 7.37 27.48 23.88
C SER D 103 6.69 28.83 23.62
N VAL D 104 7.33 29.89 24.14
CA VAL D 104 6.73 31.22 24.21
C VAL D 104 7.67 32.23 23.56
N ALA D 105 7.07 33.16 22.82
CA ALA D 105 7.80 34.29 22.25
C ALA D 105 7.83 35.40 23.30
N LYS D 106 8.69 35.21 24.30
CA LYS D 106 8.82 36.14 25.41
C LYS D 106 9.27 37.50 24.90
N GLY D 107 8.48 38.54 25.19
CA GLY D 107 8.81 39.90 24.82
C GLY D 107 8.18 40.37 23.53
N VAL D 108 7.52 39.49 22.80
CA VAL D 108 6.80 39.87 21.59
C VAL D 108 5.43 40.38 21.98
N SER D 109 4.98 41.46 21.34
CA SER D 109 3.63 41.94 21.59
C SER D 109 3.09 42.62 20.35
N ILE D 110 1.78 42.49 20.16
CA ILE D 110 1.03 43.11 19.07
C ILE D 110 -0.07 43.96 19.70
N ALA D 111 -0.11 45.24 19.36
CA ALA D 111 -1.17 46.14 19.82
C ALA D 111 -2.01 46.58 18.63
N THR D 112 -3.33 46.46 18.76
CA THR D 112 -4.26 46.84 17.70
C THR D 112 -5.37 47.70 18.27
N GLU D 113 -6.20 48.26 17.37
CA GLU D 113 -7.31 49.13 17.73
C GLU D 113 -8.48 48.89 16.79
N LEU D 114 -9.69 48.91 17.36
CA LEU D 114 -10.94 48.84 16.62
C LEU D 114 -11.73 50.10 16.90
N ARG D 115 -11.99 50.89 15.86
CA ARG D 115 -12.62 52.20 16.01
C ARG D 115 -13.86 52.25 15.13
N LEU D 116 -15.02 52.46 15.73
CA LEU D 116 -16.28 52.52 15.03
C LEU D 116 -16.65 53.97 14.78
N ASP D 117 -17.00 54.29 13.53
CA ASP D 117 -17.47 55.63 13.23
C ASP D 117 -18.77 55.92 14.00
N PRO D 118 -18.95 57.14 14.51
CA PRO D 118 -20.19 57.42 15.28
C PRO D 118 -21.46 57.25 14.48
N ASN D 119 -21.43 57.50 13.17
CA ASN D 119 -22.64 57.53 12.35
C ASN D 119 -22.61 56.53 11.21
N ASN D 120 -21.54 56.52 10.42
CA ASN D 120 -21.49 55.66 9.26
C ASN D 120 -21.20 54.22 9.68
N ALA D 121 -21.56 53.30 8.79
CA ALA D 121 -21.18 51.89 8.93
C ALA D 121 -19.74 51.73 8.48
N GLN D 122 -18.82 52.30 9.26
CA GLN D 122 -17.39 52.20 8.99
C GLN D 122 -16.68 51.75 10.25
N LEU D 123 -15.77 50.77 10.12
CA LEU D 123 -14.97 50.28 11.22
C LEU D 123 -13.49 50.35 10.83
N ASP D 124 -12.72 51.12 11.60
CA ASP D 124 -11.28 51.18 11.38
C ASP D 124 -10.59 50.08 12.18
N VAL D 125 -9.61 49.45 11.56
CA VAL D 125 -8.79 48.43 12.19
C VAL D 125 -7.34 48.78 11.93
N GLU D 126 -6.55 48.89 12.99
CA GLU D 126 -5.17 49.32 12.87
C GLU D 126 -4.28 48.52 13.80
N VAL D 127 -3.14 48.08 13.29
CA VAL D 127 -2.07 47.56 14.13
C VAL D 127 -1.24 48.75 14.58
N THR D 128 -1.27 49.05 15.87
CA THR D 128 -0.73 50.29 16.41
C THR D 128 0.68 50.15 16.98
N GLU D 129 1.11 48.93 17.32
CA GLU D 129 2.46 48.71 17.81
C GLU D 129 2.79 47.24 17.73
N HIS D 130 4.06 46.93 17.42
CA HIS D 130 4.59 45.59 17.52
C HIS D 130 5.96 45.63 18.17
N ARG D 131 6.23 44.66 19.04
CA ARG D 131 7.48 44.56 19.77
C ARG D 131 8.12 43.21 19.45
N SER D 132 9.40 43.23 19.07
CA SER D 132 10.09 42.03 18.62
C SER D 132 10.80 41.28 19.75
N GLY D 133 11.38 41.98 20.72
CA GLY D 133 12.30 41.28 21.58
C GLY D 133 13.46 40.74 20.75
N ASN D 134 13.95 39.56 21.14
CA ASN D 134 15.01 38.90 20.40
C ASN D 134 14.51 38.16 19.17
N PHE D 135 13.20 38.10 18.96
CA PHE D 135 12.67 37.43 17.78
C PHE D 135 12.62 38.39 16.60
N THR D 136 12.25 37.86 15.44
CA THR D 136 12.05 38.64 14.23
C THR D 136 10.64 38.40 13.72
N LEU D 137 9.93 39.48 13.40
CA LEU D 137 8.56 39.44 12.91
C LEU D 137 8.53 39.70 11.42
N TYR D 138 7.68 38.95 10.70
CA TYR D 138 7.56 39.12 9.25
C TYR D 138 6.16 39.52 8.81
N ASP D 139 5.22 38.59 8.81
CA ASP D 139 3.87 38.82 8.31
C ASP D 139 2.87 38.84 9.45
N LEU D 140 1.89 39.75 9.37
CA LEU D 140 0.76 39.76 10.28
C LEU D 140 -0.51 39.85 9.46
N ARG D 141 -1.30 38.78 9.45
CA ARG D 141 -2.64 38.82 8.88
C ARG D 141 -3.59 39.25 10.00
N TYR D 142 -4.07 40.47 9.92
CA TYR D 142 -4.95 41.04 10.94
C TYR D 142 -5.90 42.03 10.30
N PRO D 143 -7.23 41.82 10.39
CA PRO D 143 -7.87 40.67 11.04
C PRO D 143 -7.78 39.38 10.19
N ALA D 144 -7.60 38.23 10.84
CA ALA D 144 -7.35 36.98 10.15
C ALA D 144 -8.66 36.30 9.77
N ARG D 145 -8.84 36.06 8.47
CA ARG D 145 -9.98 35.31 7.93
C ARG D 145 -11.31 35.93 8.40
N ALA D 146 -11.35 37.26 8.43
CA ALA D 146 -12.58 37.96 8.75
C ALA D 146 -13.42 38.19 7.50
N PHE D 147 -14.69 38.51 7.74
CA PHE D 147 -15.64 38.89 6.68
C PHE D 147 -15.79 37.78 5.64
N SER D 148 -15.78 36.53 6.09
CA SER D 148 -15.81 35.41 5.19
C SER D 148 -17.23 35.14 4.69
N LEU D 149 -17.30 34.48 3.53
CA LEU D 149 -18.51 33.90 3.00
C LEU D 149 -18.43 32.38 3.12
N LYS D 150 -19.53 31.74 3.48
CA LYS D 150 -19.60 30.28 3.55
C LYS D 150 -20.00 29.75 2.18
N THR D 151 -19.08 29.01 1.57
CA THR D 151 -19.31 28.46 0.24
C THR D 151 -20.62 27.71 0.17
N ASP D 152 -21.44 28.05 -0.82
CA ASP D 152 -22.74 27.45 -1.10
C ASP D 152 -23.77 27.71 -0.02
N GLU D 153 -23.45 28.48 1.02
CA GLU D 153 -24.47 29.00 1.93
C GLU D 153 -24.73 30.46 1.57
N ASP D 154 -23.70 31.29 1.76
CA ASP D 154 -23.71 32.66 1.25
C ASP D 154 -23.59 32.64 -0.27
N LYS D 155 -24.55 33.24 -0.97
CA LYS D 155 -24.48 33.42 -2.41
C LYS D 155 -23.98 34.82 -2.68
N GLY D 156 -22.77 34.93 -3.21
CA GLY D 156 -22.15 36.21 -3.46
C GLY D 156 -20.75 36.01 -4.00
N ALA D 157 -19.85 36.94 -3.70
CA ALA D 157 -18.51 36.86 -4.28
C ALA D 157 -17.53 37.66 -3.45
N ALA D 158 -16.27 37.24 -3.53
CA ALA D 158 -15.15 38.13 -3.22
C ALA D 158 -14.97 39.13 -4.35
N VAL D 159 -14.49 40.31 -4.00
CA VAL D 159 -14.30 41.40 -4.95
C VAL D 159 -12.83 41.83 -4.89
N ILE D 160 -12.11 41.68 -6.01
CA ILE D 160 -10.67 41.87 -6.04
C ILE D 160 -10.27 42.74 -7.22
N PRO D 161 -9.68 43.92 -7.01
CA PRO D 161 -9.24 44.77 -8.12
C PRO D 161 -7.90 44.32 -8.72
N GLN D 162 -7.86 43.07 -9.16
CA GLN D 162 -6.72 42.53 -9.89
C GLN D 162 -6.75 43.10 -11.30
N LYS D 163 -5.79 43.99 -11.61
CA LYS D 163 -5.79 44.85 -12.79
C LYS D 163 -7.16 45.51 -12.98
N GLN D 164 -7.84 45.29 -14.11
CA GLN D 164 -9.18 45.87 -14.25
C GLN D 164 -10.15 45.33 -13.19
N GLY D 165 -9.95 44.09 -12.72
CA GLY D 165 -10.74 43.61 -11.60
C GLY D 165 -11.55 42.35 -11.84
N VAL D 166 -11.77 41.58 -10.76
CA VAL D 166 -12.51 40.34 -10.84
C VAL D 166 -13.42 40.19 -9.63
N ILE D 167 -14.39 39.28 -9.76
CA ILE D 167 -15.14 38.78 -8.61
C ILE D 167 -15.05 37.27 -8.61
N CYS D 168 -15.05 36.69 -7.42
CA CYS D 168 -14.96 35.24 -7.24
C CYS D 168 -16.20 34.75 -6.52
N PRO D 169 -17.16 34.16 -7.23
CA PRO D 169 -18.37 33.65 -6.57
C PRO D 169 -18.06 32.69 -5.43
N SER D 170 -18.86 32.81 -4.36
CA SER D 170 -18.72 31.97 -3.18
C SER D 170 -19.61 30.73 -3.24
N TYR D 171 -19.91 30.24 -4.44
CA TYR D 171 -20.86 29.16 -4.61
C TYR D 171 -20.68 28.62 -6.02
N ILE D 172 -21.13 27.40 -6.23
CA ILE D 172 -21.03 26.76 -7.55
C ILE D 172 -22.33 27.02 -8.31
N PHE D 173 -22.20 27.18 -9.64
CA PHE D 173 -23.29 27.66 -10.47
C PHE D 173 -23.12 27.05 -11.86
N PRO D 174 -24.13 27.15 -12.73
CA PRO D 174 -24.00 26.55 -14.06
C PRO D 174 -23.05 27.34 -14.94
N MET D 175 -22.27 26.60 -15.72
CA MET D 175 -21.35 27.19 -16.68
C MET D 175 -20.94 26.07 -17.65
N ASN D 176 -20.16 26.43 -18.67
CA ASN D 176 -19.69 25.40 -19.59
C ASN D 176 -18.95 24.30 -18.85
N GLY D 177 -19.11 23.07 -19.34
CA GLY D 177 -18.60 21.91 -18.61
C GLY D 177 -17.11 21.94 -18.37
N GLY D 178 -16.34 22.44 -19.34
CA GLY D 178 -14.89 22.49 -19.18
C GLY D 178 -14.47 23.53 -18.16
N ARG D 179 -15.08 24.73 -18.23
CA ARG D 179 -14.88 25.76 -17.21
C ARG D 179 -15.29 25.23 -15.83
N PHE D 180 -16.45 24.58 -15.76
CA PHE D 180 -16.95 24.01 -14.51
C PHE D 180 -15.91 23.08 -13.88
N CYS D 181 -15.36 22.15 -14.67
CA CYS D 181 -14.35 21.23 -14.15
C CYS D 181 -13.16 21.99 -13.56
N LYS D 182 -12.62 22.95 -14.32
CA LYS D 182 -11.46 23.70 -13.82
C LYS D 182 -11.82 24.59 -12.63
N TRP D 183 -13.04 25.14 -12.63
CA TRP D 183 -13.46 26.04 -11.56
C TRP D 183 -13.56 25.30 -10.24
N ASP D 184 -14.39 24.25 -10.20
CA ASP D 184 -14.53 23.46 -8.99
C ASP D 184 -13.20 22.87 -8.54
N ASP D 185 -12.45 22.28 -9.47
CA ASP D 185 -11.17 21.68 -9.10
C ASP D 185 -10.25 22.69 -8.44
N ALA D 186 -10.28 23.95 -8.92
CA ALA D 186 -9.39 24.97 -8.38
C ALA D 186 -9.70 25.28 -6.91
N THR D 187 -10.97 25.17 -6.51
CA THR D 187 -11.32 25.43 -5.11
C THR D 187 -10.85 24.31 -4.19
N TYR D 188 -10.31 23.22 -4.73
CA TYR D 188 -9.79 22.15 -3.90
C TYR D 188 -8.29 21.94 -4.08
N ASN D 189 -7.56 22.90 -4.63
CA ASN D 189 -6.10 22.83 -4.63
C ASN D 189 -5.54 24.23 -4.45
N ASN D 190 -4.24 24.37 -4.70
CA ASN D 190 -3.53 25.60 -4.32
C ASN D 190 -3.84 26.79 -5.21
N LYS D 191 -4.54 26.60 -6.33
CA LYS D 191 -4.90 27.75 -7.15
C LYS D 191 -5.86 28.70 -6.45
N SER D 192 -6.56 28.25 -5.42
CA SER D 192 -7.54 29.09 -4.75
C SER D 192 -6.99 29.75 -3.49
N GLN D 193 -5.68 29.64 -3.24
CA GLN D 193 -5.06 30.37 -2.14
C GLN D 193 -3.73 30.96 -2.60
N GLY D 194 -3.35 32.06 -1.97
CA GLY D 194 -2.17 32.78 -2.36
C GLY D 194 -2.30 34.22 -1.91
N SER D 195 -1.36 35.03 -2.37
CA SER D 195 -1.34 36.44 -2.02
C SER D 195 -1.04 37.28 -3.25
N LEU D 196 -1.57 38.50 -3.26
CA LEU D 196 -1.34 39.48 -4.30
C LEU D 196 -0.79 40.75 -3.68
N GLU D 197 -0.01 41.49 -4.46
CA GLU D 197 0.60 42.72 -4.01
C GLU D 197 -0.02 43.92 -4.73
N LEU D 198 0.18 45.11 -4.17
CA LEU D 198 -0.46 46.34 -4.65
C LEU D 198 0.38 47.05 -5.71
N PHE D 199 -0.30 47.50 -6.78
CA PHE D 199 0.20 48.54 -7.70
C PHE D 199 1.32 48.05 -8.61
N ASN D 200 1.20 46.84 -9.15
CA ASN D 200 2.13 46.38 -10.17
C ASN D 200 1.37 46.15 -11.47
N ASN D 201 2.11 45.80 -12.52
CA ASN D 201 1.53 45.50 -13.81
C ASN D 201 1.54 44.01 -14.10
N GLY D 202 1.83 43.19 -13.10
CA GLY D 202 1.73 41.75 -13.26
C GLY D 202 0.40 41.23 -12.74
N THR D 203 0.44 40.49 -11.64
CA THR D 203 -0.74 39.84 -11.10
C THR D 203 -1.45 40.65 -10.02
N GLY D 204 -0.96 41.84 -9.68
CA GLY D 204 -1.35 42.51 -8.46
C GLY D 204 -2.57 43.41 -8.59
N LEU D 205 -2.89 44.07 -7.47
CA LEU D 205 -4.05 44.92 -7.39
C LEU D 205 -3.74 46.31 -7.93
N THR D 206 -4.75 46.96 -8.49
CA THR D 206 -4.60 48.32 -8.98
C THR D 206 -5.33 49.34 -8.11
N MET D 207 -6.08 48.91 -7.11
CA MET D 207 -6.68 49.81 -6.15
C MET D 207 -6.54 49.18 -4.78
N PRO D 208 -6.36 49.99 -3.74
CA PRO D 208 -6.02 49.46 -2.40
C PRO D 208 -7.26 49.11 -1.57
N TRP D 209 -8.10 48.23 -2.11
CA TRP D 209 -9.28 47.78 -1.40
C TRP D 209 -9.67 46.42 -1.93
N TRP D 210 -10.52 45.74 -1.17
CA TRP D 210 -11.13 44.48 -1.60
C TRP D 210 -12.33 44.25 -0.69
N GLY D 211 -13.18 43.30 -1.07
CA GLY D 211 -14.38 43.08 -0.28
C GLY D 211 -15.05 41.77 -0.62
N THR D 212 -16.15 41.53 0.10
CA THR D 212 -17.00 40.35 -0.08
C THR D 212 -18.44 40.76 0.09
N TYR D 213 -19.34 40.05 -0.58
CA TYR D 213 -20.76 40.31 -0.39
C TYR D 213 -21.55 39.02 -0.55
N ASN D 214 -22.70 38.98 0.13
CA ASN D 214 -23.69 37.94 -0.12
C ASN D 214 -24.97 38.58 -0.60
N GLU D 215 -26.11 37.89 -0.41
CA GLU D 215 -27.39 38.41 -0.86
C GLU D 215 -28.01 39.40 0.12
N LYS D 216 -27.39 39.59 1.28
CA LYS D 216 -27.86 40.49 2.32
C LYS D 216 -27.03 41.75 2.44
N SER D 217 -25.71 41.63 2.39
CA SER D 217 -24.84 42.72 2.81
C SER D 217 -23.53 42.65 2.05
N ALA D 218 -22.83 43.77 1.99
CA ALA D 218 -21.50 43.85 1.39
C ALA D 218 -20.57 44.54 2.38
N VAL D 219 -19.30 44.15 2.33
CA VAL D 219 -18.25 44.77 3.13
C VAL D 219 -17.01 44.91 2.26
N MET D 220 -16.32 46.03 2.40
CA MET D 220 -15.05 46.22 1.72
C MET D 220 -14.14 47.04 2.63
N GLY D 221 -12.85 46.74 2.56
CA GLY D 221 -11.83 47.42 3.35
C GLY D 221 -10.89 48.21 2.44
N ILE D 222 -10.59 49.43 2.85
CA ILE D 222 -9.75 50.35 2.10
C ILE D 222 -8.45 50.50 2.88
N VAL D 223 -7.33 50.18 2.24
CA VAL D 223 -6.04 50.27 2.91
C VAL D 223 -5.62 51.73 2.98
N ASP D 224 -5.11 52.13 4.15
CA ASP D 224 -4.54 53.45 4.35
C ASP D 224 -3.54 53.79 3.25
N VAL D 225 -3.56 55.06 2.81
CA VAL D 225 -2.75 55.49 1.67
C VAL D 225 -1.26 55.34 1.94
N SER D 226 -0.84 55.25 3.19
CA SER D 226 0.57 55.20 3.53
C SER D 226 1.12 53.78 3.67
N ALA D 227 0.30 52.75 3.46
CA ALA D 227 0.70 51.39 3.75
C ALA D 227 0.72 50.55 2.49
N ARG D 228 1.48 49.46 2.55
CA ARG D 228 1.62 48.56 1.40
C ARG D 228 1.54 47.11 1.87
N PRO D 229 0.39 46.69 2.38
CA PRO D 229 0.21 45.27 2.69
C PRO D 229 -0.04 44.48 1.43
N HIS D 230 0.19 43.18 1.52
CA HIS D 230 -0.28 42.27 0.50
C HIS D 230 -1.69 41.83 0.84
N MET D 231 -2.32 41.15 -0.09
CA MET D 231 -3.68 40.65 0.10
C MET D 231 -3.65 39.13 0.00
N GLN D 232 -4.03 38.46 1.09
CA GLN D 232 -4.23 37.01 1.03
C GLN D 232 -5.64 36.71 0.51
N TYR D 233 -5.73 35.72 -0.37
CA TYR D 233 -7.01 35.26 -0.89
C TYR D 233 -7.20 33.78 -0.57
N ASN D 234 -8.47 33.42 -0.37
CA ASN D 234 -8.86 32.02 -0.17
C ASN D 234 -10.24 31.87 -0.81
N ILE D 235 -10.28 31.26 -1.99
CA ILE D 235 -11.51 31.23 -2.77
C ILE D 235 -12.18 29.86 -2.69
N ASN D 236 -13.10 29.71 -1.73
CA ASN D 236 -13.87 28.49 -1.50
C ASN D 236 -13.00 27.32 -1.05
N ASN D 237 -11.79 27.59 -0.59
CA ASN D 237 -10.87 26.55 -0.15
C ASN D 237 -11.10 26.25 1.32
N ASN D 238 -11.07 24.97 1.68
CA ASN D 238 -11.25 24.56 3.07
C ASN D 238 -9.95 24.52 3.86
N GLY D 239 -8.88 25.15 3.36
CA GLY D 239 -7.64 25.17 4.10
C GLY D 239 -6.86 23.88 4.07
N GLN D 240 -7.11 23.01 3.08
CA GLN D 240 -6.33 21.79 2.95
C GLN D 240 -4.84 22.09 2.79
N TYR D 241 -4.51 23.22 2.16
CA TYR D 241 -3.11 23.61 2.01
C TYR D 241 -2.39 23.72 3.35
N LEU D 242 -3.12 23.97 4.43
CA LEU D 242 -2.48 24.00 5.74
C LEU D 242 -2.12 22.62 6.26
N PHE D 243 -2.61 21.55 5.63
CA PHE D 243 -2.52 20.20 6.18
C PHE D 243 -1.86 19.20 5.25
N ASN D 244 -1.47 19.61 4.04
CA ASN D 244 -0.89 18.67 3.09
C ASN D 244 0.44 18.12 3.60
N ALA D 245 1.28 18.99 4.18
CA ALA D 245 2.56 18.55 4.74
C ALA D 245 2.37 17.61 5.93
N LYS D 246 1.34 17.82 6.75
CA LYS D 246 1.02 16.89 7.82
C LYS D 246 0.35 15.61 7.31
N GLY D 247 -0.13 15.59 6.07
CA GLY D 247 -0.74 14.36 5.56
C GLY D 247 -2.04 14.01 6.24
N VAL D 248 -2.84 15.02 6.59
CA VAL D 248 -4.15 14.82 7.17
C VAL D 248 -5.17 15.62 6.36
N MET D 249 -6.43 15.22 6.49
CA MET D 249 -7.52 15.95 5.83
C MET D 249 -7.89 17.15 6.66
N SER D 250 -8.21 18.25 5.98
CA SER D 250 -8.64 19.45 6.70
C SER D 250 -9.99 19.21 7.36
N PRO D 251 -10.16 19.59 8.62
CA PRO D 251 -11.49 19.55 9.24
C PRO D 251 -12.28 20.85 9.08
N TYR D 252 -11.79 21.77 8.26
CA TYR D 252 -12.39 23.09 8.14
C TYR D 252 -13.39 23.12 6.99
N GLN D 253 -14.26 24.13 7.04
CA GLN D 253 -15.31 24.33 6.06
C GLN D 253 -14.81 25.20 4.91
N ARG D 254 -15.31 24.92 3.71
CA ARG D 254 -15.07 25.79 2.57
C ARG D 254 -15.64 27.17 2.83
N ILE D 255 -14.79 28.20 2.72
CA ILE D 255 -15.15 29.59 2.92
C ILE D 255 -14.42 30.44 1.89
N VAL D 256 -14.80 31.72 1.82
CA VAL D 256 -14.12 32.73 1.02
C VAL D 256 -13.67 33.84 1.95
N PHE D 257 -12.38 34.17 1.90
CA PHE D 257 -11.91 35.31 2.68
C PHE D 257 -10.75 36.00 1.98
N LEU D 258 -10.57 37.26 2.35
CA LEU D 258 -9.46 38.10 1.91
C LEU D 258 -8.91 38.81 3.15
N ASP D 259 -7.61 38.68 3.38
CA ASP D 259 -6.95 39.26 4.54
C ASP D 259 -5.86 40.23 4.11
N PRO D 260 -5.67 41.33 4.84
CA PRO D 260 -4.45 42.13 4.66
C PRO D 260 -3.27 41.42 5.29
N ILE D 261 -2.13 41.46 4.61
CA ILE D 261 -0.88 40.91 5.14
C ILE D 261 0.02 42.11 5.43
N TRP D 262 0.12 42.49 6.69
CA TRP D 262 1.02 43.56 7.07
C TRP D 262 2.44 43.02 7.15
N LYS D 263 3.36 43.66 6.42
CA LYS D 263 4.76 43.22 6.36
C LYS D 263 5.52 43.95 7.46
N LEU D 264 5.52 43.37 8.66
CA LEU D 264 6.14 44.00 9.82
C LEU D 264 7.63 44.26 9.64
N ASP D 265 8.29 43.52 8.75
CA ASP D 265 9.73 43.70 8.55
C ASP D 265 10.07 44.86 7.64
N GLN D 266 9.10 45.47 6.96
CA GLN D 266 9.39 46.58 6.05
C GLN D 266 8.40 47.73 6.12
N GLU D 267 7.21 47.55 6.68
CA GLU D 267 6.16 48.55 6.60
C GLU D 267 6.47 49.76 7.47
N LYS D 268 6.59 50.94 6.84
CA LYS D 268 6.86 52.18 7.56
C LYS D 268 5.62 53.03 7.78
N GLY D 269 4.49 52.71 7.13
CA GLY D 269 3.30 53.52 7.21
C GLY D 269 2.30 53.03 8.24
N LYS D 270 1.17 53.73 8.28
CA LYS D 270 0.10 53.41 9.22
C LYS D 270 -0.63 52.16 8.74
N MET D 271 -0.61 51.11 9.56
CA MET D 271 -1.21 49.82 9.21
C MET D 271 -2.69 49.85 9.58
N ARG D 272 -3.44 50.64 8.79
CA ARG D 272 -4.85 50.86 9.01
C ARG D 272 -5.64 50.44 7.77
N ILE D 273 -6.75 49.75 8.00
CA ILE D 273 -7.69 49.41 6.94
C ILE D 273 -9.08 49.85 7.37
N SER D 274 -9.84 50.42 6.44
CA SER D 274 -11.14 51.03 6.72
C SER D 274 -12.24 50.17 6.10
N TYR D 275 -13.01 49.49 6.93
CA TYR D 275 -14.08 48.62 6.46
C TYR D 275 -15.39 49.41 6.34
N HIS D 276 -15.98 49.37 5.14
CA HIS D 276 -17.25 50.03 4.86
C HIS D 276 -18.32 48.98 4.57
N PHE D 277 -19.50 49.16 5.15
CA PHE D 277 -20.57 48.17 5.09
C PHE D 277 -21.76 48.74 4.32
N ILE D 278 -22.27 47.99 3.36
CA ILE D 278 -23.38 48.43 2.51
C ILE D 278 -24.48 47.38 2.50
N PRO D 279 -25.63 47.63 3.14
CA PRO D 279 -26.73 46.67 3.12
C PRO D 279 -27.28 46.47 1.71
N GLY D 280 -27.44 45.22 1.32
CA GLY D 280 -27.88 44.90 -0.03
C GLY D 280 -26.95 45.32 -1.15
N GLY D 281 -25.68 45.64 -0.84
CA GLY D 281 -24.75 46.09 -1.85
C GLY D 281 -23.93 44.96 -2.49
N ASP D 282 -23.16 45.33 -3.52
CA ASP D 282 -22.22 44.42 -4.19
C ASP D 282 -20.97 45.16 -4.64
N TYR D 283 -20.34 44.68 -5.72
CA TYR D 283 -19.08 45.27 -6.16
C TYR D 283 -19.26 46.67 -6.73
N VAL D 284 -20.42 46.95 -7.34
CA VAL D 284 -20.67 48.32 -7.81
C VAL D 284 -20.64 49.30 -6.64
N ASP D 285 -21.35 48.96 -5.54
CA ASP D 285 -21.38 49.83 -4.38
C ASP D 285 -20.00 50.03 -3.78
N MET D 286 -19.23 48.95 -3.65
CA MET D 286 -17.86 49.05 -3.15
C MET D 286 -17.04 50.03 -3.99
N ALA D 287 -17.11 49.88 -5.32
CA ALA D 287 -16.34 50.76 -6.20
C ALA D 287 -16.74 52.22 -6.04
N LYS D 288 -18.03 52.49 -5.84
CA LYS D 288 -18.44 53.88 -5.65
C LYS D 288 -18.03 54.43 -4.29
N VAL D 289 -17.81 53.56 -3.31
CA VAL D 289 -17.27 54.01 -2.03
C VAL D 289 -15.81 54.41 -2.21
N TYR D 290 -14.99 53.53 -2.80
CA TYR D 290 -13.60 53.90 -3.05
C TYR D 290 -13.50 55.12 -3.97
N GLN D 291 -14.48 55.30 -4.86
CA GLN D 291 -14.45 56.44 -5.77
C GLN D 291 -14.34 57.76 -5.00
N LYS D 292 -15.11 57.90 -3.91
CA LYS D 292 -15.01 59.12 -3.12
C LYS D 292 -13.64 59.23 -2.47
N GLU D 293 -13.08 58.10 -2.03
CA GLU D 293 -11.74 58.10 -1.46
C GLU D 293 -10.69 58.46 -2.50
N ALA D 294 -10.87 58.00 -3.74
CA ALA D 294 -9.90 58.29 -4.78
C ALA D 294 -9.82 59.78 -5.06
N LYS D 295 -10.99 60.44 -5.12
CA LYS D 295 -11.00 61.90 -5.30
C LYS D 295 -10.31 62.60 -4.15
N ALA D 296 -10.53 62.13 -2.92
CA ALA D 296 -9.84 62.71 -1.78
C ALA D 296 -8.33 62.57 -1.91
N ARG D 297 -7.86 61.48 -2.51
CA ARG D 297 -6.43 61.24 -2.60
C ARG D 297 -5.75 62.00 -3.73
N GLY D 298 -6.51 62.72 -4.56
CA GLY D 298 -5.95 63.43 -5.68
C GLY D 298 -5.78 62.61 -6.95
N HIS D 299 -6.15 61.33 -6.94
CA HIS D 299 -5.95 60.52 -8.14
C HIS D 299 -6.87 60.95 -9.27
N PHE D 300 -8.04 61.51 -8.93
CA PHE D 300 -9.14 61.65 -9.88
C PHE D 300 -9.07 63.03 -10.52
N VAL D 301 -8.66 63.08 -11.77
CA VAL D 301 -8.73 64.28 -12.59
C VAL D 301 -9.50 63.92 -13.85
N SER D 302 -10.66 64.56 -14.03
CA SER D 302 -11.62 64.13 -15.04
C SER D 302 -11.14 64.44 -16.45
N LEU D 303 -11.64 63.66 -17.40
CA LEU D 303 -11.35 63.90 -18.81
C LEU D 303 -12.00 65.18 -19.32
N GLN D 304 -13.04 65.69 -18.66
CA GLN D 304 -13.59 66.98 -19.06
C GLN D 304 -12.65 68.11 -18.66
N GLU D 305 -12.03 68.01 -17.47
CA GLU D 305 -10.98 68.95 -17.12
C GLU D 305 -9.81 68.84 -18.08
N LYS D 306 -9.43 67.60 -18.43
CA LYS D 306 -8.35 67.41 -19.38
C LYS D 306 -8.73 67.94 -20.76
N LEU D 307 -9.99 67.77 -21.16
CA LEU D 307 -10.48 68.38 -22.39
C LEU D 307 -10.39 69.90 -22.31
N LYS D 308 -10.70 70.47 -21.15
CA LYS D 308 -10.67 71.93 -20.99
C LYS D 308 -9.27 72.47 -21.24
N ARG D 309 -8.25 71.78 -20.75
CA ARG D 309 -6.90 72.31 -20.94
C ARG D 309 -6.33 71.97 -22.30
N ASN D 310 -6.94 71.03 -23.01
CA ASN D 310 -6.38 70.53 -24.28
C ASN D 310 -7.51 70.05 -25.16
N PRO D 311 -8.03 70.90 -26.05
CA PRO D 311 -9.09 70.47 -26.97
C PRO D 311 -8.77 69.22 -27.77
N ASN D 312 -7.50 68.93 -28.03
CA ASN D 312 -7.20 67.75 -28.85
C ASN D 312 -7.57 66.44 -28.18
N VAL D 313 -7.91 66.47 -26.88
CA VAL D 313 -8.37 65.26 -26.20
C VAL D 313 -9.59 64.68 -26.91
N ASN D 314 -10.40 65.53 -27.55
CA ASN D 314 -11.58 65.04 -28.23
C ASN D 314 -11.27 64.31 -29.53
N LYS D 315 -10.00 64.08 -29.87
CA LYS D 315 -9.67 63.18 -30.97
C LYS D 315 -9.64 61.72 -30.54
N LEU D 316 -9.85 61.44 -29.25
CA LEU D 316 -9.84 60.09 -28.68
C LEU D 316 -11.20 59.40 -28.63
N PRO D 317 -12.32 60.09 -28.38
CA PRO D 317 -13.60 59.37 -28.33
C PRO D 317 -13.91 58.75 -29.70
N GLY D 318 -14.12 57.44 -29.69
CA GLY D 318 -14.36 56.71 -30.92
C GLY D 318 -13.13 56.31 -31.69
N ALA D 319 -11.93 56.70 -31.22
CA ALA D 319 -10.69 56.34 -31.90
C ALA D 319 -10.35 54.87 -31.70
N ILE D 320 -9.84 54.24 -32.76
CA ILE D 320 -9.23 52.92 -32.66
C ILE D 320 -7.75 53.10 -32.41
N TYR D 321 -7.20 52.36 -31.47
CA TYR D 321 -5.78 52.46 -31.16
C TYR D 321 -5.03 51.46 -32.05
N PHE D 322 -4.15 51.99 -32.92
CA PHE D 322 -3.42 51.20 -33.89
C PHE D 322 -1.95 51.13 -33.48
N GLY D 323 -1.49 49.92 -33.15
CA GLY D 323 -0.08 49.73 -32.89
C GLY D 323 0.58 49.03 -34.06
N ILE D 324 1.44 49.75 -34.78
CA ILE D 324 2.13 49.21 -35.94
C ILE D 324 3.50 48.76 -35.46
N TYR D 325 3.66 47.45 -35.26
CA TYR D 325 4.82 46.90 -34.58
C TYR D 325 5.89 46.51 -35.59
N GLY D 326 6.97 47.27 -35.63
CA GLY D 326 8.05 46.99 -36.57
C GLY D 326 9.23 46.25 -35.99
N GLY D 327 9.03 45.42 -34.97
CA GLY D 327 10.13 44.72 -34.33
C GLY D 327 10.94 45.54 -33.34
N TYR D 328 10.66 46.83 -33.20
CA TYR D 328 11.20 47.83 -32.29
C TYR D 328 10.27 47.99 -31.10
N PRO D 329 10.79 48.12 -29.85
CA PRO D 329 12.18 48.38 -29.47
C PRO D 329 13.10 47.17 -29.33
N HIS D 330 12.61 45.97 -29.61
CA HIS D 330 13.43 44.78 -29.38
C HIS D 330 14.61 44.70 -30.34
N TYR D 331 14.44 45.19 -31.58
CA TYR D 331 15.49 45.18 -32.57
C TYR D 331 15.39 46.46 -33.40
N VAL D 332 16.52 46.88 -33.93
CA VAL D 332 16.58 48.01 -34.85
C VAL D 332 16.59 47.44 -36.27
N ASN D 333 15.63 47.89 -37.07
CA ASN D 333 15.56 47.58 -38.50
C ASN D 333 15.54 46.06 -38.75
N MET D 334 14.57 45.40 -38.13
CA MET D 334 14.62 43.95 -38.26
C MET D 334 13.87 43.47 -39.50
N PRO D 335 14.44 42.52 -40.24
CA PRO D 335 13.84 42.10 -41.51
C PRO D 335 12.55 41.33 -41.28
N GLY D 336 11.59 41.57 -42.17
CA GLY D 336 10.29 40.95 -42.03
C GLY D 336 9.38 41.59 -41.02
N MET D 337 9.86 42.60 -40.28
CA MET D 337 9.03 43.27 -39.29
C MET D 337 9.07 44.78 -39.48
N ALA D 338 10.26 45.34 -39.66
CA ALA D 338 10.40 46.79 -39.72
C ALA D 338 9.64 47.37 -40.91
N PHE D 339 9.06 48.55 -40.70
CA PHE D 339 8.39 49.30 -41.75
C PHE D 339 9.23 50.51 -42.16
N THR D 340 9.15 50.86 -43.43
CA THR D 340 9.64 52.14 -43.88
C THR D 340 8.59 53.22 -43.59
N PHE D 341 9.00 54.47 -43.71
CA PHE D 341 8.03 55.53 -43.48
C PHE D 341 7.02 55.63 -44.61
N ASP D 342 7.41 55.26 -45.84
CA ASP D 342 6.45 55.20 -46.93
C ASP D 342 5.41 54.12 -46.68
N GLU D 343 5.83 52.97 -46.15
CA GLU D 343 4.88 51.92 -45.76
C GLU D 343 3.99 52.39 -44.62
N LEU D 344 4.58 53.06 -43.64
CA LEU D 344 3.79 53.62 -42.54
C LEU D 344 2.77 54.63 -43.06
N LYS D 345 3.18 55.49 -43.99
CA LYS D 345 2.24 56.43 -44.57
C LYS D 345 1.12 55.70 -45.30
N ASN D 346 1.46 54.62 -46.01
CA ASN D 346 0.49 53.89 -46.81
C ASN D 346 -0.54 53.15 -45.93
N ILE D 347 -0.10 52.64 -44.78
CA ILE D 347 -1.02 52.03 -43.83
C ILE D 347 -1.99 53.07 -43.27
N ILE D 348 -1.49 54.26 -42.96
CA ILE D 348 -2.35 55.36 -42.51
C ILE D 348 -3.38 55.70 -43.58
N LYS D 349 -2.94 55.80 -44.83
CA LYS D 349 -3.84 56.17 -45.92
C LYS D 349 -4.98 55.16 -46.06
N THR D 350 -4.64 53.86 -46.00
CA THR D 350 -5.65 52.81 -46.11
C THR D 350 -6.66 52.88 -44.97
N ILE D 351 -6.17 53.02 -43.74
CA ILE D 351 -7.06 53.09 -42.59
C ILE D 351 -8.09 54.20 -42.77
N HIS D 352 -7.68 55.30 -43.39
CA HIS D 352 -8.59 56.42 -43.57
C HIS D 352 -9.38 56.30 -44.87
N ASP D 353 -8.70 56.05 -45.99
CA ASP D 353 -9.34 56.17 -47.30
C ASP D 353 -10.13 54.93 -47.67
N ASP D 354 -9.72 53.75 -47.19
CA ASP D 354 -10.41 52.51 -47.52
C ASP D 354 -11.23 51.96 -46.37
N LEU D 355 -10.63 51.85 -45.19
CA LEU D 355 -11.39 51.40 -44.03
C LEU D 355 -12.27 52.50 -43.44
N ARG D 356 -12.05 53.76 -43.82
CA ARG D 356 -12.89 54.90 -43.45
C ARG D 356 -13.07 54.98 -41.94
N VAL D 357 -11.96 54.93 -41.22
CA VAL D 357 -11.94 55.12 -39.79
C VAL D 357 -11.97 56.62 -39.50
N ASP D 358 -12.98 57.06 -38.75
CA ASP D 358 -13.12 58.49 -38.45
C ASP D 358 -11.97 58.99 -37.61
N LYS D 359 -11.62 58.25 -36.55
CA LYS D 359 -10.68 58.73 -35.55
C LYS D 359 -9.78 57.59 -35.15
N ALA D 360 -8.49 57.89 -35.00
CA ALA D 360 -7.51 56.85 -34.79
C ALA D 360 -6.38 57.42 -33.96
N PHE D 361 -5.67 56.53 -33.26
CA PHE D 361 -4.41 56.82 -32.61
C PHE D 361 -3.40 55.87 -33.23
N VAL D 362 -2.54 56.41 -34.09
CA VAL D 362 -1.52 55.65 -34.77
C VAL D 362 -0.25 55.70 -33.91
N HIS D 363 0.20 54.52 -33.47
CA HIS D 363 1.37 54.38 -32.61
C HIS D 363 2.39 53.55 -33.39
N ALA D 364 3.52 54.16 -33.74
CA ALA D 364 4.49 53.56 -34.66
C ALA D 364 5.69 53.07 -33.87
N TRP D 365 5.80 51.74 -33.74
CA TRP D 365 6.89 51.10 -33.00
C TRP D 365 8.04 50.85 -33.98
N GLY D 366 8.93 51.83 -34.10
CA GLY D 366 10.09 51.64 -34.96
C GLY D 366 10.39 52.79 -35.87
N THR D 367 10.81 53.91 -35.29
CA THR D 367 11.13 55.10 -36.06
C THR D 367 12.54 55.62 -35.86
N PHE D 368 13.31 55.08 -34.91
CA PHE D 368 14.65 55.55 -34.61
C PHE D 368 15.69 54.48 -34.88
N SER D 369 16.92 54.92 -35.14
CA SER D 369 18.01 54.03 -35.47
C SER D 369 18.90 53.69 -34.27
N ASN D 370 18.61 54.23 -33.09
CA ASN D 370 19.22 53.77 -31.85
C ASN D 370 18.19 53.00 -31.03
N PHE D 371 18.70 52.21 -30.09
CA PHE D 371 17.85 51.54 -29.12
C PHE D 371 17.41 52.53 -28.04
N VAL D 372 16.22 52.30 -27.51
CA VAL D 372 15.77 52.93 -26.27
C VAL D 372 16.83 52.62 -25.21
N PRO D 373 17.14 53.55 -24.29
CA PRO D 373 16.44 54.80 -24.02
C PRO D 373 16.97 56.02 -24.78
N HIS D 374 17.66 55.81 -25.89
CA HIS D 374 18.12 56.90 -26.75
C HIS D 374 17.20 56.92 -27.97
N ASN D 375 16.13 57.70 -27.86
CA ASN D 375 15.02 57.71 -28.82
C ASN D 375 15.29 58.74 -29.92
N TYR D 376 16.35 58.48 -30.68
CA TYR D 376 16.87 59.37 -31.71
C TYR D 376 18.05 58.70 -32.40
N PRO D 377 18.39 59.09 -33.64
CA PRO D 377 17.64 60.02 -34.48
C PRO D 377 16.55 59.31 -35.24
N ILE D 378 15.64 60.07 -35.86
CA ILE D 378 14.69 59.47 -36.80
C ILE D 378 15.49 58.71 -37.85
N SER D 379 15.12 57.45 -38.08
CA SER D 379 16.01 56.53 -38.78
C SER D 379 16.12 56.88 -40.26
N GLU D 380 17.36 57.01 -40.74
CA GLU D 380 17.62 57.20 -42.17
C GLU D 380 17.26 55.96 -42.96
N ALA D 381 17.58 54.77 -42.45
CA ALA D 381 17.32 53.55 -43.18
C ALA D 381 15.83 53.38 -43.52
N LEU D 382 14.95 53.91 -42.67
CA LEU D 382 13.51 53.85 -42.91
C LEU D 382 13.00 55.01 -43.76
N GLY D 383 13.87 55.93 -44.18
CA GLY D 383 13.44 57.02 -45.04
C GLY D 383 13.85 58.40 -44.58
N GLY D 384 14.21 58.56 -43.31
CA GLY D 384 14.68 59.83 -42.81
C GLY D 384 13.59 60.73 -42.27
N PRO D 385 13.99 61.88 -41.72
CA PRO D 385 13.00 62.79 -41.12
C PRO D 385 11.91 63.26 -42.07
N GLU D 386 12.25 63.59 -43.31
CA GLU D 386 11.24 64.08 -44.25
C GLU D 386 10.13 63.07 -44.46
N LYS D 387 10.51 61.80 -44.67
CA LYS D 387 9.50 60.80 -45.01
C LYS D 387 8.60 60.48 -43.81
N LEU D 388 9.17 60.46 -42.60
CA LEU D 388 8.31 60.30 -41.43
C LEU D 388 7.45 61.55 -41.22
N LYS D 389 7.99 62.74 -41.51
CA LYS D 389 7.15 63.93 -41.41
C LYS D 389 6.00 63.87 -42.40
N ALA D 390 6.22 63.24 -43.56
CA ALA D 390 5.14 63.10 -44.54
C ALA D 390 4.04 62.21 -44.00
N ALA D 391 4.40 61.14 -43.28
CA ALA D 391 3.39 60.26 -42.71
C ALA D 391 2.64 60.92 -41.57
N VAL D 392 3.34 61.68 -40.72
CA VAL D 392 2.69 62.37 -39.61
C VAL D 392 1.77 63.47 -40.12
N ASP D 393 2.20 64.21 -41.14
CA ASP D 393 1.33 65.24 -41.71
C ASP D 393 0.06 64.63 -42.27
N LEU D 394 0.17 63.50 -42.97
CA LEU D 394 -1.01 62.84 -43.51
C LEU D 394 -1.97 62.45 -42.39
N ALA D 395 -1.43 62.00 -41.26
CA ALA D 395 -2.30 61.58 -40.15
C ALA D 395 -2.96 62.77 -39.47
N LYS D 396 -2.23 63.88 -39.29
CA LYS D 396 -2.82 65.08 -38.71
C LYS D 396 -3.91 65.66 -39.61
N SER D 397 -3.72 65.58 -40.94
CA SER D 397 -4.73 66.07 -41.86
C SER D 397 -6.02 65.28 -41.77
N TYR D 398 -5.95 64.03 -41.30
CA TYR D 398 -7.13 63.21 -41.04
C TYR D 398 -7.76 63.51 -39.69
N GLY D 399 -7.08 64.28 -38.84
CA GLY D 399 -7.47 64.40 -37.45
C GLY D 399 -7.01 63.27 -36.57
N TYR D 400 -6.12 62.41 -37.05
CA TYR D 400 -5.62 61.31 -36.23
C TYR D 400 -4.59 61.79 -35.22
N LEU D 401 -4.51 61.09 -34.10
CA LEU D 401 -3.39 61.24 -33.18
C LEU D 401 -2.25 60.33 -33.64
N TYR D 402 -1.01 60.78 -33.43
CA TYR D 402 0.17 60.02 -33.78
C TYR D 402 1.21 60.06 -32.67
N SER D 403 1.90 58.94 -32.46
CA SER D 403 3.08 58.92 -31.62
C SER D 403 4.05 57.84 -32.09
N SER D 404 5.34 58.14 -32.00
CA SER D 404 6.37 57.11 -32.09
C SER D 404 6.39 56.30 -30.79
N TYR D 405 7.15 55.21 -30.81
CA TYR D 405 7.41 54.47 -29.58
C TYR D 405 8.53 55.16 -28.81
N HIS D 406 8.27 55.45 -27.54
CA HIS D 406 9.27 56.05 -26.66
C HIS D 406 9.39 55.22 -25.40
N ALA D 407 10.63 55.07 -24.93
CA ALA D 407 10.91 54.43 -23.65
C ALA D 407 12.23 54.97 -23.12
N TYR D 408 12.23 55.41 -21.86
CA TYR D 408 13.41 55.99 -21.23
C TYR D 408 13.98 55.13 -20.12
N SER D 409 13.35 53.98 -19.82
CA SER D 409 13.70 53.04 -18.77
C SER D 409 14.53 51.81 -19.17
N PRO D 410 14.53 51.33 -20.42
CA PRO D 410 15.24 50.08 -20.72
C PRO D 410 16.75 50.28 -20.83
N MET D 411 17.45 49.14 -20.83
CA MET D 411 18.90 49.13 -21.07
C MET D 411 19.22 47.72 -21.59
N LEU D 412 19.36 47.59 -22.90
CA LEU D 412 19.27 46.29 -23.57
C LEU D 412 20.64 45.67 -23.85
N GLU D 413 20.72 44.36 -23.65
CA GLU D 413 21.97 43.60 -23.90
C GLU D 413 22.44 43.74 -25.33
N ASN D 414 21.52 43.75 -26.29
CA ASN D 414 21.90 43.83 -27.70
C ASN D 414 22.10 45.24 -28.21
N ASP D 415 22.03 46.24 -27.34
CA ASP D 415 22.27 47.62 -27.73
C ASP D 415 23.77 47.89 -27.67
N PRO D 416 24.39 48.37 -28.74
CA PRO D 416 25.84 48.69 -28.67
C PRO D 416 26.16 49.74 -27.63
N ASN D 417 25.22 50.63 -27.33
CA ASN D 417 25.38 51.65 -26.31
C ASN D 417 25.13 51.13 -24.88
N PHE D 418 25.02 49.83 -24.68
CA PHE D 418 24.68 49.33 -23.35
C PHE D 418 25.74 49.74 -22.33
N THR D 419 25.28 50.18 -21.16
CA THR D 419 26.18 50.50 -20.06
C THR D 419 25.43 50.33 -18.75
N THR D 420 26.16 49.98 -17.70
CA THR D 420 25.57 49.91 -16.38
C THR D 420 25.58 51.25 -15.67
N ASP D 421 26.11 52.30 -16.30
CA ASP D 421 26.19 53.63 -15.68
C ASP D 421 24.84 54.11 -15.19
N LEU D 422 23.78 53.88 -15.96
CA LEU D 422 22.45 54.38 -15.63
C LEU D 422 21.60 53.37 -14.87
N MET D 423 22.16 52.23 -14.50
CA MET D 423 21.40 51.26 -13.72
C MET D 423 21.54 51.57 -12.24
N GLN D 424 20.49 51.24 -11.49
CA GLN D 424 20.52 51.40 -10.05
C GLN D 424 21.18 50.19 -9.39
N ARG D 425 21.93 50.46 -8.32
CA ARG D 425 22.54 49.42 -7.51
C ARG D 425 22.02 49.51 -6.08
N ASP D 426 21.98 48.36 -5.41
CA ASP D 426 21.49 48.26 -4.04
C ASP D 426 22.63 48.49 -3.05
N ALA D 427 22.36 48.24 -1.76
CA ALA D 427 23.35 48.55 -0.72
C ALA D 427 24.56 47.63 -0.76
N GLU D 428 24.45 46.44 -1.34
CA GLU D 428 25.63 45.61 -1.54
C GLU D 428 26.35 45.92 -2.84
N GLY D 429 25.92 46.95 -3.57
CA GLY D 429 26.53 47.25 -4.84
C GLY D 429 26.09 46.38 -5.98
N LYS D 430 25.15 45.47 -5.76
CA LYS D 430 24.65 44.63 -6.83
C LYS D 430 23.71 45.43 -7.72
N LEU D 431 23.80 45.17 -9.04
CA LEU D 431 22.88 45.79 -9.99
C LEU D 431 21.45 45.33 -9.72
N MET D 432 20.53 46.27 -9.80
CA MET D 432 19.11 45.97 -9.70
C MET D 432 18.52 45.80 -11.09
N ASN D 433 17.53 44.92 -11.19
CA ASN D 433 16.78 44.67 -12.42
C ASN D 433 17.61 43.96 -13.48
N THR D 434 18.56 43.11 -13.08
CA THR D 434 19.30 42.36 -14.11
C THR D 434 18.40 41.37 -14.82
N GLY D 435 17.35 40.89 -14.16
CA GLY D 435 16.40 40.01 -14.81
C GLY D 435 15.19 40.73 -15.35
N SER D 436 15.33 42.03 -15.67
CA SER D 436 14.15 42.81 -16.07
C SER D 436 14.60 43.95 -17.00
N ARG D 437 14.88 43.58 -18.25
CA ARG D 437 15.64 44.45 -19.14
C ARG D 437 14.91 45.74 -19.51
N TRP D 438 13.57 45.76 -19.44
CA TRP D 438 12.84 46.94 -19.89
C TRP D 438 12.69 48.00 -18.81
N ALA D 439 13.15 47.75 -17.59
CA ALA D 439 13.08 48.71 -16.49
C ALA D 439 14.41 48.74 -15.74
N ARG D 440 15.48 49.09 -16.45
CA ARG D 440 16.81 49.09 -15.88
C ARG D 440 17.36 50.49 -15.59
N VAL D 441 16.98 51.49 -16.38
CA VAL D 441 17.46 52.84 -16.11
C VAL D 441 16.83 53.35 -14.82
N ASP D 442 17.68 53.83 -13.91
CA ASP D 442 17.21 54.43 -12.67
C ASP D 442 16.26 55.59 -12.99
N PRO D 443 15.05 55.61 -12.41
CA PRO D 443 14.12 56.70 -12.71
C PRO D 443 14.71 58.10 -12.56
N LYS D 444 15.68 58.30 -11.66
CA LYS D 444 16.23 59.64 -11.48
C LYS D 444 16.92 60.16 -12.73
N PHE D 445 17.27 59.29 -13.66
CA PHE D 445 17.90 59.71 -14.90
C PHE D 445 16.89 59.96 -16.01
N GLN D 446 15.65 59.47 -15.86
CA GLN D 446 14.81 59.29 -17.03
C GLN D 446 14.29 60.61 -17.60
N LYS D 447 14.05 61.62 -16.77
CA LYS D 447 13.66 62.91 -17.33
C LYS D 447 14.78 63.48 -18.20
N GLY D 448 16.03 63.40 -17.72
CA GLY D 448 17.15 63.84 -18.54
C GLY D 448 17.23 63.11 -19.87
N LEU D 449 16.94 61.81 -19.86
CA LEU D 449 16.95 61.05 -21.12
C LEU D 449 15.84 61.51 -22.05
N ALA D 450 14.67 61.82 -21.52
CA ALA D 450 13.60 62.37 -22.35
C ALA D 450 13.97 63.73 -22.93
N GLN D 451 14.72 64.53 -22.16
CA GLN D 451 15.08 65.88 -22.60
C GLN D 451 16.03 65.87 -23.79
N LYS D 452 16.63 64.74 -24.13
CA LYS D 452 17.61 64.74 -25.21
C LYS D 452 16.96 65.00 -26.56
N ASN D 453 15.76 64.47 -26.81
CA ASN D 453 15.18 64.67 -28.14
C ASN D 453 13.69 64.92 -28.17
N ILE D 454 12.93 64.68 -27.10
CA ILE D 454 11.47 64.75 -27.24
C ILE D 454 11.01 66.13 -27.70
N GLU D 455 11.73 67.20 -27.32
CA GLU D 455 11.32 68.52 -27.77
C GLU D 455 11.66 68.77 -29.23
N LYS D 456 12.78 68.21 -29.71
CA LYS D 456 13.07 68.33 -31.14
C LYS D 456 12.04 67.57 -31.96
N GLU D 457 11.68 66.35 -31.53
CA GLU D 457 10.69 65.58 -32.26
C GLU D 457 9.33 66.29 -32.29
N ILE D 458 8.91 66.82 -31.14
CA ILE D 458 7.65 67.55 -31.09
C ILE D 458 7.68 68.73 -32.07
N SER D 459 8.73 69.54 -31.97
CA SER D 459 8.83 70.73 -32.81
C SER D 459 8.98 70.38 -34.28
N TYR D 460 9.77 69.37 -34.62
CA TYR D 460 9.99 69.04 -36.03
C TYR D 460 8.76 68.42 -36.66
N LEU D 461 8.17 67.42 -36.01
CA LEU D 461 7.04 66.72 -36.60
C LEU D 461 5.72 67.43 -36.36
N GLY D 462 5.68 68.44 -35.50
CA GLY D 462 4.42 69.09 -35.17
C GLY D 462 3.50 68.16 -34.41
N LEU D 463 4.04 67.49 -33.40
CA LEU D 463 3.30 66.45 -32.71
C LEU D 463 2.15 67.03 -31.89
N GLU D 464 1.05 66.29 -31.84
CA GLU D 464 -0.09 66.62 -30.99
C GLU D 464 -0.27 65.65 -29.84
N ALA D 465 0.43 64.52 -29.87
CA ALA D 465 0.23 63.46 -28.90
C ALA D 465 1.57 62.78 -28.61
N ASP D 466 1.59 61.96 -27.56
CA ASP D 466 2.78 61.21 -27.16
C ASP D 466 2.34 60.03 -26.31
N ILE D 467 2.97 58.89 -26.55
CA ILE D 467 2.87 57.73 -25.67
C ILE D 467 4.27 57.41 -25.17
N THR D 468 4.41 57.27 -23.85
CA THR D 468 5.64 56.88 -23.18
C THR D 468 5.39 55.55 -22.50
N ASN D 469 6.19 54.54 -22.81
CA ASN D 469 5.93 53.19 -22.35
C ASN D 469 6.77 52.80 -21.13
N ILE D 470 6.27 51.81 -20.39
CA ILE D 470 6.95 51.06 -19.33
C ILE D 470 7.00 51.81 -17.99
N THR D 471 7.54 53.03 -18.00
CA THR D 471 7.91 53.70 -16.76
C THR D 471 6.74 53.85 -15.79
N PHE D 472 5.52 54.06 -16.30
CA PHE D 472 4.36 54.33 -15.46
C PHE D 472 3.40 53.15 -15.39
N ALA D 473 3.92 51.94 -15.58
CA ALA D 473 3.13 50.73 -15.53
C ALA D 473 2.93 50.20 -14.12
N ALA D 474 3.80 50.56 -13.18
CA ALA D 474 3.61 50.21 -11.79
C ALA D 474 3.71 51.49 -10.96
N TYR D 475 3.45 51.37 -9.65
CA TYR D 475 3.70 52.49 -8.73
C TYR D 475 4.41 51.93 -7.50
N ARG D 476 5.73 51.93 -7.53
CA ARG D 476 6.55 51.48 -6.41
C ARG D 476 7.21 52.66 -5.73
N GLU D 477 7.58 52.45 -4.47
CA GLU D 477 8.20 53.52 -3.68
C GLU D 477 9.57 53.88 -4.24
N ASN D 478 10.38 52.87 -4.56
CA ASN D 478 11.74 53.12 -5.01
C ASN D 478 11.72 53.77 -6.39
N GLY D 479 12.28 54.97 -6.47
CA GLY D 479 12.34 55.70 -7.72
C GLY D 479 11.12 56.52 -8.07
N LYS D 480 10.14 56.63 -7.17
CA LYS D 480 8.90 57.28 -7.55
C LYS D 480 9.12 58.77 -7.81
N GLU D 481 10.14 59.36 -7.20
CA GLU D 481 10.37 60.79 -7.37
C GLU D 481 10.88 61.09 -8.77
N GLY D 482 11.77 60.25 -9.30
CA GLY D 482 12.18 60.42 -10.68
C GLY D 482 11.04 60.17 -11.66
N ARG D 483 10.21 59.17 -11.36
CA ARG D 483 9.04 58.90 -12.20
C ARG D 483 8.08 60.09 -12.21
N ILE D 484 7.77 60.63 -11.03
CA ILE D 484 6.95 61.84 -10.95
C ILE D 484 7.61 62.98 -11.71
N GLU D 485 8.94 63.09 -11.58
CA GLU D 485 9.69 64.10 -12.33
C GLU D 485 9.47 63.95 -13.83
N LEU D 486 9.61 62.72 -14.35
CA LEU D 486 9.39 62.47 -15.77
C LEU D 486 7.93 62.75 -16.18
N ALA D 487 6.97 62.30 -15.37
CA ALA D 487 5.56 62.52 -15.69
C ALA D 487 5.24 64.00 -15.75
N LYS D 488 5.76 64.78 -14.80
CA LYS D 488 5.52 66.21 -14.83
C LYS D 488 6.14 66.86 -16.07
N TYR D 489 7.27 66.33 -16.52
CA TYR D 489 7.93 66.93 -17.69
C TYR D 489 7.14 66.69 -18.97
N ILE D 490 6.68 65.46 -19.19
CA ILE D 490 5.89 65.14 -20.38
C ILE D 490 4.60 65.94 -20.40
N ASP D 491 3.89 65.95 -19.26
CA ASP D 491 2.62 66.65 -19.18
C ASP D 491 2.77 68.14 -19.46
N SER D 492 3.99 68.68 -19.32
CA SER D 492 4.19 70.11 -19.50
C SER D 492 4.04 70.53 -20.95
N PHE D 493 4.11 69.60 -21.90
CA PHE D 493 3.95 69.99 -23.29
C PHE D 493 2.49 70.12 -23.70
N ASN D 494 1.56 69.76 -22.81
CA ASN D 494 0.12 69.83 -23.06
C ASN D 494 -0.25 69.09 -24.35
N LEU D 495 0.21 67.85 -24.45
CA LEU D 495 -0.13 66.96 -25.55
C LEU D 495 -1.16 65.96 -25.08
N VAL D 496 -1.87 65.35 -26.04
CA VAL D 496 -2.69 64.20 -25.72
C VAL D 496 -1.71 63.06 -25.43
N ASN D 497 -1.48 62.77 -24.16
CA ASN D 497 -0.44 61.82 -23.77
C ASN D 497 -1.06 60.55 -23.20
N GLY D 498 -0.48 59.40 -23.59
CA GLY D 498 -0.84 58.14 -23.02
C GLY D 498 0.40 57.43 -22.49
N THR D 499 0.17 56.28 -21.85
CA THR D 499 1.28 55.51 -21.30
C THR D 499 0.84 54.06 -21.20
N GLU D 500 1.81 53.18 -20.95
CA GLU D 500 1.53 51.75 -20.86
C GLU D 500 0.94 51.38 -19.49
N HIS D 501 -0.22 50.72 -19.52
CA HIS D 501 -0.85 50.09 -18.35
C HIS D 501 -1.41 51.11 -17.39
N GLY D 502 -0.55 51.96 -16.82
CA GLY D 502 -0.95 52.97 -15.89
C GLY D 502 -1.10 52.43 -14.47
N GLN D 503 -1.23 53.37 -13.53
CA GLN D 503 -1.75 53.12 -12.20
C GLN D 503 -2.57 54.34 -11.81
N GLU D 504 -3.40 54.19 -10.77
CA GLU D 504 -4.26 55.28 -10.35
C GLU D 504 -3.46 56.50 -9.95
N GLN D 505 -2.23 56.30 -9.46
CA GLN D 505 -1.39 57.42 -9.06
C GLN D 505 -0.97 58.28 -10.25
N TRP D 506 -0.98 57.72 -11.45
CA TRP D 506 -0.55 58.42 -12.67
C TRP D 506 -1.72 59.05 -13.43
N ILE D 507 -2.96 58.76 -13.07
CA ILE D 507 -4.13 59.33 -13.73
C ILE D 507 -4.04 60.85 -13.87
N PRO D 508 -3.56 61.61 -12.87
CA PRO D 508 -3.48 63.07 -13.06
C PRO D 508 -2.59 63.51 -14.22
N TYR D 509 -1.74 62.66 -14.77
CA TYR D 509 -0.74 63.10 -15.73
C TYR D 509 -0.99 62.66 -17.16
N PHE D 510 -1.93 61.76 -17.39
CA PHE D 510 -2.12 61.20 -18.72
C PHE D 510 -3.59 61.24 -19.10
N ASP D 511 -3.83 61.17 -20.40
CA ASP D 511 -5.19 61.10 -20.92
C ASP D 511 -5.65 59.67 -21.17
N MET D 512 -4.74 58.76 -21.52
CA MET D 512 -5.13 57.37 -21.79
C MET D 512 -4.09 56.40 -21.25
N PHE D 513 -4.56 55.22 -20.88
CA PHE D 513 -3.73 54.07 -20.56
C PHE D 513 -3.89 53.04 -21.66
N GLU D 514 -2.77 52.49 -22.13
CA GLU D 514 -2.76 51.27 -22.93
C GLU D 514 -2.63 50.09 -21.98
N GLY D 515 -3.74 49.37 -21.77
CA GLY D 515 -3.78 48.28 -20.83
C GLY D 515 -4.84 48.52 -19.75
N MET D 516 -4.50 48.16 -18.52
CA MET D 516 -5.46 48.17 -17.42
C MET D 516 -6.64 47.26 -17.73
N THR D 517 -6.30 46.08 -18.28
CA THR D 517 -7.28 45.06 -18.59
C THR D 517 -6.95 43.78 -17.82
N TYR D 518 -6.42 42.75 -18.47
CA TYR D 518 -6.20 41.47 -17.81
C TYR D 518 -4.94 40.81 -18.33
N LEU D 519 -4.16 40.22 -17.43
CA LEU D 519 -3.13 39.27 -17.86
C LEU D 519 -3.77 38.04 -18.48
N GLU D 520 -3.04 37.38 -19.38
CA GLU D 520 -3.55 36.13 -19.95
C GLU D 520 -3.46 34.99 -18.93
N ASP D 521 -2.27 34.73 -18.42
CA ASP D 521 -2.07 33.76 -17.34
C ASP D 521 -1.95 34.52 -16.03
N ARG D 522 -2.82 34.21 -15.08
CA ARG D 522 -2.89 34.98 -13.85
C ARG D 522 -3.51 34.13 -12.76
N PRO D 523 -3.15 34.37 -11.51
CA PRO D 523 -3.88 33.72 -10.41
C PRO D 523 -5.35 34.07 -10.47
N LEU D 524 -6.20 33.10 -10.11
CA LEU D 524 -7.65 33.22 -10.01
C LEU D 524 -8.34 33.12 -11.36
N SER D 525 -7.62 32.94 -12.47
CA SER D 525 -8.23 33.04 -13.79
C SER D 525 -9.37 32.05 -13.97
N VAL D 526 -9.26 30.83 -13.42
CA VAL D 526 -10.28 29.81 -13.64
C VAL D 526 -11.36 29.81 -12.57
N ILE D 527 -11.29 30.71 -11.58
CA ILE D 527 -12.32 30.81 -10.54
C ILE D 527 -12.75 32.25 -10.34
N SER D 528 -12.79 33.05 -11.42
CA SER D 528 -13.21 34.43 -11.28
C SER D 528 -13.88 34.89 -12.58
N HIS D 529 -14.57 36.02 -12.50
CA HIS D 529 -15.15 36.64 -13.66
C HIS D 529 -14.60 38.06 -13.77
N PRO D 530 -14.12 38.49 -14.94
CA PRO D 530 -13.73 39.89 -15.12
C PRO D 530 -14.87 40.82 -14.72
N ALA D 531 -14.54 41.88 -14.00
CA ALA D 531 -15.49 42.89 -13.64
C ALA D 531 -14.83 44.25 -13.79
N PRO D 532 -15.55 45.25 -14.34
CA PRO D 532 -14.97 46.58 -14.58
C PRO D 532 -14.78 47.42 -13.31
N LEU D 533 -14.12 46.83 -12.31
CA LEU D 533 -13.93 47.50 -11.03
C LEU D 533 -13.17 48.81 -11.19
N PHE D 534 -12.05 48.79 -11.92
CA PHE D 534 -11.26 50.01 -12.10
C PHE D 534 -12.05 51.06 -12.85
N ASN D 535 -12.71 50.66 -13.93
CA ASN D 535 -13.47 51.64 -14.69
C ASN D 535 -14.71 52.11 -13.93
N LEU D 536 -15.26 51.26 -13.06
CA LEU D 536 -16.34 51.72 -12.19
C LEU D 536 -15.90 52.86 -11.30
N VAL D 537 -14.61 52.92 -10.98
CA VAL D 537 -14.06 54.04 -10.22
C VAL D 537 -13.65 55.18 -11.15
N TYR D 538 -12.91 54.87 -12.21
CA TYR D 538 -12.06 55.86 -12.86
C TYR D 538 -12.44 56.15 -14.31
N HIS D 539 -13.54 55.61 -14.84
CA HIS D 539 -13.81 55.75 -16.28
C HIS D 539 -13.86 57.23 -16.69
N GLU D 540 -14.38 58.10 -15.82
CA GLU D 540 -14.48 59.52 -16.16
C GLU D 540 -13.12 60.21 -16.20
N ALA D 541 -12.11 59.63 -15.58
CA ALA D 541 -10.83 60.31 -15.37
C ALA D 541 -9.75 59.85 -16.32
N ILE D 542 -9.81 58.62 -16.80
CA ILE D 542 -8.75 58.08 -17.63
C ILE D 542 -9.38 57.17 -18.68
N ALA D 543 -8.95 57.31 -19.94
CA ALA D 543 -9.36 56.44 -21.01
C ALA D 543 -8.42 55.24 -21.09
N ASN D 544 -8.96 54.06 -21.37
CA ASN D 544 -8.11 52.89 -21.51
C ASN D 544 -8.46 52.12 -22.78
N PHE D 545 -7.44 51.48 -23.32
CA PHE D 545 -7.52 50.64 -24.52
C PHE D 545 -6.91 49.29 -24.17
N GLY D 546 -7.12 48.31 -25.05
CA GLY D 546 -6.56 47.00 -24.82
C GLY D 546 -5.05 47.01 -24.77
N LYS D 547 -4.49 45.94 -24.19
CA LYS D 547 -3.04 45.80 -24.06
C LYS D 547 -2.45 45.26 -25.35
N ILE D 548 -1.28 45.80 -25.73
CA ILE D 548 -0.67 45.41 -27.00
C ILE D 548 -0.27 43.93 -26.99
N GLN D 549 0.12 43.38 -25.84
CA GLN D 549 0.47 41.95 -25.81
C GLN D 549 -0.75 41.07 -25.99
N ASP D 550 -1.95 41.57 -25.69
CA ASP D 550 -3.18 40.80 -25.77
C ASP D 550 -4.23 41.58 -26.55
N PRO D 551 -3.91 41.95 -27.80
CA PRO D 551 -4.79 42.88 -28.53
C PRO D 551 -6.07 42.21 -28.95
N ASP D 552 -6.97 43.02 -29.49
CA ASP D 552 -8.29 42.53 -29.87
C ASP D 552 -8.24 41.67 -31.13
N ASN D 553 -7.14 41.71 -31.88
CA ASN D 553 -6.99 40.93 -33.10
C ASN D 553 -6.33 39.57 -32.86
N GLU D 554 -5.96 39.25 -31.63
CA GLU D 554 -5.33 37.99 -31.27
C GLU D 554 -6.25 37.15 -30.39
N VAL D 555 -6.22 35.84 -30.59
CA VAL D 555 -7.04 34.92 -29.82
C VAL D 555 -6.22 34.42 -28.64
N THR D 556 -6.64 34.81 -27.43
CA THR D 556 -5.93 34.42 -26.21
C THR D 556 -6.86 33.84 -25.14
N ALA D 557 -6.28 33.56 -23.97
CA ALA D 557 -7.05 33.18 -22.80
C ALA D 557 -8.15 34.18 -22.48
N ASN D 558 -8.01 35.44 -22.90
CA ASN D 558 -9.00 36.45 -22.60
C ASN D 558 -10.02 36.63 -23.73
N GLY D 559 -9.97 35.79 -24.76
CA GLY D 559 -11.01 35.76 -25.78
C GLY D 559 -10.48 36.04 -27.18
N ASP D 560 -11.40 35.92 -28.15
CA ASP D 560 -11.22 36.25 -29.56
C ASP D 560 -11.81 37.65 -29.81
N PHE D 561 -11.96 38.02 -31.08
CA PHE D 561 -12.47 39.35 -31.35
C PHE D 561 -13.92 39.51 -30.87
N ARG D 562 -14.75 38.48 -31.02
CA ARG D 562 -16.14 38.56 -30.58
C ARG D 562 -16.22 38.91 -29.10
N ILE D 563 -15.56 38.12 -28.26
CA ILE D 563 -15.59 38.33 -26.81
C ILE D 563 -14.99 39.69 -26.46
N LYS D 564 -13.83 40.02 -27.05
CA LYS D 564 -13.14 41.25 -26.66
C LYS D 564 -13.91 42.49 -27.09
N ALA D 565 -14.49 42.50 -28.28
CA ALA D 565 -15.25 43.66 -28.71
C ALA D 565 -16.44 43.89 -27.78
N LEU D 566 -17.18 42.82 -27.48
CA LEU D 566 -18.34 42.95 -26.60
C LEU D 566 -17.94 43.41 -25.21
N ARG D 567 -16.89 42.82 -24.64
CA ARG D 567 -16.45 43.28 -23.33
C ARG D 567 -15.99 44.73 -23.38
N SER D 568 -15.35 45.15 -24.48
CA SER D 568 -14.90 46.55 -24.62
C SER D 568 -16.04 47.52 -24.36
N MET D 569 -17.20 47.27 -24.96
CA MET D 569 -18.33 48.16 -24.78
C MET D 569 -18.90 48.06 -23.37
N LEU D 570 -18.87 46.87 -22.77
CA LEU D 570 -19.38 46.73 -21.41
C LEU D 570 -18.51 47.49 -20.41
N PHE D 571 -17.19 47.43 -20.59
CA PHE D 571 -16.25 48.02 -19.63
C PHE D 571 -15.88 49.45 -19.98
N GLY D 572 -16.25 49.94 -21.16
CA GLY D 572 -15.92 51.30 -21.52
C GLY D 572 -14.48 51.55 -21.93
N ARG D 573 -13.85 50.60 -22.63
CA ARG D 573 -12.53 50.83 -23.17
C ARG D 573 -12.57 50.87 -24.70
N GLY D 574 -11.50 51.41 -25.29
CA GLY D 574 -11.38 51.44 -26.73
C GLY D 574 -10.69 50.20 -27.30
N THR D 575 -10.73 50.10 -28.63
CA THR D 575 -10.22 48.95 -29.37
C THR D 575 -8.73 49.07 -29.65
N THR D 576 -8.00 47.96 -29.50
CA THR D 576 -6.57 47.92 -29.77
C THR D 576 -6.30 46.91 -30.87
N ILE D 577 -5.74 47.41 -31.97
CA ILE D 577 -5.28 46.58 -33.08
C ILE D 577 -3.76 46.74 -33.11
N PHE D 578 -3.05 45.65 -32.85
CA PHE D 578 -1.60 45.67 -32.68
C PHE D 578 -1.06 44.55 -33.53
N PHE D 579 -0.27 44.90 -34.54
CA PHE D 579 -0.01 43.96 -35.62
C PHE D 579 1.36 44.24 -36.22
N ALA D 580 1.99 43.18 -36.71
CA ALA D 580 3.11 43.34 -37.60
C ALA D 580 2.60 43.84 -38.95
N PRO D 581 3.41 44.62 -39.68
CA PRO D 581 2.94 45.14 -40.98
C PRO D 581 2.48 44.08 -41.96
N TYR D 582 3.10 42.89 -41.95
CA TYR D 582 2.69 41.86 -42.90
C TYR D 582 1.29 41.35 -42.61
N GLU D 583 0.81 41.48 -41.38
CA GLU D 583 -0.54 41.04 -41.01
C GLU D 583 -1.62 41.98 -41.49
N PHE D 584 -1.27 43.14 -42.07
CA PHE D 584 -2.25 44.21 -42.22
C PHE D 584 -3.51 43.74 -42.94
N GLU D 585 -3.36 43.03 -44.05
CA GLU D 585 -4.54 42.61 -44.81
C GLU D 585 -5.46 41.76 -43.97
N GLY D 586 -4.91 41.00 -43.02
CA GLY D 586 -5.73 40.20 -42.12
C GLY D 586 -6.45 40.99 -41.04
N MET D 587 -6.07 42.25 -40.82
CA MET D 587 -6.71 43.07 -39.81
C MET D 587 -8.00 43.73 -40.30
N ARG D 588 -8.16 43.88 -41.61
CA ARG D 588 -9.29 44.63 -42.16
C ARG D 588 -10.64 44.18 -41.63
N PRO D 589 -10.99 42.88 -41.61
CA PRO D 589 -12.33 42.51 -41.10
C PRO D 589 -12.56 42.99 -39.68
N MET D 590 -11.56 42.89 -38.82
CA MET D 590 -11.74 43.28 -37.43
C MET D 590 -11.72 44.78 -37.26
N ILE D 591 -10.98 45.51 -38.10
CA ILE D 591 -11.02 46.96 -38.05
C ILE D 591 -12.41 47.46 -38.43
N GLU D 592 -12.99 46.89 -39.48
CA GLU D 592 -14.35 47.26 -39.88
C GLU D 592 -15.35 46.96 -38.77
N MET D 593 -15.25 45.77 -38.16
CA MET D 593 -16.22 45.42 -37.14
C MET D 593 -16.09 46.33 -35.92
N ALA D 594 -14.85 46.70 -35.56
CA ALA D 594 -14.66 47.65 -34.47
C ALA D 594 -15.16 49.03 -34.85
N ARG D 595 -14.88 49.46 -36.08
CA ARG D 595 -15.39 50.73 -36.58
C ARG D 595 -16.91 50.83 -36.47
N ASP D 596 -17.62 49.74 -36.76
CA ASP D 596 -19.09 49.77 -36.84
C ASP D 596 -19.78 49.46 -35.52
N LEU D 597 -19.19 48.63 -34.67
CA LEU D 597 -19.80 48.23 -33.42
C LEU D 597 -19.24 49.01 -32.23
N VAL D 598 -17.92 48.97 -32.04
CA VAL D 598 -17.34 49.48 -30.81
C VAL D 598 -17.20 50.99 -30.87
N SER D 599 -16.64 51.51 -31.96
CA SER D 599 -16.33 52.94 -32.02
C SER D 599 -17.49 53.84 -31.66
N PRO D 600 -18.69 53.71 -32.25
CA PRO D 600 -19.78 54.64 -31.87
C PRO D 600 -20.12 54.57 -30.39
N VAL D 601 -20.04 53.38 -29.79
CA VAL D 601 -20.37 53.24 -28.38
C VAL D 601 -19.27 53.86 -27.52
N HIS D 602 -18.02 53.57 -27.85
CA HIS D 602 -16.89 54.21 -27.19
C HIS D 602 -17.00 55.73 -27.27
N LYS D 603 -17.40 56.25 -28.43
CA LYS D 603 -17.43 57.69 -28.63
C LYS D 603 -18.48 58.34 -27.73
N GLU D 604 -19.68 57.74 -27.64
CA GLU D 604 -20.76 58.32 -26.85
C GLU D 604 -20.52 58.19 -25.34
N THR D 605 -19.86 57.13 -24.90
CA THR D 605 -19.65 56.88 -23.48
C THR D 605 -18.31 57.39 -22.95
N PHE D 606 -17.45 57.93 -23.82
CA PHE D 606 -16.05 58.21 -23.48
C PHE D 606 -15.90 58.99 -22.19
N TYR D 607 -16.59 60.13 -22.09
CA TYR D 607 -16.42 61.06 -20.98
C TYR D 607 -17.27 60.74 -19.76
N SER D 608 -18.20 59.79 -19.86
CA SER D 608 -19.23 59.65 -18.85
C SER D 608 -18.78 58.70 -17.75
N GLU D 609 -19.63 58.53 -16.74
CA GLU D 609 -19.38 57.59 -15.66
C GLU D 609 -20.00 56.24 -15.99
N LEU D 610 -19.27 55.17 -15.65
CA LEU D 610 -19.86 53.84 -15.70
C LEU D 610 -20.64 53.68 -14.40
N LYS D 611 -21.95 53.89 -14.48
CA LYS D 611 -22.76 53.97 -13.27
C LYS D 611 -22.92 52.60 -12.64
N SER D 612 -23.10 51.57 -13.46
CA SER D 612 -23.41 50.26 -12.93
C SER D 612 -23.03 49.20 -13.94
N HIS D 613 -22.65 48.03 -13.43
CA HIS D 613 -22.46 46.84 -14.22
C HIS D 613 -23.17 45.69 -13.52
N GLU D 614 -23.77 44.81 -14.31
CA GLU D 614 -24.53 43.69 -13.77
C GLU D 614 -24.26 42.43 -14.58
N TYR D 615 -24.26 41.30 -13.89
CA TYR D 615 -24.36 39.99 -14.52
C TYR D 615 -25.84 39.59 -14.53
N LEU D 616 -26.38 39.41 -15.72
CA LEU D 616 -27.80 39.12 -15.90
C LEU D 616 -28.11 37.63 -15.96
N SER D 617 -27.11 36.76 -16.10
CA SER D 617 -27.33 35.33 -16.24
C SER D 617 -26.60 34.55 -15.15
N ALA D 618 -27.11 33.35 -14.87
CA ALA D 618 -26.56 32.54 -13.79
C ALA D 618 -25.11 32.11 -14.07
N ASP D 619 -24.73 31.99 -15.34
CA ASP D 619 -23.35 31.67 -15.69
C ASP D 619 -22.46 32.90 -15.87
N TYR D 620 -22.99 34.09 -15.54
CA TYR D 620 -22.27 35.37 -15.57
C TYR D 620 -21.87 35.80 -16.98
N LYS D 621 -22.39 35.17 -18.02
CA LYS D 621 -21.95 35.53 -19.37
C LYS D 621 -22.76 36.66 -20.00
N VAL D 622 -23.99 36.90 -19.55
CA VAL D 622 -24.77 38.04 -20.03
C VAL D 622 -24.64 39.17 -19.02
N GLN D 623 -24.27 40.35 -19.49
CA GLN D 623 -24.00 41.47 -18.62
C GLN D 623 -24.63 42.75 -19.16
N ARG D 624 -24.86 43.70 -18.25
CA ARG D 624 -25.42 45.01 -18.60
C ARG D 624 -24.61 46.11 -17.94
N SER D 625 -24.27 47.12 -18.72
CA SER D 625 -23.61 48.31 -18.22
C SER D 625 -24.42 49.55 -18.59
N ARG D 626 -24.50 50.49 -17.66
CA ARG D 626 -25.23 51.73 -17.84
C ARG D 626 -24.27 52.89 -17.60
N PHE D 627 -24.17 53.78 -18.58
CA PHE D 627 -23.25 54.92 -18.56
C PHE D 627 -24.02 56.21 -18.32
N SER D 628 -23.37 57.18 -17.66
CA SER D 628 -24.06 58.42 -17.31
C SER D 628 -24.38 59.26 -18.54
N SER D 629 -23.84 58.89 -19.69
CA SER D 629 -24.22 59.52 -20.95
C SER D 629 -25.63 59.15 -21.39
N GLY D 630 -26.27 58.19 -20.72
CA GLY D 630 -27.53 57.66 -21.19
C GLY D 630 -27.40 56.45 -22.11
N THR D 631 -26.26 55.77 -22.08
CA THR D 631 -26.05 54.60 -22.92
C THR D 631 -26.21 53.34 -22.08
N GLU D 632 -26.94 52.35 -22.61
CA GLU D 632 -27.02 51.03 -22.01
C GLU D 632 -26.46 50.01 -22.98
N VAL D 633 -25.58 49.15 -22.47
CA VAL D 633 -24.96 48.09 -23.25
C VAL D 633 -25.27 46.77 -22.57
N ILE D 634 -25.92 45.86 -23.30
CA ILE D 634 -26.10 44.49 -22.86
C ILE D 634 -25.41 43.58 -23.86
N ALA D 635 -24.69 42.58 -23.35
CA ALA D 635 -23.91 41.69 -24.21
C ALA D 635 -23.85 40.30 -23.59
N ASN D 636 -23.87 39.29 -24.47
CA ASN D 636 -23.81 37.88 -24.10
C ASN D 636 -22.45 37.35 -24.55
N LEU D 637 -21.56 37.05 -23.60
CA LEU D 637 -20.22 36.61 -23.93
C LEU D 637 -20.10 35.10 -24.10
N GLY D 638 -21.21 34.39 -24.16
CA GLY D 638 -21.19 32.95 -24.38
C GLY D 638 -21.82 32.58 -25.70
N PRO D 639 -21.78 31.29 -26.05
CA PRO D 639 -22.27 30.87 -27.38
C PRO D 639 -23.77 30.74 -27.50
N VAL D 640 -24.48 30.49 -26.40
CA VAL D 640 -25.92 30.20 -26.48
C VAL D 640 -26.72 31.44 -26.14
N ALA D 641 -27.81 31.65 -26.90
CA ALA D 641 -28.74 32.72 -26.60
C ALA D 641 -29.37 32.49 -25.23
N GLN D 642 -29.59 33.58 -24.49
CA GLN D 642 -30.16 33.48 -23.15
C GLN D 642 -31.26 34.52 -22.92
N LYS D 643 -32.32 34.07 -22.26
CA LYS D 643 -33.37 34.96 -21.80
C LYS D 643 -32.91 35.72 -20.56
N ILE D 644 -33.00 37.04 -20.59
CA ILE D 644 -32.67 37.86 -19.42
C ILE D 644 -33.93 38.49 -18.87
N GLU D 645 -33.77 39.26 -17.80
CA GLU D 645 -34.91 39.86 -17.11
C GLU D 645 -35.78 40.64 -18.08
N GLY D 646 -37.10 40.58 -17.85
CA GLY D 646 -38.04 41.33 -18.65
C GLY D 646 -38.39 40.75 -20.00
N GLY D 647 -38.30 39.43 -20.16
CA GLY D 647 -38.64 38.78 -21.41
C GLY D 647 -37.62 38.89 -22.53
N ILE D 648 -36.59 39.73 -22.38
CA ILE D 648 -35.63 39.95 -23.45
C ILE D 648 -34.74 38.73 -23.61
N SER D 649 -34.42 38.40 -24.86
CA SER D 649 -33.43 37.37 -25.17
C SER D 649 -32.25 37.99 -25.92
N ILE D 650 -31.05 37.51 -25.62
CA ILE D 650 -29.81 38.05 -26.16
C ILE D 650 -29.06 36.93 -26.87
N PRO D 651 -28.80 37.03 -28.17
CA PRO D 651 -28.12 35.92 -28.88
C PRO D 651 -26.72 35.69 -28.36
N GLY D 652 -26.19 34.50 -28.63
CA GLY D 652 -24.82 34.21 -28.26
C GLY D 652 -23.86 35.15 -28.98
N TYR D 653 -22.89 35.67 -28.23
CA TYR D 653 -21.96 36.67 -28.76
C TYR D 653 -22.73 37.83 -29.39
N GLY D 654 -23.85 38.20 -28.74
CA GLY D 654 -24.74 39.22 -29.24
C GLY D 654 -24.78 40.43 -28.34
N TYR D 655 -25.61 41.40 -28.74
CA TYR D 655 -25.64 42.68 -28.05
C TYR D 655 -27.00 43.33 -28.23
N ARG D 656 -27.38 44.14 -27.23
CA ARG D 656 -28.57 44.99 -27.29
C ARG D 656 -28.17 46.32 -26.66
N ILE D 657 -28.14 47.37 -27.47
CA ILE D 657 -27.58 48.65 -27.05
C ILE D 657 -28.62 49.74 -27.24
N GLN D 658 -28.77 50.59 -26.22
CA GLN D 658 -29.61 51.78 -26.28
C GLN D 658 -28.69 52.99 -26.20
N MET D 659 -28.73 53.81 -27.23
CA MET D 659 -27.90 55.00 -27.34
C MET D 659 -28.57 56.19 -26.65
N LYS D 660 -27.82 57.29 -26.56
CA LYS D 660 -28.29 58.54 -25.97
C LYS D 660 -29.65 58.94 -26.55
N ASP D 661 -29.76 59.00 -27.87
CA ASP D 661 -30.98 59.47 -28.50
C ASP D 661 -32.12 58.47 -28.43
N GLY D 662 -31.86 57.23 -28.01
CA GLY D 662 -32.89 56.26 -27.77
C GLY D 662 -33.03 55.18 -28.82
N SER D 663 -32.26 55.22 -29.89
CA SER D 663 -32.33 54.14 -30.86
C SER D 663 -31.78 52.85 -30.25
N LEU D 664 -32.29 51.73 -30.74
CA LEU D 664 -31.94 50.41 -30.24
C LEU D 664 -31.10 49.69 -31.27
N LYS D 665 -29.94 49.17 -30.84
CA LYS D 665 -29.00 48.45 -31.69
C LYS D 665 -28.92 47.00 -31.24
N THR D 666 -29.26 46.08 -32.13
CA THR D 666 -29.15 44.65 -31.83
C THR D 666 -28.38 43.94 -32.93
N GLY D 667 -27.72 42.86 -32.53
CA GLY D 667 -26.95 42.05 -33.47
C GLY D 667 -26.14 41.01 -32.72
N HIS D 668 -25.35 40.26 -33.49
CA HIS D 668 -24.55 39.19 -32.94
C HIS D 668 -23.41 38.86 -33.89
N PHE D 669 -22.36 38.26 -33.33
CA PHE D 669 -21.27 37.77 -34.15
C PHE D 669 -21.57 36.36 -34.65
N GLN D 670 -20.99 36.02 -35.79
CA GLN D 670 -21.20 34.73 -36.41
C GLN D 670 -19.88 34.22 -36.94
N VAL D 671 -19.58 32.95 -36.66
CA VAL D 671 -18.46 32.24 -37.24
C VAL D 671 -19.01 31.26 -38.27
N SER D 672 -18.58 31.42 -39.53
CA SER D 672 -19.09 30.58 -40.60
C SER D 672 -17.93 30.03 -41.43
N LEU D 673 -18.24 28.98 -42.18
CA LEU D 673 -17.28 28.26 -43.00
C LEU D 673 -17.62 28.53 -44.46
N HIS D 674 -16.68 29.11 -45.19
CA HIS D 674 -16.86 29.41 -46.61
C HIS D 674 -16.05 28.40 -47.41
N MET D 675 -16.76 27.45 -48.02
CA MET D 675 -16.17 26.35 -48.77
C MET D 675 -16.22 26.64 -50.25
N ASP D 676 -15.14 26.29 -50.95
CA ASP D 676 -15.00 26.58 -52.39
C ASP D 676 -15.23 25.36 -53.28
#